data_5DL1
#
_entry.id   5DL1
#
_cell.length_a   112.820
_cell.length_b   97.750
_cell.length_c   131.950
_cell.angle_alpha   90.00
_cell.angle_beta   95.49
_cell.angle_gamma   90.00
#
_symmetry.space_group_name_H-M   'P 1 21 1'
#
loop_
_entity.id
_entity.type
_entity.pdbx_description
1 polymer 'ATP-dependent Clp protease proteolytic subunit'
2 non-polymer 1-(propan-2-yl)-N-{[2-(thiophen-2-yl)-1,3-oxazol-4-yl]methyl}-1H-pyrazolo[3,4-b]pyridine-5-carboxamide
#
_entity_poly.entity_id   1
_entity_poly.type   'polypeptide(L)'
_entity_poly.pdbx_seq_one_letter_code
;MNLIPTVIETTNRGERAYDIYSRLLKDRIIMLGSQIDDNVANSIVSQLLFLQAQDSEKDIYLYINSPGGSVTAGFAIYDT
IQHIKPDVQTICIGMAASMGSFLLAAGAKGKRFALPNAEVMIHQPLGGAQGQATEIEIAANHILKTREKLNRILSERTGQ
SIEKIQKDTDRDNFLTAEEAKEYGLIDEVMVPETK
;
_entity_poly.pdbx_strand_id   A,B,C,D,E,F,G,H,I,J,K,L,M,N
#
loop_
_chem_comp.id
_chem_comp.type
_chem_comp.name
_chem_comp.formula
5C2 non-polymer 1-(propan-2-yl)-N-{[2-(thiophen-2-yl)-1,3-oxazol-4-yl]methyl}-1H-pyrazolo[3,4-b]pyridine-5-carboxamide 'C18 H17 N5 O2 S'
#
# COMPACT_ATOMS: atom_id res chain seq x y z
N LEU A 3 -17.49 7.65 22.68
CA LEU A 3 -17.55 8.84 21.77
C LEU A 3 -18.98 9.38 21.65
N ILE A 4 -19.93 8.49 21.38
CA ILE A 4 -21.34 8.85 21.24
C ILE A 4 -22.18 8.10 22.29
N PRO A 5 -22.66 8.81 23.33
CA PRO A 5 -23.45 8.19 24.39
C PRO A 5 -24.94 8.13 24.07
N THR A 6 -25.67 7.38 24.89
CA THR A 6 -27.10 7.15 24.75
C THR A 6 -27.87 7.81 25.90
N VAL A 7 -29.11 8.22 25.61
CA VAL A 7 -29.99 8.81 26.62
C VAL A 7 -31.40 8.27 26.42
N ILE A 8 -32.03 7.79 27.49
CA ILE A 8 -33.44 7.37 27.41
C ILE A 8 -34.25 7.95 28.58
N GLU A 9 -35.57 7.87 28.44
CA GLU A 9 -36.49 8.40 29.45
C GLU A 9 -37.80 7.61 29.50
N THR A 10 -38.49 7.70 30.63
CA THR A 10 -39.65 6.86 30.93
C THR A 10 -40.97 7.45 30.40
N THR A 11 -41.49 6.83 29.34
CA THR A 11 -42.83 7.16 28.82
C THR A 11 -43.25 6.16 27.74
N GLU A 15 -37.59 1.72 26.15
CA GLU A 15 -38.53 2.82 26.42
C GLU A 15 -38.49 3.87 25.32
N ARG A 16 -37.35 4.55 25.20
CA ARG A 16 -37.18 5.62 24.22
C ARG A 16 -35.68 5.91 24.01
N ALA A 17 -35.08 5.21 23.07
CA ALA A 17 -33.64 5.31 22.81
C ALA A 17 -33.27 6.54 21.98
N TYR A 18 -32.61 7.51 22.61
CA TYR A 18 -32.04 8.67 21.93
C TYR A 18 -30.52 8.65 22.02
N ASP A 19 -29.85 9.07 20.94
CA ASP A 19 -28.44 9.44 21.03
C ASP A 19 -28.35 10.89 21.51
N ILE A 20 -27.16 11.31 21.94
CA ILE A 20 -27.00 12.64 22.53
C ILE A 20 -27.38 13.75 21.56
N TYR A 21 -27.08 13.55 20.28
CA TYR A 21 -27.39 14.54 19.25
C TYR A 21 -28.89 14.59 18.95
N SER A 22 -29.53 13.42 18.98
CA SER A 22 -30.97 13.33 18.74
C SER A 22 -31.80 13.83 19.91
N ARG A 23 -31.26 13.71 21.12
CA ARG A 23 -31.91 14.25 22.31
C ARG A 23 -31.93 15.78 22.24
N LEU A 24 -30.86 16.36 21.70
CA LEU A 24 -30.79 17.80 21.47
C LEU A 24 -31.74 18.22 20.34
N LEU A 25 -31.88 17.36 19.34
CA LEU A 25 -32.81 17.62 18.24
C LEU A 25 -34.28 17.66 18.70
N LYS A 26 -34.58 16.95 19.78
CA LYS A 26 -35.90 17.00 20.40
C LYS A 26 -36.22 18.40 20.93
N ASP A 27 -35.18 19.10 21.39
CA ASP A 27 -35.31 20.50 21.83
C ASP A 27 -34.95 21.50 20.73
N ARG A 28 -35.08 21.07 19.48
CA ARG A 28 -34.84 21.91 18.30
C ARG A 28 -33.41 22.46 18.23
N ILE A 29 -32.44 21.63 18.60
CA ILE A 29 -31.03 22.00 18.53
C ILE A 29 -30.32 21.10 17.51
N ILE A 30 -29.73 21.73 16.49
CA ILE A 30 -28.94 21.03 15.47
C ILE A 30 -27.46 21.30 15.73
N MET A 31 -26.67 20.23 15.83
CA MET A 31 -25.23 20.33 16.08
C MET A 31 -24.46 20.13 14.78
N LEU A 32 -23.53 21.04 14.52
CA LEU A 32 -22.70 20.97 13.32
C LEU A 32 -21.24 21.12 13.75
N GLY A 33 -20.54 19.99 13.85
CA GLY A 33 -19.14 19.98 14.29
C GLY A 33 -18.24 19.18 13.38
N SER A 34 -18.28 19.49 12.08
CA SER A 34 -17.47 18.80 11.09
C SER A 34 -17.38 19.61 9.79
N GLN A 35 -16.54 19.15 8.87
CA GLN A 35 -16.41 19.82 7.57
C GLN A 35 -17.70 19.61 6.78
N ILE A 36 -18.10 20.64 6.03
CA ILE A 36 -19.37 20.63 5.33
C ILE A 36 -19.24 19.93 3.98
N ASP A 37 -19.45 18.62 3.98
CA ASP A 37 -19.51 17.82 2.74
C ASP A 37 -20.97 17.57 2.35
N ASP A 38 -21.18 16.80 1.28
CA ASP A 38 -22.54 16.49 0.82
C ASP A 38 -23.34 15.64 1.80
N ASN A 39 -22.65 14.76 2.53
CA ASN A 39 -23.32 13.87 3.48
C ASN A 39 -23.91 14.60 4.68
N VAL A 40 -23.10 15.44 5.33
CA VAL A 40 -23.56 16.21 6.47
C VAL A 40 -24.57 17.29 6.04
N ALA A 41 -24.37 17.84 4.85
CA ALA A 41 -25.30 18.82 4.31
C ALA A 41 -26.67 18.20 4.08
N ASN A 42 -26.70 16.97 3.58
CA ASN A 42 -27.95 16.25 3.37
C ASN A 42 -28.67 15.98 4.69
N SER A 43 -27.89 15.74 5.75
CA SER A 43 -28.43 15.47 7.09
C SER A 43 -28.95 16.76 7.75
N ILE A 44 -28.20 17.84 7.64
CA ILE A 44 -28.58 19.13 8.22
C ILE A 44 -29.87 19.66 7.58
N VAL A 45 -29.99 19.52 6.26
CA VAL A 45 -31.19 19.91 5.53
C VAL A 45 -32.38 19.09 5.98
N SER A 46 -32.18 17.78 6.16
CA SER A 46 -33.25 16.89 6.61
C SER A 46 -33.75 17.26 7.99
N GLN A 47 -32.83 17.70 8.86
CA GLN A 47 -33.20 18.15 10.22
C GLN A 47 -33.99 19.46 10.17
N LEU A 48 -33.54 20.39 9.34
CA LEU A 48 -34.24 21.68 9.19
C LEU A 48 -35.66 21.49 8.64
N LEU A 49 -35.81 20.59 7.68
CA LEU A 49 -37.13 20.26 7.13
C LEU A 49 -37.99 19.52 8.15
N PHE A 50 -37.35 18.71 9.00
CA PHE A 50 -38.07 17.96 10.02
C PHE A 50 -38.60 18.88 11.13
N LEU A 51 -37.74 19.78 11.61
CA LEU A 51 -38.12 20.71 12.68
C LEU A 51 -39.23 21.68 12.25
N GLN A 52 -39.25 22.01 10.95
CA GLN A 52 -40.32 22.85 10.40
C GLN A 52 -41.67 22.11 10.44
N ALA A 53 -41.64 20.82 10.10
CA ALA A 53 -42.84 19.98 10.13
C ALA A 53 -43.35 19.75 11.56
N GLN A 54 -42.42 19.69 12.52
CA GLN A 54 -42.77 19.56 13.92
C GLN A 54 -43.45 20.83 14.42
N ASP A 55 -42.82 21.97 14.19
CA ASP A 55 -43.40 23.28 14.53
C ASP A 55 -42.77 24.38 13.68
N SER A 56 -43.59 25.05 12.89
CA SER A 56 -43.13 26.08 11.96
C SER A 56 -42.90 27.45 12.62
N GLU A 57 -43.35 27.60 13.86
CA GLU A 57 -43.26 28.89 14.57
C GLU A 57 -42.07 28.98 15.51
N LYS A 58 -41.82 27.91 16.27
CA LYS A 58 -40.71 27.89 17.24
C LYS A 58 -39.34 27.97 16.57
N ASP A 59 -38.39 28.57 17.29
CA ASP A 59 -37.05 28.80 16.75
C ASP A 59 -36.19 27.53 16.75
N ILE A 60 -35.21 27.51 15.86
CA ILE A 60 -34.24 26.43 15.76
C ILE A 60 -32.87 26.95 16.18
N TYR A 61 -32.10 26.10 16.85
CA TYR A 61 -30.76 26.47 17.31
C TYR A 61 -29.70 25.68 16.54
N LEU A 62 -28.86 26.40 15.80
CA LEU A 62 -27.81 25.77 14.98
C LEU A 62 -26.41 26.10 15.53
N TYR A 63 -25.83 25.16 16.26
CA TYR A 63 -24.47 25.32 16.78
C TYR A 63 -23.46 24.96 15.70
N ILE A 64 -22.49 25.84 15.48
CA ILE A 64 -21.51 25.68 14.40
C ILE A 64 -20.09 25.53 14.93
N ASN A 65 -19.38 24.54 14.40
CA ASN A 65 -17.96 24.31 14.72
C ASN A 65 -17.30 23.60 13.53
N SER A 66 -17.24 24.30 12.40
CA SER A 66 -16.73 23.73 11.15
C SER A 66 -15.52 24.51 10.63
N PRO A 67 -14.51 23.81 10.11
CA PRO A 67 -13.37 24.47 9.47
C PRO A 67 -13.67 24.91 8.05
N GLY A 68 -14.68 24.32 7.42
CA GLY A 68 -15.08 24.69 6.08
C GLY A 68 -15.83 23.59 5.36
N GLY A 69 -15.70 23.57 4.03
CA GLY A 69 -16.35 22.56 3.21
C GLY A 69 -16.57 23.01 1.78
N SER A 70 -17.47 22.32 1.09
CA SER A 70 -17.80 22.64 -0.30
C SER A 70 -18.73 23.85 -0.38
N VAL A 71 -18.68 24.56 -1.50
CA VAL A 71 -19.53 25.74 -1.70
C VAL A 71 -20.97 25.31 -1.98
N THR A 72 -21.12 24.39 -2.92
CA THR A 72 -22.42 23.85 -3.28
C THR A 72 -23.12 23.15 -2.10
N ALA A 73 -22.32 22.55 -1.21
CA ALA A 73 -22.87 21.91 -0.01
C ALA A 73 -23.33 22.95 1.00
N GLY A 74 -22.60 24.06 1.08
CA GLY A 74 -22.93 25.15 1.99
C GLY A 74 -24.20 25.88 1.59
N PHE A 75 -24.36 26.12 0.29
CA PHE A 75 -25.55 26.80 -0.22
C PHE A 75 -26.83 25.97 -0.05
N ALA A 76 -26.68 24.64 -0.03
CA ALA A 76 -27.81 23.75 0.22
C ALA A 76 -28.37 23.99 1.62
N ILE A 77 -27.48 24.17 2.59
CA ILE A 77 -27.87 24.47 3.97
C ILE A 77 -28.40 25.89 4.05
N TYR A 78 -27.71 26.82 3.38
CA TYR A 78 -28.10 28.24 3.36
C TYR A 78 -29.52 28.41 2.86
N ASP A 79 -29.78 27.94 1.64
CA ASP A 79 -31.09 28.09 1.01
C ASP A 79 -32.21 27.47 1.85
N THR A 80 -31.93 26.32 2.48
CA THR A 80 -32.90 25.64 3.33
C THR A 80 -33.25 26.49 4.56
N ILE A 81 -32.24 27.11 5.17
CA ILE A 81 -32.45 27.96 6.35
C ILE A 81 -33.36 29.14 6.02
N GLN A 82 -33.14 29.77 4.86
CA GLN A 82 -33.92 30.93 4.44
C GLN A 82 -35.31 30.53 3.93
N HIS A 83 -35.41 29.32 3.38
CA HIS A 83 -36.66 28.83 2.80
C HIS A 83 -37.72 28.55 3.86
N ILE A 84 -37.32 27.91 4.95
CA ILE A 84 -38.26 27.50 6.00
C ILE A 84 -38.73 28.67 6.86
N LYS A 85 -39.90 28.51 7.47
CA LYS A 85 -40.52 29.55 8.29
C LYS A 85 -39.77 29.87 9.59
N PRO A 86 -39.38 28.83 10.36
CA PRO A 86 -38.71 29.07 11.64
C PRO A 86 -37.47 29.95 11.55
N ASP A 87 -37.28 30.81 12.55
CA ASP A 87 -36.08 31.63 12.66
C ASP A 87 -34.94 30.78 13.22
N VAL A 88 -33.97 30.45 12.38
CA VAL A 88 -32.84 29.62 12.77
C VAL A 88 -31.78 30.46 13.50
N GLN A 89 -31.67 30.25 14.81
CA GLN A 89 -30.60 30.89 15.59
C GLN A 89 -29.24 30.29 15.22
N THR A 90 -28.18 31.03 15.50
CA THR A 90 -26.82 30.59 15.17
C THR A 90 -25.86 30.90 16.31
N ILE A 91 -25.15 29.87 16.78
CA ILE A 91 -24.20 30.00 17.88
C ILE A 91 -22.87 29.37 17.49
N CYS A 92 -21.87 30.20 17.21
CA CYS A 92 -20.54 29.71 16.83
C CYS A 92 -19.74 29.29 18.07
N ILE A 93 -19.13 28.12 18.00
CA ILE A 93 -18.23 27.64 19.05
C ILE A 93 -16.95 27.10 18.43
N GLY A 94 -15.84 27.24 19.16
CA GLY A 94 -14.53 26.80 18.66
C GLY A 94 -14.05 27.70 17.53
N MET A 95 -14.54 27.41 16.32
CA MET A 95 -14.23 28.23 15.14
C MET A 95 -15.34 28.15 14.10
N ALA A 96 -15.41 29.16 13.25
CA ALA A 96 -16.29 29.15 12.08
C ALA A 96 -15.51 29.66 10.88
N ALA A 97 -14.79 28.76 10.22
CA ALA A 97 -13.90 29.12 9.13
C ALA A 97 -14.49 28.73 7.78
N SER A 98 -14.08 29.45 6.74
CA SER A 98 -14.49 29.18 5.36
C SER A 98 -16.02 29.19 5.21
N MET A 99 -16.62 28.10 4.77
CA MET A 99 -18.08 28.06 4.54
C MET A 99 -18.87 28.05 5.85
N GLY A 100 -18.20 27.75 6.96
CA GLY A 100 -18.83 27.81 8.28
C GLY A 100 -19.21 29.22 8.67
N SER A 101 -18.37 30.19 8.31
CA SER A 101 -18.64 31.59 8.56
C SER A 101 -19.77 32.13 7.68
N PHE A 102 -19.97 31.50 6.52
CA PHE A 102 -21.06 31.88 5.62
C PHE A 102 -22.41 31.52 6.24
N LEU A 103 -22.48 30.33 6.82
CA LEU A 103 -23.67 29.88 7.55
C LEU A 103 -23.82 30.62 8.88
N LEU A 104 -22.70 31.07 9.45
CA LEU A 104 -22.72 31.84 10.69
C LEU A 104 -23.49 33.15 10.48
N ALA A 105 -23.17 33.83 9.39
CA ALA A 105 -23.85 35.09 9.01
C ALA A 105 -25.27 34.85 8.49
N ALA A 106 -25.52 33.64 7.98
CA ALA A 106 -26.82 33.28 7.40
C ALA A 106 -27.95 33.12 8.41
N GLY A 107 -27.63 33.14 9.71
CA GLY A 107 -28.63 33.02 10.76
C GLY A 107 -29.67 34.12 10.73
N ALA A 108 -30.79 33.89 11.42
CA ALA A 108 -31.88 34.86 11.48
C ALA A 108 -31.38 36.19 12.05
N LYS A 109 -31.89 37.29 11.50
CA LYS A 109 -31.39 38.62 11.85
C LYS A 109 -31.84 38.98 13.26
N GLY A 110 -30.88 39.28 14.12
CA GLY A 110 -31.13 39.54 15.54
C GLY A 110 -30.78 38.35 16.42
N LYS A 111 -30.48 37.21 15.79
CA LYS A 111 -30.20 35.96 16.51
C LYS A 111 -28.97 35.25 15.97
N ARG A 112 -27.89 36.01 15.76
CA ARG A 112 -26.60 35.46 15.35
C ARG A 112 -25.58 35.65 16.49
N PHE A 113 -25.13 34.55 17.07
CA PHE A 113 -24.30 34.59 18.27
C PHE A 113 -22.95 33.92 18.08
N ALA A 114 -22.05 34.14 19.03
CA ALA A 114 -20.75 33.48 19.09
C ALA A 114 -20.14 33.64 20.49
N LEU A 115 -19.50 32.58 20.97
CA LEU A 115 -18.92 32.59 22.31
C LEU A 115 -17.59 33.37 22.32
N PRO A 116 -17.15 33.83 23.51
CA PRO A 116 -16.02 34.77 23.60
C PRO A 116 -14.76 34.37 22.84
N ASN A 117 -14.33 33.12 23.02
CA ASN A 117 -13.09 32.64 22.42
C ASN A 117 -13.29 31.91 21.08
N ALA A 118 -14.41 32.15 20.43
CA ALA A 118 -14.72 31.53 19.14
C ALA A 118 -14.09 32.33 18.00
N GLU A 119 -13.26 31.69 17.20
CA GLU A 119 -12.61 32.34 16.06
C GLU A 119 -13.52 32.34 14.82
N VAL A 120 -13.22 33.24 13.90
CA VAL A 120 -13.98 33.35 12.64
C VAL A 120 -13.04 33.65 11.48
N MET A 121 -13.31 33.04 10.34
CA MET A 121 -12.50 33.22 9.14
C MET A 121 -13.41 33.20 7.91
N ILE A 122 -13.38 34.31 7.16
CA ILE A 122 -14.30 34.50 6.03
C ILE A 122 -13.59 34.42 4.68
N HIS A 123 -13.06 33.24 4.36
CA HIS A 123 -12.41 33.00 3.08
C HIS A 123 -12.52 31.53 2.67
N GLN A 124 -13.15 31.30 1.52
CA GLN A 124 -13.28 29.96 0.95
C GLN A 124 -12.19 29.73 -0.10
N PRO A 125 -11.24 28.80 0.18
CA PRO A 125 -10.33 28.39 -0.89
C PRO A 125 -11.07 27.48 -1.84
N LEU A 126 -10.42 26.97 -2.88
CA LEU A 126 -11.17 26.21 -3.89
C LEU A 126 -10.77 24.74 -4.03
N GLY A 127 -11.80 23.89 -4.01
CA GLY A 127 -11.72 22.51 -4.48
C GLY A 127 -12.72 22.39 -5.62
N GLY A 128 -13.37 21.23 -5.72
CA GLY A 128 -14.39 20.98 -6.76
C GLY A 128 -13.96 21.46 -8.15
N ALA A 129 -12.70 21.25 -8.47
CA ALA A 129 -12.11 21.73 -9.73
C ALA A 129 -12.29 20.74 -10.89
N GLN A 130 -12.83 19.57 -10.59
CA GLN A 130 -12.99 18.48 -11.58
C GLN A 130 -13.85 18.86 -12.79
N GLY A 131 -15.15 19.06 -12.55
CA GLY A 131 -16.12 19.32 -13.63
C GLY A 131 -15.82 20.55 -14.47
N GLN A 132 -15.16 21.54 -13.86
CA GLN A 132 -14.81 22.79 -14.55
C GLN A 132 -13.56 22.65 -15.41
N ALA A 133 -12.63 21.78 -14.98
CA ALA A 133 -11.29 21.67 -15.60
C ALA A 133 -11.27 21.28 -17.08
N THR A 134 -12.40 20.85 -17.63
CA THR A 134 -12.47 20.44 -19.04
C THR A 134 -12.45 21.63 -20.00
N GLU A 135 -13.29 22.63 -19.73
CA GLU A 135 -13.35 23.85 -20.54
C GLU A 135 -12.66 25.00 -19.82
N ILE A 136 -11.99 25.87 -20.58
CA ILE A 136 -11.13 26.92 -20.02
C ILE A 136 -11.90 28.19 -19.68
N GLU A 137 -12.63 28.72 -20.66
CA GLU A 137 -13.32 30.00 -20.52
C GLU A 137 -14.38 29.96 -19.40
N ILE A 138 -15.07 28.84 -19.27
CA ILE A 138 -16.11 28.67 -18.25
C ILE A 138 -15.52 28.48 -16.86
N ALA A 139 -14.44 27.69 -16.77
CA ALA A 139 -13.80 27.37 -15.49
C ALA A 139 -13.37 28.62 -14.74
N ALA A 140 -12.72 29.53 -15.45
CA ALA A 140 -12.27 30.78 -14.86
C ALA A 140 -13.45 31.66 -14.46
N ASN A 141 -14.43 31.75 -15.35
CA ASN A 141 -15.62 32.58 -15.10
C ASN A 141 -16.53 32.01 -14.01
N HIS A 142 -16.52 30.69 -13.84
CA HIS A 142 -17.30 30.05 -12.78
C HIS A 142 -16.77 30.42 -11.40
N ILE A 143 -15.46 30.62 -11.31
CA ILE A 143 -14.85 31.10 -10.08
C ILE A 143 -15.31 32.53 -9.80
N LEU A 144 -15.28 33.38 -10.83
CA LEU A 144 -15.74 34.77 -10.72
C LEU A 144 -17.23 34.85 -10.39
N LYS A 145 -18.02 34.01 -11.03
CA LYS A 145 -19.47 33.96 -10.78
C LYS A 145 -19.75 33.54 -9.34
N THR A 146 -19.05 32.52 -8.87
CA THR A 146 -19.18 32.05 -7.49
C THR A 146 -18.65 33.09 -6.50
N ARG A 147 -17.58 33.79 -6.89
CA ARG A 147 -17.03 34.86 -6.05
C ARG A 147 -18.02 36.01 -5.94
N GLU A 148 -18.67 36.35 -7.06
CA GLU A 148 -19.71 37.36 -7.08
C GLU A 148 -20.95 36.87 -6.33
N LYS A 149 -21.21 35.57 -6.41
CA LYS A 149 -22.35 34.95 -5.71
C LYS A 149 -22.16 35.00 -4.20
N LEU A 150 -20.96 34.66 -3.74
CA LEU A 150 -20.65 34.65 -2.32
C LEU A 150 -20.57 36.05 -1.73
N ASN A 151 -19.82 36.93 -2.40
CA ASN A 151 -19.59 38.28 -1.90
C ASN A 151 -20.85 39.13 -1.85
N ARG A 152 -21.77 38.90 -2.79
CA ARG A 152 -23.04 39.64 -2.83
C ARG A 152 -23.91 39.27 -1.64
N ILE A 153 -24.05 37.98 -1.39
CA ILE A 153 -24.90 37.47 -0.29
C ILE A 153 -24.32 37.85 1.07
N LEU A 154 -23.00 37.79 1.19
CA LEU A 154 -22.33 38.12 2.45
C LEU A 154 -22.51 39.61 2.76
N SER A 155 -22.33 40.43 1.74
CA SER A 155 -22.46 41.89 1.88
C SER A 155 -23.82 42.30 2.42
N GLU A 156 -24.87 41.65 1.96
CA GLU A 156 -26.24 41.94 2.38
C GLU A 156 -26.45 41.65 3.87
N ARG A 157 -25.89 40.55 4.34
CA ARG A 157 -26.11 40.09 5.72
C ARG A 157 -25.19 40.77 6.74
N THR A 158 -23.94 41.02 6.35
CA THR A 158 -23.03 41.80 7.19
C THR A 158 -23.41 43.28 7.18
N GLY A 159 -24.06 43.72 6.11
CA GLY A 159 -24.50 45.10 5.97
C GLY A 159 -23.38 46.04 5.57
N GLN A 160 -22.31 45.50 5.00
CA GLN A 160 -21.18 46.30 4.53
C GLN A 160 -21.15 46.35 3.00
N SER A 161 -20.27 47.19 2.46
CA SER A 161 -20.16 47.37 1.02
C SER A 161 -19.58 46.13 0.36
N ILE A 162 -19.86 45.99 -0.94
CA ILE A 162 -19.35 44.86 -1.72
C ILE A 162 -17.85 45.01 -1.96
N GLU A 163 -17.37 46.25 -2.00
CA GLU A 163 -15.96 46.54 -2.26
C GLU A 163 -15.06 46.03 -1.13
N LYS A 164 -15.50 46.21 0.10
CA LYS A 164 -14.75 45.75 1.28
C LYS A 164 -14.74 44.22 1.39
N ILE A 165 -15.86 43.60 1.05
CA ILE A 165 -16.00 42.14 1.14
C ILE A 165 -15.03 41.46 0.18
N GLN A 166 -14.95 41.94 -1.05
CA GLN A 166 -14.08 41.35 -2.08
C GLN A 166 -12.62 41.21 -1.62
N LYS A 167 -12.11 42.23 -0.95
CA LYS A 167 -10.71 42.24 -0.51
C LYS A 167 -10.49 41.31 0.68
N ASP A 168 -11.39 41.36 1.65
CA ASP A 168 -11.30 40.52 2.85
C ASP A 168 -11.49 39.04 2.53
N THR A 169 -12.45 38.75 1.64
CA THR A 169 -12.77 37.36 1.28
C THR A 169 -11.84 36.75 0.24
N ASP A 170 -10.81 37.49 -0.16
CA ASP A 170 -9.83 37.00 -1.12
C ASP A 170 -8.69 36.26 -0.40
N ARG A 171 -8.15 36.89 0.64
CA ARG A 171 -7.04 36.31 1.43
C ARG A 171 -7.57 35.74 2.75
N ASP A 172 -6.68 35.10 3.51
CA ASP A 172 -7.03 34.49 4.79
C ASP A 172 -7.35 35.53 5.86
N ASN A 173 -8.17 35.13 6.84
CA ASN A 173 -8.60 36.01 7.91
C ASN A 173 -8.67 35.29 9.25
N PHE A 174 -8.61 36.07 10.32
CA PHE A 174 -8.79 35.56 11.69
C PHE A 174 -9.46 36.61 12.56
N LEU A 175 -10.79 36.57 12.61
CA LEU A 175 -11.58 37.51 13.40
C LEU A 175 -12.03 36.87 14.71
N THR A 176 -11.85 37.62 15.81
CA THR A 176 -12.36 37.19 17.11
C THR A 176 -13.86 37.47 17.21
N ALA A 177 -14.46 37.06 18.33
CA ALA A 177 -15.88 37.29 18.57
C ALA A 177 -16.25 38.77 18.50
N GLU A 178 -15.40 39.61 19.07
CA GLU A 178 -15.63 41.07 19.07
C GLU A 178 -15.45 41.65 17.66
N GLU A 179 -14.42 41.19 16.96
CA GLU A 179 -14.16 41.66 15.59
C GLU A 179 -15.23 41.19 14.60
N ALA A 180 -15.72 39.96 14.80
CA ALA A 180 -16.80 39.42 13.98
C ALA A 180 -18.12 40.18 14.20
N LYS A 181 -18.34 40.62 15.43
CA LYS A 181 -19.49 41.45 15.77
C LYS A 181 -19.37 42.81 15.11
N GLU A 182 -18.17 43.38 15.13
CA GLU A 182 -17.88 44.68 14.51
C GLU A 182 -18.02 44.59 12.98
N TYR A 183 -17.67 43.43 12.42
CA TYR A 183 -17.77 43.20 10.98
C TYR A 183 -19.23 43.10 10.53
N GLY A 184 -20.09 42.59 11.41
CA GLY A 184 -21.51 42.39 11.11
C GLY A 184 -21.87 40.94 10.85
N LEU A 185 -20.88 40.04 10.99
CA LEU A 185 -21.09 38.61 10.80
C LEU A 185 -22.02 38.06 11.88
N ILE A 186 -21.78 38.45 13.13
CA ILE A 186 -22.64 38.10 14.25
C ILE A 186 -23.25 39.34 14.88
N ASP A 187 -24.30 39.15 15.67
CA ASP A 187 -25.04 40.26 16.28
C ASP A 187 -24.59 40.56 17.70
N GLU A 188 -24.25 39.52 18.46
CA GLU A 188 -23.80 39.68 19.85
C GLU A 188 -22.79 38.61 20.26
N VAL A 189 -21.83 39.00 21.10
CA VAL A 189 -20.92 38.05 21.72
C VAL A 189 -21.62 37.50 22.96
N MET A 190 -21.73 36.18 23.02
CA MET A 190 -22.52 35.53 24.07
C MET A 190 -21.76 35.51 25.40
N VAL A 191 -22.11 36.43 26.29
CA VAL A 191 -21.47 36.56 27.60
C VAL A 191 -21.91 35.40 28.51
N PRO A 192 -21.00 34.92 29.38
CA PRO A 192 -21.35 33.86 30.34
C PRO A 192 -22.69 34.06 31.05
N GLU A 193 -23.45 32.98 31.18
CA GLU A 193 -24.80 32.99 31.77
C GLU A 193 -25.73 33.95 31.02
N LEU B 3 -23.89 12.02 12.80
CA LEU B 3 -24.15 12.16 11.33
C LEU B 3 -25.62 11.86 10.99
N ILE B 4 -26.11 10.72 11.49
CA ILE B 4 -27.49 10.30 11.24
C ILE B 4 -28.24 10.16 12.59
N PRO B 5 -29.15 11.10 12.88
CA PRO B 5 -29.89 11.07 14.14
C PRO B 5 -31.17 10.24 14.09
N THR B 6 -31.75 10.01 15.27
CA THR B 6 -32.95 9.19 15.43
C THR B 6 -34.13 10.05 15.87
N VAL B 7 -35.33 9.63 15.49
CA VAL B 7 -36.56 10.30 15.88
C VAL B 7 -37.62 9.25 16.22
N ILE B 8 -38.27 9.39 17.37
CA ILE B 8 -39.39 8.50 17.73
C ILE B 8 -40.60 9.30 18.23
N GLU B 9 -41.75 8.63 18.30
CA GLU B 9 -42.99 9.25 18.75
C GLU B 9 -43.92 8.25 19.42
N THR B 10 -44.84 8.77 20.24
CA THR B 10 -45.67 7.94 21.12
C THR B 10 -46.95 7.45 20.44
N THR B 11 -46.99 6.15 20.13
CA THR B 11 -48.20 5.49 19.64
C THR B 11 -48.00 3.98 19.57
N GLU B 15 -40.96 2.37 21.00
CA GLU B 15 -42.24 2.86 20.53
C GLU B 15 -42.33 2.85 19.00
N ARG B 16 -41.49 3.66 18.37
CA ARG B 16 -41.48 3.79 16.91
C ARG B 16 -40.18 4.45 16.43
N ALA B 17 -39.16 3.61 16.17
CA ALA B 17 -37.83 4.09 15.81
C ALA B 17 -37.74 4.49 14.32
N TYR B 18 -37.61 5.79 14.08
CA TYR B 18 -37.35 6.32 12.73
C TYR B 18 -35.98 7.00 12.70
N ASP B 19 -35.26 6.83 11.58
CA ASP B 19 -34.12 7.69 11.26
C ASP B 19 -34.64 8.95 10.61
N ILE B 20 -33.81 9.99 10.55
CA ILE B 20 -34.25 11.29 10.05
C ILE B 20 -34.75 11.22 8.60
N TYR B 21 -34.12 10.39 7.79
CA TYR B 21 -34.51 10.22 6.38
C TYR B 21 -35.84 9.47 6.26
N SER B 22 -36.03 8.48 7.13
CA SER B 22 -37.26 7.67 7.15
C SER B 22 -38.46 8.43 7.72
N ARG B 23 -38.19 9.35 8.64
CA ARG B 23 -39.23 10.21 9.18
C ARG B 23 -39.76 11.14 8.10
N LEU B 24 -38.87 11.59 7.22
CA LEU B 24 -39.26 12.39 6.05
C LEU B 24 -40.01 11.55 5.03
N LEU B 25 -39.63 10.28 4.90
CA LEU B 25 -40.31 9.35 4.00
C LEU B 25 -41.76 9.10 4.42
N LYS B 26 -42.03 9.23 5.73
CA LYS B 26 -43.39 9.12 6.25
C LYS B 26 -44.28 10.25 5.68
N ASP B 27 -43.68 11.41 5.45
CA ASP B 27 -44.38 12.55 4.85
C ASP B 27 -44.15 12.61 3.32
N ARG B 28 -43.84 11.46 2.72
CA ARG B 28 -43.65 11.34 1.27
C ARG B 28 -42.52 12.22 0.73
N ILE B 29 -41.43 12.32 1.49
CA ILE B 29 -40.24 13.07 1.07
C ILE B 29 -39.07 12.12 0.89
N ILE B 30 -38.53 12.09 -0.34
CA ILE B 30 -37.33 11.30 -0.65
C ILE B 30 -36.13 12.24 -0.77
N MET B 31 -35.08 11.95 -0.02
CA MET B 31 -33.85 12.75 -0.03
C MET B 31 -32.79 12.08 -0.90
N LEU B 32 -32.20 12.86 -1.80
CA LEU B 32 -31.14 12.37 -2.67
C LEU B 32 -29.96 13.34 -2.59
N GLY B 33 -28.96 12.97 -1.79
CA GLY B 33 -27.78 13.80 -1.57
C GLY B 33 -26.47 13.05 -1.76
N SER B 34 -26.34 12.40 -2.91
CA SER B 34 -25.13 11.64 -3.23
C SER B 34 -25.04 11.33 -4.72
N GLN B 35 -23.91 10.78 -5.15
CA GLN B 35 -23.73 10.42 -6.55
C GLN B 35 -24.66 9.25 -6.89
N ILE B 36 -25.21 9.26 -8.10
CA ILE B 36 -26.22 8.29 -8.50
C ILE B 36 -25.55 7.01 -9.02
N ASP B 37 -25.28 6.08 -8.09
CA ASP B 37 -24.79 4.75 -8.44
C ASP B 37 -25.94 3.73 -8.44
N ASP B 38 -25.63 2.46 -8.67
CA ASP B 38 -26.65 1.40 -8.69
C ASP B 38 -27.31 1.16 -7.33
N ASN B 39 -26.56 1.36 -6.25
CA ASN B 39 -27.06 1.14 -4.90
C ASN B 39 -28.13 2.16 -4.51
N VAL B 40 -27.81 3.45 -4.66
CA VAL B 40 -28.76 4.50 -4.31
C VAL B 40 -29.94 4.50 -5.27
N ALA B 41 -29.69 4.15 -6.53
CA ALA B 41 -30.75 4.06 -7.53
C ALA B 41 -31.75 2.98 -7.15
N ASN B 42 -31.24 1.85 -6.67
CA ASN B 42 -32.09 0.75 -6.22
C ASN B 42 -32.93 1.14 -5.01
N SER B 43 -32.37 1.99 -4.16
CA SER B 43 -33.07 2.48 -2.96
C SER B 43 -34.14 3.52 -3.31
N ILE B 44 -33.80 4.45 -4.21
CA ILE B 44 -34.73 5.50 -4.64
C ILE B 44 -35.95 4.89 -5.35
N VAL B 45 -35.70 3.91 -6.21
CA VAL B 45 -36.77 3.21 -6.91
C VAL B 45 -37.69 2.48 -5.92
N SER B 46 -37.09 1.85 -4.91
CA SER B 46 -37.85 1.14 -3.88
C SER B 46 -38.75 2.08 -3.09
N GLN B 47 -38.26 3.29 -2.84
CA GLN B 47 -39.06 4.31 -2.14
C GLN B 47 -40.22 4.81 -3.00
N LEU B 48 -39.94 5.05 -4.28
CA LEU B 48 -40.98 5.49 -5.22
C LEU B 48 -42.09 4.44 -5.36
N LEU B 49 -41.69 3.18 -5.44
CA LEU B 49 -42.66 2.07 -5.51
C LEU B 49 -43.43 1.91 -4.19
N PHE B 50 -42.76 2.18 -3.08
CA PHE B 50 -43.38 2.10 -1.76
C PHE B 50 -44.42 3.19 -1.55
N LEU B 51 -44.07 4.43 -1.88
CA LEU B 51 -44.98 5.57 -1.71
C LEU B 51 -46.21 5.47 -2.60
N GLN B 52 -46.07 4.84 -3.76
CA GLN B 52 -47.20 4.57 -4.65
C GLN B 52 -48.18 3.58 -4.00
N ALA B 53 -47.64 2.54 -3.38
CA ALA B 53 -48.45 1.55 -2.68
C ALA B 53 -49.16 2.14 -1.46
N GLN B 54 -48.50 3.07 -0.79
CA GLN B 54 -49.10 3.78 0.35
C GLN B 54 -50.27 4.65 -0.10
N ASP B 55 -50.04 5.48 -1.10
CA ASP B 55 -51.08 6.31 -1.70
C ASP B 55 -50.70 6.71 -3.11
N SER B 56 -51.51 6.30 -4.09
CA SER B 56 -51.22 6.55 -5.50
C SER B 56 -51.63 7.94 -5.98
N GLU B 57 -52.37 8.67 -5.15
CA GLU B 57 -52.89 9.99 -5.52
C GLU B 57 -52.04 11.14 -4.99
N LYS B 58 -51.62 11.04 -3.73
CA LYS B 58 -50.83 12.11 -3.10
C LYS B 58 -49.46 12.28 -3.77
N ASP B 59 -48.95 13.51 -3.72
CA ASP B 59 -47.69 13.86 -4.39
C ASP B 59 -46.48 13.40 -3.60
N ILE B 60 -45.38 13.19 -4.31
CA ILE B 60 -44.09 12.82 -3.71
C ILE B 60 -43.11 13.98 -3.87
N TYR B 61 -42.26 14.19 -2.87
CA TYR B 61 -41.27 15.26 -2.89
C TYR B 61 -39.87 14.68 -3.00
N LEU B 62 -39.19 15.00 -4.10
CA LEU B 62 -37.84 14.49 -4.35
C LEU B 62 -36.80 15.61 -4.29
N TYR B 63 -36.11 15.73 -3.16
CA TYR B 63 -35.04 16.72 -3.00
C TYR B 63 -33.75 16.18 -3.62
N ILE B 64 -33.12 16.99 -4.47
CA ILE B 64 -31.93 16.58 -5.21
C ILE B 64 -30.70 17.41 -4.84
N ASN B 65 -29.58 16.72 -4.62
CA ASN B 65 -28.28 17.34 -4.34
C ASN B 65 -27.18 16.39 -4.77
N SER B 66 -27.13 16.11 -6.07
CA SER B 66 -26.18 15.14 -6.62
C SER B 66 -25.22 15.79 -7.63
N PRO B 67 -23.93 15.40 -7.60
CA PRO B 67 -22.99 15.88 -8.61
C PRO B 67 -23.09 15.12 -9.93
N GLY B 68 -23.68 13.92 -9.89
CA GLY B 68 -23.87 13.11 -11.10
C GLY B 68 -24.02 11.64 -10.81
N GLY B 69 -23.60 10.83 -11.76
CA GLY B 69 -23.66 9.38 -11.61
C GLY B 69 -23.71 8.65 -12.95
N SER B 70 -24.11 7.38 -12.90
CA SER B 70 -24.21 6.55 -14.10
C SER B 70 -25.46 6.89 -14.89
N VAL B 71 -25.42 6.64 -16.19
CA VAL B 71 -26.54 6.92 -17.08
C VAL B 71 -27.64 5.90 -16.87
N THR B 72 -27.25 4.63 -16.91
CA THR B 72 -28.19 3.53 -16.70
C THR B 72 -28.85 3.58 -15.31
N ALA B 73 -28.11 4.06 -14.32
CA ALA B 73 -28.65 4.21 -12.97
C ALA B 73 -29.66 5.35 -12.91
N GLY B 74 -29.39 6.42 -13.67
CA GLY B 74 -30.27 7.58 -13.72
C GLY B 74 -31.59 7.29 -14.41
N PHE B 75 -31.52 6.52 -15.50
CA PHE B 75 -32.73 6.14 -16.25
C PHE B 75 -33.64 5.20 -15.45
N ALA B 76 -33.06 4.43 -14.54
CA ALA B 76 -33.83 3.57 -13.66
C ALA B 76 -34.75 4.41 -12.76
N ILE B 77 -34.21 5.52 -12.26
CA ILE B 77 -34.98 6.44 -11.42
C ILE B 77 -35.97 7.19 -12.30
N TYR B 78 -35.50 7.64 -13.47
CA TYR B 78 -36.34 8.38 -14.41
C TYR B 78 -37.59 7.58 -14.78
N ASP B 79 -37.39 6.39 -15.33
CA ASP B 79 -38.51 5.54 -15.78
C ASP B 79 -39.49 5.24 -14.66
N THR B 80 -38.98 5.04 -13.45
CA THR B 80 -39.82 4.76 -12.28
C THR B 80 -40.71 5.96 -11.95
N ILE B 81 -40.14 7.16 -12.01
CA ILE B 81 -40.89 8.39 -11.72
C ILE B 81 -42.05 8.57 -12.70
N GLN B 82 -41.80 8.32 -13.99
CA GLN B 82 -42.82 8.47 -15.02
C GLN B 82 -43.83 7.32 -15.00
N HIS B 83 -43.39 6.14 -14.58
CA HIS B 83 -44.24 4.95 -14.56
C HIS B 83 -45.34 5.04 -13.50
N ILE B 84 -44.98 5.49 -12.30
CA ILE B 84 -45.94 5.53 -11.19
C ILE B 84 -46.97 6.65 -11.34
N LYS B 85 -48.12 6.48 -10.69
CA LYS B 85 -49.23 7.43 -10.74
C LYS B 85 -48.94 8.79 -10.08
N PRO B 86 -48.40 8.78 -8.85
CA PRO B 86 -48.16 10.03 -8.13
C PRO B 86 -47.30 11.05 -8.89
N ASP B 87 -47.66 12.32 -8.77
CA ASP B 87 -46.88 13.40 -9.35
C ASP B 87 -45.67 13.68 -8.46
N VAL B 88 -44.49 13.31 -8.94
CA VAL B 88 -43.26 13.50 -8.18
C VAL B 88 -42.74 14.92 -8.30
N GLN B 89 -42.84 15.70 -7.22
CA GLN B 89 -42.27 17.05 -7.19
C GLN B 89 -40.75 16.96 -7.15
N THR B 90 -40.09 18.04 -7.53
CA THR B 90 -38.63 18.09 -7.58
C THR B 90 -38.12 19.42 -7.03
N ILE B 91 -37.22 19.35 -6.05
CA ILE B 91 -36.64 20.54 -5.42
C ILE B 91 -35.12 20.41 -5.39
N CYS B 92 -34.44 21.18 -6.23
CA CYS B 92 -32.98 21.16 -6.27
C CYS B 92 -32.38 22.01 -5.17
N ILE B 93 -31.40 21.47 -4.47
CA ILE B 93 -30.65 22.19 -3.45
C ILE B 93 -29.16 21.96 -3.63
N GLY B 94 -28.36 22.97 -3.29
CA GLY B 94 -26.91 22.90 -3.46
C GLY B 94 -26.52 22.92 -4.93
N MET B 95 -26.60 21.76 -5.57
CA MET B 95 -26.33 21.64 -7.01
C MET B 95 -27.09 20.47 -7.62
N ALA B 96 -27.30 20.52 -8.92
CA ALA B 96 -27.84 19.40 -9.68
C ALA B 96 -27.04 19.27 -10.97
N ALA B 97 -25.92 18.55 -10.89
CA ALA B 97 -24.99 18.42 -12.01
C ALA B 97 -25.10 17.06 -12.67
N SER B 98 -24.74 17.02 -13.95
CA SER B 98 -24.71 15.78 -14.72
C SER B 98 -26.08 15.08 -14.72
N MET B 99 -26.15 13.84 -14.25
CA MET B 99 -27.42 13.08 -14.26
C MET B 99 -28.43 13.59 -13.24
N GLY B 100 -27.97 14.40 -12.30
CA GLY B 100 -28.85 15.05 -11.32
C GLY B 100 -29.77 16.06 -11.96
N SER B 101 -29.26 16.78 -12.96
CA SER B 101 -30.05 17.74 -13.72
C SER B 101 -31.06 17.06 -14.64
N PHE B 102 -30.78 15.82 -15.04
CA PHE B 102 -31.70 15.04 -15.87
C PHE B 102 -32.94 14.66 -15.05
N LEU B 103 -32.72 14.25 -13.81
CA LEU B 103 -33.82 13.95 -12.88
C LEU B 103 -34.50 15.23 -12.40
N LEU B 104 -33.77 16.34 -12.39
CA LEU B 104 -34.32 17.64 -12.02
C LEU B 104 -35.43 18.02 -13.01
N ALA B 105 -35.14 17.88 -14.30
CA ALA B 105 -36.09 18.17 -15.36
C ALA B 105 -37.19 17.11 -15.47
N ALA B 106 -36.90 15.90 -14.99
CA ALA B 106 -37.83 14.77 -15.07
C ALA B 106 -39.04 14.88 -14.14
N GLY B 107 -39.02 15.85 -13.23
CA GLY B 107 -40.14 16.06 -12.29
C GLY B 107 -41.46 16.33 -12.99
N ALA B 108 -42.55 16.18 -12.23
CA ALA B 108 -43.89 16.41 -12.76
C ALA B 108 -44.03 17.82 -13.30
N LYS B 109 -44.74 17.97 -14.40
CA LYS B 109 -44.83 19.25 -15.10
C LYS B 109 -45.68 20.23 -14.30
N GLY B 110 -45.09 21.38 -13.97
CA GLY B 110 -45.73 22.36 -13.09
C GLY B 110 -45.20 22.31 -11.67
N LYS B 111 -44.39 21.30 -11.36
CA LYS B 111 -43.87 21.08 -10.01
C LYS B 111 -42.37 20.76 -10.01
N ARG B 112 -41.60 21.56 -10.77
CA ARG B 112 -40.14 21.45 -10.80
C ARG B 112 -39.56 22.72 -10.19
N PHE B 113 -38.89 22.57 -9.05
CA PHE B 113 -38.40 23.72 -8.27
C PHE B 113 -36.89 23.69 -8.04
N ALA B 114 -36.37 24.84 -7.60
CA ALA B 114 -34.97 24.96 -7.21
C ALA B 114 -34.78 26.21 -6.35
N LEU B 115 -33.95 26.12 -5.32
CA LEU B 115 -33.72 27.23 -4.41
C LEU B 115 -32.79 28.27 -5.05
N PRO B 116 -32.81 29.52 -4.54
CA PRO B 116 -32.12 30.64 -5.20
C PRO B 116 -30.65 30.40 -5.58
N ASN B 117 -29.87 29.88 -4.63
CA ASN B 117 -28.44 29.67 -4.85
C ASN B 117 -28.06 28.26 -5.30
N ALA B 118 -29.03 27.54 -5.85
CA ALA B 118 -28.81 26.17 -6.33
C ALA B 118 -28.26 26.19 -7.76
N GLU B 119 -27.09 25.61 -7.96
CA GLU B 119 -26.47 25.53 -9.28
C GLU B 119 -27.04 24.37 -10.10
N VAL B 120 -26.87 24.45 -11.42
CA VAL B 120 -27.33 23.40 -12.33
C VAL B 120 -26.30 23.21 -13.45
N MET B 121 -26.08 21.96 -13.85
CA MET B 121 -25.13 21.62 -14.90
C MET B 121 -25.69 20.46 -15.71
N ILE B 122 -25.87 20.67 -17.01
CA ILE B 122 -26.53 19.70 -17.89
C ILE B 122 -25.55 19.06 -18.87
N HIS B 123 -24.58 18.32 -18.33
CA HIS B 123 -23.62 17.59 -19.16
C HIS B 123 -23.12 16.32 -18.44
N GLN B 124 -23.36 15.17 -19.07
CA GLN B 124 -22.90 13.89 -18.55
C GLN B 124 -21.58 13.50 -19.24
N PRO B 125 -20.47 13.46 -18.49
CA PRO B 125 -19.25 12.87 -19.04
C PRO B 125 -19.40 11.35 -19.04
N LEU B 126 -18.40 10.62 -19.51
CA LEU B 126 -18.59 9.17 -19.68
C LEU B 126 -17.69 8.28 -18.81
N GLY B 127 -18.34 7.36 -18.12
CA GLY B 127 -17.69 6.19 -17.52
C GLY B 127 -18.30 4.97 -18.18
N GLY B 128 -18.48 3.89 -17.42
CA GLY B 128 -19.08 2.66 -17.92
C GLY B 128 -18.56 2.22 -19.28
N ALA B 129 -17.25 2.37 -19.47
CA ALA B 129 -16.60 2.11 -20.76
C ALA B 129 -16.16 0.65 -20.90
N GLN B 130 -16.32 -0.13 -19.84
CA GLN B 130 -15.87 -1.54 -19.81
C GLN B 130 -16.52 -2.44 -20.86
N GLY B 131 -17.82 -2.66 -20.74
CA GLY B 131 -18.55 -3.60 -21.61
C GLY B 131 -18.52 -3.24 -23.09
N GLN B 132 -18.39 -1.94 -23.38
CA GLN B 132 -18.35 -1.44 -24.75
C GLN B 132 -16.97 -1.59 -25.38
N ALA B 133 -15.92 -1.49 -24.56
CA ALA B 133 -14.52 -1.43 -25.04
C ALA B 133 -14.03 -2.63 -25.85
N THR B 134 -14.80 -3.72 -25.86
CA THR B 134 -14.40 -4.93 -26.58
C THR B 134 -14.59 -4.78 -28.10
N GLU B 135 -15.75 -4.30 -28.52
CA GLU B 135 -16.04 -4.07 -29.94
C GLU B 135 -15.97 -2.58 -30.27
N ILE B 136 -15.49 -2.25 -31.47
CA ILE B 136 -15.20 -0.86 -31.84
C ILE B 136 -16.42 -0.14 -32.40
N GLU B 137 -17.04 -0.73 -33.42
CA GLU B 137 -18.15 -0.10 -34.13
C GLU B 137 -19.35 0.19 -33.23
N ILE B 138 -19.62 -0.74 -32.30
CA ILE B 138 -20.74 -0.59 -31.36
C ILE B 138 -20.44 0.43 -30.27
N ALA B 139 -19.21 0.41 -29.76
CA ALA B 139 -18.79 1.30 -28.66
C ALA B 139 -19.01 2.77 -29.00
N ALA B 140 -18.57 3.15 -30.20
CA ALA B 140 -18.71 4.52 -30.67
C ALA B 140 -20.19 4.88 -30.89
N ASN B 141 -20.92 3.95 -31.50
CA ASN B 141 -22.35 4.16 -31.80
C ASN B 141 -23.22 4.15 -30.54
N HIS B 142 -22.80 3.41 -29.51
CA HIS B 142 -23.52 3.37 -28.24
C HIS B 142 -23.47 4.73 -27.55
N ILE B 143 -22.37 5.44 -27.71
CA ILE B 143 -22.25 6.81 -27.20
C ILE B 143 -23.22 7.73 -27.95
N LEU B 144 -23.25 7.61 -29.27
CA LEU B 144 -24.18 8.38 -30.11
C LEU B 144 -25.64 8.06 -29.80
N LYS B 145 -25.94 6.77 -29.63
CA LYS B 145 -27.29 6.32 -29.29
C LYS B 145 -27.74 6.88 -27.93
N THR B 146 -26.84 6.81 -26.94
CA THR B 146 -27.10 7.35 -25.61
C THR B 146 -27.20 8.88 -25.64
N ARG B 147 -26.39 9.51 -26.50
CA ARG B 147 -26.43 10.96 -26.67
C ARG B 147 -27.76 11.38 -27.31
N GLU B 148 -28.22 10.60 -28.29
CA GLU B 148 -29.52 10.81 -28.92
C GLU B 148 -30.64 10.50 -27.94
N LYS B 149 -30.41 9.50 -27.08
CA LYS B 149 -31.39 9.10 -26.07
C LYS B 149 -31.57 10.20 -25.03
N LEU B 150 -30.47 10.76 -24.56
CA LEU B 150 -30.49 11.81 -23.53
C LEU B 150 -31.04 13.12 -24.07
N ASN B 151 -30.51 13.55 -25.22
CA ASN B 151 -30.87 14.84 -25.81
C ASN B 151 -32.33 14.91 -26.26
N ARG B 152 -32.88 13.78 -26.70
CA ARG B 152 -34.28 13.72 -27.13
C ARG B 152 -35.23 13.90 -25.94
N ILE B 153 -34.95 13.17 -24.86
CA ILE B 153 -35.80 13.22 -23.66
C ILE B 153 -35.70 14.59 -22.97
N LEU B 154 -34.49 15.16 -22.95
CA LEU B 154 -34.28 16.46 -22.31
C LEU B 154 -35.03 17.55 -23.09
N SER B 155 -34.93 17.50 -24.42
CA SER B 155 -35.57 18.46 -25.30
C SER B 155 -37.09 18.53 -25.09
N GLU B 156 -37.72 17.38 -24.89
CA GLU B 156 -39.17 17.31 -24.67
C GLU B 156 -39.59 18.01 -23.38
N ARG B 157 -38.79 17.84 -22.32
CA ARG B 157 -39.14 18.34 -21.00
C ARG B 157 -38.78 19.81 -20.80
N THR B 158 -37.64 20.22 -21.35
CA THR B 158 -37.25 21.64 -21.34
C THR B 158 -38.10 22.42 -22.32
N GLY B 159 -38.61 21.71 -23.33
CA GLY B 159 -39.47 22.29 -24.32
C GLY B 159 -38.67 23.05 -25.34
N GLN B 160 -37.35 22.76 -25.45
CA GLN B 160 -36.41 23.41 -26.46
C GLN B 160 -36.06 22.50 -27.62
N SER B 161 -35.49 23.09 -28.67
CA SER B 161 -35.17 22.35 -29.87
C SER B 161 -34.07 21.36 -29.56
N ILE B 162 -33.98 20.31 -30.36
CA ILE B 162 -32.97 19.28 -30.19
C ILE B 162 -31.59 19.82 -30.59
N GLU B 163 -31.58 20.79 -31.51
CA GLU B 163 -30.33 21.37 -32.00
C GLU B 163 -29.59 22.14 -30.91
N LYS B 164 -30.33 22.89 -30.10
CA LYS B 164 -29.75 23.66 -29.01
C LYS B 164 -29.23 22.76 -27.88
N ILE B 165 -29.97 21.69 -27.61
CA ILE B 165 -29.63 20.75 -26.54
C ILE B 165 -28.28 20.07 -26.83
N GLN B 166 -28.09 19.61 -28.07
CA GLN B 166 -26.86 18.92 -28.48
C GLN B 166 -25.59 19.71 -28.17
N LYS B 167 -25.62 21.02 -28.42
CA LYS B 167 -24.45 21.87 -28.22
C LYS B 167 -24.19 22.13 -26.74
N ASP B 168 -25.25 22.44 -26.00
CA ASP B 168 -25.15 22.72 -24.57
C ASP B 168 -24.75 21.47 -23.77
N THR B 169 -25.32 20.32 -24.13
CA THR B 169 -25.04 19.07 -23.41
C THR B 169 -23.75 18.38 -23.82
N ASP B 170 -22.99 19.00 -24.71
CA ASP B 170 -21.71 18.46 -25.15
C ASP B 170 -20.58 18.91 -24.22
N ARG B 171 -20.53 20.21 -23.94
CA ARG B 171 -19.51 20.79 -23.06
C ARG B 171 -20.08 21.08 -21.67
N ASP B 172 -19.22 21.51 -20.75
CA ASP B 172 -19.62 21.82 -19.37
C ASP B 172 -20.50 23.05 -19.29
N ASN B 173 -21.32 23.10 -18.24
CA ASN B 173 -22.27 24.20 -18.03
C ASN B 173 -22.38 24.59 -16.56
N PHE B 174 -22.84 25.81 -16.32
CA PHE B 174 -23.13 26.29 -14.97
C PHE B 174 -24.30 27.27 -14.98
N LEU B 175 -25.51 26.73 -14.81
CA LEU B 175 -26.74 27.53 -14.83
C LEU B 175 -27.21 27.80 -13.42
N THR B 176 -27.56 29.05 -13.14
CA THR B 176 -28.16 29.43 -11.85
C THR B 176 -29.64 29.07 -11.85
N ALA B 177 -30.30 29.29 -10.72
CA ALA B 177 -31.73 29.02 -10.58
C ALA B 177 -32.56 29.78 -11.62
N GLU B 178 -32.20 31.05 -11.85
CA GLU B 178 -32.91 31.89 -12.83
C GLU B 178 -32.64 31.43 -14.26
N GLU B 179 -31.38 31.07 -14.54
CA GLU B 179 -30.99 30.59 -15.87
C GLU B 179 -31.59 29.22 -16.17
N ALA B 180 -31.66 28.37 -15.16
CA ALA B 180 -32.28 27.04 -15.29
C ALA B 180 -33.78 27.14 -15.55
N LYS B 181 -34.41 28.14 -14.94
CA LYS B 181 -35.84 28.42 -15.17
C LYS B 181 -36.06 28.94 -16.59
N GLU B 182 -35.15 29.79 -17.06
CA GLU B 182 -35.19 30.32 -18.43
C GLU B 182 -34.95 29.23 -19.46
N TYR B 183 -34.11 28.26 -19.11
CA TYR B 183 -33.80 27.13 -19.98
C TYR B 183 -35.00 26.18 -20.12
N GLY B 184 -35.79 26.08 -19.06
CA GLY B 184 -36.94 25.18 -19.03
C GLY B 184 -36.71 23.93 -18.19
N LEU B 185 -35.54 23.85 -17.55
CA LEU B 185 -35.20 22.72 -16.68
C LEU B 185 -36.10 22.70 -15.46
N ILE B 186 -36.29 23.87 -14.84
CA ILE B 186 -37.21 24.02 -13.71
C ILE B 186 -38.32 24.98 -14.07
N ASP B 187 -39.39 24.95 -13.28
CA ASP B 187 -40.58 25.76 -13.54
C ASP B 187 -40.61 27.06 -12.75
N GLU B 188 -40.10 27.02 -11.52
CA GLU B 188 -40.05 28.21 -10.65
C GLU B 188 -38.86 28.19 -9.70
N VAL B 189 -38.32 29.37 -9.44
CA VAL B 189 -37.29 29.55 -8.41
C VAL B 189 -38.01 29.71 -7.08
N MET B 190 -37.68 28.86 -6.12
CA MET B 190 -38.41 28.81 -4.85
C MET B 190 -38.00 29.96 -3.94
N VAL B 191 -38.84 31.00 -3.90
CA VAL B 191 -38.59 32.19 -3.09
C VAL B 191 -38.79 31.86 -1.60
N PRO B 192 -38.00 32.49 -0.71
CA PRO B 192 -38.16 32.31 0.74
C PRO B 192 -39.61 32.36 1.23
N GLU B 193 -39.96 31.43 2.12
CA GLU B 193 -41.32 31.27 2.64
C GLU B 193 -42.34 31.03 1.52
N LEU C 3 -28.85 6.24 2.80
CA LEU C 3 -28.80 5.25 1.68
C LEU C 3 -29.94 4.23 1.80
N ILE C 4 -30.08 3.65 3.00
CA ILE C 4 -31.11 2.64 3.28
C ILE C 4 -32.02 3.12 4.41
N PRO C 5 -33.26 3.53 4.08
CA PRO C 5 -34.19 4.05 5.08
C PRO C 5 -35.01 2.96 5.76
N THR C 6 -35.71 3.34 6.82
CA THR C 6 -36.52 2.44 7.64
C THR C 6 -38.01 2.76 7.51
N VAL C 7 -38.85 1.75 7.64
CA VAL C 7 -40.30 1.91 7.59
C VAL C 7 -40.94 1.04 8.67
N ILE C 8 -41.83 1.64 9.47
CA ILE C 8 -42.58 0.85 10.46
C ILE C 8 -44.08 1.18 10.40
N GLU C 9 -44.88 0.33 11.05
CA GLU C 9 -46.33 0.48 11.07
C GLU C 9 -46.95 -0.08 12.35
N THR C 10 -48.14 0.40 12.68
CA THR C 10 -48.78 0.13 13.97
C THR C 10 -49.61 -1.17 13.97
N THR C 11 -49.08 -2.19 14.64
CA THR C 11 -49.82 -3.43 14.88
C THR C 11 -49.06 -4.34 15.86
N GLU C 15 -42.43 -1.44 17.20
CA GLU C 15 -43.67 -1.98 16.66
C GLU C 15 -43.40 -3.04 15.60
N ARG C 16 -42.82 -2.61 14.49
CA ARG C 16 -42.53 -3.49 13.36
C ARG C 16 -41.50 -2.87 12.42
N ALA C 17 -40.23 -3.13 12.70
CA ALA C 17 -39.11 -2.51 11.95
C ALA C 17 -38.85 -3.20 10.62
N TYR C 18 -39.17 -2.50 9.52
CA TYR C 18 -38.83 -2.96 8.17
C TYR C 18 -37.84 -2.00 7.53
N ASP C 19 -36.89 -2.54 6.76
CA ASP C 19 -36.11 -1.74 5.83
C ASP C 19 -36.92 -1.61 4.54
N ILE C 20 -36.54 -0.66 3.68
CA ILE C 20 -37.31 -0.36 2.47
C ILE C 20 -37.43 -1.60 1.55
N TYR C 21 -36.36 -2.38 1.48
CA TYR C 21 -36.35 -3.57 0.62
C TYR C 21 -37.23 -4.67 1.20
N SER C 22 -37.23 -4.78 2.53
CA SER C 22 -38.04 -5.77 3.23
C SER C 22 -39.53 -5.43 3.24
N ARG C 23 -39.83 -4.14 3.24
CA ARG C 23 -41.21 -3.70 3.16
C ARG C 23 -41.79 -4.05 1.80
N LEU C 24 -40.96 -3.98 0.76
CA LEU C 24 -41.36 -4.41 -0.58
C LEU C 24 -41.50 -5.93 -0.65
N LEU C 25 -40.65 -6.65 0.08
CA LEU C 25 -40.72 -8.11 0.15
C LEU C 25 -42.02 -8.59 0.79
N LYS C 26 -42.60 -7.77 1.67
CA LYS C 26 -43.91 -8.04 2.26
C LYS C 26 -44.99 -8.09 1.19
N ASP C 27 -44.85 -7.28 0.16
CA ASP C 27 -45.77 -7.26 -0.99
C ASP C 27 -45.25 -8.13 -2.14
N ARG C 28 -44.42 -9.11 -1.83
CA ARG C 28 -43.88 -10.08 -2.79
C ARG C 28 -43.06 -9.42 -3.92
N ILE C 29 -42.28 -8.40 -3.56
CA ILE C 29 -41.41 -7.71 -4.51
C ILE C 29 -39.95 -7.92 -4.13
N ILE C 30 -39.18 -8.53 -5.04
CA ILE C 30 -37.75 -8.73 -4.85
C ILE C 30 -36.99 -7.73 -5.71
N MET C 31 -36.09 -6.97 -5.09
CA MET C 31 -35.28 -5.97 -5.79
C MET C 31 -33.90 -6.51 -6.06
N LEU C 32 -33.45 -6.37 -7.32
CA LEU C 32 -32.12 -6.81 -7.72
C LEU C 32 -31.43 -5.66 -8.46
N GLY C 33 -30.57 -4.96 -7.75
CA GLY C 33 -29.86 -3.79 -8.30
C GLY C 33 -28.37 -3.84 -8.04
N SER C 34 -27.74 -4.94 -8.44
CA SER C 34 -26.30 -5.13 -8.27
C SER C 34 -25.79 -6.27 -9.14
N GLN C 35 -24.47 -6.42 -9.21
CA GLN C 35 -23.86 -7.50 -9.99
C GLN C 35 -24.18 -8.85 -9.31
N ILE C 36 -24.41 -9.87 -10.14
CA ILE C 36 -24.87 -11.16 -9.64
C ILE C 36 -23.68 -12.01 -9.20
N ASP C 37 -23.30 -11.86 -7.93
CA ASP C 37 -22.28 -12.71 -7.31
C ASP C 37 -22.95 -13.82 -6.47
N ASP C 38 -22.14 -14.63 -5.79
CA ASP C 38 -22.66 -15.73 -4.98
C ASP C 38 -23.48 -15.25 -3.77
N ASN C 39 -23.10 -14.10 -3.21
CA ASN C 39 -23.76 -13.55 -2.03
C ASN C 39 -25.18 -13.10 -2.32
N VAL C 40 -25.35 -12.27 -3.35
CA VAL C 40 -26.67 -11.79 -3.73
C VAL C 40 -27.53 -12.92 -4.30
N ALA C 41 -26.90 -13.87 -4.99
CA ALA C 41 -27.61 -15.03 -5.53
C ALA C 41 -28.18 -15.89 -4.39
N ASN C 42 -27.41 -16.05 -3.33
CA ASN C 42 -27.86 -16.79 -2.15
C ASN C 42 -29.03 -16.09 -1.46
N SER C 43 -29.03 -14.77 -1.50
CA SER C 43 -30.10 -13.97 -0.91
C SER C 43 -31.38 -13.99 -1.75
N ILE C 44 -31.22 -13.87 -3.06
CA ILE C 44 -32.36 -13.90 -3.99
C ILE C 44 -33.08 -15.25 -3.94
N VAL C 45 -32.29 -16.32 -3.91
CA VAL C 45 -32.85 -17.67 -3.81
C VAL C 45 -33.62 -17.84 -2.50
N SER C 46 -33.06 -17.32 -1.41
CA SER C 46 -33.71 -17.39 -0.09
C SER C 46 -35.04 -16.66 -0.07
N GLN C 47 -35.11 -15.54 -0.79
CA GLN C 47 -36.36 -14.79 -0.91
C GLN C 47 -37.40 -15.52 -1.73
N LEU C 48 -36.97 -16.12 -2.84
CA LEU C 48 -37.88 -16.89 -3.70
C LEU C 48 -38.44 -18.09 -2.97
N LEU C 49 -37.60 -18.77 -2.19
CA LEU C 49 -38.05 -19.91 -1.38
C LEU C 49 -38.97 -19.46 -0.24
N PHE C 50 -38.71 -18.27 0.28
CA PHE C 50 -39.52 -17.70 1.37
C PHE C 50 -40.92 -17.33 0.89
N LEU C 51 -40.99 -16.63 -0.24
CA LEU C 51 -42.27 -16.19 -0.81
C LEU C 51 -43.16 -17.36 -1.24
N GLN C 52 -42.53 -18.46 -1.65
CA GLN C 52 -43.26 -19.69 -1.98
C GLN C 52 -43.92 -20.28 -0.73
N ALA C 53 -43.18 -20.28 0.37
CA ALA C 53 -43.69 -20.78 1.66
C ALA C 53 -44.81 -19.90 2.21
N GLN C 54 -44.71 -18.60 1.96
CA GLN C 54 -45.76 -17.65 2.35
C GLN C 54 -47.04 -17.92 1.57
N ASP C 55 -46.92 -17.97 0.24
CA ASP C 55 -48.04 -18.28 -0.63
C ASP C 55 -47.54 -18.81 -1.97
N SER C 56 -47.90 -20.05 -2.29
CA SER C 56 -47.43 -20.71 -3.50
C SER C 56 -48.22 -20.33 -4.76
N GLU C 57 -49.34 -19.63 -4.59
CA GLU C 57 -50.22 -19.28 -5.71
C GLU C 57 -49.99 -17.86 -6.22
N LYS C 58 -49.86 -16.90 -5.30
CA LYS C 58 -49.68 -15.49 -5.67
C LYS C 58 -48.37 -15.24 -6.41
N ASP C 59 -48.37 -14.24 -7.28
CA ASP C 59 -47.22 -13.95 -8.13
C ASP C 59 -46.13 -13.21 -7.38
N ILE C 60 -44.90 -13.35 -7.88
CA ILE C 60 -43.74 -12.64 -7.34
C ILE C 60 -43.25 -11.63 -8.37
N TYR C 61 -42.79 -10.48 -7.88
CA TYR C 61 -42.29 -9.40 -8.75
C TYR C 61 -40.79 -9.26 -8.59
N LEU C 62 -40.03 -9.50 -9.66
CA LEU C 62 -38.57 -9.41 -9.64
C LEU C 62 -38.07 -8.23 -10.49
N TYR C 63 -37.74 -7.13 -9.83
CA TYR C 63 -37.18 -5.96 -10.51
C TYR C 63 -35.68 -6.18 -10.74
N ILE C 64 -35.23 -5.96 -11.98
CA ILE C 64 -33.83 -6.22 -12.35
C ILE C 64 -33.12 -4.94 -12.80
N ASN C 65 -31.90 -4.75 -12.28
CA ASN C 65 -31.04 -3.63 -12.64
C ASN C 65 -29.58 -4.05 -12.44
N SER C 66 -29.14 -5.06 -13.18
CA SER C 66 -27.80 -5.63 -13.02
C SER C 66 -26.97 -5.51 -14.29
N PRO C 67 -25.67 -5.19 -14.15
CA PRO C 67 -24.77 -5.16 -15.30
C PRO C 67 -24.30 -6.55 -15.71
N GLY C 68 -24.39 -7.51 -14.79
CA GLY C 68 -23.99 -8.89 -15.08
C GLY C 68 -23.64 -9.68 -13.83
N GLY C 69 -22.74 -10.64 -14.00
CA GLY C 69 -22.27 -11.47 -12.89
C GLY C 69 -21.76 -12.82 -13.33
N SER C 70 -21.68 -13.75 -12.39
CA SER C 70 -21.19 -15.10 -12.66
C SER C 70 -22.28 -15.94 -13.32
N VAL C 71 -21.86 -16.94 -14.10
CA VAL C 71 -22.78 -17.83 -14.80
C VAL C 71 -23.44 -18.79 -13.82
N THR C 72 -22.60 -19.44 -13.01
CA THR C 72 -23.07 -20.37 -11.99
C THR C 72 -23.99 -19.70 -10.96
N ALA C 73 -23.73 -18.44 -10.67
CA ALA C 73 -24.57 -17.67 -9.74
C ALA C 73 -25.92 -17.34 -10.38
N GLY C 74 -25.90 -17.07 -11.69
CA GLY C 74 -27.12 -16.76 -12.43
C GLY C 74 -28.04 -17.94 -12.58
N PHE C 75 -27.47 -19.12 -12.84
CA PHE C 75 -28.25 -20.35 -12.98
C PHE C 75 -28.89 -20.78 -11.66
N ALA C 76 -28.28 -20.43 -10.54
CA ALA C 76 -28.85 -20.70 -9.23
C ALA C 76 -30.19 -19.97 -9.05
N ILE C 77 -30.23 -18.72 -9.51
CA ILE C 77 -31.45 -17.91 -9.47
C ILE C 77 -32.43 -18.43 -10.52
N TYR C 78 -31.92 -18.75 -11.71
CA TYR C 78 -32.74 -19.27 -12.81
C TYR C 78 -33.50 -20.51 -12.37
N ASP C 79 -32.75 -21.54 -11.97
CA ASP C 79 -33.33 -22.82 -11.59
C ASP C 79 -34.36 -22.69 -10.46
N THR C 80 -34.08 -21.80 -9.51
CA THR C 80 -35.00 -21.54 -8.40
C THR C 80 -36.32 -20.94 -8.88
N ILE C 81 -36.24 -20.01 -9.82
CA ILE C 81 -37.44 -19.37 -10.37
C ILE C 81 -38.34 -20.39 -11.08
N GLN C 82 -37.73 -21.29 -11.84
CA GLN C 82 -38.49 -22.31 -12.58
C GLN C 82 -38.97 -23.43 -11.66
N HIS C 83 -38.23 -23.69 -10.59
CA HIS C 83 -38.55 -24.78 -9.66
C HIS C 83 -39.80 -24.49 -8.84
N ILE C 84 -39.92 -23.26 -8.34
CA ILE C 84 -41.05 -22.89 -7.46
C ILE C 84 -42.36 -22.71 -8.23
N LYS C 85 -43.46 -22.87 -7.51
CA LYS C 85 -44.81 -22.79 -8.09
C LYS C 85 -45.20 -21.40 -8.59
N PRO C 86 -44.98 -20.36 -7.75
CA PRO C 86 -45.39 -19.01 -8.13
C PRO C 86 -44.83 -18.53 -9.48
N ASP C 87 -45.65 -17.80 -10.23
CA ASP C 87 -45.22 -17.19 -11.47
C ASP C 87 -44.44 -15.92 -11.16
N VAL C 88 -43.12 -15.97 -11.38
CA VAL C 88 -42.25 -14.83 -11.09
C VAL C 88 -42.29 -13.81 -12.23
N GLN C 89 -42.92 -12.66 -11.97
CA GLN C 89 -42.91 -11.55 -12.93
C GLN C 89 -41.51 -10.95 -13.02
N THR C 90 -41.24 -10.26 -14.12
CA THR C 90 -39.93 -9.65 -14.35
C THR C 90 -40.08 -8.25 -14.94
N ILE C 91 -39.47 -7.26 -14.29
CA ILE C 91 -39.52 -5.86 -14.72
C ILE C 91 -38.11 -5.29 -14.78
N CYS C 92 -37.59 -5.09 -15.98
CA CYS C 92 -36.26 -4.52 -16.17
C CYS C 92 -36.29 -3.00 -16.02
N ILE C 93 -35.35 -2.48 -15.24
CA ILE C 93 -35.18 -1.02 -15.10
C ILE C 93 -33.70 -0.67 -15.24
N GLY C 94 -33.44 0.52 -15.78
CA GLY C 94 -32.06 0.97 -16.01
C GLY C 94 -31.38 0.18 -17.12
N MET C 95 -30.88 -1.00 -16.77
CA MET C 95 -30.29 -1.92 -17.75
C MET C 95 -30.40 -3.38 -17.29
N ALA C 96 -30.33 -4.28 -18.25
CA ALA C 96 -30.23 -5.72 -17.97
C ALA C 96 -29.18 -6.31 -18.88
N ALA C 97 -27.92 -6.25 -18.45
CA ALA C 97 -26.79 -6.67 -19.26
C ALA C 97 -26.23 -8.00 -18.78
N SER C 98 -25.61 -8.73 -19.71
CA SER C 98 -24.95 -10.00 -19.42
C SER C 98 -25.92 -11.01 -18.79
N MET C 99 -25.63 -11.49 -17.58
CA MET C 99 -26.48 -12.50 -16.93
C MET C 99 -27.82 -11.93 -16.46
N GLY C 100 -27.91 -10.61 -16.36
CA GLY C 100 -29.15 -9.93 -16.01
C GLY C 100 -30.22 -10.12 -17.07
N SER C 101 -29.80 -10.12 -18.34
CA SER C 101 -30.71 -10.35 -19.46
C SER C 101 -31.17 -11.81 -19.53
N PHE C 102 -30.36 -12.72 -18.99
CA PHE C 102 -30.73 -14.13 -18.94
C PHE C 102 -31.88 -14.34 -17.96
N LEU C 103 -31.80 -13.69 -16.81
CA LEU C 103 -32.88 -13.71 -15.82
C LEU C 103 -34.08 -12.89 -16.27
N LEU C 104 -33.83 -11.89 -17.11
CA LEU C 104 -34.90 -11.07 -17.70
C LEU C 104 -35.82 -11.93 -18.56
N ALA C 105 -35.22 -12.77 -19.40
CA ALA C 105 -35.96 -13.70 -20.25
C ALA C 105 -36.53 -14.88 -19.48
N ALA C 106 -35.93 -15.19 -18.33
CA ALA C 106 -36.32 -16.34 -17.51
C ALA C 106 -37.66 -16.16 -16.78
N GLY C 107 -38.22 -14.95 -16.80
CA GLY C 107 -39.49 -14.66 -16.16
C GLY C 107 -40.63 -15.51 -16.68
N ALA C 108 -41.73 -15.57 -15.93
CA ALA C 108 -42.90 -16.33 -16.31
C ALA C 108 -43.43 -15.86 -17.67
N LYS C 109 -43.90 -16.81 -18.48
CA LYS C 109 -44.30 -16.51 -19.86
C LYS C 109 -45.61 -15.73 -19.86
N GLY C 110 -45.57 -14.54 -20.47
CA GLY C 110 -46.71 -13.62 -20.45
C GLY C 110 -46.52 -12.48 -19.46
N LYS C 111 -45.48 -12.58 -18.63
CA LYS C 111 -45.23 -11.60 -17.56
C LYS C 111 -43.76 -11.18 -17.52
N ARG C 112 -43.21 -10.86 -18.69
CA ARG C 112 -41.84 -10.34 -18.80
C ARG C 112 -41.91 -8.90 -19.31
N PHE C 113 -41.50 -7.95 -18.46
CA PHE C 113 -41.68 -6.52 -18.75
C PHE C 113 -40.35 -5.76 -18.73
N ALA C 114 -40.40 -4.54 -19.25
CA ALA C 114 -39.27 -3.60 -19.22
C ALA C 114 -39.75 -2.19 -19.49
N LEU C 115 -39.18 -1.21 -18.78
CA LEU C 115 -39.60 0.18 -18.92
C LEU C 115 -39.01 0.79 -20.20
N PRO C 116 -39.60 1.90 -20.69
CA PRO C 116 -39.26 2.45 -22.02
C PRO C 116 -37.76 2.65 -22.27
N ASN C 117 -37.07 3.28 -21.33
CA ASN C 117 -35.66 3.61 -21.50
C ASN C 117 -34.71 2.60 -20.89
N ALA C 118 -35.18 1.37 -20.68
CA ALA C 118 -34.37 0.31 -20.11
C ALA C 118 -33.58 -0.39 -21.22
N GLU C 119 -32.24 -0.41 -21.07
CA GLU C 119 -31.37 -1.07 -22.05
C GLU C 119 -31.26 -2.57 -21.77
N VAL C 120 -30.86 -3.32 -22.78
CA VAL C 120 -30.68 -4.77 -22.67
C VAL C 120 -29.44 -5.20 -23.45
N MET C 121 -28.70 -6.15 -22.91
CA MET C 121 -27.47 -6.67 -23.53
C MET C 121 -27.36 -8.16 -23.25
N ILE C 122 -27.32 -8.96 -24.31
CA ILE C 122 -27.35 -10.42 -24.19
C ILE C 122 -26.01 -11.07 -24.57
N HIS C 123 -24.99 -10.77 -23.78
CA HIS C 123 -23.66 -11.37 -23.96
C HIS C 123 -22.91 -11.47 -22.64
N GLN C 124 -22.55 -12.70 -22.26
CA GLN C 124 -21.77 -12.96 -21.06
C GLN C 124 -20.29 -13.10 -21.43
N PRO C 125 -19.43 -12.16 -21.00
CA PRO C 125 -17.99 -12.39 -21.12
C PRO C 125 -17.57 -13.40 -20.05
N LEU C 126 -16.29 -13.75 -19.99
CA LEU C 126 -15.88 -14.82 -19.08
C LEU C 126 -14.93 -14.43 -17.96
N GLY C 127 -15.32 -14.81 -16.75
CA GLY C 127 -14.43 -14.87 -15.59
C GLY C 127 -14.38 -16.33 -15.15
N GLY C 128 -14.30 -16.56 -13.83
CA GLY C 128 -14.28 -17.91 -13.28
C GLY C 128 -13.34 -18.86 -14.01
N ALA C 129 -12.18 -18.34 -14.42
CA ALA C 129 -11.22 -19.09 -15.22
C ALA C 129 -10.25 -19.91 -14.37
N GLN C 130 -10.33 -19.77 -13.04
CA GLN C 130 -9.41 -20.42 -12.11
C GLN C 130 -9.42 -21.96 -12.17
N GLY C 131 -10.54 -22.56 -11.77
CA GLY C 131 -10.66 -24.02 -11.68
C GLY C 131 -10.44 -24.77 -12.98
N GLN C 132 -10.75 -24.10 -14.10
CA GLN C 132 -10.59 -24.69 -15.44
C GLN C 132 -9.15 -24.61 -15.94
N ALA C 133 -8.43 -23.56 -15.53
CA ALA C 133 -7.09 -23.26 -16.06
C ALA C 133 -6.01 -24.34 -15.85
N THR C 134 -6.29 -25.35 -15.04
CA THR C 134 -5.32 -26.41 -14.77
C THR C 134 -5.21 -27.39 -15.95
N GLU C 135 -6.35 -27.87 -16.44
CA GLU C 135 -6.39 -28.79 -17.59
C GLU C 135 -6.82 -28.05 -18.86
N ILE C 136 -6.25 -28.44 -19.99
CA ILE C 136 -6.42 -27.70 -21.26
C ILE C 136 -7.67 -28.14 -22.01
N GLU C 137 -7.77 -29.44 -22.28
CA GLU C 137 -8.85 -29.98 -23.10
C GLU C 137 -10.24 -29.70 -22.51
N ILE C 138 -10.35 -29.77 -21.19
CA ILE C 138 -11.61 -29.54 -20.49
C ILE C 138 -11.96 -28.04 -20.44
N ALA C 139 -10.96 -27.20 -20.20
CA ALA C 139 -11.16 -25.75 -20.06
C ALA C 139 -11.83 -25.16 -21.29
N ALA C 140 -11.32 -25.53 -22.46
CA ALA C 140 -11.87 -25.06 -23.71
C ALA C 140 -13.26 -25.61 -23.93
N ASN C 141 -13.45 -26.90 -23.68
CA ASN C 141 -14.74 -27.54 -23.88
C ASN C 141 -15.80 -27.09 -22.89
N HIS C 142 -15.37 -26.69 -21.69
CA HIS C 142 -16.29 -26.18 -20.68
C HIS C 142 -16.91 -24.86 -21.11
N ILE C 143 -16.14 -24.05 -21.85
CA ILE C 143 -16.65 -22.81 -22.44
C ILE C 143 -17.70 -23.15 -23.50
N LEU C 144 -17.40 -24.12 -24.36
CA LEU C 144 -18.35 -24.57 -25.39
C LEU C 144 -19.60 -25.18 -24.79
N LYS C 145 -19.43 -25.99 -23.73
CA LYS C 145 -20.56 -26.60 -23.04
C LYS C 145 -21.46 -25.54 -22.41
N THR C 146 -20.84 -24.56 -21.74
CA THR C 146 -21.57 -23.45 -21.14
C THR C 146 -22.22 -22.56 -22.20
N ARG C 147 -21.53 -22.39 -23.34
CA ARG C 147 -22.09 -21.64 -24.46
C ARG C 147 -23.30 -22.35 -25.06
N GLU C 148 -23.20 -23.68 -25.17
CA GLU C 148 -24.32 -24.50 -25.63
C GLU C 148 -25.43 -24.52 -24.58
N LYS C 149 -25.04 -24.47 -23.31
CA LYS C 149 -25.99 -24.46 -22.19
C LYS C 149 -26.80 -23.17 -22.17
N LEU C 150 -26.11 -22.04 -22.34
CA LEU C 150 -26.75 -20.72 -22.34
C LEU C 150 -27.61 -20.50 -23.58
N ASN C 151 -27.05 -20.77 -24.75
CA ASN C 151 -27.73 -20.51 -26.02
C ASN C 151 -28.97 -21.36 -26.24
N ARG C 152 -28.95 -22.59 -25.71
CA ARG C 152 -30.09 -23.50 -25.81
C ARG C 152 -31.27 -22.99 -24.98
N ILE C 153 -31.00 -22.62 -23.74
CA ILE C 153 -32.03 -22.15 -22.82
C ILE C 153 -32.61 -20.81 -23.27
N LEU C 154 -31.75 -19.92 -23.78
CA LEU C 154 -32.17 -18.61 -24.26
C LEU C 154 -33.08 -18.77 -25.47
N SER C 155 -32.67 -19.63 -26.40
CA SER C 155 -33.43 -19.89 -27.63
C SER C 155 -34.87 -20.33 -27.36
N GLU C 156 -35.05 -21.18 -26.35
CA GLU C 156 -36.37 -21.68 -25.97
C GLU C 156 -37.30 -20.58 -25.49
N ARG C 157 -36.75 -19.65 -24.70
CA ARG C 157 -37.54 -18.61 -24.06
C ARG C 157 -37.80 -17.41 -24.97
N THR C 158 -36.81 -17.04 -25.78
CA THR C 158 -37.01 -15.99 -26.80
C THR C 158 -37.85 -16.51 -27.96
N GLY C 159 -37.82 -17.83 -28.17
CA GLY C 159 -38.60 -18.47 -29.23
C GLY C 159 -37.96 -18.32 -30.60
N GLN C 160 -36.66 -18.05 -30.63
CA GLN C 160 -35.91 -17.92 -31.89
C GLN C 160 -35.01 -19.13 -32.09
N SER C 161 -34.41 -19.21 -33.27
CA SER C 161 -33.53 -20.34 -33.62
C SER C 161 -32.23 -20.27 -32.83
N ILE C 162 -31.57 -21.42 -32.72
CA ILE C 162 -30.30 -21.51 -31.99
C ILE C 162 -29.17 -20.88 -32.80
N GLU C 163 -29.33 -20.89 -34.13
CA GLU C 163 -28.32 -20.33 -35.03
C GLU C 163 -28.17 -18.82 -34.85
N LYS C 164 -29.29 -18.13 -34.71
CA LYS C 164 -29.30 -16.68 -34.51
C LYS C 164 -28.74 -16.28 -33.14
N ILE C 165 -29.07 -17.07 -32.12
CA ILE C 165 -28.64 -16.81 -30.75
C ILE C 165 -27.12 -16.86 -30.64
N GLN C 166 -26.51 -17.88 -31.24
CA GLN C 166 -25.05 -18.07 -31.19
C GLN C 166 -24.26 -16.84 -31.65
N LYS C 167 -24.73 -16.21 -32.73
CA LYS C 167 -24.04 -15.05 -33.30
C LYS C 167 -24.22 -13.81 -32.45
N ASP C 168 -25.45 -13.57 -32.02
CA ASP C 168 -25.78 -12.40 -31.20
C ASP C 168 -25.13 -12.48 -29.81
N THR C 169 -25.12 -13.66 -29.22
CA THR C 169 -24.58 -13.86 -27.86
C THR C 169 -23.06 -14.02 -27.83
N ASP C 170 -22.41 -13.90 -28.97
CA ASP C 170 -20.96 -13.98 -29.05
C ASP C 170 -20.32 -12.62 -28.82
N ARG C 171 -20.82 -11.60 -29.53
CA ARG C 171 -20.31 -10.24 -29.42
C ARG C 171 -21.23 -9.38 -28.56
N ASP C 172 -20.82 -8.13 -28.30
CA ASP C 172 -21.59 -7.21 -27.47
C ASP C 172 -22.87 -6.74 -28.16
N ASN C 173 -23.86 -6.37 -27.36
CA ASN C 173 -25.17 -5.95 -27.86
C ASN C 173 -25.74 -4.77 -27.06
N PHE C 174 -26.66 -4.04 -27.68
CA PHE C 174 -27.40 -2.97 -27.01
C PHE C 174 -28.81 -2.86 -27.57
N LEU C 175 -29.73 -3.59 -26.95
CA LEU C 175 -31.14 -3.62 -27.37
C LEU C 175 -31.98 -2.71 -26.48
N THR C 176 -32.82 -1.89 -27.12
CA THR C 176 -33.78 -1.06 -26.39
C THR C 176 -34.99 -1.91 -25.98
N ALA C 177 -35.92 -1.30 -25.25
CA ALA C 177 -37.13 -1.97 -24.81
C ALA C 177 -37.93 -2.53 -25.97
N GLU C 178 -38.04 -1.74 -27.04
CA GLU C 178 -38.76 -2.17 -28.25
C GLU C 178 -38.04 -3.29 -28.99
N GLU C 179 -36.71 -3.17 -29.08
CA GLU C 179 -35.89 -4.19 -29.75
C GLU C 179 -35.84 -5.50 -28.95
N ALA C 180 -35.82 -5.38 -27.63
CA ALA C 180 -35.84 -6.54 -26.75
C ALA C 180 -37.18 -7.28 -26.83
N LYS C 181 -38.26 -6.53 -27.01
CA LYS C 181 -39.59 -7.09 -27.23
C LYS C 181 -39.67 -7.82 -28.57
N GLU C 182 -39.07 -7.22 -29.59
CA GLU C 182 -39.02 -7.81 -30.93
C GLU C 182 -38.15 -9.07 -30.94
N TYR C 183 -37.12 -9.08 -30.11
CA TYR C 183 -36.22 -10.24 -30.00
C TYR C 183 -36.92 -11.42 -29.31
N GLY C 184 -37.84 -11.11 -28.39
CA GLY C 184 -38.54 -12.14 -27.62
C GLY C 184 -38.06 -12.26 -26.19
N LEU C 185 -37.11 -11.40 -25.80
CA LEU C 185 -36.57 -11.38 -24.45
C LEU C 185 -37.64 -10.96 -23.44
N ILE C 186 -38.38 -9.90 -23.79
CA ILE C 186 -39.51 -9.44 -22.98
C ILE C 186 -40.81 -9.54 -23.78
N ASP C 187 -41.93 -9.49 -23.07
CA ASP C 187 -43.24 -9.66 -23.68
C ASP C 187 -43.93 -8.33 -24.01
N GLU C 188 -43.73 -7.33 -23.15
CA GLU C 188 -44.32 -6.00 -23.36
C GLU C 188 -43.45 -4.88 -22.80
N VAL C 189 -43.45 -3.74 -23.50
CA VAL C 189 -42.82 -2.53 -22.99
C VAL C 189 -43.83 -1.85 -22.07
N MET C 190 -43.41 -1.60 -20.83
CA MET C 190 -44.33 -1.10 -19.80
C MET C 190 -44.59 0.40 -19.99
N VAL C 191 -45.75 0.71 -20.58
CA VAL C 191 -46.15 2.10 -20.84
C VAL C 191 -46.52 2.79 -19.54
N PRO C 192 -46.24 4.11 -19.42
CA PRO C 192 -46.63 4.88 -18.23
C PRO C 192 -48.06 4.63 -17.76
N GLU C 193 -48.23 4.51 -16.45
CA GLU C 193 -49.51 4.18 -15.81
C GLU C 193 -50.09 2.87 -16.34
N LEU D 3 -28.73 -5.90 0.19
CA LEU D 3 -28.12 -7.26 0.10
C LEU D 3 -28.82 -8.27 1.00
N ILE D 4 -29.03 -7.89 2.26
CA ILE D 4 -29.69 -8.75 3.25
C ILE D 4 -30.95 -8.04 3.78
N PRO D 5 -32.14 -8.51 3.37
CA PRO D 5 -33.39 -7.89 3.80
C PRO D 5 -33.91 -8.43 5.13
N THR D 6 -34.93 -7.76 5.67
CA THR D 6 -35.54 -8.11 6.95
C THR D 6 -36.99 -8.61 6.75
N VAL D 7 -37.44 -9.48 7.63
CA VAL D 7 -38.81 -9.99 7.60
C VAL D 7 -39.35 -10.06 9.03
N ILE D 8 -40.54 -9.51 9.26
CA ILE D 8 -41.19 -9.65 10.57
C ILE D 8 -42.65 -10.08 10.43
N GLU D 9 -43.24 -10.50 11.54
CA GLU D 9 -44.63 -10.96 11.57
C GLU D 9 -45.29 -10.69 12.92
N THR D 10 -46.62 -10.65 12.91
CA THR D 10 -47.41 -10.21 14.07
C THR D 10 -47.71 -11.35 15.04
N THR D 11 -47.03 -11.32 16.18
CA THR D 11 -47.31 -12.21 17.28
C THR D 11 -46.50 -11.81 18.50
N GLU D 15 -41.82 -6.48 16.93
CA GLU D 15 -42.64 -7.68 17.04
C GLU D 15 -41.79 -8.95 17.00
N ARG D 16 -41.15 -9.19 15.86
CA ARG D 16 -40.33 -10.39 15.66
C ARG D 16 -39.39 -10.20 14.46
N ALA D 17 -38.20 -9.67 14.74
CA ALA D 17 -37.23 -9.34 13.69
C ALA D 17 -36.44 -10.57 13.21
N TYR D 18 -36.72 -11.00 11.97
CA TYR D 18 -35.95 -12.05 11.31
C TYR D 18 -35.21 -11.48 10.10
N ASP D 19 -33.99 -11.95 9.86
CA ASP D 19 -33.35 -11.77 8.56
C ASP D 19 -33.83 -12.87 7.62
N ILE D 20 -33.61 -12.69 6.32
CA ILE D 20 -34.14 -13.63 5.33
C ILE D 20 -33.62 -15.05 5.53
N TYR D 21 -32.37 -15.18 5.96
CA TYR D 21 -31.76 -16.49 6.20
C TYR D 21 -32.32 -17.15 7.46
N SER D 22 -32.58 -16.32 8.48
CA SER D 22 -33.13 -16.81 9.74
C SER D 22 -34.61 -17.18 9.64
N ARG D 23 -35.33 -16.49 8.75
CA ARG D 23 -36.73 -16.83 8.49
C ARG D 23 -36.83 -18.19 7.82
N LEU D 24 -35.86 -18.50 6.97
CA LEU D 24 -35.76 -19.84 6.36
C LEU D 24 -35.36 -20.89 7.40
N LEU D 25 -34.52 -20.50 8.35
CA LEU D 25 -34.09 -21.40 9.43
C LEU D 25 -35.26 -21.80 10.32
N LYS D 26 -36.27 -20.93 10.42
CA LYS D 26 -37.50 -21.22 11.15
C LYS D 26 -38.24 -22.40 10.51
N ASP D 27 -38.15 -22.52 9.19
CA ASP D 27 -38.73 -23.66 8.45
C ASP D 27 -37.69 -24.77 8.20
N ARG D 28 -36.67 -24.83 9.06
CA ARG D 28 -35.63 -25.87 9.00
C ARG D 28 -34.86 -25.88 7.68
N ILE D 29 -34.57 -24.69 7.15
CA ILE D 29 -33.79 -24.55 5.91
C ILE D 29 -32.48 -23.84 6.21
N ILE D 30 -31.36 -24.52 5.94
CA ILE D 30 -30.02 -23.94 6.08
C ILE D 30 -29.48 -23.59 4.69
N MET D 31 -29.05 -22.34 4.53
CA MET D 31 -28.50 -21.87 3.27
C MET D 31 -26.98 -21.83 3.34
N LEU D 32 -26.35 -22.41 2.32
CA LEU D 32 -24.89 -22.42 2.22
C LEU D 32 -24.49 -21.92 0.84
N GLY D 33 -24.10 -20.65 0.77
CA GLY D 33 -23.73 -20.02 -0.49
C GLY D 33 -22.40 -19.27 -0.42
N SER D 34 -21.37 -19.98 0.04
CA SER D 34 -20.03 -19.41 0.17
C SER D 34 -18.96 -20.51 0.30
N GLN D 35 -17.70 -20.12 0.26
CA GLN D 35 -16.60 -21.07 0.41
C GLN D 35 -16.59 -21.57 1.85
N ILE D 36 -16.28 -22.85 2.02
CA ILE D 36 -16.36 -23.51 3.32
C ILE D 36 -15.09 -23.28 4.13
N ASP D 37 -15.07 -22.17 4.89
CA ASP D 37 -13.99 -21.88 5.84
C ASP D 37 -14.42 -22.30 7.26
N ASP D 38 -13.56 -22.02 8.24
CA ASP D 38 -13.85 -22.36 9.64
C ASP D 38 -15.04 -21.58 10.22
N ASN D 39 -15.21 -20.33 9.77
CA ASN D 39 -16.27 -19.47 10.29
C ASN D 39 -17.66 -19.94 9.88
N VAL D 40 -17.85 -20.19 8.58
CA VAL D 40 -19.14 -20.67 8.08
C VAL D 40 -19.41 -22.10 8.56
N ALA D 41 -18.36 -22.91 8.67
CA ALA D 41 -18.48 -24.27 9.18
C ALA D 41 -18.98 -24.28 10.63
N ASN D 42 -18.45 -23.36 11.43
CA ASN D 42 -18.87 -23.21 12.82
C ASN D 42 -20.35 -22.79 12.92
N SER D 43 -20.80 -21.98 11.96
CA SER D 43 -22.18 -21.51 11.91
C SER D 43 -23.14 -22.60 11.44
N ILE D 44 -22.73 -23.34 10.41
CA ILE D 44 -23.55 -24.43 9.86
C ILE D 44 -23.75 -25.52 10.91
N VAL D 45 -22.69 -25.86 11.62
CA VAL D 45 -22.76 -26.87 12.70
C VAL D 45 -23.70 -26.41 13.80
N SER D 46 -23.62 -25.13 14.16
CA SER D 46 -24.48 -24.56 15.20
C SER D 46 -25.95 -24.62 14.81
N GLN D 47 -26.23 -24.42 13.52
CA GLN D 47 -27.61 -24.53 13.00
C GLN D 47 -28.12 -25.96 13.02
N LEU D 48 -27.27 -26.91 12.62
CA LEU D 48 -27.63 -28.32 12.63
C LEU D 48 -27.91 -28.81 14.06
N LEU D 49 -27.08 -28.37 15.01
CA LEU D 49 -27.29 -28.71 16.42
C LEU D 49 -28.54 -28.04 16.98
N PHE D 50 -28.83 -26.84 16.50
CA PHE D 50 -30.02 -26.09 16.93
C PHE D 50 -31.31 -26.73 16.44
N LEU D 51 -31.35 -27.09 15.16
CA LEU D 51 -32.54 -27.71 14.56
C LEU D 51 -32.86 -29.08 15.15
N GLN D 52 -31.82 -29.79 15.59
CA GLN D 52 -31.99 -31.07 16.28
C GLN D 52 -32.68 -30.86 17.63
N ALA D 53 -32.25 -29.82 18.36
CA ALA D 53 -32.83 -29.49 19.66
C ALA D 53 -34.28 -29.01 19.53
N GLN D 54 -34.58 -28.34 18.43
CA GLN D 54 -35.95 -27.90 18.12
C GLN D 54 -36.86 -29.10 17.86
N ASP D 55 -36.43 -29.96 16.94
CA ASP D 55 -37.14 -31.21 16.64
C ASP D 55 -36.20 -32.23 16.02
N SER D 56 -36.03 -33.36 16.71
CA SER D 56 -35.09 -34.40 16.27
C SER D 56 -35.65 -35.32 15.19
N GLU D 57 -36.95 -35.22 14.92
CA GLU D 57 -37.61 -36.11 13.95
C GLU D 57 -37.78 -35.46 12.58
N LYS D 58 -38.19 -34.20 12.55
CA LYS D 58 -38.42 -33.50 11.28
C LYS D 58 -37.14 -33.31 10.47
N ASP D 59 -37.28 -33.28 9.15
CA ASP D 59 -36.14 -33.20 8.23
C ASP D 59 -35.56 -31.80 8.15
N ILE D 60 -34.29 -31.72 7.80
CA ILE D 60 -33.59 -30.45 7.59
C ILE D 60 -33.26 -30.31 6.10
N TYR D 61 -33.32 -29.08 5.59
CA TYR D 61 -33.05 -28.80 4.19
C TYR D 61 -31.76 -27.98 4.05
N LEU D 62 -30.75 -28.55 3.41
CA LEU D 62 -29.45 -27.91 3.24
C LEU D 62 -29.20 -27.54 1.78
N TYR D 63 -29.42 -26.27 1.45
CA TYR D 63 -29.15 -25.79 0.10
C TYR D 63 -27.66 -25.47 -0.05
N ILE D 64 -27.04 -25.98 -1.10
CA ILE D 64 -25.59 -25.83 -1.31
C ILE D 64 -25.29 -25.04 -2.58
N ASN D 65 -24.36 -24.09 -2.45
CA ASN D 65 -23.86 -23.30 -3.57
C ASN D 65 -22.44 -22.83 -3.24
N SER D 66 -21.52 -23.78 -3.10
CA SER D 66 -20.14 -23.49 -2.70
C SER D 66 -19.14 -23.93 -3.78
N PRO D 67 -18.09 -23.13 -4.00
CA PRO D 67 -17.01 -23.52 -4.91
C PRO D 67 -16.00 -24.47 -4.25
N GLY D 68 -15.97 -24.50 -2.92
CA GLY D 68 -15.08 -25.39 -2.19
C GLY D 68 -14.78 -24.93 -0.78
N GLY D 69 -13.60 -25.27 -0.30
CA GLY D 69 -13.15 -24.85 1.03
C GLY D 69 -12.11 -25.78 1.62
N SER D 70 -11.94 -25.70 2.93
CA SER D 70 -10.97 -26.52 3.65
C SER D 70 -11.53 -27.93 3.86
N VAL D 71 -10.62 -28.89 3.98
CA VAL D 71 -11.01 -30.29 4.19
C VAL D 71 -11.50 -30.50 5.62
N THR D 72 -10.70 -30.03 6.57
CA THR D 72 -11.05 -30.13 7.99
C THR D 72 -12.34 -29.38 8.33
N ALA D 73 -12.60 -28.29 7.61
CA ALA D 73 -13.85 -27.53 7.80
C ALA D 73 -15.04 -28.29 7.22
N GLY D 74 -14.83 -28.98 6.12
CA GLY D 74 -15.86 -29.77 5.47
C GLY D 74 -16.27 -30.99 6.28
N PHE D 75 -15.29 -31.66 6.88
CA PHE D 75 -15.56 -32.84 7.71
C PHE D 75 -16.30 -32.49 8.99
N ALA D 76 -16.12 -31.26 9.48
CA ALA D 76 -16.85 -30.78 10.65
C ALA D 76 -18.35 -30.73 10.37
N ILE D 77 -18.71 -30.28 9.17
CA ILE D 77 -20.10 -30.25 8.74
C ILE D 77 -20.58 -31.68 8.45
N TYR D 78 -19.73 -32.46 7.78
CA TYR D 78 -20.05 -33.85 7.45
C TYR D 78 -20.41 -34.64 8.69
N ASP D 79 -19.48 -34.72 9.64
CA ASP D 79 -19.66 -35.49 10.87
C ASP D 79 -20.91 -35.07 11.65
N THR D 80 -21.18 -33.76 11.68
CA THR D 80 -22.35 -33.22 12.36
C THR D 80 -23.65 -33.70 11.71
N ILE D 81 -23.68 -33.71 10.38
CA ILE D 81 -24.87 -34.16 9.63
C ILE D 81 -25.18 -35.63 9.94
N GLN D 82 -24.15 -36.47 9.98
CA GLN D 82 -24.32 -37.90 10.24
C GLN D 82 -24.59 -38.18 11.72
N HIS D 83 -24.06 -37.33 12.59
CA HIS D 83 -24.20 -37.51 14.04
C HIS D 83 -25.63 -37.28 14.52
N ILE D 84 -26.27 -36.23 14.03
CA ILE D 84 -27.62 -35.86 14.48
C ILE D 84 -28.70 -36.79 13.92
N LYS D 85 -29.82 -36.86 14.65
CA LYS D 85 -30.94 -37.74 14.29
C LYS D 85 -31.66 -37.34 12.99
N PRO D 86 -32.01 -36.05 12.83
CA PRO D 86 -32.75 -35.63 11.64
C PRO D 86 -32.09 -36.00 10.31
N ASP D 87 -32.92 -36.38 9.34
CA ASP D 87 -32.45 -36.67 7.99
C ASP D 87 -32.24 -35.35 7.24
N VAL D 88 -30.98 -34.99 7.02
CA VAL D 88 -30.64 -33.74 6.35
C VAL D 88 -30.76 -33.88 4.83
N GLN D 89 -31.77 -33.24 4.26
CA GLN D 89 -31.92 -33.20 2.80
C GLN D 89 -30.84 -32.31 2.19
N THR D 90 -30.57 -32.50 0.91
CA THR D 90 -29.54 -31.76 0.20
C THR D 90 -30.01 -31.34 -1.18
N ILE D 91 -29.94 -30.04 -1.47
CA ILE D 91 -30.36 -29.49 -2.76
C ILE D 91 -29.26 -28.59 -3.32
N CYS D 92 -28.58 -29.08 -4.35
CA CYS D 92 -27.51 -28.32 -5.00
C CYS D 92 -28.09 -27.29 -5.96
N ILE D 93 -27.59 -26.05 -5.87
CA ILE D 93 -27.96 -24.97 -6.79
C ILE D 93 -26.70 -24.26 -7.27
N GLY D 94 -26.73 -23.78 -8.51
CA GLY D 94 -25.58 -23.10 -9.10
C GLY D 94 -24.44 -24.05 -9.38
N MET D 95 -23.65 -24.37 -8.35
CA MET D 95 -22.57 -25.35 -8.45
C MET D 95 -22.29 -25.98 -7.09
N ALA D 96 -21.70 -27.17 -7.12
CA ALA D 96 -21.19 -27.84 -5.94
C ALA D 96 -19.81 -28.40 -6.25
N ALA D 97 -18.80 -27.56 -6.10
CA ALA D 97 -17.43 -27.93 -6.47
C ALA D 97 -16.57 -28.22 -5.24
N SER D 98 -15.55 -29.05 -5.43
CA SER D 98 -14.58 -29.38 -4.39
C SER D 98 -15.27 -29.98 -3.15
N MET D 99 -15.12 -29.35 -1.98
CA MET D 99 -15.69 -29.89 -0.74
C MET D 99 -17.22 -29.74 -0.70
N GLY D 100 -17.77 -28.89 -1.56
CA GLY D 100 -19.22 -28.74 -1.68
C GLY D 100 -19.89 -29.99 -2.22
N SER D 101 -19.22 -30.67 -3.15
CA SER D 101 -19.71 -31.93 -3.69
C SER D 101 -19.61 -33.08 -2.67
N PHE D 102 -18.69 -32.96 -1.72
CA PHE D 102 -18.56 -33.95 -0.65
C PHE D 102 -19.77 -33.90 0.27
N LEU D 103 -20.17 -32.68 0.62
CA LEU D 103 -21.38 -32.46 1.43
C LEU D 103 -22.66 -32.73 0.64
N LEU D 104 -22.57 -32.58 -0.68
CA LEU D 104 -23.69 -32.88 -1.58
C LEU D 104 -24.04 -34.36 -1.50
N ALA D 105 -23.01 -35.21 -1.56
CA ALA D 105 -23.19 -36.67 -1.44
C ALA D 105 -23.49 -37.10 -0.02
N ALA D 106 -23.08 -36.28 0.96
CA ALA D 106 -23.24 -36.61 2.37
C ALA D 106 -24.68 -36.53 2.88
N GLY D 107 -25.60 -36.02 2.06
CA GLY D 107 -27.01 -35.92 2.42
C GLY D 107 -27.64 -37.26 2.74
N ALA D 108 -28.80 -37.23 3.40
CA ALA D 108 -29.52 -38.45 3.77
C ALA D 108 -29.86 -39.27 2.52
N LYS D 109 -29.77 -40.59 2.66
CA LYS D 109 -29.92 -41.49 1.51
C LYS D 109 -31.38 -41.53 1.08
N GLY D 110 -31.62 -41.18 -0.19
CA GLY D 110 -32.97 -41.05 -0.73
C GLY D 110 -33.42 -39.60 -0.84
N LYS D 111 -32.62 -38.68 -0.28
CA LYS D 111 -32.97 -37.26 -0.23
C LYS D 111 -31.78 -36.37 -0.63
N ARG D 112 -31.11 -36.74 -1.73
CA ARG D 112 -30.02 -35.94 -2.29
C ARG D 112 -30.46 -35.40 -3.66
N PHE D 113 -30.60 -34.09 -3.76
CA PHE D 113 -31.17 -33.45 -4.95
C PHE D 113 -30.25 -32.43 -5.58
N ALA D 114 -30.58 -32.04 -6.82
CA ALA D 114 -29.87 -30.98 -7.54
C ALA D 114 -30.73 -30.47 -8.68
N LEU D 115 -30.71 -29.17 -8.91
CA LEU D 115 -31.52 -28.55 -9.97
C LEU D 115 -30.91 -28.79 -11.34
N PRO D 116 -31.70 -28.67 -12.42
CA PRO D 116 -31.27 -29.08 -13.77
C PRO D 116 -29.92 -28.53 -14.22
N ASN D 117 -29.72 -27.23 -14.06
CA ASN D 117 -28.50 -26.56 -14.53
C ASN D 117 -27.43 -26.40 -13.45
N ALA D 118 -27.49 -27.22 -12.42
CA ALA D 118 -26.52 -27.18 -11.33
C ALA D 118 -25.31 -28.04 -11.68
N GLU D 119 -24.12 -27.43 -11.68
CA GLU D 119 -22.88 -28.13 -11.99
C GLU D 119 -22.33 -28.84 -10.75
N VAL D 120 -21.48 -29.83 -10.97
CA VAL D 120 -20.84 -30.58 -9.89
C VAL D 120 -19.39 -30.88 -10.24
N MET D 121 -18.51 -30.80 -9.25
CA MET D 121 -17.08 -31.06 -9.42
C MET D 121 -16.53 -31.75 -8.18
N ILE D 122 -15.98 -32.95 -8.38
CA ILE D 122 -15.54 -33.80 -7.25
C ILE D 122 -14.02 -33.92 -7.18
N HIS D 123 -13.37 -32.79 -6.92
CA HIS D 123 -11.92 -32.75 -6.75
C HIS D 123 -11.49 -31.63 -5.80
N GLN D 124 -10.83 -32.00 -4.72
CA GLN D 124 -10.30 -31.04 -3.75
C GLN D 124 -8.82 -30.79 -4.03
N PRO D 125 -8.46 -29.57 -4.47
CA PRO D 125 -7.04 -29.20 -4.51
C PRO D 125 -6.56 -28.96 -3.09
N LEU D 126 -5.27 -28.63 -2.91
CA LEU D 126 -4.75 -28.53 -1.53
C LEU D 126 -4.27 -27.14 -1.10
N GLY D 127 -4.77 -26.73 0.06
CA GLY D 127 -4.20 -25.63 0.84
C GLY D 127 -3.77 -26.23 2.18
N GLY D 128 -3.93 -25.46 3.26
CA GLY D 128 -3.56 -25.93 4.60
C GLY D 128 -2.23 -26.64 4.67
N ALA D 129 -1.25 -26.12 3.93
CA ALA D 129 0.07 -26.74 3.80
C ALA D 129 1.04 -26.29 4.91
N GLN D 130 0.61 -25.34 5.73
CA GLN D 130 1.47 -24.75 6.78
C GLN D 130 1.99 -25.76 7.82
N GLY D 131 1.08 -26.32 8.61
CA GLY D 131 1.44 -27.22 9.71
C GLY D 131 2.19 -28.47 9.30
N GLN D 132 1.95 -28.92 8.08
CA GLN D 132 2.59 -30.12 7.52
C GLN D 132 4.00 -29.84 7.00
N ALA D 133 4.21 -28.63 6.48
CA ALA D 133 5.45 -28.25 5.77
C ALA D 133 6.76 -28.37 6.58
N THR D 134 6.65 -28.56 7.90
CA THR D 134 7.83 -28.66 8.76
C THR D 134 8.53 -30.00 8.61
N GLU D 135 7.77 -31.10 8.69
CA GLU D 135 8.31 -32.45 8.53
C GLU D 135 7.96 -33.01 7.15
N ILE D 136 8.88 -33.78 6.58
CA ILE D 136 8.77 -34.23 5.19
C ILE D 136 7.94 -35.52 5.05
N GLU D 137 8.34 -36.55 5.79
CA GLU D 137 7.73 -37.87 5.69
C GLU D 137 6.23 -37.86 6.03
N ILE D 138 5.86 -37.05 7.03
CA ILE D 138 4.46 -36.95 7.46
C ILE D 138 3.63 -36.12 6.48
N ALA D 139 4.20 -35.03 5.97
CA ALA D 139 3.49 -34.12 5.06
C ALA D 139 2.96 -34.84 3.83
N ALA D 140 3.83 -35.64 3.21
CA ALA D 140 3.45 -36.40 2.03
C ALA D 140 2.41 -37.48 2.38
N ASN D 141 2.62 -38.17 3.49
CA ASN D 141 1.71 -39.23 3.92
C ASN D 141 0.36 -38.71 4.39
N HIS D 142 0.35 -37.48 4.91
CA HIS D 142 -0.90 -36.85 5.35
C HIS D 142 -1.81 -36.56 4.17
N ILE D 143 -1.22 -36.25 3.02
CA ILE D 143 -1.97 -36.07 1.78
C ILE D 143 -2.58 -37.42 1.35
N LEU D 144 -1.77 -38.48 1.40
CA LEU D 144 -2.24 -39.83 1.08
C LEU D 144 -3.32 -40.30 2.04
N LYS D 145 -3.13 -40.04 3.33
CA LYS D 145 -4.11 -40.40 4.36
C LYS D 145 -5.43 -39.68 4.12
N THR D 146 -5.35 -38.39 3.85
CA THR D 146 -6.54 -37.57 3.56
C THR D 146 -7.18 -37.99 2.24
N ARG D 147 -6.36 -38.38 1.27
CA ARG D 147 -6.87 -38.88 -0.02
C ARG D 147 -7.59 -40.21 0.18
N GLU D 148 -7.02 -41.08 1.01
CA GLU D 148 -7.66 -42.35 1.37
C GLU D 148 -8.91 -42.10 2.21
N LYS D 149 -8.86 -41.06 3.05
CA LYS D 149 -9.99 -40.68 3.90
C LYS D 149 -11.17 -40.18 3.08
N LEU D 150 -10.88 -39.32 2.10
CA LEU D 150 -11.92 -38.76 1.23
C LEU D 150 -12.49 -39.78 0.27
N ASN D 151 -11.61 -40.51 -0.41
CA ASN D 151 -12.04 -41.47 -1.43
C ASN D 151 -12.83 -42.65 -0.86
N ARG D 152 -12.51 -43.06 0.37
CA ARG D 152 -13.22 -44.16 1.03
C ARG D 152 -14.66 -43.76 1.35
N ILE D 153 -14.82 -42.58 1.95
CA ILE D 153 -16.14 -42.08 2.35
C ILE D 153 -17.01 -41.78 1.13
N LEU D 154 -16.41 -41.22 0.09
CA LEU D 154 -17.14 -40.90 -1.14
C LEU D 154 -17.64 -42.16 -1.82
N SER D 155 -16.76 -43.16 -1.90
CA SER D 155 -17.08 -44.45 -2.52
C SER D 155 -18.31 -45.12 -1.90
N GLU D 156 -18.41 -45.05 -0.57
CA GLU D 156 -19.53 -45.65 0.16
C GLU D 156 -20.87 -45.00 -0.19
N ARG D 157 -20.86 -43.68 -0.34
CA ARG D 157 -22.08 -42.91 -0.56
C ARG D 157 -22.52 -42.87 -2.02
N THR D 158 -21.56 -42.78 -2.94
CA THR D 158 -21.85 -42.90 -4.37
C THR D 158 -22.18 -44.34 -4.75
N GLY D 159 -21.67 -45.29 -3.97
CA GLY D 159 -21.91 -46.71 -4.20
C GLY D 159 -21.07 -47.28 -5.33
N GLN D 160 -19.97 -46.62 -5.65
CA GLN D 160 -19.03 -47.08 -6.70
C GLN D 160 -17.76 -47.61 -6.06
N SER D 161 -16.90 -48.20 -6.89
CA SER D 161 -15.65 -48.79 -6.43
C SER D 161 -14.66 -47.71 -6.02
N ILE D 162 -13.71 -48.08 -5.18
CA ILE D 162 -12.68 -47.15 -4.70
C ILE D 162 -11.67 -46.84 -5.82
N GLU D 163 -11.51 -47.79 -6.74
CA GLU D 163 -10.58 -47.64 -7.86
C GLU D 163 -11.00 -46.52 -8.81
N LYS D 164 -12.29 -46.45 -9.11
CA LYS D 164 -12.83 -45.41 -9.99
C LYS D 164 -12.77 -44.02 -9.35
N ILE D 165 -13.03 -43.96 -8.05
CA ILE D 165 -13.05 -42.70 -7.30
C ILE D 165 -11.66 -42.04 -7.32
N GLN D 166 -10.62 -42.84 -7.07
CA GLN D 166 -9.25 -42.34 -7.02
C GLN D 166 -8.83 -41.58 -8.28
N LYS D 167 -9.21 -42.09 -9.45
CA LYS D 167 -8.86 -41.47 -10.72
C LYS D 167 -9.64 -40.20 -10.99
N ASP D 168 -10.95 -40.25 -10.74
CA ASP D 168 -11.83 -39.10 -10.95
C ASP D 168 -11.52 -37.96 -9.98
N THR D 169 -11.25 -38.31 -8.71
CA THR D 169 -11.00 -37.30 -7.67
C THR D 169 -9.57 -36.77 -7.65
N ASP D 170 -8.75 -37.21 -8.61
CA ASP D 170 -7.38 -36.73 -8.73
C ASP D 170 -7.31 -35.45 -9.59
N ARG D 171 -7.95 -35.50 -10.75
CA ARG D 171 -7.99 -34.37 -11.69
C ARG D 171 -9.31 -33.62 -11.60
N ASP D 172 -9.42 -32.50 -12.33
CA ASP D 172 -10.63 -31.68 -12.33
C ASP D 172 -11.79 -32.38 -13.04
N ASN D 173 -13.01 -31.99 -12.65
CA ASN D 173 -14.24 -32.59 -13.19
C ASN D 173 -15.33 -31.55 -13.40
N PHE D 174 -16.28 -31.88 -14.27
CA PHE D 174 -17.47 -31.05 -14.49
C PHE D 174 -18.66 -31.93 -14.84
N LEU D 175 -19.40 -32.34 -13.81
CA LEU D 175 -20.57 -33.20 -13.97
C LEU D 175 -21.86 -32.39 -13.91
N THR D 176 -22.76 -32.61 -14.86
CA THR D 176 -24.08 -32.00 -14.85
C THR D 176 -24.99 -32.75 -13.87
N ALA D 177 -26.21 -32.24 -13.71
CA ALA D 177 -27.20 -32.86 -12.81
C ALA D 177 -27.47 -34.31 -13.18
N GLU D 178 -27.58 -34.58 -14.48
CA GLU D 178 -27.83 -35.95 -14.97
C GLU D 178 -26.61 -36.85 -14.76
N GLU D 179 -25.42 -36.31 -15.02
CA GLU D 179 -24.18 -37.06 -14.84
C GLU D 179 -23.87 -37.33 -13.37
N ALA D 180 -24.19 -36.36 -12.52
CA ALA D 180 -24.02 -36.50 -11.06
C ALA D 180 -24.97 -37.54 -10.50
N LYS D 181 -26.17 -37.63 -11.06
CA LYS D 181 -27.15 -38.66 -10.70
C LYS D 181 -26.66 -40.04 -11.13
N GLU D 182 -26.08 -40.11 -12.33
CA GLU D 182 -25.53 -41.35 -12.87
C GLU D 182 -24.32 -41.80 -12.05
N TYR D 183 -23.54 -40.84 -11.55
CA TYR D 183 -22.36 -41.12 -10.73
C TYR D 183 -22.75 -41.68 -9.36
N GLY D 184 -23.91 -41.25 -8.85
CA GLY D 184 -24.38 -41.65 -7.54
C GLY D 184 -24.22 -40.58 -6.48
N LEU D 185 -23.74 -39.40 -6.89
CA LEU D 185 -23.56 -38.26 -5.99
C LEU D 185 -24.92 -37.75 -5.49
N ILE D 186 -25.87 -37.62 -6.41
CA ILE D 186 -27.25 -37.25 -6.07
C ILE D 186 -28.21 -38.37 -6.46
N ASP D 187 -29.41 -38.31 -5.89
CA ASP D 187 -30.42 -39.36 -6.09
C ASP D 187 -31.41 -39.02 -7.21
N GLU D 188 -31.77 -37.74 -7.32
CA GLU D 188 -32.70 -37.28 -8.36
C GLU D 188 -32.42 -35.86 -8.83
N VAL D 189 -32.65 -35.61 -10.11
CA VAL D 189 -32.60 -34.26 -10.66
C VAL D 189 -33.96 -33.62 -10.40
N MET D 190 -33.95 -32.47 -9.74
CA MET D 190 -35.20 -31.83 -9.28
C MET D 190 -35.90 -31.13 -10.45
N VAL D 191 -36.92 -31.80 -10.99
CA VAL D 191 -37.70 -31.28 -12.11
C VAL D 191 -38.58 -30.11 -11.65
N PRO D 192 -38.80 -29.10 -12.51
CA PRO D 192 -39.69 -27.99 -12.19
C PRO D 192 -41.02 -28.39 -11.55
N GLU D 193 -41.43 -27.66 -10.53
CA GLU D 193 -42.64 -27.95 -9.74
C GLU D 193 -42.60 -29.36 -9.14
N LEU E 3 -15.01 -4.36 25.09
CA LEU E 3 -14.47 -2.97 25.24
C LEU E 3 -15.53 -2.03 25.83
N ILE E 4 -16.73 -2.05 25.26
CA ILE E 4 -17.84 -1.21 25.70
C ILE E 4 -19.02 -2.10 26.13
N PRO E 5 -19.27 -2.20 27.45
CA PRO E 5 -20.36 -3.03 27.96
C PRO E 5 -21.70 -2.30 28.02
N THR E 6 -22.76 -3.08 28.27
CA THR E 6 -24.13 -2.59 28.32
C THR E 6 -24.70 -2.69 29.74
N VAL E 7 -25.60 -1.79 30.09
CA VAL E 7 -26.26 -1.80 31.39
C VAL E 7 -27.74 -1.47 31.21
N ILE E 8 -28.63 -2.29 31.78
CA ILE E 8 -30.06 -1.98 31.75
C ILE E 8 -30.68 -2.13 33.14
N GLU E 9 -31.90 -1.61 33.28
CA GLU E 9 -32.62 -1.64 34.54
C GLU E 9 -34.14 -1.68 34.34
N THR E 10 -34.86 -2.18 35.35
CA THR E 10 -36.29 -2.46 35.25
C THR E 10 -37.19 -1.26 35.56
N THR E 11 -37.77 -0.69 34.51
CA THR E 11 -38.77 0.37 34.64
C THR E 11 -39.47 0.65 33.31
N GLU E 15 -36.02 -3.06 27.99
CA GLU E 15 -36.44 -2.24 29.11
C GLU E 15 -35.85 -0.84 29.03
N ARG E 16 -34.53 -0.75 29.15
CA ARG E 16 -33.81 0.53 29.14
C ARG E 16 -32.33 0.31 28.85
N ALA E 17 -31.96 0.32 27.57
CA ALA E 17 -30.59 0.02 27.15
C ALA E 17 -29.66 1.23 27.30
N TYR E 18 -28.73 1.14 28.25
CA TYR E 18 -27.67 2.14 28.41
C TYR E 18 -26.31 1.49 28.14
N ASP E 19 -25.41 2.25 27.50
CA ASP E 19 -23.98 1.90 27.50
C ASP E 19 -23.36 2.43 28.80
N ILE E 20 -22.17 1.96 29.13
CA ILE E 20 -21.53 2.31 30.40
C ILE E 20 -21.31 3.82 30.53
N TYR E 21 -20.97 4.48 29.42
CA TYR E 21 -20.72 5.92 29.43
C TYR E 21 -22.03 6.71 29.59
N SER E 22 -23.09 6.21 28.97
CA SER E 22 -24.41 6.83 29.05
C SER E 22 -25.08 6.64 30.40
N ARG E 23 -24.79 5.52 31.06
CA ARG E 23 -25.29 5.27 32.40
C ARG E 23 -24.66 6.26 33.38
N LEU E 24 -23.40 6.60 33.14
CA LEU E 24 -22.72 7.64 33.92
C LEU E 24 -23.28 9.02 33.62
N LEU E 25 -23.65 9.24 32.36
CA LEU E 25 -24.26 10.52 31.95
C LEU E 25 -25.61 10.75 32.64
N LYS E 26 -26.30 9.67 32.99
CA LYS E 26 -27.55 9.75 33.75
C LYS E 26 -27.31 10.37 35.14
N ASP E 27 -26.13 10.12 35.71
CA ASP E 27 -25.72 10.71 36.98
C ASP E 27 -24.86 11.96 36.78
N ARG E 28 -25.02 12.61 35.63
CA ARG E 28 -24.33 13.87 35.30
C ARG E 28 -22.80 13.74 35.31
N ILE E 29 -22.31 12.61 34.80
CA ILE E 29 -20.86 12.37 34.68
C ILE E 29 -20.48 12.26 33.21
N ILE E 30 -19.59 13.15 32.77
CA ILE E 30 -19.05 13.11 31.42
C ILE E 30 -17.63 12.54 31.48
N MET E 31 -17.37 11.53 30.66
CA MET E 31 -16.05 10.91 30.59
C MET E 31 -15.30 11.41 29.36
N LEU E 32 -14.05 11.81 29.57
CA LEU E 32 -13.19 12.28 28.49
C LEU E 32 -11.86 11.55 28.56
N GLY E 33 -11.71 10.52 27.73
CA GLY E 33 -10.50 9.69 27.72
C GLY E 33 -9.92 9.49 26.33
N SER E 34 -9.68 10.60 25.64
CA SER E 34 -9.11 10.57 24.29
C SER E 34 -8.57 11.95 23.89
N GLN E 35 -7.89 12.00 22.75
CA GLN E 35 -7.35 13.26 22.24
C GLN E 35 -8.51 14.16 21.81
N ILE E 36 -8.37 15.45 22.07
CA ILE E 36 -9.45 16.41 21.85
C ILE E 36 -9.46 16.88 20.38
N ASP E 37 -10.19 16.12 19.55
CA ASP E 37 -10.44 16.51 18.16
C ASP E 37 -11.83 17.16 18.03
N ASP E 38 -12.22 17.51 16.81
CA ASP E 38 -13.52 18.14 16.55
C ASP E 38 -14.70 17.23 16.86
N ASN E 39 -14.53 15.93 16.66
CA ASN E 39 -15.61 14.96 16.87
C ASN E 39 -15.97 14.80 18.34
N VAL E 40 -14.96 14.56 19.18
CA VAL E 40 -15.18 14.41 20.62
C VAL E 40 -15.61 15.74 21.24
N ALA E 41 -15.07 16.84 20.72
CA ALA E 41 -15.44 18.19 21.20
C ALA E 41 -16.91 18.47 20.93
N ASN E 42 -17.39 18.05 19.77
CA ASN E 42 -18.80 18.20 19.40
C ASN E 42 -19.70 17.38 20.30
N SER E 43 -19.21 16.21 20.73
CA SER E 43 -19.95 15.32 21.63
C SER E 43 -19.97 15.85 23.06
N ILE E 44 -18.82 16.31 23.54
CA ILE E 44 -18.70 16.85 24.90
C ILE E 44 -19.60 18.09 25.08
N VAL E 45 -19.60 18.97 24.08
CA VAL E 45 -20.44 20.16 24.10
C VAL E 45 -21.92 19.78 24.13
N SER E 46 -22.30 18.77 23.35
CA SER E 46 -23.67 18.29 23.30
C SER E 46 -24.13 17.73 24.65
N GLN E 47 -23.22 17.08 25.35
CA GLN E 47 -23.51 16.56 26.69
C GLN E 47 -23.68 17.68 27.71
N LEU E 48 -22.81 18.68 27.64
CA LEU E 48 -22.88 19.82 28.55
C LEU E 48 -24.19 20.60 28.34
N LEU E 49 -24.58 20.78 27.09
CA LEU E 49 -25.84 21.45 26.76
C LEU E 49 -27.04 20.60 27.19
N PHE E 50 -26.90 19.29 27.10
CA PHE E 50 -27.96 18.36 27.49
C PHE E 50 -28.19 18.37 28.99
N LEU E 51 -27.11 18.28 29.76
CA LEU E 51 -27.18 18.24 31.22
C LEU E 51 -27.73 19.54 31.81
N GLN E 52 -27.48 20.66 31.13
CA GLN E 52 -28.03 21.95 31.52
C GLN E 52 -29.56 21.95 31.35
N ALA E 53 -30.02 21.39 30.24
CA ALA E 53 -31.46 21.29 29.95
C ALA E 53 -32.17 20.35 30.93
N GLN E 54 -31.46 19.29 31.36
CA GLN E 54 -31.99 18.36 32.36
C GLN E 54 -32.13 19.06 33.72
N ASP E 55 -31.06 19.69 34.17
CA ASP E 55 -31.09 20.47 35.40
C ASP E 55 -29.97 21.51 35.40
N SER E 56 -30.35 22.78 35.47
CA SER E 56 -29.40 23.89 35.40
C SER E 56 -28.69 24.20 36.72
N GLU E 57 -29.17 23.59 37.80
CA GLU E 57 -28.64 23.87 39.14
C GLU E 57 -27.63 22.83 39.61
N LYS E 58 -27.94 21.55 39.39
CA LYS E 58 -27.05 20.46 39.82
C LYS E 58 -25.71 20.47 39.11
N ASP E 59 -24.68 19.99 39.79
CA ASP E 59 -23.32 20.01 39.26
C ASP E 59 -23.06 18.92 38.24
N ILE E 60 -22.07 19.17 37.38
CA ILE E 60 -21.64 18.20 36.38
C ILE E 60 -20.22 17.74 36.73
N TYR E 61 -19.95 16.47 36.47
CA TYR E 61 -18.64 15.88 36.75
C TYR E 61 -17.92 15.54 35.45
N LEU E 62 -16.79 16.19 35.22
CA LEU E 62 -16.00 15.98 34.00
C LEU E 62 -14.67 15.30 34.30
N TYR E 63 -14.62 13.99 34.05
CA TYR E 63 -13.38 13.23 34.23
C TYR E 63 -12.50 13.39 33.00
N ILE E 64 -11.23 13.74 33.22
CA ILE E 64 -10.29 14.02 32.12
C ILE E 64 -9.13 13.03 32.11
N ASN E 65 -8.83 12.53 30.91
CA ASN E 65 -7.68 11.64 30.66
C ASN E 65 -7.24 11.79 29.21
N SER E 66 -6.79 12.99 28.86
CA SER E 66 -6.41 13.31 27.48
C SER E 66 -4.94 13.72 27.37
N PRO E 67 -4.26 13.27 26.31
CA PRO E 67 -2.88 13.70 26.05
C PRO E 67 -2.81 15.09 25.40
N GLY E 68 -3.91 15.52 24.78
CA GLY E 68 -3.97 16.84 24.16
C GLY E 68 -5.03 16.94 23.08
N GLY E 69 -4.77 17.79 22.09
CA GLY E 69 -5.67 17.97 20.97
C GLY E 69 -5.54 19.32 20.31
N SER E 70 -6.56 19.72 19.54
CA SER E 70 -6.57 20.99 18.84
C SER E 70 -6.93 22.13 19.79
N VAL E 71 -6.46 23.32 19.47
CA VAL E 71 -6.71 24.50 20.30
C VAL E 71 -8.15 24.95 20.13
N THR E 72 -8.57 25.09 18.88
CA THR E 72 -9.93 25.50 18.55
C THR E 72 -10.98 24.52 19.08
N ALA E 73 -10.62 23.23 19.12
CA ALA E 73 -11.50 22.21 19.66
C ALA E 73 -11.59 22.32 21.18
N GLY E 74 -10.48 22.67 21.82
CA GLY E 74 -10.43 22.83 23.27
C GLY E 74 -11.23 24.02 23.76
N PHE E 75 -11.14 25.13 23.01
CA PHE E 75 -11.88 26.36 23.36
C PHE E 75 -13.39 26.20 23.21
N ALA E 76 -13.81 25.31 22.31
CA ALA E 76 -15.23 24.99 22.14
C ALA E 76 -15.80 24.36 23.42
N ILE E 77 -15.02 23.48 24.04
CA ILE E 77 -15.40 22.85 25.30
C ILE E 77 -15.30 23.88 26.42
N TYR E 78 -14.21 24.65 26.42
CA TYR E 78 -13.98 25.68 27.43
C TYR E 78 -15.15 26.65 27.51
N ASP E 79 -15.43 27.31 26.39
CA ASP E 79 -16.50 28.33 26.32
C ASP E 79 -17.85 27.77 26.75
N THR E 80 -18.12 26.52 26.37
CA THR E 80 -19.39 25.86 26.74
C THR E 80 -19.49 25.67 28.25
N ILE E 81 -18.39 25.25 28.87
CA ILE E 81 -18.35 25.04 30.33
C ILE E 81 -18.65 26.34 31.08
N GLN E 82 -18.06 27.44 30.63
CA GLN E 82 -18.25 28.74 31.28
C GLN E 82 -19.60 29.35 30.94
N HIS E 83 -20.14 29.03 29.77
CA HIS E 83 -21.41 29.60 29.31
C HIS E 83 -22.60 29.07 30.11
N ILE E 84 -22.62 27.76 30.36
CA ILE E 84 -23.76 27.12 31.05
C ILE E 84 -23.79 27.43 32.55
N LYS E 85 -24.98 27.33 33.12
CA LYS E 85 -25.21 27.64 34.54
C LYS E 85 -24.53 26.65 35.51
N PRO E 86 -24.70 25.34 35.28
CA PRO E 86 -24.14 24.34 36.20
C PRO E 86 -22.65 24.49 36.45
N ASP E 87 -22.23 24.26 37.70
CA ASP E 87 -20.81 24.25 38.06
C ASP E 87 -20.20 22.92 37.65
N VAL E 88 -19.37 22.96 36.61
CA VAL E 88 -18.72 21.75 36.10
C VAL E 88 -17.50 21.38 36.94
N GLN E 89 -17.62 20.29 37.70
CA GLN E 89 -16.48 19.75 38.45
C GLN E 89 -15.47 19.13 37.49
N THR E 90 -14.23 19.00 37.94
CA THR E 90 -13.15 18.46 37.12
C THR E 90 -12.28 17.50 37.93
N ILE E 91 -12.12 16.29 37.41
CA ILE E 91 -11.32 15.26 38.08
C ILE E 91 -10.33 14.64 37.08
N CYS E 92 -9.05 14.99 37.23
CA CYS E 92 -8.01 14.46 36.36
C CYS E 92 -7.60 13.06 36.79
N ILE E 93 -7.52 12.15 35.81
CA ILE E 93 -7.03 10.79 36.03
C ILE E 93 -6.03 10.41 34.95
N GLY E 94 -5.05 9.59 35.32
CA GLY E 94 -3.98 9.20 34.39
C GLY E 94 -3.05 10.34 34.06
N MET E 95 -3.47 11.19 33.13
CA MET E 95 -2.73 12.40 32.77
C MET E 95 -3.67 13.48 32.22
N ALA E 96 -3.21 14.72 32.30
CA ALA E 96 -3.88 15.85 31.66
C ALA E 96 -2.82 16.72 30.99
N ALA E 97 -2.49 16.35 29.75
CA ALA E 97 -1.41 17.01 29.03
C ALA E 97 -1.97 17.93 27.95
N SER E 98 -1.17 18.95 27.59
CA SER E 98 -1.50 19.88 26.52
C SER E 98 -2.86 20.56 26.76
N MET E 99 -3.81 20.42 25.84
CA MET E 99 -5.10 21.08 25.97
C MET E 99 -5.97 20.47 27.07
N GLY E 100 -5.62 19.26 27.51
CA GLY E 100 -6.30 18.61 28.62
C GLY E 100 -6.11 19.34 29.94
N SER E 101 -4.92 19.88 30.13
CA SER E 101 -4.60 20.69 31.32
C SER E 101 -5.31 22.05 31.30
N PHE E 102 -5.63 22.54 30.10
CA PHE E 102 -6.35 23.80 29.96
C PHE E 102 -7.79 23.63 30.45
N LEU E 103 -8.41 22.51 30.08
CA LEU E 103 -9.75 22.16 30.55
C LEU E 103 -9.73 21.72 32.02
N LEU E 104 -8.59 21.22 32.47
CA LEU E 104 -8.42 20.85 33.88
C LEU E 104 -8.56 22.09 34.77
N ALA E 105 -7.88 23.16 34.37
CA ALA E 105 -7.93 24.44 35.10
C ALA E 105 -9.25 25.18 34.88
N ALA E 106 -9.93 24.87 33.78
CA ALA E 106 -11.18 25.54 33.40
C ALA E 106 -12.38 25.15 34.28
N GLY E 107 -12.22 24.14 35.13
CA GLY E 107 -13.29 23.70 36.01
C GLY E 107 -13.79 24.79 36.95
N ALA E 108 -14.96 24.58 37.53
CA ALA E 108 -15.56 25.53 38.47
C ALA E 108 -14.61 25.77 39.64
N LYS E 109 -14.56 27.02 40.10
CA LYS E 109 -13.60 27.42 41.13
C LYS E 109 -14.00 26.83 42.48
N GLY E 110 -13.09 26.06 43.08
CA GLY E 110 -13.38 25.33 44.31
C GLY E 110 -13.65 23.86 44.07
N LYS E 111 -13.78 23.47 42.79
CA LYS E 111 -14.13 22.10 42.41
C LYS E 111 -13.24 21.58 41.28
N ARG E 112 -11.94 21.80 41.41
CA ARG E 112 -10.95 21.27 40.47
C ARG E 112 -10.08 20.24 41.18
N PHE E 113 -10.20 18.98 40.76
CA PHE E 113 -9.56 17.86 41.46
C PHE E 113 -8.61 17.07 40.56
N ALA E 114 -7.79 16.23 41.21
CA ALA E 114 -6.90 15.30 40.52
C ALA E 114 -6.44 14.21 41.48
N LEU E 115 -6.35 12.97 40.98
CA LEU E 115 -5.97 11.83 41.81
C LEU E 115 -4.45 11.83 42.05
N PRO E 116 -3.98 11.13 43.11
CA PRO E 116 -2.59 11.23 43.56
C PRO E 116 -1.53 11.04 42.47
N ASN E 117 -1.68 10.00 41.67
CA ASN E 117 -0.69 9.67 40.64
C ASN E 117 -1.02 10.20 39.25
N ALA E 118 -1.86 11.24 39.20
CA ALA E 118 -2.25 11.84 37.93
C ALA E 118 -1.24 12.91 37.52
N GLU E 119 -0.66 12.75 36.33
CA GLU E 119 0.32 13.71 35.81
C GLU E 119 -0.36 14.90 35.15
N VAL E 120 0.37 16.01 35.03
CA VAL E 120 -0.13 17.22 34.37
C VAL E 120 0.98 17.85 33.54
N MET E 121 0.61 18.38 32.37
CA MET E 121 1.55 19.02 31.46
C MET E 121 0.85 20.21 30.79
N ILE E 122 1.41 21.40 30.97
CA ILE E 122 0.78 22.64 30.50
C ILE E 122 1.55 23.27 29.34
N HIS E 123 1.58 22.56 28.21
CA HIS E 123 2.21 23.07 26.99
C HIS E 123 1.54 22.49 25.74
N GLN E 124 1.01 23.37 24.91
CA GLN E 124 0.40 22.99 23.63
C GLN E 124 1.40 23.17 22.50
N PRO E 125 1.85 22.06 21.87
CA PRO E 125 2.62 22.21 20.63
C PRO E 125 1.67 22.58 19.51
N LEU E 126 2.16 22.75 18.29
CA LEU E 126 1.29 23.26 17.22
C LEU E 126 1.06 22.31 16.05
N GLY E 127 -0.22 22.13 15.73
CA GLY E 127 -0.67 21.59 14.46
C GLY E 127 -1.50 22.66 13.78
N GLY E 128 -2.55 22.26 13.08
CA GLY E 128 -3.46 23.20 12.40
C GLY E 128 -2.73 24.30 11.65
N ALA E 129 -1.64 23.93 10.99
CA ALA E 129 -0.77 24.88 10.29
C ALA E 129 -1.21 25.14 8.84
N GLN E 130 -2.22 24.41 8.39
CA GLN E 130 -2.70 24.49 7.00
C GLN E 130 -3.20 25.87 6.57
N GLY E 131 -4.30 26.32 7.16
CA GLY E 131 -4.96 27.58 6.78
C GLY E 131 -4.09 28.82 6.94
N GLN E 132 -3.15 28.77 7.88
CA GLN E 132 -2.25 29.88 8.16
C GLN E 132 -1.08 29.92 7.17
N ALA E 133 -0.64 28.76 6.70
CA ALA E 133 0.58 28.63 5.90
C ALA E 133 0.62 29.40 4.57
N THR E 134 -0.52 29.93 4.15
CA THR E 134 -0.61 30.68 2.88
C THR E 134 0.03 32.08 3.00
N GLU E 135 -0.36 32.81 4.04
CA GLU E 135 0.18 34.16 4.29
C GLU E 135 1.19 34.12 5.43
N ILE E 136 2.24 34.94 5.32
CA ILE E 136 3.39 34.88 6.24
C ILE E 136 3.17 35.72 7.49
N GLU E 137 2.85 37.00 7.30
CA GLU E 137 2.74 37.94 8.42
C GLU E 137 1.64 37.54 9.41
N ILE E 138 0.54 37.00 8.90
CA ILE E 138 -0.59 36.57 9.74
C ILE E 138 -0.28 35.26 10.47
N ALA E 139 0.36 34.33 9.77
CA ALA E 139 0.66 33.00 10.33
C ALA E 139 1.47 33.10 11.61
N ALA E 140 2.53 33.90 11.57
CA ALA E 140 3.39 34.10 12.73
C ALA E 140 2.64 34.82 13.85
N ASN E 141 1.87 35.85 13.49
CA ASN E 141 1.12 36.62 14.49
C ASN E 141 -0.05 35.85 15.08
N HIS E 142 -0.60 34.92 14.32
CA HIS E 142 -1.70 34.07 14.81
C HIS E 142 -1.22 33.14 15.93
N ILE E 143 0.04 32.71 15.84
CA ILE E 143 0.67 31.93 16.91
C ILE E 143 0.81 32.80 18.16
N LEU E 144 1.30 34.02 17.99
CA LEU E 144 1.45 34.98 19.09
C LEU E 144 0.10 35.34 19.71
N LYS E 145 -0.90 35.56 18.87
CA LYS E 145 -2.26 35.88 19.33
C LYS E 145 -2.84 34.72 20.14
N THR E 146 -2.68 33.51 19.63
CA THR E 146 -3.14 32.30 20.32
C THR E 146 -2.34 32.05 21.60
N ARG E 147 -1.05 32.37 21.57
CA ARG E 147 -0.20 32.25 22.75
C ARG E 147 -0.64 33.26 23.82
N GLU E 148 -0.96 34.47 23.38
CA GLU E 148 -1.48 35.52 24.27
C GLU E 148 -2.88 35.13 24.76
N LYS E 149 -3.65 34.47 23.89
CA LYS E 149 -5.00 34.03 24.22
C LYS E 149 -4.99 32.94 25.28
N LEU E 150 -4.09 31.97 25.12
CA LEU E 150 -3.97 30.86 26.06
C LEU E 150 -3.38 31.29 27.39
N ASN E 151 -2.27 32.02 27.34
CA ASN E 151 -1.55 32.43 28.55
C ASN E 151 -2.35 33.40 29.43
N ARG E 152 -3.18 34.24 28.81
CA ARG E 152 -4.01 35.18 29.55
C ARG E 152 -5.09 34.45 30.35
N ILE E 153 -5.78 33.53 29.69
CA ILE E 153 -6.87 32.77 30.32
C ILE E 153 -6.35 31.83 31.41
N LEU E 154 -5.19 31.22 31.16
CA LEU E 154 -4.58 30.31 32.14
C LEU E 154 -4.16 31.07 33.39
N SER E 155 -3.55 32.24 33.18
CA SER E 155 -3.08 33.10 34.28
C SER E 155 -4.19 33.48 35.25
N GLU E 156 -5.37 33.77 34.70
CA GLU E 156 -6.53 34.16 35.51
C GLU E 156 -7.01 33.03 36.42
N ARG E 157 -6.99 31.81 35.89
CA ARG E 157 -7.53 30.65 36.60
C ARG E 157 -6.55 30.02 37.58
N THR E 158 -5.27 29.99 37.20
CA THR E 158 -4.21 29.56 38.12
C THR E 158 -3.94 30.62 39.19
N GLY E 159 -4.23 31.87 38.86
CA GLY E 159 -4.05 32.99 39.78
C GLY E 159 -2.60 33.43 39.89
N GLN E 160 -1.79 33.10 38.88
CA GLN E 160 -0.39 33.50 38.83
C GLN E 160 -0.18 34.60 37.79
N SER E 161 1.02 35.16 37.76
CA SER E 161 1.34 36.24 36.84
C SER E 161 1.44 35.73 35.40
N ILE E 162 1.28 36.62 34.45
CA ILE E 162 1.35 36.28 33.03
C ILE E 162 2.80 36.00 32.62
N GLU E 163 3.75 36.62 33.33
CA GLU E 163 5.17 36.45 33.03
C GLU E 163 5.64 35.02 33.27
N LYS E 164 5.19 34.44 34.39
CA LYS E 164 5.56 33.06 34.75
C LYS E 164 4.93 32.04 33.80
N ILE E 165 3.69 32.30 33.39
CA ILE E 165 2.94 31.40 32.51
C ILE E 165 3.64 31.27 31.15
N GLN E 166 4.06 32.40 30.58
CA GLN E 166 4.72 32.43 29.28
C GLN E 166 5.93 31.49 29.19
N LYS E 167 6.74 31.47 30.23
CA LYS E 167 7.95 30.65 30.25
C LYS E 167 7.65 29.16 30.42
N ASP E 168 6.74 28.86 31.34
CA ASP E 168 6.35 27.48 31.62
C ASP E 168 5.58 26.86 30.44
N THR E 169 4.70 27.64 29.82
CA THR E 169 3.88 27.15 28.71
C THR E 169 4.58 27.15 27.35
N ASP E 170 5.87 27.51 27.33
CA ASP E 170 6.65 27.51 26.10
C ASP E 170 7.29 26.13 25.89
N ARG E 171 7.93 25.60 26.93
CA ARG E 171 8.60 24.29 26.87
C ARG E 171 7.75 23.21 27.54
N ASP E 172 8.21 21.97 27.45
CA ASP E 172 7.49 20.83 28.02
C ASP E 172 7.52 20.84 29.55
N ASN E 173 6.51 20.22 30.15
CA ASN E 173 6.36 20.18 31.61
C ASN E 173 5.86 18.83 32.10
N PHE E 174 6.11 18.53 33.37
CA PHE E 174 5.59 17.34 34.03
C PHE E 174 5.32 17.62 35.51
N LEU E 175 4.10 18.06 35.80
CA LEU E 175 3.68 18.40 37.16
C LEU E 175 2.87 17.25 37.76
N THR E 176 3.21 16.87 38.99
CA THR E 176 2.43 15.88 39.75
C THR E 176 1.18 16.54 40.35
N ALA E 177 0.35 15.75 41.00
CA ALA E 177 -0.88 16.24 41.63
C ALA E 177 -0.59 17.34 42.65
N GLU E 178 0.47 17.14 43.45
CA GLU E 178 0.87 18.13 44.45
C GLU E 178 1.42 19.40 43.81
N GLU E 179 2.24 19.24 42.77
CA GLU E 179 2.82 20.37 42.05
C GLU E 179 1.77 21.16 41.28
N ALA E 180 0.79 20.46 40.71
CA ALA E 180 -0.32 21.08 39.99
C ALA E 180 -1.21 21.88 40.94
N LYS E 181 -1.36 21.38 42.16
CA LYS E 181 -2.11 22.09 43.21
C LYS E 181 -1.35 23.34 43.64
N GLU E 182 -0.04 23.23 43.76
CA GLU E 182 0.82 24.36 44.11
C GLU E 182 0.82 25.42 43.00
N TYR E 183 0.74 24.97 41.76
CA TYR E 183 0.70 25.87 40.60
C TYR E 183 -0.61 26.65 40.54
N GLY E 184 -1.69 26.03 41.01
CA GLY E 184 -3.02 26.64 40.97
C GLY E 184 -3.92 26.04 39.89
N LEU E 185 -3.42 25.04 39.19
CA LEU E 185 -4.18 24.35 38.13
C LEU E 185 -5.37 23.60 38.74
N ILE E 186 -5.12 22.89 39.84
CA ILE E 186 -6.18 22.21 40.58
C ILE E 186 -6.27 22.78 42.00
N ASP E 187 -7.39 22.48 42.66
CA ASP E 187 -7.66 23.03 43.98
C ASP E 187 -7.30 22.06 45.11
N GLU E 188 -7.50 20.77 44.88
CA GLU E 188 -7.18 19.73 45.87
C GLU E 188 -6.76 18.42 45.22
N VAL E 189 -5.82 17.72 45.87
CA VAL E 189 -5.45 16.36 45.49
C VAL E 189 -6.45 15.42 46.14
N MET E 190 -7.11 14.60 45.32
CA MET E 190 -8.21 13.76 45.81
C MET E 190 -7.68 12.54 46.57
N VAL E 191 -7.72 12.63 47.90
CA VAL E 191 -7.23 11.56 48.78
C VAL E 191 -8.21 10.37 48.74
N PRO E 192 -7.67 9.13 48.85
CA PRO E 192 -8.52 7.94 48.90
C PRO E 192 -9.73 8.06 49.83
N GLU E 193 -10.89 7.58 49.37
CA GLU E 193 -12.17 7.68 50.08
C GLU E 193 -12.52 9.13 50.39
N LEU F 3 -18.15 -14.45 18.34
CA LEU F 3 -17.10 -13.90 19.27
C LEU F 3 -17.72 -13.35 20.55
N ILE F 4 -18.76 -12.53 20.40
CA ILE F 4 -19.46 -11.92 21.53
C ILE F 4 -20.94 -12.32 21.51
N PRO F 5 -21.34 -13.22 22.43
CA PRO F 5 -22.73 -13.69 22.49
C PRO F 5 -23.65 -12.81 23.32
N THR F 6 -24.95 -13.08 23.22
CA THR F 6 -25.99 -12.32 23.89
C THR F 6 -26.69 -13.18 24.96
N VAL F 7 -27.17 -12.53 26.02
CA VAL F 7 -27.90 -13.20 27.09
C VAL F 7 -29.08 -12.32 27.50
N ILE F 8 -30.28 -12.91 27.57
CA ILE F 8 -31.45 -12.19 28.08
C ILE F 8 -32.21 -13.02 29.11
N GLU F 9 -33.10 -12.35 29.84
CA GLU F 9 -33.91 -13.00 30.88
C GLU F 9 -35.27 -12.33 31.05
N THR F 10 -36.22 -13.07 31.62
CA THR F 10 -37.63 -12.67 31.66
C THR F 10 -37.96 -11.81 32.90
N THR F 11 -38.17 -10.52 32.67
CA THR F 11 -38.67 -9.61 33.70
C THR F 11 -39.01 -8.24 33.10
N GLU F 15 -36.90 -8.07 26.05
CA GLU F 15 -37.05 -8.19 27.50
C GLU F 15 -35.92 -7.48 28.24
N ARG F 16 -34.71 -7.99 28.08
CA ARG F 16 -33.53 -7.44 28.76
C ARG F 16 -32.24 -7.92 28.07
N ALA F 17 -31.78 -7.16 27.08
CA ALA F 17 -30.62 -7.54 26.27
C ALA F 17 -29.29 -7.23 26.98
N TYR F 18 -28.59 -8.29 27.38
CA TYR F 18 -27.23 -8.19 27.92
C TYR F 18 -26.24 -8.88 26.99
N ASP F 19 -25.06 -8.30 26.85
CA ASP F 19 -23.91 -9.02 26.29
C ASP F 19 -23.26 -9.82 27.42
N ILE F 20 -22.41 -10.78 27.06
CA ILE F 20 -21.82 -11.68 28.05
C ILE F 20 -20.99 -10.92 29.10
N TYR F 21 -20.31 -9.86 28.69
CA TYR F 21 -19.49 -9.06 29.59
C TYR F 21 -20.36 -8.21 30.52
N SER F 22 -21.46 -7.70 29.99
CA SER F 22 -22.41 -6.90 30.77
C SER F 22 -23.22 -7.72 31.75
N ARG F 23 -23.49 -8.97 31.40
CA ARG F 23 -24.19 -9.88 32.30
C ARG F 23 -23.31 -10.19 33.51
N LEU F 24 -22.00 -10.27 33.28
CA LEU F 24 -21.04 -10.42 34.38
C LEU F 24 -20.93 -9.14 35.21
N LEU F 25 -21.05 -7.99 34.55
CA LEU F 25 -21.03 -6.71 35.25
C LEU F 25 -22.22 -6.55 36.21
N LYS F 26 -23.33 -7.22 35.89
CA LYS F 26 -24.50 -7.24 36.77
C LYS F 26 -24.16 -7.91 38.10
N ASP F 27 -23.28 -8.90 38.07
CA ASP F 27 -22.79 -9.57 39.28
C ASP F 27 -21.47 -8.97 39.78
N ARG F 28 -21.23 -7.71 39.45
CA ARG F 28 -20.05 -6.97 39.89
C ARG F 28 -18.71 -7.60 39.45
N ILE F 29 -18.69 -8.12 38.23
CA ILE F 29 -17.48 -8.71 37.65
C ILE F 29 -17.03 -7.89 36.45
N ILE F 30 -15.80 -7.36 36.54
CA ILE F 30 -15.18 -6.63 35.43
C ILE F 30 -14.14 -7.52 34.77
N MET F 31 -14.25 -7.68 33.45
CA MET F 31 -13.31 -8.49 32.67
C MET F 31 -12.30 -7.60 31.97
N LEU F 32 -11.02 -7.95 32.11
CA LEU F 32 -9.93 -7.22 31.48
C LEU F 32 -9.05 -8.21 30.74
N GLY F 33 -9.25 -8.32 29.43
CA GLY F 33 -8.50 -9.27 28.59
C GLY F 33 -7.93 -8.63 27.33
N SER F 34 -7.18 -7.54 27.53
CA SER F 34 -6.54 -6.82 26.42
C SER F 34 -5.44 -5.89 26.93
N GLN F 35 -4.68 -5.31 26.01
CA GLN F 35 -3.62 -4.37 26.38
C GLN F 35 -4.25 -3.11 26.95
N ILE F 36 -3.60 -2.52 27.95
CA ILE F 36 -4.16 -1.38 28.68
C ILE F 36 -3.83 -0.07 27.95
N ASP F 37 -4.71 0.31 27.04
CA ASP F 37 -4.64 1.62 26.36
C ASP F 37 -5.61 2.61 27.02
N ASP F 38 -5.70 3.82 26.47
CA ASP F 38 -6.57 4.86 27.01
C ASP F 38 -8.06 4.51 26.89
N ASN F 39 -8.42 3.79 25.83
CA ASN F 39 -9.82 3.42 25.58
C ASN F 39 -10.36 2.44 26.61
N VAL F 40 -9.63 1.34 26.80
CA VAL F 40 -10.05 0.32 27.77
C VAL F 40 -9.94 0.86 29.21
N ALA F 41 -8.94 1.70 29.45
CA ALA F 41 -8.77 2.32 30.76
C ALA F 41 -9.95 3.23 31.10
N ASN F 42 -10.44 3.96 30.11
CA ASN F 42 -11.61 4.82 30.27
C ASN F 42 -12.88 4.00 30.56
N SER F 43 -12.95 2.81 29.98
CA SER F 43 -14.08 1.90 30.18
C SER F 43 -14.03 1.23 31.55
N ILE F 44 -12.85 0.76 31.95
CA ILE F 44 -12.66 0.11 33.24
C ILE F 44 -12.97 1.06 34.39
N VAL F 45 -12.51 2.31 34.27
CA VAL F 45 -12.78 3.34 35.27
C VAL F 45 -14.27 3.63 35.38
N SER F 46 -14.95 3.68 34.23
CA SER F 46 -16.39 3.92 34.18
C SER F 46 -17.17 2.80 34.88
N GLN F 47 -16.70 1.56 34.72
CA GLN F 47 -17.31 0.41 35.39
C GLN F 47 -17.09 0.46 36.91
N LEU F 48 -15.88 0.80 37.33
CA LEU F 48 -15.57 0.91 38.75
C LEU F 48 -16.40 2.01 39.42
N LEU F 49 -16.55 3.14 38.74
CA LEU F 49 -17.40 4.24 39.24
C LEU F 49 -18.88 3.86 39.25
N PHE F 50 -19.28 3.04 38.28
CA PHE F 50 -20.67 2.59 38.18
C PHE F 50 -21.02 1.61 39.30
N LEU F 51 -20.16 0.63 39.53
CA LEU F 51 -20.39 -0.39 40.57
C LEU F 51 -20.40 0.22 41.97
N GLN F 52 -19.64 1.28 42.17
CA GLN F 52 -19.65 2.02 43.44
C GLN F 52 -21.00 2.68 43.66
N ALA F 53 -21.54 3.28 42.61
CA ALA F 53 -22.86 3.93 42.68
C ALA F 53 -23.98 2.93 42.90
N GLN F 54 -23.83 1.72 42.34
CA GLN F 54 -24.79 0.63 42.55
C GLN F 54 -24.76 0.15 44.00
N ASP F 55 -23.58 -0.15 44.50
CA ASP F 55 -23.42 -0.51 45.91
C ASP F 55 -21.97 -0.27 46.35
N SER F 56 -21.80 0.60 47.33
CA SER F 56 -20.46 1.00 47.80
C SER F 56 -19.85 0.00 48.79
N GLU F 57 -20.65 -0.96 49.27
CA GLU F 57 -20.19 -1.92 50.28
C GLU F 57 -19.75 -3.26 49.68
N LYS F 58 -20.54 -3.77 48.73
CA LYS F 58 -20.24 -5.08 48.11
C LYS F 58 -18.95 -5.05 47.30
N ASP F 59 -18.27 -6.20 47.24
CA ASP F 59 -16.97 -6.32 46.59
C ASP F 59 -17.09 -6.37 45.07
N ILE F 60 -16.02 -5.96 44.40
CA ILE F 60 -15.92 -6.01 42.94
C ILE F 60 -14.87 -7.05 42.55
N TYR F 61 -15.13 -7.76 41.46
CA TYR F 61 -14.22 -8.80 40.96
C TYR F 61 -13.58 -8.35 39.65
N LEU F 62 -12.26 -8.20 39.66
CA LEU F 62 -11.51 -7.76 38.48
C LEU F 62 -10.62 -8.88 37.93
N TYR F 63 -11.09 -9.54 36.88
CA TYR F 63 -10.31 -10.58 36.21
C TYR F 63 -9.31 -9.94 35.26
N ILE F 64 -8.05 -10.34 35.35
CA ILE F 64 -6.97 -9.74 34.55
C ILE F 64 -6.34 -10.76 33.60
N ASN F 65 -6.14 -10.34 32.35
CA ASN F 65 -5.45 -11.12 31.33
C ASN F 65 -4.84 -10.18 30.29
N SER F 66 -3.89 -9.36 30.75
CA SER F 66 -3.29 -8.33 29.89
C SER F 66 -1.78 -8.54 29.76
N PRO F 67 -1.24 -8.32 28.54
CA PRO F 67 0.21 -8.37 28.34
C PRO F 67 0.92 -7.08 28.79
N GLY F 68 0.17 -6.00 28.90
CA GLY F 68 0.73 -4.73 29.35
C GLY F 68 -0.07 -3.52 28.89
N GLY F 69 0.62 -2.40 28.70
CA GLY F 69 -0.01 -1.18 28.23
C GLY F 69 0.75 0.07 28.64
N SER F 70 0.06 1.21 28.58
CA SER F 70 0.65 2.49 28.95
C SER F 70 0.71 2.66 30.46
N VAL F 71 1.66 3.46 30.93
CA VAL F 71 1.83 3.70 32.36
C VAL F 71 0.73 4.63 32.87
N THR F 72 0.55 5.73 32.18
CA THR F 72 -0.49 6.71 32.53
C THR F 72 -1.90 6.10 32.48
N ALA F 73 -2.11 5.15 31.57
CA ALA F 73 -3.39 4.45 31.47
C ALA F 73 -3.59 3.50 32.63
N GLY F 74 -2.51 2.87 33.07
CA GLY F 74 -2.54 1.95 34.19
C GLY F 74 -2.81 2.63 35.51
N PHE F 75 -2.19 3.80 35.72
CA PHE F 75 -2.39 4.56 36.95
C PHE F 75 -3.80 5.12 37.07
N ALA F 76 -4.45 5.35 35.95
CA ALA F 76 -5.85 5.79 35.94
C ALA F 76 -6.75 4.72 36.54
N ILE F 77 -6.49 3.46 36.21
CA ILE F 77 -7.23 2.33 36.78
C ILE F 77 -6.82 2.14 38.24
N TYR F 78 -5.51 2.23 38.50
CA TYR F 78 -4.98 2.08 39.85
C TYR F 78 -5.65 3.05 40.82
N ASP F 79 -5.51 4.34 40.54
CA ASP F 79 -6.04 5.39 41.41
C ASP F 79 -7.54 5.26 41.65
N THR F 80 -8.27 4.84 40.61
CA THR F 80 -9.72 4.63 40.72
C THR F 80 -10.05 3.50 41.68
N ILE F 81 -9.29 2.40 41.59
CA ILE F 81 -9.50 1.25 42.48
C ILE F 81 -9.30 1.62 43.94
N GLN F 82 -8.26 2.41 44.22
CA GLN F 82 -7.96 2.83 45.60
C GLN F 82 -8.90 3.93 46.08
N HIS F 83 -9.38 4.75 45.15
CA HIS F 83 -10.25 5.87 45.49
C HIS F 83 -11.63 5.41 45.98
N ILE F 84 -12.22 4.44 45.28
CA ILE F 84 -13.58 3.98 45.60
C ILE F 84 -13.64 3.13 46.88
N LYS F 85 -14.82 3.11 47.50
CA LYS F 85 -15.04 2.38 48.75
C LYS F 85 -14.94 0.86 48.62
N PRO F 86 -15.61 0.26 47.62
CA PRO F 86 -15.61 -1.19 47.48
C PRO F 86 -14.22 -1.82 47.42
N ASP F 87 -14.08 -2.99 48.04
CA ASP F 87 -12.84 -3.76 47.98
C ASP F 87 -12.79 -4.51 46.66
N VAL F 88 -11.92 -4.08 45.76
CA VAL F 88 -11.78 -4.69 44.45
C VAL F 88 -10.93 -5.95 44.52
N GLN F 89 -11.56 -7.11 44.36
CA GLN F 89 -10.84 -8.37 44.26
C GLN F 89 -10.08 -8.46 42.94
N THR F 90 -9.06 -9.30 42.89
CA THR F 90 -8.23 -9.45 41.71
C THR F 90 -7.91 -10.91 41.44
N ILE F 91 -8.22 -11.38 40.23
CA ILE F 91 -7.99 -12.76 39.83
C ILE F 91 -7.26 -12.80 38.49
N CYS F 92 -5.97 -13.15 38.54
CA CYS F 92 -5.16 -13.25 37.33
C CYS F 92 -5.41 -14.56 36.58
N ILE F 93 -5.62 -14.47 35.28
CA ILE F 93 -5.77 -15.64 34.42
C ILE F 93 -4.90 -15.48 33.17
N GLY F 94 -4.39 -16.59 32.66
CA GLY F 94 -3.51 -16.58 31.49
C GLY F 94 -2.15 -15.97 31.82
N MET F 95 -2.08 -14.65 31.82
CA MET F 95 -0.86 -13.92 32.21
C MET F 95 -1.21 -12.53 32.74
N ALA F 96 -0.29 -11.99 33.53
CA ALA F 96 -0.37 -10.60 33.98
C ALA F 96 1.01 -9.97 33.84
N ALA F 97 1.30 -9.48 32.65
CA ALA F 97 2.62 -8.94 32.33
C ALA F 97 2.61 -7.42 32.30
N SER F 98 3.78 -6.83 32.56
CA SER F 98 3.98 -5.39 32.49
C SER F 98 3.03 -4.64 33.43
N MET F 99 2.18 -3.75 32.90
CA MET F 99 1.27 -2.96 33.74
C MET F 99 0.12 -3.78 34.29
N GLY F 100 -0.10 -4.97 33.72
CA GLY F 100 -1.12 -5.90 34.23
C GLY F 100 -0.76 -6.44 35.60
N SER F 101 0.53 -6.68 35.84
CA SER F 101 1.02 -7.12 37.14
C SER F 101 0.95 -6.01 38.18
N PHE F 102 1.00 -4.75 37.74
CA PHE F 102 0.87 -3.62 38.65
C PHE F 102 -0.54 -3.53 39.21
N LEU F 103 -1.53 -3.75 38.35
CA LEU F 103 -2.93 -3.80 38.76
C LEU F 103 -3.25 -5.10 39.50
N LEU F 104 -2.48 -6.15 39.22
CA LEU F 104 -2.62 -7.42 39.93
C LEU F 104 -2.32 -7.23 41.41
N ALA F 105 -1.21 -6.54 41.70
CA ALA F 105 -0.80 -6.23 43.08
C ALA F 105 -1.68 -5.15 43.71
N ALA F 106 -2.30 -4.32 42.88
CA ALA F 106 -3.12 -3.20 43.35
C ALA F 106 -4.45 -3.60 43.97
N GLY F 107 -4.82 -4.88 43.86
CA GLY F 107 -6.07 -5.39 44.45
C GLY F 107 -6.15 -5.19 45.95
N ALA F 108 -7.37 -5.31 46.48
CA ALA F 108 -7.59 -5.17 47.93
C ALA F 108 -6.76 -6.18 48.71
N LYS F 109 -6.24 -5.74 49.86
CA LYS F 109 -5.31 -6.56 50.63
C LYS F 109 -6.06 -7.72 51.28
N GLY F 110 -5.62 -8.94 50.99
CA GLY F 110 -6.31 -10.15 51.44
C GLY F 110 -7.15 -10.79 50.35
N LYS F 111 -7.29 -10.09 49.22
CA LYS F 111 -8.14 -10.54 48.11
C LYS F 111 -7.44 -10.39 46.76
N ARG F 112 -6.17 -10.83 46.70
CA ARG F 112 -5.40 -10.85 45.45
C ARG F 112 -5.13 -12.30 45.07
N PHE F 113 -5.71 -12.74 43.95
CA PHE F 113 -5.66 -14.15 43.55
C PHE F 113 -5.05 -14.37 42.17
N ALA F 114 -4.73 -15.63 41.88
CA ALA F 114 -4.23 -16.03 40.57
C ALA F 114 -4.37 -17.55 40.41
N LEU F 115 -4.75 -17.99 39.22
CA LEU F 115 -4.95 -19.41 38.96
C LEU F 115 -3.61 -20.14 38.79
N PRO F 116 -3.59 -21.47 38.95
CA PRO F 116 -2.33 -22.24 39.02
C PRO F 116 -1.35 -21.98 37.89
N ASN F 117 -1.84 -22.01 36.65
CA ASN F 117 -0.97 -21.86 35.47
C ASN F 117 -0.91 -20.42 34.93
N ALA F 118 -1.23 -19.45 35.77
CA ALA F 118 -1.20 -18.04 35.38
C ALA F 118 0.20 -17.47 35.57
N GLU F 119 0.78 -16.95 34.49
CA GLU F 119 2.12 -16.35 34.54
C GLU F 119 2.07 -14.91 35.03
N VAL F 120 3.20 -14.41 35.51
CA VAL F 120 3.32 -13.02 35.97
C VAL F 120 4.67 -12.45 35.54
N MET F 121 4.66 -11.17 35.16
CA MET F 121 5.87 -10.48 34.72
C MET F 121 5.81 -9.02 35.20
N ILE F 122 6.80 -8.62 36.01
CA ILE F 122 6.80 -7.30 36.65
C ILE F 122 7.87 -6.38 36.06
N HIS F 123 7.71 -6.04 34.80
CA HIS F 123 8.61 -5.10 34.12
C HIS F 123 7.90 -4.34 33.01
N GLN F 124 7.87 -3.02 33.12
CA GLN F 124 7.29 -2.15 32.10
C GLN F 124 8.39 -1.61 31.19
N PRO F 125 8.40 -2.01 29.90
CA PRO F 125 9.27 -1.34 28.94
C PRO F 125 8.68 0.02 28.62
N LEU F 126 9.33 0.80 27.75
CA LEU F 126 8.87 2.17 27.54
C LEU F 126 8.38 2.49 26.11
N GLY F 127 7.18 3.07 26.06
CA GLY F 127 6.67 3.79 24.90
C GLY F 127 6.44 5.22 25.33
N GLY F 128 5.39 5.85 24.80
CA GLY F 128 5.05 7.23 25.16
C GLY F 128 6.23 8.18 25.19
N ALA F 129 7.13 8.02 24.23
CA ALA F 129 8.38 8.77 24.18
C ALA F 129 8.24 10.09 23.44
N GLN F 130 7.07 10.34 22.85
CA GLN F 130 6.80 11.52 22.02
C GLN F 130 6.97 12.86 22.75
N GLY F 131 6.10 13.12 23.73
CA GLY F 131 6.08 14.40 24.45
C GLY F 131 7.35 14.74 25.19
N GLN F 132 8.08 13.71 25.61
CA GLN F 132 9.34 13.87 26.34
C GLN F 132 10.51 14.17 25.42
N ALA F 133 10.48 13.62 24.20
CA ALA F 133 11.61 13.66 23.26
C ALA F 133 12.10 15.05 22.83
N THR F 134 11.33 16.09 23.16
CA THR F 134 11.70 17.45 22.78
C THR F 134 12.82 18.02 23.64
N GLU F 135 12.68 17.88 24.96
CA GLU F 135 13.70 18.34 25.91
C GLU F 135 14.50 17.15 26.47
N ILE F 136 15.79 17.36 26.69
CA ILE F 136 16.71 16.26 27.04
C ILE F 136 16.73 15.98 28.54
N GLU F 137 16.99 17.02 29.33
CA GLU F 137 17.16 16.86 30.78
C GLU F 137 15.91 16.31 31.47
N ILE F 138 14.74 16.74 31.00
CA ILE F 138 13.47 16.29 31.56
C ILE F 138 13.12 14.86 31.13
N ALA F 139 13.38 14.54 29.86
CA ALA F 139 13.05 13.23 29.31
C ALA F 139 13.69 12.09 30.08
N ALA F 140 14.98 12.24 30.37
CA ALA F 140 15.72 11.24 31.13
C ALA F 140 15.23 11.16 32.57
N ASN F 141 15.00 12.33 33.18
CA ASN F 141 14.54 12.39 34.57
C ASN F 141 13.10 11.92 34.75
N HIS F 142 12.29 12.08 33.70
CA HIS F 142 10.89 11.61 33.73
C HIS F 142 10.84 10.08 33.79
N ILE F 143 11.81 9.42 33.16
CA ILE F 143 11.94 7.97 33.25
C ILE F 143 12.30 7.57 34.68
N LEU F 144 13.27 8.28 35.27
CA LEU F 144 13.68 8.04 36.66
C LEU F 144 12.55 8.33 37.64
N LYS F 145 11.82 9.42 37.43
CA LYS F 145 10.68 9.78 38.26
C LYS F 145 9.60 8.71 38.20
N THR F 146 9.28 8.26 36.99
CA THR F 146 8.30 7.20 36.78
C THR F 146 8.79 5.86 37.35
N ARG F 147 10.09 5.61 37.24
CA ARG F 147 10.69 4.41 37.81
C ARG F 147 10.61 4.44 39.34
N GLU F 148 10.86 5.62 39.91
CA GLU F 148 10.73 5.82 41.36
C GLU F 148 9.26 5.75 41.77
N LYS F 149 8.38 6.23 40.88
CA LYS F 149 6.94 6.22 41.13
C LYS F 149 6.40 4.79 41.14
N LEU F 150 6.82 3.98 40.18
CA LEU F 150 6.37 2.59 40.07
C LEU F 150 6.94 1.72 41.18
N ASN F 151 8.25 1.80 41.36
CA ASN F 151 8.95 0.95 42.34
C ASN F 151 8.53 1.22 43.80
N ARG F 152 8.20 2.48 44.10
CA ARG F 152 7.77 2.84 45.45
C ARG F 152 6.41 2.23 45.77
N ILE F 153 5.47 2.36 44.84
CA ILE F 153 4.10 1.86 45.02
C ILE F 153 4.08 0.32 45.05
N LEU F 154 4.89 -0.30 44.20
CA LEU F 154 4.96 -1.76 44.14
C LEU F 154 5.53 -2.32 45.45
N SER F 155 6.60 -1.68 45.94
CA SER F 155 7.26 -2.07 47.18
C SER F 155 6.31 -2.13 48.38
N GLU F 156 5.43 -1.13 48.46
CA GLU F 156 4.46 -1.03 49.55
C GLU F 156 3.46 -2.20 49.54
N ARG F 157 3.02 -2.59 48.36
CA ARG F 157 1.97 -3.60 48.21
C ARG F 157 2.50 -5.03 48.25
N THR F 158 3.69 -5.25 47.68
CA THR F 158 4.37 -6.55 47.81
C THR F 158 4.95 -6.73 49.21
N GLY F 159 5.24 -5.62 49.87
CA GLY F 159 5.77 -5.65 51.23
C GLY F 159 7.26 -5.98 51.27
N GLN F 160 7.95 -5.76 50.16
CA GLN F 160 9.39 -5.99 50.07
C GLN F 160 10.14 -4.66 50.01
N SER F 161 11.47 -4.73 50.09
CA SER F 161 12.31 -3.55 50.08
C SER F 161 12.33 -2.90 48.71
N ILE F 162 12.65 -1.61 48.67
CA ILE F 162 12.71 -0.85 47.41
C ILE F 162 13.94 -1.27 46.61
N GLU F 163 14.99 -1.72 47.31
CA GLU F 163 16.24 -2.12 46.66
C GLU F 163 16.05 -3.36 45.79
N LYS F 164 15.28 -4.33 46.28
CA LYS F 164 15.01 -5.56 45.53
C LYS F 164 14.10 -5.30 44.32
N ILE F 165 13.13 -4.41 44.49
CA ILE F 165 12.18 -4.08 43.43
C ILE F 165 12.89 -3.47 42.23
N GLN F 166 13.79 -2.52 42.48
CA GLN F 166 14.53 -1.83 41.42
C GLN F 166 15.25 -2.78 40.45
N LYS F 167 15.87 -3.83 41.00
CA LYS F 167 16.62 -4.78 40.17
C LYS F 167 15.70 -5.70 39.39
N ASP F 168 14.67 -6.21 40.04
CA ASP F 168 13.71 -7.11 39.40
C ASP F 168 12.89 -6.40 38.32
N THR F 169 12.48 -5.16 38.61
CA THR F 169 11.64 -4.39 37.68
C THR F 169 12.42 -3.69 36.56
N ASP F 170 13.72 -3.92 36.50
CA ASP F 170 14.57 -3.35 35.45
C ASP F 170 14.60 -4.27 34.23
N ARG F 171 14.85 -5.56 34.46
CA ARG F 171 14.92 -6.57 33.39
C ARG F 171 13.63 -7.41 33.35
N ASP F 172 13.53 -8.27 32.35
CA ASP F 172 12.35 -9.11 32.16
C ASP F 172 12.23 -10.18 33.24
N ASN F 173 10.99 -10.62 33.48
CA ASN F 173 10.69 -11.62 34.52
C ASN F 173 9.63 -12.61 34.07
N PHE F 174 9.61 -13.77 34.73
CA PHE F 174 8.57 -14.78 34.50
C PHE F 174 8.28 -15.54 35.79
N LEU F 175 7.33 -15.02 36.57
CA LEU F 175 6.95 -15.62 37.85
C LEU F 175 5.69 -16.46 37.70
N THR F 176 5.71 -17.67 38.24
CA THR F 176 4.53 -18.52 38.30
C THR F 176 3.61 -18.08 39.44
N ALA F 177 2.45 -18.73 39.55
CA ALA F 177 1.49 -18.42 40.61
C ALA F 177 2.11 -18.57 42.01
N GLU F 178 2.91 -19.62 42.20
CA GLU F 178 3.58 -19.86 43.48
C GLU F 178 4.66 -18.82 43.76
N GLU F 179 5.44 -18.49 42.73
CA GLU F 179 6.52 -17.51 42.84
C GLU F 179 5.96 -16.10 43.06
N ALA F 180 4.85 -15.79 42.41
CA ALA F 180 4.18 -14.49 42.56
C ALA F 180 3.61 -14.34 43.96
N LYS F 181 3.13 -15.44 44.54
CA LYS F 181 2.64 -15.47 45.92
C LYS F 181 3.81 -15.26 46.89
N GLU F 182 4.94 -15.90 46.61
CA GLU F 182 6.15 -15.75 47.42
C GLU F 182 6.71 -14.34 47.34
N TYR F 183 6.56 -13.71 46.18
CA TYR F 183 7.02 -12.34 45.96
C TYR F 183 6.17 -11.33 46.75
N GLY F 184 4.89 -11.65 46.91
CA GLY F 184 3.95 -10.75 47.59
C GLY F 184 3.00 -10.05 46.63
N LEU F 185 3.10 -10.36 45.34
CA LEU F 185 2.23 -9.78 44.32
C LEU F 185 0.79 -10.23 44.51
N ILE F 186 0.61 -11.53 44.77
CA ILE F 186 -0.71 -12.08 45.07
C ILE F 186 -0.71 -12.69 46.47
N ASP F 187 -1.90 -12.93 47.01
CA ASP F 187 -2.06 -13.42 48.38
C ASP F 187 -2.25 -14.93 48.44
N GLU F 188 -2.95 -15.49 47.45
CA GLU F 188 -3.19 -16.94 47.40
C GLU F 188 -3.29 -17.46 45.96
N VAL F 189 -2.80 -18.67 45.74
CA VAL F 189 -2.99 -19.38 44.47
C VAL F 189 -4.36 -20.05 44.53
N MET F 190 -5.21 -19.76 43.56
CA MET F 190 -6.59 -20.21 43.59
C MET F 190 -6.69 -21.69 43.19
N VAL F 191 -6.83 -22.54 44.20
CA VAL F 191 -6.92 -24.00 44.00
C VAL F 191 -8.28 -24.36 43.40
N PRO F 192 -8.34 -25.38 42.52
CA PRO F 192 -9.61 -25.85 41.96
C PRO F 192 -10.74 -25.99 42.98
N GLU F 193 -11.94 -25.54 42.59
CA GLU F 193 -13.12 -25.52 43.46
C GLU F 193 -12.88 -24.72 44.73
N LEU G 3 -23.96 -15.06 7.29
CA LEU G 3 -22.90 -15.73 8.10
C LEU G 3 -23.39 -16.05 9.52
N ILE G 4 -23.98 -15.05 10.18
CA ILE G 4 -24.49 -15.19 11.55
C ILE G 4 -25.99 -14.89 11.56
N PRO G 5 -26.83 -15.94 11.69
CA PRO G 5 -28.28 -15.76 11.70
C PRO G 5 -28.86 -15.44 13.09
N THR G 6 -30.14 -15.07 13.10
CA THR G 6 -30.86 -14.67 14.31
C THR G 6 -31.95 -15.69 14.64
N VAL G 7 -32.25 -15.84 15.94
CA VAL G 7 -33.30 -16.72 16.40
C VAL G 7 -34.07 -16.04 17.53
N ILE G 8 -35.40 -16.00 17.44
CA ILE G 8 -36.22 -15.48 18.53
C ILE G 8 -37.38 -16.43 18.86
N GLU G 9 -37.99 -16.19 20.02
CA GLU G 9 -39.11 -17.01 20.50
C GLU G 9 -40.09 -16.20 21.35
N THR G 10 -41.31 -16.72 21.45
CA THR G 10 -42.43 -15.98 22.05
C THR G 10 -42.53 -16.18 23.57
N THR G 11 -42.17 -15.14 24.31
CA THR G 11 -42.37 -15.10 25.76
C THR G 11 -42.07 -13.71 26.31
N GLU G 15 -39.26 -9.50 20.95
CA GLU G 15 -39.62 -10.52 21.94
C GLU G 15 -38.39 -11.01 22.72
N ARG G 16 -37.47 -11.66 22.00
CA ARG G 16 -36.26 -12.22 22.61
C ARG G 16 -35.22 -12.52 21.53
N ALA G 17 -34.37 -11.53 21.24
CA ALA G 17 -33.38 -11.63 20.17
C ALA G 17 -32.13 -12.42 20.60
N TYR G 18 -31.97 -13.62 20.02
CA TYR G 18 -30.76 -14.41 20.20
C TYR G 18 -30.04 -14.58 18.87
N ASP G 19 -28.71 -14.54 18.90
CA ASP G 19 -27.90 -15.03 17.78
C ASP G 19 -27.75 -16.54 17.92
N ILE G 20 -27.34 -17.21 16.86
CA ILE G 20 -27.28 -18.67 16.84
C ILE G 20 -26.35 -19.23 17.92
N TYR G 21 -25.25 -18.53 18.19
CA TYR G 21 -24.29 -18.95 19.21
C TYR G 21 -24.84 -18.74 20.62
N SER G 22 -25.57 -17.66 20.81
CA SER G 22 -26.19 -17.34 22.10
C SER G 22 -27.38 -18.23 22.42
N ARG G 23 -28.08 -18.69 21.39
CA ARG G 23 -29.19 -19.62 21.56
C ARG G 23 -28.66 -20.97 22.05
N LEU G 24 -27.48 -21.36 21.56
CA LEU G 24 -26.79 -22.55 22.04
C LEU G 24 -26.28 -22.37 23.46
N LEU G 25 -25.84 -21.15 23.79
CA LEU G 25 -25.38 -20.83 25.15
C LEU G 25 -26.51 -20.94 26.17
N LYS G 26 -27.75 -20.73 25.73
CA LYS G 26 -28.93 -20.93 26.59
C LYS G 26 -29.05 -22.40 27.03
N ASP G 27 -28.63 -23.32 26.16
CA ASP G 27 -28.61 -24.75 26.47
C ASP G 27 -27.23 -25.21 26.96
N ARG G 28 -26.45 -24.28 27.51
CA ARG G 28 -25.13 -24.55 28.08
C ARG G 28 -24.13 -25.12 27.07
N ILE G 29 -24.17 -24.63 25.84
CA ILE G 29 -23.25 -25.05 24.79
C ILE G 29 -22.36 -23.87 24.39
N ILE G 30 -21.05 -24.04 24.54
CA ILE G 30 -20.06 -23.05 24.12
C ILE G 30 -19.40 -23.53 22.83
N MET G 31 -19.42 -22.68 21.79
CA MET G 31 -18.81 -23.00 20.51
C MET G 31 -17.45 -22.34 20.39
N LEU G 32 -16.45 -23.11 19.99
CA LEU G 32 -15.10 -22.61 19.80
C LEU G 32 -14.61 -23.04 18.42
N GLY G 33 -14.68 -22.14 17.45
CA GLY G 33 -14.29 -22.42 16.07
C GLY G 33 -13.36 -21.38 15.49
N SER G 34 -12.26 -21.11 16.19
CA SER G 34 -11.27 -20.13 15.75
C SER G 34 -9.95 -20.31 16.49
N GLN G 35 -8.92 -19.58 16.07
CA GLN G 35 -7.62 -19.63 16.74
C GLN G 35 -7.75 -19.01 18.13
N ILE G 36 -7.04 -19.57 19.09
CA ILE G 36 -7.17 -19.16 20.49
C ILE G 36 -6.26 -17.95 20.77
N ASP G 37 -6.80 -16.76 20.57
CA ASP G 37 -6.12 -15.51 20.94
C ASP G 37 -6.67 -14.99 22.27
N ASP G 38 -6.20 -13.83 22.71
CA ASP G 38 -6.64 -13.23 23.97
C ASP G 38 -8.11 -12.82 23.96
N ASN G 39 -8.61 -12.40 22.80
CA ASN G 39 -9.99 -11.94 22.66
C ASN G 39 -11.00 -13.08 22.86
N VAL G 40 -10.82 -14.17 22.12
CA VAL G 40 -11.71 -15.32 22.20
C VAL G 40 -11.56 -16.01 23.56
N ALA G 41 -10.34 -16.02 24.09
CA ALA G 41 -10.09 -16.59 25.42
C ALA G 41 -10.85 -15.82 26.49
N ASN G 42 -10.86 -14.50 26.39
CA ASN G 42 -11.60 -13.65 27.33
C ASN G 42 -13.11 -13.90 27.25
N SER G 43 -13.59 -14.22 26.05
CA SER G 43 -15.01 -14.50 25.82
C SER G 43 -15.39 -15.89 26.34
N ILE G 44 -14.55 -16.88 26.07
CA ILE G 44 -14.80 -18.26 26.52
C ILE G 44 -14.82 -18.34 28.05
N VAL G 45 -13.89 -17.65 28.69
CA VAL G 45 -13.82 -17.59 30.15
C VAL G 45 -15.08 -16.93 30.71
N SER G 46 -15.53 -15.86 30.08
CA SER G 46 -16.74 -15.16 30.51
C SER G 46 -17.98 -16.04 30.41
N GLN G 47 -18.03 -16.89 29.39
CA GLN G 47 -19.13 -17.83 29.23
C GLN G 47 -19.09 -18.93 30.29
N LEU G 48 -17.91 -19.46 30.56
CA LEU G 48 -17.74 -20.49 31.59
C LEU G 48 -18.12 -19.96 32.98
N LEU G 49 -17.74 -18.73 33.28
CA LEU G 49 -18.10 -18.09 34.55
C LEU G 49 -19.60 -17.79 34.61
N PHE G 50 -20.18 -17.47 33.45
CA PHE G 50 -21.62 -17.19 33.36
C PHE G 50 -22.47 -18.43 33.58
N LEU G 51 -22.10 -19.52 32.92
CA LEU G 51 -22.85 -20.78 33.03
C LEU G 51 -22.77 -21.37 34.44
N GLN G 52 -21.68 -21.13 35.14
CA GLN G 52 -21.53 -21.53 36.53
C GLN G 52 -22.51 -20.78 37.42
N ALA G 53 -22.65 -19.48 37.19
CA ALA G 53 -23.57 -18.63 37.94
C ALA G 53 -25.03 -19.00 37.66
N GLN G 54 -25.31 -19.43 36.43
CA GLN G 54 -26.65 -19.89 36.05
C GLN G 54 -27.00 -21.18 36.78
N ASP G 55 -26.11 -22.17 36.68
CA ASP G 55 -26.26 -23.43 37.39
C ASP G 55 -24.91 -24.11 37.57
N SER G 56 -24.51 -24.32 38.82
CA SER G 56 -23.20 -24.89 39.14
C SER G 56 -23.15 -26.42 39.06
N GLU G 57 -24.31 -27.05 38.92
CA GLU G 57 -24.41 -28.50 38.91
C GLU G 57 -24.48 -29.09 37.50
N LYS G 58 -25.29 -28.48 36.63
CA LYS G 58 -25.48 -28.96 35.26
C LYS G 58 -24.20 -28.87 34.44
N ASP G 59 -24.06 -29.78 33.48
CA ASP G 59 -22.85 -29.88 32.66
C ASP G 59 -22.81 -28.83 31.57
N ILE G 60 -21.59 -28.51 31.14
CA ILE G 60 -21.35 -27.58 30.05
C ILE G 60 -20.78 -28.34 28.85
N TYR G 61 -21.17 -27.93 27.65
CA TYR G 61 -20.71 -28.57 26.41
C TYR G 61 -19.80 -27.62 25.63
N LEU G 62 -18.54 -28.02 25.47
CA LEU G 62 -17.54 -27.20 24.77
C LEU G 62 -17.14 -27.85 23.45
N TYR G 63 -17.71 -27.37 22.35
CA TYR G 63 -17.34 -27.84 21.02
C TYR G 63 -16.07 -27.15 20.57
N ILE G 64 -15.09 -27.92 20.08
CA ILE G 64 -13.78 -27.38 19.69
C ILE G 64 -13.50 -27.61 18.21
N ASN G 65 -13.02 -26.55 17.55
CA ASN G 65 -12.60 -26.60 16.15
C ASN G 65 -11.54 -25.51 15.92
N SER G 66 -10.40 -25.66 16.58
CA SER G 66 -9.34 -24.66 16.54
C SER G 66 -8.04 -25.24 15.98
N PRO G 67 -7.32 -24.47 15.16
CA PRO G 67 -6.00 -24.90 14.68
C PRO G 67 -4.90 -24.67 15.70
N GLY G 68 -5.14 -23.78 16.67
CA GLY G 68 -4.16 -23.50 17.72
C GLY G 68 -4.36 -22.16 18.38
N GLY G 69 -3.26 -21.58 18.84
CA GLY G 69 -3.28 -20.25 19.46
C GLY G 69 -2.14 -20.04 20.44
N SER G 70 -2.28 -19.04 21.29
CA SER G 70 -1.27 -18.69 22.27
C SER G 70 -1.32 -19.66 23.45
N VAL G 71 -0.19 -19.83 24.12
CA VAL G 71 -0.09 -20.73 25.28
C VAL G 71 -0.78 -20.10 26.47
N THR G 72 -0.42 -18.85 26.76
CA THR G 72 -1.00 -18.12 27.88
C THR G 72 -2.51 -17.92 27.72
N ALA G 73 -2.99 -17.82 26.48
CA ALA G 73 -4.42 -17.72 26.21
C ALA G 73 -5.13 -19.05 26.47
N GLY G 74 -4.44 -20.14 26.13
CA GLY G 74 -4.98 -21.49 26.32
C GLY G 74 -5.10 -21.88 27.78
N PHE G 75 -4.09 -21.51 28.58
CA PHE G 75 -4.10 -21.80 30.01
C PHE G 75 -5.17 -21.01 30.77
N ALA G 76 -5.54 -19.85 30.24
CA ALA G 76 -6.62 -19.07 30.82
C ALA G 76 -7.96 -19.82 30.74
N ILE G 77 -8.18 -20.48 29.59
CA ILE G 77 -9.37 -21.30 29.39
C ILE G 77 -9.25 -22.57 30.22
N TYR G 78 -8.06 -23.18 30.20
CA TYR G 78 -7.80 -24.41 30.95
C TYR G 78 -8.13 -24.22 32.43
N ASP G 79 -7.43 -23.27 33.07
CA ASP G 79 -7.59 -23.02 34.50
C ASP G 79 -9.04 -22.71 34.89
N THR G 80 -9.75 -22.00 34.03
CA THR G 80 -11.15 -21.66 34.27
C THR G 80 -12.02 -22.92 34.26
N ILE G 81 -11.78 -23.81 33.31
CA ILE G 81 -12.53 -25.08 33.22
C ILE G 81 -12.37 -25.93 34.48
N GLN G 82 -11.14 -26.00 34.99
CA GLN G 82 -10.86 -26.81 36.18
C GLN G 82 -11.31 -26.10 37.46
N HIS G 83 -11.32 -24.77 37.44
CA HIS G 83 -11.69 -23.99 38.62
C HIS G 83 -13.19 -24.08 38.95
N ILE G 84 -14.03 -24.01 37.93
CA ILE G 84 -15.49 -24.01 38.13
C ILE G 84 -16.03 -25.40 38.48
N LYS G 85 -17.18 -25.41 39.15
CA LYS G 85 -17.81 -26.66 39.62
C LYS G 85 -18.34 -27.56 38.48
N PRO G 86 -19.06 -26.99 37.50
CA PRO G 86 -19.64 -27.81 36.44
C PRO G 86 -18.63 -28.67 35.68
N ASP G 87 -19.04 -29.89 35.33
CA ASP G 87 -18.22 -30.77 34.51
C ASP G 87 -18.33 -30.36 33.05
N VAL G 88 -17.26 -29.78 32.52
CA VAL G 88 -17.25 -29.29 31.14
C VAL G 88 -16.98 -30.43 30.16
N GLN G 89 -18.01 -30.83 29.41
CA GLN G 89 -17.85 -31.82 28.34
C GLN G 89 -17.04 -31.22 27.20
N THR G 90 -16.45 -32.10 26.38
CA THR G 90 -15.63 -31.68 25.26
C THR G 90 -15.92 -32.53 24.02
N ILE G 91 -16.24 -31.87 22.92
CA ILE G 91 -16.55 -32.54 21.66
C ILE G 91 -15.73 -31.92 20.53
N CYS G 92 -14.72 -32.65 20.05
CA CYS G 92 -13.88 -32.17 18.95
C CYS G 92 -14.56 -32.38 17.60
N ILE G 93 -14.56 -31.35 16.78
CA ILE G 93 -15.07 -31.43 15.41
C ILE G 93 -14.07 -30.79 14.44
N GLY G 94 -14.01 -31.32 13.22
CA GLY G 94 -13.07 -30.84 12.22
C GLY G 94 -11.63 -31.19 12.58
N MET G 95 -11.03 -30.37 13.45
CA MET G 95 -9.68 -30.64 13.96
C MET G 95 -9.49 -30.01 15.34
N ALA G 96 -8.52 -30.55 16.07
CA ALA G 96 -8.08 -29.97 17.34
C ALA G 96 -6.56 -29.99 17.36
N ALA G 97 -5.96 -28.95 16.79
CA ALA G 97 -4.51 -28.89 16.64
C ALA G 97 -3.89 -27.92 17.64
N SER G 98 -2.62 -28.14 17.97
CA SER G 98 -1.85 -27.28 18.85
C SER G 98 -2.53 -27.11 20.22
N MET G 99 -2.86 -25.88 20.61
CA MET G 99 -3.46 -25.62 21.92
C MET G 99 -4.92 -26.09 22.00
N GLY G 100 -5.52 -26.37 20.85
CA GLY G 100 -6.87 -26.92 20.80
C GLY G 100 -6.94 -28.34 21.35
N SER G 101 -5.88 -29.12 21.09
CA SER G 101 -5.77 -30.47 21.63
C SER G 101 -5.51 -30.48 23.13
N PHE G 102 -4.91 -29.40 23.64
CA PHE G 102 -4.66 -29.27 25.08
C PHE G 102 -5.98 -29.10 25.83
N LEU G 103 -6.86 -28.27 25.28
CA LEU G 103 -8.20 -28.07 25.82
C LEU G 103 -9.10 -29.28 25.56
N LEU G 104 -8.80 -30.03 24.50
CA LEU G 104 -9.52 -31.25 24.18
C LEU G 104 -9.33 -32.27 25.31
N ALA G 105 -8.09 -32.45 25.74
CA ALA G 105 -7.75 -33.35 26.85
C ALA G 105 -8.18 -32.79 28.20
N ALA G 106 -8.30 -31.47 28.30
CA ALA G 106 -8.65 -30.79 29.55
C ALA G 106 -10.09 -30.99 30.00
N GLY G 107 -10.92 -31.58 29.15
CA GLY G 107 -12.32 -31.84 29.49
C GLY G 107 -12.50 -32.73 30.71
N ALA G 108 -13.71 -32.73 31.27
CA ALA G 108 -14.03 -33.53 32.44
C ALA G 108 -13.78 -35.01 32.15
N LYS G 109 -13.27 -35.73 33.15
CA LYS G 109 -12.85 -37.12 32.97
C LYS G 109 -14.07 -38.01 32.81
N GLY G 110 -14.13 -38.73 31.70
CA GLY G 110 -15.31 -39.54 31.36
C GLY G 110 -16.19 -38.89 30.32
N LYS G 111 -15.91 -37.61 30.01
CA LYS G 111 -16.73 -36.82 29.08
C LYS G 111 -15.88 -36.05 28.07
N ARG G 112 -14.91 -36.74 27.48
CA ARG G 112 -14.08 -36.17 26.41
C ARG G 112 -14.37 -36.91 25.11
N PHE G 113 -14.94 -36.21 24.14
CA PHE G 113 -15.43 -36.83 22.92
C PHE G 113 -14.79 -36.26 21.66
N ALA G 114 -14.97 -36.96 20.55
CA ALA G 114 -14.54 -36.49 19.22
C ALA G 114 -15.26 -37.28 18.13
N LEU G 115 -15.65 -36.59 17.07
CA LEU G 115 -16.39 -37.22 15.97
C LEU G 115 -15.45 -38.04 15.09
N PRO G 116 -15.99 -39.00 14.31
CA PRO G 116 -15.16 -39.99 13.59
C PRO G 116 -14.03 -39.41 12.74
N ASN G 117 -14.34 -38.39 11.94
CA ASN G 117 -13.36 -37.80 11.02
C ASN G 117 -12.67 -36.56 11.57
N ALA G 118 -12.66 -36.41 12.89
CA ALA G 118 -12.01 -35.27 13.55
C ALA G 118 -10.53 -35.56 13.77
N GLU G 119 -9.68 -34.71 13.23
CA GLU G 119 -8.22 -34.85 13.38
C GLU G 119 -7.73 -34.26 14.70
N VAL G 120 -6.56 -34.69 15.15
CA VAL G 120 -5.95 -34.19 16.38
C VAL G 120 -4.44 -34.03 16.18
N MET G 121 -3.89 -32.97 16.75
CA MET G 121 -2.45 -32.69 16.66
C MET G 121 -1.98 -32.09 17.98
N ILE G 122 -1.02 -32.75 18.61
CA ILE G 122 -0.56 -32.37 19.96
C ILE G 122 0.85 -31.78 19.93
N HIS G 123 1.00 -30.64 19.28
CA HIS G 123 2.27 -29.92 19.24
C HIS G 123 2.06 -28.41 19.09
N GLN G 124 2.56 -27.66 20.07
CA GLN G 124 2.51 -26.20 20.05
C GLN G 124 3.83 -25.63 19.53
N PRO G 125 3.82 -25.00 18.34
CA PRO G 125 5.00 -24.25 17.91
C PRO G 125 5.05 -22.95 18.71
N LEU G 126 6.06 -22.11 18.48
CA LEU G 126 6.22 -20.93 19.34
C LEU G 126 6.07 -19.57 18.65
N GLY G 127 5.22 -18.73 19.24
CA GLY G 127 5.19 -17.30 18.99
C GLY G 127 5.51 -16.62 20.30
N GLY G 128 4.87 -15.48 20.56
CA GLY G 128 5.07 -14.74 21.81
C GLY G 128 6.54 -14.60 22.23
N ALA G 129 7.40 -14.37 21.24
CA ALA G 129 8.84 -14.32 21.45
C ALA G 129 9.34 -12.93 21.83
N GLN G 130 8.44 -11.94 21.81
CA GLN G 130 8.77 -10.54 22.07
C GLN G 130 9.38 -10.27 23.45
N GLY G 131 8.59 -10.46 24.50
CA GLY G 131 9.00 -10.14 25.87
C GLY G 131 10.21 -10.92 26.37
N GLN G 132 10.41 -12.12 25.83
CA GLN G 132 11.53 -12.98 26.20
C GLN G 132 12.82 -12.59 25.49
N ALA G 133 12.70 -12.08 24.26
CA ALA G 133 13.85 -11.82 23.38
C ALA G 133 14.91 -10.84 23.91
N THR G 134 14.60 -10.13 24.99
CA THR G 134 15.54 -9.14 25.55
C THR G 134 16.68 -9.81 26.31
N GLU G 135 16.35 -10.75 27.19
CA GLU G 135 17.36 -11.49 27.96
C GLU G 135 17.53 -12.91 27.41
N ILE G 136 18.76 -13.41 27.44
CA ILE G 136 19.11 -14.67 26.76
C ILE G 136 18.84 -15.89 27.64
N GLU G 137 19.40 -15.89 28.85
CA GLU G 137 19.33 -17.04 29.75
C GLU G 137 17.89 -17.40 30.12
N ILE G 138 17.05 -16.38 30.32
CA ILE G 138 15.65 -16.58 30.69
C ILE G 138 14.81 -17.05 29.50
N ALA G 139 15.06 -16.47 28.33
CA ALA G 139 14.29 -16.78 27.12
C ALA G 139 14.32 -18.26 26.78
N ALA G 140 15.52 -18.84 26.82
CA ALA G 140 15.70 -20.26 26.54
C ALA G 140 15.06 -21.12 27.62
N ASN G 141 15.25 -20.73 28.88
CA ASN G 141 14.69 -21.48 30.01
C ASN G 141 13.18 -21.37 30.13
N HIS G 142 12.62 -20.26 29.65
CA HIS G 142 11.17 -20.06 29.64
C HIS G 142 10.49 -21.03 28.68
N ILE G 143 11.18 -21.36 27.59
CA ILE G 143 10.69 -22.38 26.66
C ILE G 143 10.70 -23.74 27.35
N LEU G 144 11.79 -24.06 28.02
CA LEU G 144 11.91 -25.33 28.78
C LEU G 144 10.89 -25.42 29.90
N LYS G 145 10.70 -24.31 30.63
CA LYS G 145 9.71 -24.25 31.70
C LYS G 145 8.31 -24.47 31.18
N THR G 146 7.97 -23.81 30.07
CA THR G 146 6.67 -23.96 29.42
C THR G 146 6.51 -25.36 28.81
N ARG G 147 7.60 -25.92 28.31
CA ARG G 147 7.59 -27.29 27.79
C ARG G 147 7.35 -28.29 28.93
N GLU G 148 7.99 -28.05 30.07
CA GLU G 148 7.79 -28.87 31.26
C GLU G 148 6.38 -28.65 31.82
N LYS G 149 5.88 -27.43 31.69
CA LYS G 149 4.54 -27.07 32.15
C LYS G 149 3.47 -27.77 31.33
N LEU G 150 3.64 -27.77 30.01
CA LEU G 150 2.68 -28.39 29.10
C LEU G 150 2.71 -29.91 29.18
N ASN G 151 3.92 -30.48 29.11
CA ASN G 151 4.09 -31.93 29.09
C ASN G 151 3.66 -32.62 30.39
N ARG G 152 3.83 -31.92 31.52
CA ARG G 152 3.43 -32.46 32.82
C ARG G 152 1.91 -32.56 32.92
N ILE G 153 1.22 -31.49 32.54
CA ILE G 153 -0.24 -31.44 32.62
C ILE G 153 -0.89 -32.41 31.62
N LEU G 154 -0.31 -32.51 30.43
CA LEU G 154 -0.83 -33.40 29.39
C LEU G 154 -0.68 -34.87 29.84
N SER G 155 0.48 -35.19 30.39
CA SER G 155 0.77 -36.54 30.87
C SER G 155 -0.25 -37.03 31.89
N GLU G 156 -0.65 -36.16 32.81
CA GLU G 156 -1.62 -36.50 33.85
C GLU G 156 -2.99 -36.86 33.27
N ARG G 157 -3.42 -36.11 32.26
CA ARG G 157 -4.76 -36.27 31.69
C ARG G 157 -4.86 -37.38 30.66
N THR G 158 -3.82 -37.56 29.86
CA THR G 158 -3.72 -38.69 28.94
C THR G 158 -3.44 -39.99 29.69
N GLY G 159 -2.81 -39.87 30.86
CA GLY G 159 -2.49 -41.02 31.70
C GLY G 159 -1.29 -41.79 31.20
N GLN G 160 -0.44 -41.15 30.39
CA GLN G 160 0.79 -41.76 29.89
C GLN G 160 2.02 -41.17 30.59
N SER G 161 3.17 -41.76 30.32
CA SER G 161 4.43 -41.32 30.93
C SER G 161 4.86 -39.97 30.38
N ILE G 162 5.69 -39.26 31.15
CA ILE G 162 6.20 -37.94 30.74
C ILE G 162 7.24 -38.11 29.62
N GLU G 163 7.91 -39.25 29.61
CA GLU G 163 8.95 -39.52 28.61
C GLU G 163 8.39 -39.61 27.20
N LYS G 164 7.23 -40.27 27.06
CA LYS G 164 6.58 -40.42 25.77
C LYS G 164 5.99 -39.10 25.26
N ILE G 165 5.46 -38.30 26.18
CA ILE G 165 4.85 -37.02 25.83
C ILE G 165 5.90 -36.07 25.24
N GLN G 166 7.06 -35.98 25.87
CA GLN G 166 8.13 -35.09 25.42
C GLN G 166 8.51 -35.28 23.94
N LYS G 167 8.58 -36.53 23.51
CA LYS G 167 8.97 -36.85 22.13
C LYS G 167 7.87 -36.53 21.13
N ASP G 168 6.64 -36.92 21.47
CA ASP G 168 5.48 -36.69 20.61
C ASP G 168 5.15 -35.20 20.50
N THR G 169 5.25 -34.47 21.61
CA THR G 169 4.91 -33.04 21.64
C THR G 169 6.02 -32.12 21.14
N ASP G 170 7.12 -32.71 20.67
CA ASP G 170 8.23 -31.93 20.12
C ASP G 170 8.03 -31.68 18.63
N ARG G 171 7.70 -32.74 17.88
CA ARG G 171 7.48 -32.65 16.43
C ARG G 171 5.99 -32.66 16.11
N ASP G 172 5.67 -32.48 14.83
CA ASP G 172 4.27 -32.45 14.38
C ASP G 172 3.60 -33.81 14.47
N ASN G 173 2.27 -33.80 14.61
CA ASN G 173 1.49 -35.02 14.74
C ASN G 173 0.17 -34.94 13.99
N PHE G 174 -0.40 -36.11 13.68
CA PHE G 174 -1.73 -36.22 13.07
C PHE G 174 -2.45 -37.48 13.54
N LEU G 175 -3.20 -37.34 14.63
CA LEU G 175 -3.92 -38.46 15.23
C LEU G 175 -5.39 -38.41 14.84
N THR G 176 -5.92 -39.56 14.41
CA THR G 176 -7.35 -39.69 14.12
C THR G 176 -8.13 -39.87 15.42
N ALA G 177 -9.46 -39.92 15.32
CA ALA G 177 -10.33 -40.10 16.48
C ALA G 177 -9.99 -41.38 17.25
N GLU G 178 -9.72 -42.46 16.52
CA GLU G 178 -9.36 -43.74 17.14
C GLU G 178 -7.98 -43.68 17.79
N GLU G 179 -7.03 -43.05 17.11
CA GLU G 179 -5.67 -42.91 17.63
C GLU G 179 -5.62 -41.97 18.84
N ALA G 180 -6.43 -40.92 18.81
CA ALA G 180 -6.53 -39.98 19.94
C ALA G 180 -7.14 -40.65 21.16
N LYS G 181 -8.09 -41.55 20.93
CA LYS G 181 -8.70 -42.35 21.99
C LYS G 181 -7.67 -43.32 22.59
N GLU G 182 -6.87 -43.93 21.73
CA GLU G 182 -5.81 -44.84 22.15
C GLU G 182 -4.72 -44.10 22.92
N TYR G 183 -4.47 -42.86 22.54
CA TYR G 183 -3.46 -42.03 23.21
C TYR G 183 -3.92 -41.64 24.62
N GLY G 184 -5.23 -41.47 24.79
CA GLY G 184 -5.80 -41.02 26.07
C GLY G 184 -6.27 -39.58 26.05
N LEU G 185 -6.14 -38.92 24.90
CA LEU G 185 -6.57 -37.53 24.75
C LEU G 185 -8.09 -37.42 24.89
N ILE G 186 -8.81 -38.33 24.23
CA ILE G 186 -10.27 -38.42 24.35
C ILE G 186 -10.67 -39.77 24.95
N ASP G 187 -11.91 -39.84 25.42
CA ASP G 187 -12.42 -41.03 26.10
C ASP G 187 -13.20 -41.94 25.17
N GLU G 188 -13.95 -41.36 24.24
CA GLU G 188 -14.75 -42.14 23.28
C GLU G 188 -14.89 -41.43 21.92
N VAL G 189 -14.91 -42.22 20.86
CA VAL G 189 -15.22 -41.72 19.53
C VAL G 189 -16.74 -41.68 19.40
N MET G 190 -17.29 -40.51 19.08
CA MET G 190 -18.73 -40.31 19.09
C MET G 190 -19.38 -40.92 17.84
N VAL G 191 -19.96 -42.10 18.01
CA VAL G 191 -20.61 -42.83 16.92
C VAL G 191 -21.93 -42.14 16.54
N PRO G 192 -22.29 -42.16 15.24
CA PRO G 192 -23.57 -41.60 14.79
C PRO G 192 -24.77 -41.97 15.66
N GLU G 193 -25.63 -40.98 15.92
CA GLU G 193 -26.79 -41.12 16.81
C GLU G 193 -26.39 -41.59 18.20
N LEU H 3 27.15 11.30 -2.90
CA LEU H 3 27.31 10.29 -1.79
C LEU H 3 28.61 9.50 -1.94
N ILE H 4 28.84 8.97 -3.13
CA ILE H 4 30.04 8.18 -3.43
C ILE H 4 30.84 8.85 -4.56
N PRO H 5 31.99 9.46 -4.22
CA PRO H 5 32.81 10.15 -5.21
C PRO H 5 33.80 9.24 -5.92
N THR H 6 34.42 9.77 -6.97
CA THR H 6 35.38 9.05 -7.82
C THR H 6 36.78 9.64 -7.65
N VAL H 7 37.79 8.81 -7.81
CA VAL H 7 39.19 9.24 -7.77
C VAL H 7 39.97 8.52 -8.86
N ILE H 8 40.73 9.27 -9.66
CA ILE H 8 41.61 8.65 -10.66
C ILE H 8 43.01 9.25 -10.61
N GLU H 9 43.96 8.57 -11.26
CA GLU H 9 45.36 8.99 -11.27
C GLU H 9 46.07 8.58 -12.57
N THR H 10 47.15 9.27 -12.88
CA THR H 10 47.84 9.14 -14.17
C THR H 10 48.89 8.02 -14.17
N THR H 11 48.57 6.92 -14.85
CA THR H 11 49.53 5.84 -15.12
C THR H 11 48.96 4.82 -16.12
N GLU H 15 41.87 6.47 -17.45
CA GLU H 15 43.19 6.16 -16.92
C GLU H 15 43.13 5.06 -15.87
N ARG H 16 42.47 5.35 -14.74
CA ARG H 16 42.36 4.42 -13.63
C ARG H 16 41.22 4.84 -12.69
N ALA H 17 40.02 4.34 -12.96
CA ALA H 17 38.82 4.72 -12.20
C ALA H 17 38.69 3.97 -10.88
N TYR H 18 38.88 4.69 -9.78
CA TYR H 18 38.63 4.17 -8.43
C TYR H 18 37.49 4.92 -7.77
N ASP H 19 36.66 4.20 -7.01
CA ASP H 19 35.75 4.83 -6.06
C ASP H 19 36.52 5.09 -4.76
N ILE H 20 35.98 5.94 -3.90
CA ILE H 20 36.68 6.36 -2.69
C ILE H 20 37.02 5.18 -1.78
N TYR H 21 36.12 4.20 -1.73
CA TYR H 21 36.34 3.01 -0.90
C TYR H 21 37.41 2.09 -1.50
N SER H 22 37.42 2.00 -2.83
CA SER H 22 38.40 1.17 -3.54
C SER H 22 39.79 1.79 -3.53
N ARG H 23 39.86 3.11 -3.52
CA ARG H 23 41.14 3.81 -3.43
C ARG H 23 41.77 3.53 -2.07
N LEU H 24 40.95 3.45 -1.04
CA LEU H 24 41.42 3.07 0.30
C LEU H 24 41.83 1.60 0.35
N LEU H 25 41.13 0.76 -0.40
CA LEU H 25 41.47 -0.65 -0.50
C LEU H 25 42.84 -0.88 -1.16
N LYS H 26 43.26 0.06 -2.01
CA LYS H 26 44.59 0.03 -2.62
C LYS H 26 45.68 0.18 -1.55
N ASP H 27 45.38 0.93 -0.49
CA ASP H 27 46.29 1.08 0.65
C ASP H 27 45.95 0.12 1.79
N ARG H 28 45.31 -1.00 1.46
CA ARG H 28 44.95 -2.06 2.41
C ARG H 28 44.04 -1.58 3.55
N ILE H 29 43.07 -0.72 3.21
CA ILE H 29 42.10 -0.22 4.17
C ILE H 29 40.70 -0.69 3.79
N ILE H 30 40.06 -1.43 4.68
CA ILE H 30 38.69 -1.89 4.50
C ILE H 30 37.76 -1.06 5.38
N MET H 31 36.74 -0.47 4.77
CA MET H 31 35.76 0.35 5.48
C MET H 31 34.50 -0.45 5.76
N LEU H 32 34.05 -0.43 7.00
CA LEU H 32 32.82 -1.10 7.41
C LEU H 32 31.94 -0.12 8.16
N GLY H 33 30.95 0.44 7.46
CA GLY H 33 30.05 1.44 8.03
C GLY H 33 28.59 1.11 7.79
N SER H 34 28.17 -0.10 8.15
CA SER H 34 26.79 -0.53 7.98
C SER H 34 26.49 -1.76 8.84
N GLN H 35 25.22 -2.16 8.89
CA GLN H 35 24.84 -3.35 9.66
C GLN H 35 25.39 -4.59 8.97
N ILE H 36 25.81 -5.56 9.77
CA ILE H 36 26.50 -6.75 9.25
C ILE H 36 25.49 -7.81 8.80
N ASP H 37 25.07 -7.70 7.54
CA ASP H 37 24.22 -8.73 6.91
C ASP H 37 25.08 -9.68 6.07
N ASP H 38 24.44 -10.61 5.37
CA ASP H 38 25.16 -11.58 4.54
C ASP H 38 25.86 -10.92 3.35
N ASN H 39 25.27 -9.86 2.81
CA ASN H 39 25.83 -9.19 1.62
C ASN H 39 27.15 -8.50 1.93
N VAL H 40 27.16 -7.67 2.97
CA VAL H 40 28.36 -6.94 3.36
C VAL H 40 29.43 -7.90 3.91
N ALA H 41 28.98 -8.96 4.58
CA ALA H 41 29.88 -9.98 5.09
C ALA H 41 30.61 -10.68 3.94
N ASN H 42 29.88 -10.98 2.87
CA ASN H 42 30.45 -11.60 1.69
C ASN H 42 31.48 -10.69 1.02
N SER H 43 31.23 -9.39 1.06
CA SER H 43 32.13 -8.39 0.48
C SER H 43 33.39 -8.19 1.32
N ILE H 44 33.22 -8.13 2.64
CA ILE H 44 34.34 -7.96 3.56
C ILE H 44 35.29 -9.15 3.49
N VAL H 45 34.73 -10.35 3.43
CA VAL H 45 35.53 -11.58 3.31
C VAL H 45 36.30 -11.60 1.99
N SER H 46 35.65 -11.17 0.91
CA SER H 46 36.30 -11.09 -0.40
C SER H 46 37.48 -10.12 -0.41
N GLN H 47 37.35 -9.03 0.33
CA GLN H 47 38.43 -8.04 0.45
C GLN H 47 39.59 -8.59 1.26
N LEU H 48 39.28 -9.27 2.36
CA LEU H 48 40.31 -9.87 3.21
C LEU H 48 41.09 -10.95 2.45
N LEU H 49 40.39 -11.75 1.67
CA LEU H 49 41.03 -12.78 0.84
C LEU H 49 41.86 -12.15 -0.28
N PHE H 50 41.38 -11.03 -0.80
CA PHE H 50 42.07 -10.30 -1.87
C PHE H 50 43.38 -9.68 -1.38
N LEU H 51 43.32 -9.00 -0.24
CA LEU H 51 44.50 -8.33 0.32
C LEU H 51 45.58 -9.33 0.74
N GLN H 52 45.17 -10.53 1.14
CA GLN H 52 46.12 -11.61 1.44
C GLN H 52 46.87 -12.03 0.19
N ALA H 53 46.14 -12.17 -0.91
CA ALA H 53 46.73 -12.54 -2.21
C ALA H 53 47.68 -11.47 -2.73
N GLN H 54 47.34 -10.20 -2.48
CA GLN H 54 48.19 -9.07 -2.86
C GLN H 54 49.50 -9.11 -2.07
N ASP H 55 49.40 -9.19 -0.76
CA ASP H 55 50.57 -9.31 0.11
C ASP H 55 50.17 -9.95 1.44
N SER H 56 50.75 -11.10 1.74
CA SER H 56 50.41 -11.86 2.95
C SER H 56 51.12 -11.37 4.22
N GLU H 57 52.09 -10.46 4.06
CA GLU H 57 52.88 -9.96 5.18
C GLU H 57 52.41 -8.62 5.72
N LYS H 58 52.10 -7.69 4.81
CA LYS H 58 51.67 -6.35 5.20
C LYS H 58 50.34 -6.36 5.95
N ASP H 59 50.17 -5.38 6.84
CA ASP H 59 48.99 -5.32 7.71
C ASP H 59 47.77 -4.78 6.98
N ILE H 60 46.59 -5.16 7.45
CA ILE H 60 45.31 -4.68 6.93
C ILE H 60 44.65 -3.78 7.97
N TYR H 61 43.97 -2.73 7.50
CA TYR H 61 43.29 -1.78 8.37
C TYR H 61 41.78 -1.91 8.22
N LEU H 62 41.10 -2.30 9.29
CA LEU H 62 39.64 -2.49 9.27
C LEU H 62 38.94 -1.44 10.14
N TYR H 63 38.40 -0.40 9.50
CA TYR H 63 37.63 0.63 10.20
C TYR H 63 36.19 0.16 10.41
N ILE H 64 35.72 0.26 11.66
CA ILE H 64 34.40 -0.26 12.04
C ILE H 64 33.46 0.85 12.50
N ASN H 65 32.24 0.83 11.99
CA ASN H 65 31.18 1.74 12.39
C ASN H 65 29.83 1.06 12.16
N SER H 66 29.60 -0.02 12.90
CA SER H 66 28.39 -0.84 12.73
C SER H 66 27.55 -0.88 14.00
N PRO H 67 26.21 -0.80 13.86
CA PRO H 67 25.33 -0.96 15.02
C PRO H 67 25.12 -2.42 15.41
N GLY H 68 25.38 -3.33 14.48
CA GLY H 68 25.25 -4.76 14.74
C GLY H 68 25.03 -5.58 13.49
N GLY H 69 24.32 -6.70 13.64
CA GLY H 69 24.02 -7.58 12.52
C GLY H 69 23.79 -9.02 12.94
N SER H 70 23.86 -9.92 11.98
CA SER H 70 23.63 -11.35 12.21
C SER H 70 24.85 -11.98 12.87
N VAL H 71 24.62 -13.05 13.62
CA VAL H 71 25.70 -13.76 14.30
C VAL H 71 26.51 -14.56 13.29
N THR H 72 25.81 -15.35 12.49
CA THR H 72 26.45 -16.17 11.46
C THR H 72 27.21 -15.32 10.43
N ALA H 73 26.73 -14.11 10.18
CA ALA H 73 27.41 -13.18 9.27
C ALA H 73 28.67 -12.62 9.90
N GLY H 74 28.62 -12.39 11.21
CA GLY H 74 29.75 -11.86 11.95
C GLY H 74 30.89 -12.87 12.08
N PHE H 75 30.54 -14.14 12.32
CA PHE H 75 31.53 -15.20 12.44
C PHE H 75 32.25 -15.47 11.12
N ALA H 76 31.58 -15.22 10.00
CA ALA H 76 32.19 -15.36 8.68
C ALA H 76 33.36 -14.38 8.51
N ILE H 77 33.17 -13.17 9.00
CA ILE H 77 34.22 -12.15 8.99
C ILE H 77 35.28 -12.50 10.02
N TYR H 78 34.84 -12.92 11.20
CA TYR H 78 35.75 -13.30 12.30
C TYR H 78 36.72 -14.39 11.85
N ASP H 79 36.17 -15.52 11.43
CA ASP H 79 36.98 -16.67 11.00
C ASP H 79 37.96 -16.30 9.88
N THR H 80 37.52 -15.48 8.95
CA THR H 80 38.36 -15.05 7.83
C THR H 80 39.55 -14.22 8.33
N ILE H 81 39.30 -13.34 9.29
CA ILE H 81 40.37 -12.50 9.85
C ILE H 81 41.44 -13.34 10.53
N GLN H 82 41.01 -14.35 11.29
CA GLN H 82 41.96 -15.22 11.99
C GLN H 82 42.63 -16.21 11.05
N HIS H 83 41.94 -16.60 9.98
CA HIS H 83 42.46 -17.59 9.05
C HIS H 83 43.64 -17.07 8.23
N ILE H 84 43.51 -15.84 7.74
CA ILE H 84 44.55 -15.25 6.87
C ILE H 84 45.80 -14.85 7.64
N LYS H 85 46.92 -14.78 6.92
CA LYS H 85 48.22 -14.47 7.51
C LYS H 85 48.35 -13.03 8.02
N PRO H 86 47.96 -12.04 7.21
CA PRO H 86 48.11 -10.63 7.60
C PRO H 86 47.48 -10.29 8.96
N ASP H 87 48.15 -9.44 9.71
CA ASP H 87 47.62 -8.93 10.97
C ASP H 87 46.62 -7.82 10.68
N VAL H 88 45.34 -8.10 10.90
CA VAL H 88 44.27 -7.15 10.64
C VAL H 88 44.13 -6.16 11.80
N GLN H 89 44.52 -4.92 11.56
CA GLN H 89 44.31 -3.84 12.53
C GLN H 89 42.83 -3.51 12.62
N THR H 90 42.44 -2.89 13.73
CA THR H 90 41.04 -2.54 13.96
C THR H 90 40.93 -1.14 14.57
N ILE H 91 40.13 -0.28 13.94
CA ILE H 91 39.94 1.08 14.40
C ILE H 91 38.45 1.39 14.48
N CYS H 92 37.91 1.47 15.69
CA CYS H 92 36.50 1.78 15.89
C CYS H 92 36.24 3.28 15.77
N ILE H 93 35.22 3.64 14.99
CA ILE H 93 34.78 5.03 14.86
C ILE H 93 33.26 5.11 15.03
N GLY H 94 32.79 6.21 15.58
CA GLY H 94 31.35 6.40 15.82
C GLY H 94 30.83 5.49 16.91
N MET H 95 30.56 4.23 16.54
CA MET H 95 30.15 3.21 17.51
C MET H 95 30.52 1.82 17.02
N ALA H 96 30.63 0.88 17.96
CA ALA H 96 30.79 -0.54 17.65
C ALA H 96 29.87 -1.32 18.57
N ALA H 97 28.63 -1.49 18.13
CA ALA H 97 27.60 -2.14 18.94
C ALA H 97 27.30 -3.54 18.44
N SER H 98 26.82 -4.39 19.36
CA SER H 98 26.40 -5.74 19.05
C SER H 98 27.54 -6.54 18.40
N MET H 99 27.34 -7.07 17.19
CA MET H 99 28.37 -7.89 16.54
C MET H 99 29.58 -7.08 16.08
N GLY H 100 29.42 -5.76 16.00
CA GLY H 100 30.53 -4.86 15.66
C GLY H 100 31.62 -4.86 16.72
N SER H 101 31.21 -4.95 17.98
CA SER H 101 32.15 -5.03 19.10
C SER H 101 32.86 -6.38 19.14
N PHE H 102 32.22 -7.41 18.60
CA PHE H 102 32.85 -8.74 18.51
C PHE H 102 34.02 -8.70 17.54
N LEU H 103 33.80 -8.06 16.39
CA LEU H 103 34.87 -7.87 15.40
C LEU H 103 35.89 -6.84 15.87
N LEU H 104 35.46 -5.91 16.72
CA LEU H 104 36.37 -4.93 17.31
C LEU H 104 37.44 -5.62 18.14
N ALA H 105 37.01 -6.56 18.98
CA ALA H 105 37.92 -7.36 19.82
C ALA H 105 38.69 -8.40 19.01
N ALA H 106 38.14 -8.80 17.87
CA ALA H 106 38.74 -9.84 17.03
C ALA H 106 40.02 -9.40 16.30
N GLY H 107 40.33 -8.11 16.34
CA GLY H 107 41.54 -7.59 15.70
C GLY H 107 42.82 -8.21 16.22
N ALA H 108 43.90 -8.05 15.46
CA ALA H 108 45.20 -8.59 15.84
C ALA H 108 45.65 -8.05 17.19
N LYS H 109 46.27 -8.91 17.99
CA LYS H 109 46.62 -8.57 19.37
C LYS H 109 47.76 -7.56 19.37
N GLY H 110 47.50 -6.40 20.00
CA GLY H 110 48.45 -5.29 19.99
C GLY H 110 48.05 -4.18 19.02
N LYS H 111 47.05 -4.46 18.19
CA LYS H 111 46.62 -3.52 17.14
C LYS H 111 45.09 -3.37 17.11
N ARG H 112 44.49 -3.20 18.28
CA ARG H 112 43.07 -2.93 18.40
C ARG H 112 42.86 -1.52 18.93
N PHE H 113 42.29 -0.65 18.10
CA PHE H 113 42.19 0.78 18.42
C PHE H 113 40.75 1.29 18.42
N ALA H 114 40.58 2.50 18.96
CA ALA H 114 39.29 3.19 18.95
C ALA H 114 39.52 4.67 19.24
N LEU H 115 38.77 5.53 18.54
CA LEU H 115 38.92 6.98 18.71
C LEU H 115 38.23 7.46 19.99
N PRO H 116 38.60 8.65 20.51
CA PRO H 116 38.17 9.10 21.84
C PRO H 116 36.67 9.03 22.10
N ASN H 117 35.86 9.53 21.18
CA ASN H 117 34.42 9.60 21.36
C ASN H 117 33.66 8.43 20.72
N ALA H 118 34.37 7.32 20.50
CA ALA H 118 33.75 6.13 19.91
C ALA H 118 33.11 5.28 21.00
N GLU H 119 31.81 5.01 20.86
CA GLU H 119 31.08 4.18 21.82
C GLU H 119 31.24 2.69 21.52
N VAL H 120 31.00 1.86 22.53
CA VAL H 120 31.08 0.40 22.38
C VAL H 120 29.94 -0.25 23.16
N MET H 121 29.38 -1.32 22.58
CA MET H 121 28.28 -2.05 23.21
C MET H 121 28.45 -3.54 22.90
N ILE H 122 28.57 -4.36 23.95
CA ILE H 122 28.87 -5.79 23.80
C ILE H 122 27.67 -6.67 24.17
N HIS H 123 26.60 -6.56 23.39
CA HIS H 123 25.42 -7.39 23.58
C HIS H 123 24.69 -7.62 22.25
N GLN H 124 24.57 -8.88 21.86
CA GLN H 124 23.84 -9.26 20.66
C GLN H 124 22.41 -9.69 21.01
N PRO H 125 21.39 -8.90 20.60
CA PRO H 125 20.02 -9.40 20.72
C PRO H 125 19.78 -10.45 19.64
N LEU H 126 18.59 -11.03 19.57
CA LEU H 126 18.38 -12.15 18.64
C LEU H 126 17.37 -11.91 17.52
N GLY H 127 17.83 -12.21 16.31
CA GLY H 127 16.95 -12.41 15.15
C GLY H 127 17.17 -13.85 14.69
N GLY H 128 17.13 -14.06 13.37
CA GLY H 128 17.35 -15.39 12.79
C GLY H 128 16.61 -16.51 13.52
N ALA H 129 15.38 -16.22 13.92
CA ALA H 129 14.57 -17.15 14.72
C ALA H 129 13.77 -18.13 13.85
N GLN H 130 13.82 -17.94 12.53
CA GLN H 130 13.03 -18.74 11.58
C GLN H 130 13.33 -20.25 11.62
N GLY H 131 14.54 -20.63 11.22
CA GLY H 131 14.92 -22.04 11.10
C GLY H 131 14.86 -22.84 12.40
N GLN H 132 15.03 -22.14 13.52
CA GLN H 132 14.99 -22.76 14.85
C GLN H 132 13.57 -22.97 15.35
N ALA H 133 12.65 -22.06 14.97
CA ALA H 133 11.29 -22.02 15.51
C ALA H 133 10.43 -23.27 15.30
N THR H 134 10.89 -24.20 14.45
CA THR H 134 10.14 -25.43 14.16
C THR H 134 10.21 -26.42 15.32
N GLU H 135 11.42 -26.69 15.80
CA GLU H 135 11.63 -27.60 16.93
C GLU H 135 11.92 -26.82 18.22
N ILE H 136 11.43 -27.33 19.34
CA ILE H 136 11.46 -26.60 20.61
C ILE H 136 12.77 -26.80 21.37
N GLU H 137 13.12 -28.06 21.61
CA GLU H 137 14.30 -28.41 22.43
C GLU H 137 15.60 -27.87 21.84
N ILE H 138 15.70 -27.89 20.51
CA ILE H 138 16.91 -27.42 19.81
C ILE H 138 16.98 -25.89 19.77
N ALA H 139 15.82 -25.24 19.56
CA ALA H 139 15.76 -23.78 19.45
C ALA H 139 16.31 -23.08 20.69
N ALA H 140 15.88 -23.56 21.85
CA ALA H 140 16.33 -23.01 23.13
C ALA H 140 17.82 -23.30 23.36
N ASN H 141 18.24 -24.52 23.06
CA ASN H 141 19.63 -24.93 23.25
C ASN H 141 20.58 -24.27 22.25
N HIS H 142 20.08 -23.94 21.06
CA HIS H 142 20.89 -23.26 20.05
C HIS H 142 21.25 -21.84 20.51
N ILE H 143 20.35 -21.21 21.27
CA ILE H 143 20.63 -19.91 21.88
C ILE H 143 21.72 -20.05 22.93
N LEU H 144 21.61 -21.09 23.77
CA LEU H 144 22.62 -21.38 24.80
C LEU H 144 23.97 -21.75 24.19
N LYS H 145 23.94 -22.54 23.12
CA LYS H 145 25.16 -22.92 22.40
C LYS H 145 25.84 -21.70 21.79
N THR H 146 25.06 -20.84 21.15
CA THR H 146 25.56 -19.61 20.56
C THR H 146 26.06 -18.64 21.65
N ARG H 147 25.35 -18.62 22.78
CA ARG H 147 25.76 -17.78 23.92
C ARG H 147 27.08 -18.27 24.49
N GLU H 148 27.23 -19.59 24.59
CA GLU H 148 28.48 -20.21 25.03
C GLU H 148 29.58 -19.99 23.98
N LYS H 149 29.18 -20.00 22.71
CA LYS H 149 30.11 -19.80 21.59
C LYS H 149 30.68 -18.38 21.61
N LEU H 150 29.79 -17.41 21.79
CA LEU H 150 30.17 -15.99 21.80
C LEU H 150 30.97 -15.62 23.04
N ASN H 151 30.47 -16.00 24.21
CA ASN H 151 31.10 -15.64 25.49
C ASN H 151 32.48 -16.28 25.68
N ARG H 152 32.68 -17.48 25.14
CA ARG H 152 33.97 -18.16 25.23
C ARG H 152 35.03 -17.43 24.41
N ILE H 153 34.69 -17.10 23.17
CA ILE H 153 35.62 -16.42 22.26
C ILE H 153 35.93 -15.00 22.73
N LEU H 154 34.93 -14.30 23.25
CA LEU H 154 35.11 -12.94 23.75
C LEU H 154 36.03 -12.95 24.96
N SER H 155 35.80 -13.89 25.87
CA SER H 155 36.60 -14.04 27.09
C SER H 155 38.10 -14.21 26.82
N GLU H 156 38.42 -14.97 25.78
CA GLU H 156 39.81 -15.22 25.40
C GLU H 156 40.52 -13.95 24.93
N ARG H 157 39.79 -13.13 24.17
CA ARG H 157 40.38 -11.93 23.54
C ARG H 157 40.42 -10.72 24.47
N THR H 158 39.38 -10.56 25.29
CA THR H 158 39.38 -9.52 26.34
C THR H 158 40.32 -9.88 27.49
N GLY H 159 40.54 -11.17 27.68
CA GLY H 159 41.42 -11.66 28.73
C GLY H 159 40.79 -11.61 30.10
N GLN H 160 39.46 -11.63 30.16
CA GLN H 160 38.73 -11.69 31.42
C GLN H 160 38.06 -13.05 31.58
N SER H 161 37.46 -13.27 32.75
CA SER H 161 36.81 -14.54 33.06
C SER H 161 35.52 -14.72 32.27
N ILE H 162 35.08 -15.95 32.13
CA ILE H 162 33.84 -16.28 31.41
C ILE H 162 32.62 -15.86 32.25
N GLU H 163 32.77 -15.86 33.57
CA GLU H 163 31.67 -15.51 34.47
C GLU H 163 31.26 -14.05 34.32
N LYS H 164 32.23 -13.16 34.20
CA LYS H 164 31.97 -11.73 34.03
C LYS H 164 31.35 -11.41 32.66
N ILE H 165 31.81 -12.12 31.63
CA ILE H 165 31.33 -11.91 30.27
C ILE H 165 29.83 -12.25 30.17
N GLN H 166 29.43 -13.38 30.75
CA GLN H 166 28.04 -13.83 30.69
C GLN H 166 27.04 -12.79 31.17
N LYS H 167 27.38 -12.10 32.26
CA LYS H 167 26.49 -11.10 32.85
C LYS H 167 26.44 -9.82 32.02
N ASP H 168 27.61 -9.35 31.59
CA ASP H 168 27.71 -8.13 30.79
C ASP H 168 27.07 -8.31 29.41
N THR H 169 27.29 -9.47 28.79
CA THR H 169 26.77 -9.74 27.44
C THR H 169 25.32 -10.18 27.40
N ASP H 170 24.65 -10.20 28.55
CA ASP H 170 23.24 -10.55 28.62
C ASP H 170 22.36 -9.32 28.42
N ARG H 171 22.68 -8.24 29.15
CA ARG H 171 21.93 -6.98 29.05
C ARG H 171 22.67 -5.95 28.20
N ASP H 172 22.04 -4.81 27.97
CA ASP H 172 22.62 -3.74 27.15
C ASP H 172 23.79 -3.06 27.86
N ASN H 173 24.69 -2.50 27.05
CA ASN H 173 25.90 -1.85 27.56
C ASN H 173 26.23 -0.57 26.79
N PHE H 174 27.01 0.30 27.42
CA PHE H 174 27.54 1.50 26.76
C PHE H 174 28.92 1.85 27.32
N LEU H 175 29.95 1.32 26.68
CA LEU H 175 31.33 1.55 27.09
C LEU H 175 32.00 2.61 26.22
N THR H 176 32.66 3.57 26.86
CA THR H 176 33.45 4.57 26.15
C THR H 176 34.79 3.97 25.73
N ALA H 177 35.59 4.76 25.00
CA ALA H 177 36.91 4.32 24.55
C ALA H 177 37.81 3.90 25.72
N GLU H 178 37.76 4.67 26.81
CA GLU H 178 38.57 4.37 28.00
C GLU H 178 38.06 3.12 28.71
N GLU H 179 36.74 2.99 28.81
CA GLU H 179 36.13 1.83 29.47
C GLU H 179 36.32 0.55 28.65
N ALA H 180 36.26 0.67 27.33
CA ALA H 180 36.50 -0.45 26.43
C ALA H 180 37.95 -0.93 26.50
N LYS H 181 38.87 0.01 26.69
CA LYS H 181 40.29 -0.30 26.88
C LYS H 181 40.51 -1.02 28.23
N GLU H 182 39.80 -0.55 29.26
CA GLU H 182 39.87 -1.17 30.59
C GLU H 182 39.26 -2.57 30.57
N TYR H 183 38.23 -2.76 29.74
CA TYR H 183 37.57 -4.06 29.61
C TYR H 183 38.47 -5.07 28.90
N GLY H 184 39.31 -4.59 28.00
CA GLY H 184 40.19 -5.45 27.21
C GLY H 184 39.73 -5.62 25.76
N LEU H 185 38.64 -4.96 25.40
CA LEU H 185 38.10 -5.03 24.04
C LEU H 185 39.06 -4.39 23.04
N ILE H 186 39.60 -3.23 23.40
CA ILE H 186 40.63 -2.56 22.61
C ILE H 186 41.91 -2.43 23.40
N ASP H 187 43.01 -2.16 22.70
CA ASP H 187 44.34 -2.09 23.32
C ASP H 187 44.76 -0.67 23.66
N GLU H 188 44.37 0.30 22.83
CA GLU H 188 44.71 1.71 23.05
C GLU H 188 43.64 2.65 22.50
N VAL H 189 43.43 3.76 23.20
CA VAL H 189 42.59 4.85 22.72
C VAL H 189 43.45 5.72 21.81
N MET H 190 42.99 5.91 20.58
CA MET H 190 43.80 6.58 19.56
C MET H 190 43.79 8.09 19.79
N VAL H 191 44.87 8.61 20.37
CA VAL H 191 45.01 10.03 20.66
C VAL H 191 45.25 10.82 19.36
N PRO H 192 44.71 12.05 19.26
CA PRO H 192 44.96 12.90 18.09
C PRO H 192 46.41 12.92 17.61
N GLU H 193 46.59 12.86 16.30
CA GLU H 193 47.92 12.79 15.66
C GLU H 193 48.73 11.61 16.17
N LEU I 3 29.54 -0.93 -0.78
CA LEU I 3 29.15 -2.38 -0.67
C LEU I 3 30.01 -3.26 -1.58
N ILE I 4 30.12 -2.86 -2.85
CA ILE I 4 30.91 -3.59 -3.85
C ILE I 4 32.02 -2.68 -4.40
N PRO I 5 33.29 -2.94 -4.00
CA PRO I 5 34.41 -2.12 -4.45
C PRO I 5 35.01 -2.59 -5.78
N THR I 6 35.89 -1.75 -6.33
CA THR I 6 36.53 -1.99 -7.63
C THR I 6 38.03 -2.22 -7.44
N VAL I 7 38.61 -3.02 -8.33
CA VAL I 7 40.05 -3.29 -8.33
C VAL I 7 40.56 -3.28 -9.77
N ILE I 8 41.64 -2.55 -10.02
CA ILE I 8 42.28 -2.56 -11.34
C ILE I 8 43.79 -2.74 -11.23
N GLU I 9 44.42 -3.06 -12.35
CA GLU I 9 45.86 -3.29 -12.40
C GLU I 9 46.46 -2.93 -13.76
N THR I 10 47.76 -2.68 -13.78
CA THR I 10 48.46 -2.13 -14.95
C THR I 10 48.94 -3.22 -15.91
N THR I 11 48.26 -3.33 -17.05
CA THR I 11 48.70 -4.18 -18.17
C THR I 11 47.86 -3.92 -19.42
N GLU I 15 42.26 0.61 -17.73
CA GLU I 15 43.27 -0.43 -17.85
C GLU I 15 42.66 -1.83 -17.79
N ARG I 16 42.08 -2.17 -16.65
CA ARG I 16 41.48 -3.49 -16.42
C ARG I 16 40.53 -3.46 -15.21
N ALA I 17 39.27 -3.13 -15.47
CA ALA I 17 38.28 -2.97 -14.40
C ALA I 17 37.72 -4.31 -13.91
N TYR I 18 38.07 -4.67 -12.68
CA TYR I 18 37.51 -5.84 -12.00
C TYR I 18 36.72 -5.40 -10.76
N ASP I 19 35.59 -6.07 -10.51
CA ASP I 19 34.94 -5.98 -9.20
C ASP I 19 35.62 -6.98 -8.28
N ILE I 20 35.41 -6.84 -6.97
CA ILE I 20 36.09 -7.67 -5.98
C ILE I 20 35.82 -9.17 -6.18
N TYR I 21 34.59 -9.50 -6.57
CA TYR I 21 34.21 -10.90 -6.80
C TYR I 21 34.84 -11.45 -8.07
N SER I 22 34.95 -10.61 -9.10
CA SER I 22 35.57 -11.00 -10.36
C SER I 22 37.08 -11.11 -10.27
N ARG I 23 37.70 -10.31 -9.41
CA ARG I 23 39.13 -10.40 -9.17
C ARG I 23 39.48 -11.73 -8.51
N LEU I 24 38.58 -12.20 -7.63
CA LEU I 24 38.72 -13.52 -7.02
C LEU I 24 38.49 -14.63 -8.04
N LEU I 25 37.57 -14.39 -8.98
CA LEU I 25 37.30 -15.34 -10.05
C LEU I 25 38.50 -15.54 -10.98
N LYS I 26 39.35 -14.51 -11.07
CA LYS I 26 40.61 -14.61 -11.83
C LYS I 26 41.54 -15.65 -11.21
N ASP I 27 41.50 -15.78 -9.89
CA ASP I 27 42.27 -16.79 -9.16
C ASP I 27 41.44 -18.06 -8.89
N ARG I 28 40.43 -18.30 -9.72
CA ARG I 28 39.58 -19.50 -9.65
C ARG I 28 38.84 -19.63 -8.31
N ILE I 29 38.36 -18.51 -7.77
CA ILE I 29 37.59 -18.50 -6.53
C ILE I 29 36.18 -18.01 -6.80
N ILE I 30 35.20 -18.87 -6.50
CA ILE I 30 33.77 -18.53 -6.63
C ILE I 30 33.20 -18.27 -5.24
N MET I 31 32.58 -17.11 -5.06
CA MET I 31 31.97 -16.73 -3.79
C MET I 31 30.47 -16.96 -3.84
N LEU I 32 29.95 -17.64 -2.82
CA LEU I 32 28.52 -17.89 -2.70
C LEU I 32 28.05 -17.47 -1.31
N GLY I 33 27.45 -16.28 -1.23
CA GLY I 33 27.00 -15.70 0.03
C GLY I 33 25.58 -15.21 -0.03
N SER I 34 24.67 -16.08 -0.46
CA SER I 34 23.25 -15.72 -0.56
C SER I 34 22.39 -16.98 -0.67
N GLN I 35 21.07 -16.81 -0.61
CA GLN I 35 20.15 -17.94 -0.75
C GLN I 35 20.20 -18.46 -2.19
N ILE I 36 20.09 -19.78 -2.34
CA ILE I 36 20.28 -20.42 -3.64
C ILE I 36 18.96 -20.42 -4.42
N ASP I 37 18.75 -19.34 -5.18
CA ASP I 37 17.63 -19.25 -6.12
C ASP I 37 18.09 -19.58 -7.54
N ASP I 38 17.19 -19.45 -8.52
CA ASP I 38 17.52 -19.75 -9.91
C ASP I 38 18.54 -18.79 -10.50
N ASN I 39 18.50 -17.53 -10.07
CA ASN I 39 19.39 -16.51 -10.60
C ASN I 39 20.85 -16.76 -10.23
N VAL I 40 21.11 -16.95 -8.93
CA VAL I 40 22.46 -17.20 -8.45
C VAL I 40 22.97 -18.57 -8.92
N ALA I 41 22.06 -19.53 -9.02
CA ALA I 41 22.41 -20.84 -9.53
C ALA I 41 22.88 -20.77 -10.97
N ASN I 42 22.19 -19.97 -11.78
CA ASN I 42 22.57 -19.75 -13.17
C ASN I 42 23.94 -19.08 -13.30
N SER I 43 24.24 -18.19 -12.36
CA SER I 43 25.53 -17.49 -12.32
C SER I 43 26.67 -18.39 -11.86
N ILE I 44 26.42 -19.20 -10.82
CA ILE I 44 27.41 -20.14 -10.29
C ILE I 44 27.78 -21.19 -11.35
N VAL I 45 26.78 -21.72 -12.04
CA VAL I 45 27.00 -22.69 -13.11
C VAL I 45 27.83 -22.08 -14.25
N SER I 46 27.53 -20.83 -14.60
CA SER I 46 28.27 -20.14 -15.65
C SER I 46 29.74 -19.93 -15.29
N GLN I 47 30.01 -19.69 -14.01
CA GLN I 47 31.38 -19.55 -13.51
C GLN I 47 32.12 -20.88 -13.54
N LEU I 48 31.45 -21.95 -13.12
CA LEU I 48 32.05 -23.29 -13.13
C LEU I 48 32.39 -23.73 -14.56
N LEU I 49 31.49 -23.46 -15.50
CA LEU I 49 31.73 -23.77 -16.91
C LEU I 49 32.84 -22.90 -17.50
N PHE I 50 32.93 -21.66 -17.03
CA PHE I 50 33.96 -20.72 -17.47
C PHE I 50 35.35 -21.12 -17.01
N LEU I 51 35.48 -21.46 -15.72
CA LEU I 51 36.76 -21.86 -15.14
C LEU I 51 37.29 -23.16 -15.75
N GLN I 52 36.38 -24.05 -16.15
CA GLN I 52 36.76 -25.29 -16.84
C GLN I 52 37.38 -24.98 -18.20
N ALA I 53 36.77 -24.04 -18.92
CA ALA I 53 37.27 -23.61 -20.23
C ALA I 53 38.63 -22.91 -20.11
N GLN I 54 38.82 -22.17 -19.02
CA GLN I 54 40.10 -21.50 -18.75
C GLN I 54 41.19 -22.54 -18.50
N ASP I 55 40.93 -23.45 -17.57
CA ASP I 55 41.86 -24.55 -17.29
C ASP I 55 41.11 -25.71 -16.65
N SER I 56 41.14 -26.86 -17.32
CA SER I 56 40.39 -28.04 -16.87
C SER I 56 41.11 -28.85 -15.80
N GLU I 57 42.38 -28.52 -15.53
CA GLU I 57 43.20 -29.27 -14.58
C GLU I 57 43.28 -28.61 -13.20
N LYS I 58 43.47 -27.29 -13.18
CA LYS I 58 43.60 -26.55 -11.92
C LYS I 58 42.32 -26.58 -11.10
N ASP I 59 42.48 -26.53 -9.77
CA ASP I 59 41.35 -26.64 -8.85
C ASP I 59 40.55 -25.35 -8.76
N ILE I 60 39.28 -25.49 -8.39
CA ILE I 60 38.38 -24.36 -8.17
C ILE I 60 38.05 -24.26 -6.68
N TYR I 61 37.92 -23.04 -6.18
CA TYR I 61 37.61 -22.80 -4.78
C TYR I 61 36.20 -22.21 -4.63
N LEU I 62 35.32 -22.94 -3.96
CA LEU I 62 33.93 -22.52 -3.78
C LEU I 62 33.64 -22.19 -2.31
N TYR I 63 33.65 -20.90 -1.98
CA TYR I 63 33.32 -20.46 -0.62
C TYR I 63 31.80 -20.38 -0.44
N ILE I 64 31.29 -21.00 0.62
CA ILE I 64 29.85 -21.11 0.85
C ILE I 64 29.42 -20.39 2.12
N ASN I 65 28.34 -19.60 2.01
CA ASN I 65 27.74 -18.90 3.14
C ASN I 65 26.25 -18.68 2.82
N SER I 66 25.52 -19.78 2.70
CA SER I 66 24.11 -19.74 2.31
C SER I 66 23.20 -20.34 3.39
N PRO I 67 22.05 -19.71 3.66
CA PRO I 67 21.06 -20.28 4.58
C PRO I 67 20.24 -21.40 3.95
N GLY I 68 20.18 -21.44 2.61
CA GLY I 68 19.43 -22.46 1.90
C GLY I 68 19.03 -22.05 0.50
N GLY I 69 17.92 -22.61 0.04
CA GLY I 69 17.38 -22.27 -1.28
C GLY I 69 16.53 -23.39 -1.86
N SER I 70 16.30 -23.32 -3.17
CA SER I 70 15.49 -24.31 -3.87
C SER I 70 16.26 -25.61 -4.08
N VAL I 71 15.52 -26.71 -4.20
CA VAL I 71 16.14 -28.01 -4.41
C VAL I 71 16.64 -28.11 -5.84
N THR I 72 15.76 -27.82 -6.78
CA THR I 72 16.10 -27.86 -8.20
C THR I 72 17.24 -26.91 -8.56
N ALA I 73 17.33 -25.79 -7.86
CA ALA I 73 18.42 -24.82 -8.05
C ALA I 73 19.74 -25.36 -7.51
N GLY I 74 19.66 -26.09 -6.40
CA GLY I 74 20.84 -26.68 -5.77
C GLY I 74 21.42 -27.80 -6.60
N PHE I 75 20.57 -28.64 -7.16
CA PHE I 75 21.01 -29.77 -7.99
C PHE I 75 21.67 -29.31 -9.29
N ALA I 76 21.27 -28.14 -9.78
CA ALA I 76 21.89 -27.55 -10.96
C ALA I 76 23.37 -27.24 -10.69
N ILE I 77 23.66 -26.72 -9.51
CA ILE I 77 25.04 -26.45 -9.09
C ILE I 77 25.74 -27.78 -8.81
N TYR I 78 25.06 -28.69 -8.14
CA TYR I 78 25.62 -30.00 -7.80
C TYR I 78 26.10 -30.76 -9.04
N ASP I 79 25.17 -30.97 -9.97
CA ASP I 79 25.47 -31.71 -11.21
C ASP I 79 26.60 -31.07 -12.01
N THR I 80 26.64 -29.74 -12.03
CA THR I 80 27.69 -29.00 -12.74
C THR I 80 29.07 -29.25 -12.11
N ILE I 81 29.12 -29.26 -10.79
CA ILE I 81 30.37 -29.51 -10.05
C ILE I 81 30.93 -30.90 -10.36
N GLN I 82 30.04 -31.90 -10.38
CA GLN I 82 30.46 -33.28 -10.65
C GLN I 82 30.76 -33.50 -12.12
N HIS I 83 30.07 -32.77 -12.99
CA HIS I 83 30.21 -32.94 -14.44
C HIS I 83 31.58 -32.48 -14.95
N ILE I 84 32.04 -31.32 -14.48
CA ILE I 84 33.29 -30.74 -14.95
C ILE I 84 34.53 -31.47 -14.40
N LYS I 85 35.63 -31.34 -15.13
CA LYS I 85 36.88 -32.03 -14.79
C LYS I 85 37.54 -31.51 -13.51
N PRO I 86 37.67 -30.18 -13.37
CA PRO I 86 38.36 -29.63 -12.20
C PRO I 86 37.80 -30.09 -10.85
N ASP I 87 38.70 -30.32 -9.90
CA ASP I 87 38.30 -30.67 -8.54
C ASP I 87 37.89 -29.39 -7.81
N VAL I 88 36.59 -29.27 -7.55
CA VAL I 88 36.04 -28.09 -6.87
C VAL I 88 36.21 -28.21 -5.35
N GLN I 89 37.11 -27.39 -4.80
CA GLN I 89 37.27 -27.31 -3.35
C GLN I 89 36.07 -26.63 -2.73
N THR I 90 35.86 -26.84 -1.44
CA THR I 90 34.72 -26.27 -0.73
C THR I 90 35.14 -25.77 0.65
N ILE I 91 34.84 -24.51 0.93
CA ILE I 91 35.20 -23.88 2.21
C ILE I 91 33.96 -23.19 2.79
N CYS I 92 33.39 -23.78 3.84
CA CYS I 92 32.22 -23.20 4.49
C CYS I 92 32.62 -22.08 5.44
N ILE I 93 31.93 -20.94 5.35
CA ILE I 93 32.11 -19.83 6.27
C ILE I 93 30.76 -19.33 6.78
N GLY I 94 30.74 -18.83 8.01
CA GLY I 94 29.50 -18.36 8.62
C GLY I 94 28.53 -19.50 8.93
N MET I 95 27.81 -19.94 7.90
CA MET I 95 26.92 -21.10 8.03
C MET I 95 26.72 -21.78 6.68
N ALA I 96 26.34 -23.06 6.73
CA ALA I 96 25.93 -23.80 5.55
C ALA I 96 24.68 -24.59 5.89
N ALA I 97 23.53 -23.94 5.73
CA ALA I 97 22.25 -24.53 6.14
C ALA I 97 21.44 -24.97 4.92
N SER I 98 20.57 -25.95 5.14
CA SER I 98 19.65 -26.45 4.11
C SER I 98 20.41 -26.93 2.87
N MET I 99 20.14 -26.36 1.71
CA MET I 99 20.79 -26.80 0.47
C MET I 99 22.27 -26.42 0.40
N GLY I 100 22.68 -25.47 1.23
CA GLY I 100 24.09 -25.07 1.33
C GLY I 100 24.96 -26.19 1.85
N SER I 101 24.43 -26.96 2.80
CA SER I 101 25.14 -28.12 3.34
C SER I 101 25.23 -29.26 2.32
N PHE I 102 24.27 -29.31 1.40
CA PHE I 102 24.29 -30.31 0.34
C PHE I 102 25.45 -30.06 -0.61
N LEU I 103 25.64 -28.79 -0.98
CA LEU I 103 26.78 -28.38 -1.80
C LEU I 103 28.09 -28.43 -1.02
N LEU I 104 28.00 -28.26 0.30
CA LEU I 104 29.18 -28.38 1.17
C LEU I 104 29.77 -29.77 1.08
N ALA I 105 28.91 -30.78 1.16
CA ALA I 105 29.32 -32.19 1.05
C ALA I 105 29.67 -32.58 -0.38
N ALA I 106 29.11 -31.86 -1.35
CA ALA I 106 29.31 -32.15 -2.77
C ALA I 106 30.72 -31.83 -3.30
N GLY I 107 31.53 -31.16 -2.49
CA GLY I 107 32.90 -30.83 -2.88
C GLY I 107 33.75 -32.05 -3.19
N ALA I 108 34.88 -31.82 -3.88
CA ALA I 108 35.79 -32.90 -4.26
C ALA I 108 36.28 -33.65 -3.03
N LYS I 109 36.41 -34.97 -3.15
CA LYS I 109 36.74 -35.82 -2.01
C LYS I 109 38.19 -35.60 -1.60
N GLY I 110 38.38 -35.19 -0.34
CA GLY I 110 39.69 -34.83 0.18
C GLY I 110 39.89 -33.33 0.29
N LYS I 111 38.95 -32.57 -0.27
CA LYS I 111 39.05 -31.10 -0.32
C LYS I 111 37.74 -30.42 0.11
N ARG I 112 37.15 -30.90 1.19
CA ARG I 112 35.96 -30.30 1.78
C ARG I 112 36.31 -29.69 3.13
N PHE I 113 36.23 -28.37 3.22
CA PHE I 113 36.70 -27.63 4.41
C PHE I 113 35.62 -26.79 5.06
N ALA I 114 35.90 -26.33 6.28
CA ALA I 114 35.04 -25.41 7.01
C ALA I 114 35.83 -24.75 8.14
N LEU I 115 35.58 -23.48 8.37
CA LEU I 115 36.31 -22.72 9.41
C LEU I 115 35.75 -23.06 10.80
N PRO I 116 36.53 -22.79 11.86
CA PRO I 116 36.21 -23.26 13.22
C PRO I 116 34.78 -22.93 13.69
N ASN I 117 34.36 -21.69 13.53
CA ASN I 117 33.06 -21.25 14.02
C ASN I 117 31.95 -21.28 12.97
N ALA I 118 32.13 -22.08 11.92
CA ALA I 118 31.14 -22.21 10.86
C ALA I 118 30.11 -23.26 11.23
N GLU I 119 28.85 -22.86 11.25
CA GLU I 119 27.74 -23.78 11.57
C GLU I 119 27.31 -24.57 10.34
N VAL I 120 26.63 -25.70 10.58
CA VAL I 120 26.12 -26.54 9.51
C VAL I 120 24.74 -27.07 9.90
N MET I 121 23.85 -27.15 8.91
CA MET I 121 22.49 -27.65 9.13
C MET I 121 22.05 -28.44 7.90
N ILE I 122 21.70 -29.71 8.10
CA ILE I 122 21.40 -30.63 7.00
C ILE I 122 19.92 -30.99 6.95
N HIS I 123 19.08 -30.00 6.68
CA HIS I 123 17.64 -30.22 6.53
C HIS I 123 17.03 -29.19 5.59
N GLN I 124 16.41 -29.68 4.51
CA GLN I 124 15.71 -28.83 3.56
C GLN I 124 14.22 -28.83 3.86
N PRO I 125 13.66 -27.68 4.29
CA PRO I 125 12.20 -27.56 4.36
C PRO I 125 11.66 -27.40 2.94
N LEU I 126 10.35 -27.30 2.78
CA LEU I 126 9.78 -27.30 1.42
C LEU I 126 9.07 -26.02 0.99
N GLY I 127 9.48 -25.54 -0.18
CA GLY I 127 8.72 -24.55 -0.95
C GLY I 127 8.37 -25.22 -2.27
N GLY I 128 8.37 -24.45 -3.36
CA GLY I 128 8.07 -24.98 -4.70
C GLY I 128 6.87 -25.91 -4.75
N ALA I 129 5.83 -25.56 -3.99
CA ALA I 129 4.64 -26.40 -3.83
C ALA I 129 3.59 -26.13 -4.92
N GLN I 130 3.84 -25.12 -5.76
CA GLN I 130 2.89 -24.70 -6.80
C GLN I 130 2.52 -25.78 -7.83
N GLY I 131 3.50 -26.18 -8.63
CA GLY I 131 3.27 -27.13 -9.73
C GLY I 131 2.75 -28.50 -9.29
N GLN I 132 3.09 -28.89 -8.08
CA GLN I 132 2.67 -30.18 -7.51
C GLN I 132 1.24 -30.13 -6.96
N ALA I 133 0.84 -28.97 -6.44
CA ALA I 133 -0.43 -28.81 -5.72
C ALA I 133 -1.71 -29.15 -6.50
N THR I 134 -1.60 -29.32 -7.82
CA THR I 134 -2.76 -29.63 -8.65
C THR I 134 -3.22 -31.07 -8.49
N GLU I 135 -2.28 -32.02 -8.58
CA GLU I 135 -2.58 -33.44 -8.40
C GLU I 135 -2.12 -33.93 -7.04
N ILE I 136 -2.89 -34.84 -6.44
CA ILE I 136 -2.67 -35.25 -5.05
C ILE I 136 -1.65 -36.38 -4.93
N GLU I 137 -1.87 -37.48 -5.67
CA GLU I 137 -1.04 -38.67 -5.55
C GLU I 137 0.42 -38.41 -5.93
N ILE I 138 0.63 -37.56 -6.93
CA ILE I 138 1.98 -37.21 -7.39
C ILE I 138 2.69 -36.25 -6.43
N ALA I 139 1.94 -35.27 -5.91
CA ALA I 139 2.50 -34.25 -5.01
C ALA I 139 3.16 -34.85 -3.79
N ALA I 140 2.47 -35.80 -3.16
CA ALA I 140 2.98 -36.48 -1.98
C ALA I 140 4.19 -37.35 -2.34
N ASN I 141 4.07 -38.09 -3.44
CA ASN I 141 5.15 -38.99 -3.89
C ASN I 141 6.38 -38.24 -4.39
N HIS I 142 6.18 -37.03 -4.91
CA HIS I 142 7.28 -36.20 -5.37
C HIS I 142 8.16 -35.73 -4.20
N ILE I 143 7.54 -35.54 -3.04
CA ILE I 143 8.27 -35.23 -1.81
C ILE I 143 9.10 -36.46 -1.39
N LEU I 144 8.48 -37.63 -1.43
CA LEU I 144 9.18 -38.89 -1.10
C LEU I 144 10.30 -39.19 -2.09
N LYS I 145 10.05 -38.96 -3.37
CA LYS I 145 11.07 -39.16 -4.41
C LYS I 145 12.25 -38.22 -4.20
N THR I 146 11.95 -36.95 -3.93
CA THR I 146 12.99 -35.94 -3.67
C THR I 146 13.73 -36.24 -2.36
N ARG I 147 13.00 -36.76 -1.37
CA ARG I 147 13.60 -37.14 -0.10
C ARG I 147 14.54 -38.33 -0.30
N GLU I 148 14.11 -39.29 -1.12
CA GLU I 148 14.95 -40.44 -1.48
C GLU I 148 16.13 -39.98 -2.34
N LYS I 149 15.89 -38.99 -3.19
CA LYS I 149 16.93 -38.43 -4.06
C LYS I 149 18.02 -37.73 -3.26
N LEU I 150 17.60 -36.92 -2.28
CA LEU I 150 18.54 -36.17 -1.44
C LEU I 150 19.30 -37.09 -0.47
N ASN I 151 18.56 -37.95 0.23
CA ASN I 151 19.16 -38.82 1.24
C ASN I 151 20.13 -39.86 0.66
N ARG I 152 19.87 -40.32 -0.56
CA ARG I 152 20.73 -41.28 -1.23
C ARG I 152 22.08 -40.65 -1.57
N ILE I 153 22.04 -39.47 -2.18
CA ILE I 153 23.24 -38.76 -2.60
C ILE I 153 24.07 -38.31 -1.40
N LEU I 154 23.40 -37.85 -0.34
CA LEU I 154 24.08 -37.39 0.87
C LEU I 154 24.79 -38.57 1.54
N SER I 155 24.10 -39.70 1.63
CA SER I 155 24.65 -40.91 2.24
C SER I 155 25.96 -41.38 1.60
N GLU I 156 26.03 -41.28 0.27
CA GLU I 156 27.23 -41.68 -0.47
C GLU I 156 28.43 -40.81 -0.14
N ARG I 157 28.20 -39.51 0.01
CA ARG I 157 29.29 -38.54 0.21
C ARG I 157 29.74 -38.43 1.67
N THR I 158 28.79 -38.49 2.60
CA THR I 158 29.12 -38.51 4.02
C THR I 158 29.70 -39.85 4.41
N GLY I 159 29.34 -40.87 3.66
CA GLY I 159 29.85 -42.17 3.92
C GLY I 159 29.18 -42.82 5.15
N GLN I 160 27.93 -42.45 5.42
CA GLN I 160 27.11 -43.11 6.45
C GLN I 160 25.90 -43.84 5.84
N SER I 161 25.19 -44.60 6.67
CA SER I 161 24.05 -45.39 6.20
C SER I 161 22.87 -44.48 5.81
N ILE I 162 21.98 -45.01 4.98
CA ILE I 162 20.81 -44.28 4.52
C ILE I 162 19.79 -44.14 5.66
N GLU I 163 19.81 -45.10 6.59
CA GLU I 163 18.87 -45.09 7.72
C GLU I 163 19.11 -43.91 8.65
N LYS I 164 20.37 -43.61 8.92
CA LYS I 164 20.74 -42.51 9.79
C LYS I 164 20.45 -41.15 9.15
N ILE I 165 20.68 -41.06 7.85
CA ILE I 165 20.45 -39.82 7.09
C ILE I 165 18.98 -39.41 7.13
N GLN I 166 18.09 -40.37 6.91
CA GLN I 166 16.64 -40.11 6.89
C GLN I 166 16.13 -39.42 8.14
N LYS I 167 16.61 -39.85 9.30
CA LYS I 167 16.16 -39.30 10.58
C LYS I 167 16.73 -37.92 10.84
N ASP I 168 18.03 -37.75 10.57
CA ASP I 168 18.70 -36.47 10.77
C ASP I 168 18.19 -35.40 9.79
N THR I 169 17.96 -35.80 8.53
CA THR I 169 17.52 -34.85 7.49
C THR I 169 16.02 -34.58 7.49
N ASP I 170 15.30 -35.13 8.47
CA ASP I 170 13.87 -34.89 8.60
C ASP I 170 13.61 -33.65 9.46
N ARG I 171 14.27 -33.57 10.62
CA ARG I 171 14.13 -32.44 11.54
C ARG I 171 15.31 -31.49 11.43
N ASP I 172 15.24 -30.36 12.15
CA ASP I 172 16.28 -29.35 12.13
C ASP I 172 17.56 -29.82 12.82
N ASN I 173 18.68 -29.25 12.41
CA ASN I 173 20.00 -29.62 12.94
C ASN I 173 20.91 -28.41 13.13
N PHE I 174 21.91 -28.57 13.99
CA PHE I 174 22.94 -27.55 14.18
C PHE I 174 24.29 -28.20 14.51
N LEU I 175 25.06 -28.48 13.47
CA LEU I 175 26.37 -29.14 13.60
C LEU I 175 27.49 -28.11 13.52
N THR I 176 28.43 -28.19 14.46
CA THR I 176 29.63 -27.35 14.43
C THR I 176 30.64 -27.93 13.43
N ALA I 177 31.75 -27.22 13.23
CA ALA I 177 32.81 -27.67 12.33
C ALA I 177 33.33 -29.06 12.70
N GLU I 178 33.52 -29.30 14.00
CA GLU I 178 34.00 -30.60 14.49
C GLU I 178 32.95 -31.70 14.30
N GLU I 179 31.69 -31.37 14.59
CA GLU I 179 30.59 -32.32 14.44
C GLU I 179 30.31 -32.65 12.97
N ALA I 180 30.44 -31.65 12.11
CA ALA I 180 30.27 -31.82 10.65
C ALA I 180 31.38 -32.69 10.06
N LYS I 181 32.59 -32.57 10.62
CA LYS I 181 33.72 -33.42 10.24
C LYS I 181 33.47 -34.86 10.69
N GLU I 182 32.94 -35.03 11.90
CA GLU I 182 32.61 -36.35 12.45
C GLU I 182 31.48 -37.00 11.66
N TYR I 183 30.55 -36.18 11.16
CA TYR I 183 29.43 -36.67 10.37
C TYR I 183 29.89 -37.16 8.99
N GLY I 184 30.95 -36.54 8.46
CA GLY I 184 31.45 -36.86 7.13
C GLY I 184 31.11 -35.82 6.08
N LEU I 185 30.43 -34.75 6.50
CA LEU I 185 30.04 -33.66 5.59
C LEU I 185 31.28 -32.93 5.06
N ILE I 186 32.21 -32.65 5.96
CA ILE I 186 33.50 -32.05 5.60
C ILE I 186 34.64 -32.98 5.96
N ASP I 187 35.82 -32.72 5.40
CA ASP I 187 36.98 -33.58 5.58
C ASP I 187 37.93 -33.07 6.67
N GLU I 188 38.06 -31.75 6.78
CA GLU I 188 38.93 -31.14 7.79
C GLU I 188 38.41 -29.78 8.26
N VAL I 189 38.61 -29.48 9.54
CA VAL I 189 38.34 -28.16 10.08
C VAL I 189 39.56 -27.30 9.81
N MET I 190 39.35 -26.16 9.15
CA MET I 190 40.47 -25.34 8.67
C MET I 190 41.06 -24.52 9.82
N VAL I 191 42.19 -25.00 10.34
CA VAL I 191 42.88 -24.35 11.45
C VAL I 191 43.55 -23.05 10.97
N PRO I 192 43.59 -22.00 11.83
CA PRO I 192 44.28 -20.76 11.48
C PRO I 192 45.65 -20.94 10.83
N GLU I 193 45.91 -20.14 9.79
CA GLU I 193 47.15 -20.24 8.99
C GLU I 193 47.34 -21.63 8.40
N LEU J 3 26.37 -11.03 -7.50
CA LEU J 3 25.41 -11.86 -8.31
C LEU J 3 25.92 -12.08 -9.75
N ILE J 4 26.32 -10.99 -10.39
CA ILE J 4 26.83 -11.02 -11.78
C ILE J 4 28.26 -10.47 -11.82
N PRO J 5 29.25 -11.36 -11.99
CA PRO J 5 30.65 -10.94 -12.01
C PRO J 5 31.13 -10.52 -13.40
N THR J 6 32.33 -9.94 -13.43
CA THR J 6 32.95 -9.41 -14.65
C THR J 6 34.19 -10.22 -15.01
N VAL J 7 34.47 -10.30 -16.31
CA VAL J 7 35.67 -10.99 -16.81
C VAL J 7 36.28 -10.17 -17.95
N ILE J 8 37.59 -9.92 -17.87
CA ILE J 8 38.29 -9.24 -18.97
C ILE J 8 39.58 -9.97 -19.34
N GLU J 9 40.13 -9.61 -20.49
CA GLU J 9 41.35 -10.24 -21.00
C GLU J 9 42.17 -9.27 -21.86
N THR J 10 43.46 -9.57 -22.00
CA THR J 10 44.43 -8.66 -22.62
C THR J 10 44.51 -8.84 -24.14
N THR J 11 43.97 -7.87 -24.88
CA THR J 11 44.13 -7.78 -26.33
C THR J 11 43.60 -6.43 -26.86
N GLU J 15 40.22 -2.80 -21.36
CA GLU J 15 40.73 -3.73 -22.37
C GLU J 15 39.58 -4.42 -23.12
N ARG J 16 38.81 -5.22 -22.39
CA ARG J 16 37.70 -5.97 -22.99
C ARG J 16 36.73 -6.46 -21.91
N ALA J 17 35.75 -5.62 -21.59
CA ALA J 17 34.81 -5.91 -20.50
C ALA J 17 33.70 -6.88 -20.92
N TYR J 18 33.75 -8.09 -20.37
CA TYR J 18 32.69 -9.08 -20.54
C TYR J 18 32.03 -9.38 -19.19
N ASP J 19 30.71 -9.58 -19.20
CA ASP J 19 30.02 -10.21 -18.07
C ASP J 19 30.13 -11.72 -18.25
N ILE J 20 29.87 -12.46 -17.16
CA ILE J 20 30.05 -13.91 -17.18
C ILE J 20 29.20 -14.60 -18.26
N TYR J 21 27.99 -14.09 -18.48
CA TYR J 21 27.09 -14.66 -19.49
C TYR J 21 27.58 -14.34 -20.91
N SER J 22 28.12 -13.15 -21.09
CA SER J 22 28.65 -12.73 -22.38
C SER J 22 29.95 -13.41 -22.74
N ARG J 23 30.75 -13.72 -21.73
CA ARG J 23 32.00 -14.46 -21.94
C ARG J 23 31.69 -15.87 -22.45
N LEU J 24 30.60 -16.46 -21.94
CA LEU J 24 30.11 -17.75 -22.42
C LEU J 24 29.54 -17.64 -23.84
N LEU J 25 28.90 -16.50 -24.13
CA LEU J 25 28.37 -16.25 -25.46
C LEU J 25 29.47 -16.16 -26.53
N LYS J 26 30.68 -15.75 -26.10
CA LYS J 26 31.85 -15.74 -26.98
C LYS J 26 32.21 -17.16 -27.46
N ASP J 27 31.98 -18.15 -26.60
CA ASP J 27 32.19 -19.56 -26.93
C ASP J 27 30.90 -20.23 -27.40
N ARG J 28 29.96 -19.43 -27.92
CA ARG J 28 28.68 -19.93 -28.47
C ARG J 28 27.82 -20.68 -27.45
N ILE J 29 27.80 -20.17 -26.21
CA ILE J 29 26.98 -20.75 -25.15
C ILE J 29 25.92 -19.77 -24.69
N ILE J 30 24.66 -20.14 -24.84
CA ILE J 30 23.53 -19.34 -24.37
C ILE J 30 22.97 -19.94 -23.08
N MET J 31 22.88 -19.13 -22.05
CA MET J 31 22.35 -19.56 -20.76
C MET J 31 20.90 -19.13 -20.61
N LEU J 32 20.05 -20.08 -20.21
CA LEU J 32 18.63 -19.81 -19.98
C LEU J 32 18.25 -20.34 -18.59
N GLY J 33 18.19 -19.44 -17.61
CA GLY J 33 17.90 -19.81 -16.23
C GLY J 33 16.82 -18.94 -15.62
N SER J 34 15.67 -18.85 -16.29
CA SER J 34 14.54 -18.06 -15.82
C SER J 34 13.25 -18.45 -16.54
N GLN J 35 12.13 -17.91 -16.08
CA GLN J 35 10.85 -18.18 -16.73
C GLN J 35 10.83 -17.52 -18.11
N ILE J 36 10.21 -18.19 -19.07
CA ILE J 36 10.24 -17.74 -20.47
C ILE J 36 9.13 -16.71 -20.71
N ASP J 37 9.46 -15.45 -20.49
CA ASP J 37 8.57 -14.32 -20.82
C ASP J 37 8.99 -13.71 -22.17
N ASP J 38 8.33 -12.62 -22.57
CA ASP J 38 8.64 -11.95 -23.83
C ASP J 38 10.02 -11.30 -23.84
N ASN J 39 10.47 -10.81 -22.69
CA ASN J 39 11.75 -10.12 -22.57
C ASN J 39 12.93 -11.06 -22.80
N VAL J 40 12.95 -12.18 -22.07
CA VAL J 40 14.02 -13.17 -22.20
C VAL J 40 13.96 -13.85 -23.57
N ALA J 41 12.75 -14.06 -24.08
CA ALA J 41 12.57 -14.66 -25.41
C ALA J 41 13.17 -13.76 -26.49
N ASN J 42 12.96 -12.46 -26.35
CA ASN J 42 13.53 -11.49 -27.29
C ASN J 42 15.06 -11.49 -27.23
N SER J 43 15.61 -11.71 -26.04
CA SER J 43 17.07 -11.76 -25.85
C SER J 43 17.68 -13.05 -26.39
N ILE J 44 17.02 -14.17 -26.14
CA ILE J 44 17.47 -15.49 -26.62
C ILE J 44 17.48 -15.54 -28.14
N VAL J 45 16.43 -15.02 -28.76
CA VAL J 45 16.34 -14.95 -30.22
C VAL J 45 17.44 -14.07 -30.81
N SER J 46 17.72 -12.94 -30.15
CA SER J 46 18.79 -12.05 -30.59
C SER J 46 20.16 -12.71 -30.53
N GLN J 47 20.37 -13.56 -29.53
CA GLN J 47 21.63 -14.29 -29.40
C GLN J 47 21.76 -15.37 -30.47
N LEU J 48 20.66 -16.09 -30.73
CA LEU J 48 20.65 -17.11 -31.77
C LEU J 48 20.92 -16.51 -33.15
N LEU J 49 20.32 -15.35 -33.43
CA LEU J 49 20.55 -14.65 -34.68
C LEU J 49 21.97 -14.10 -34.77
N PHE J 50 22.52 -13.71 -33.63
CA PHE J 50 23.88 -13.18 -33.56
C PHE J 50 24.93 -14.26 -33.81
N LEU J 51 24.77 -15.41 -33.16
CA LEU J 51 25.71 -16.53 -33.31
C LEU J 51 25.71 -17.10 -34.73
N GLN J 52 24.56 -17.03 -35.41
CA GLN J 52 24.46 -17.45 -36.81
C GLN J 52 25.29 -16.52 -37.70
N ALA J 53 25.20 -15.22 -37.44
CA ALA J 53 25.96 -14.23 -38.19
C ALA J 53 27.46 -14.36 -37.95
N GLN J 54 27.83 -14.73 -36.72
CA GLN J 54 29.24 -14.97 -36.38
C GLN J 54 29.77 -16.18 -37.14
N ASP J 55 29.08 -17.30 -37.04
CA ASP J 55 29.42 -18.51 -37.78
C ASP J 55 28.20 -19.41 -37.94
N SER J 56 27.81 -19.66 -39.19
CA SER J 56 26.60 -20.43 -39.48
C SER J 56 26.82 -21.94 -39.42
N GLU J 57 28.07 -22.39 -39.28
CA GLU J 57 28.39 -23.81 -39.27
C GLU J 57 28.60 -24.39 -37.89
N LYS J 58 29.33 -23.67 -37.06
CA LYS J 58 29.63 -24.13 -35.71
C LYS J 58 28.37 -24.28 -34.86
N ASP J 59 28.41 -25.21 -33.92
CA ASP J 59 27.26 -25.54 -33.10
C ASP J 59 27.05 -24.51 -31.99
N ILE J 60 25.80 -24.39 -31.53
CA ILE J 60 25.43 -23.52 -30.42
C ILE J 60 25.02 -24.38 -29.22
N TYR J 61 25.36 -23.93 -28.03
CA TYR J 61 25.05 -24.65 -26.79
C TYR J 61 24.00 -23.89 -25.98
N LEU J 62 22.83 -24.49 -25.80
CA LEU J 62 21.73 -23.87 -25.06
C LEU J 62 21.45 -24.59 -23.74
N TYR J 63 21.95 -24.02 -22.64
CA TYR J 63 21.71 -24.56 -21.31
C TYR J 63 20.35 -24.09 -20.78
N ILE J 64 19.53 -25.03 -20.33
CA ILE J 64 18.16 -24.75 -19.91
C ILE J 64 17.95 -25.02 -18.43
N ASN J 65 17.30 -24.07 -17.75
CA ASN J 65 16.92 -24.21 -16.34
C ASN J 65 15.70 -23.33 -16.08
N SER J 66 14.60 -23.67 -16.74
CA SER J 66 13.37 -22.87 -16.66
C SER J 66 12.19 -23.66 -16.10
N PRO J 67 11.39 -23.03 -15.23
CA PRO J 67 10.17 -23.68 -14.74
C PRO J 67 9.02 -23.62 -15.74
N GLY J 68 9.09 -22.70 -16.69
CA GLY J 68 8.06 -22.58 -17.71
C GLY J 68 7.99 -21.19 -18.34
N GLY J 69 6.81 -20.81 -18.78
CA GLY J 69 6.59 -19.49 -19.38
C GLY J 69 5.42 -19.47 -20.34
N SER J 70 5.37 -18.44 -21.17
CA SER J 70 4.30 -18.25 -22.13
C SER J 70 4.50 -19.18 -23.33
N VAL J 71 3.40 -19.53 -23.99
CA VAL J 71 3.43 -20.41 -25.15
C VAL J 71 3.99 -19.66 -26.35
N THR J 72 3.40 -18.49 -26.61
CA THR J 72 3.83 -17.65 -27.73
C THR J 72 5.30 -17.21 -27.61
N ALA J 73 5.76 -17.05 -26.37
CA ALA J 73 7.17 -16.70 -26.13
C ALA J 73 8.08 -17.89 -26.40
N GLY J 74 7.60 -19.09 -26.07
CA GLY J 74 8.35 -20.31 -26.29
C GLY J 74 8.51 -20.65 -27.75
N PHE J 75 7.44 -20.47 -28.52
CA PHE J 75 7.47 -20.74 -29.96
C PHE J 75 8.38 -19.78 -30.72
N ALA J 76 8.55 -18.57 -30.20
CA ALA J 76 9.48 -17.60 -30.78
C ALA J 76 10.91 -18.13 -30.73
N ILE J 77 11.27 -18.74 -29.60
CA ILE J 77 12.60 -19.37 -29.44
C ILE J 77 12.66 -20.64 -30.29
N TYR J 78 11.60 -21.43 -30.26
CA TYR J 78 11.52 -22.68 -31.03
C TYR J 78 11.77 -22.42 -32.51
N ASP J 79 10.94 -21.58 -33.11
CA ASP J 79 11.02 -21.28 -34.55
C ASP J 79 12.39 -20.74 -34.94
N THR J 80 12.98 -19.92 -34.09
CA THR J 80 14.31 -19.35 -34.33
C THR J 80 15.39 -20.44 -34.36
N ILE J 81 15.29 -21.39 -33.44
CA ILE J 81 16.25 -22.50 -33.38
C ILE J 81 16.21 -23.36 -34.65
N GLN J 82 15.00 -23.63 -35.14
CA GLN J 82 14.84 -24.46 -36.34
C GLN J 82 15.16 -23.67 -37.61
N HIS J 83 14.93 -22.36 -37.57
CA HIS J 83 15.13 -21.50 -38.75
C HIS J 83 16.61 -21.36 -39.10
N ILE J 84 17.45 -21.13 -38.09
CA ILE J 84 18.87 -20.88 -38.32
C ILE J 84 19.61 -22.16 -38.69
N LYS J 85 20.74 -21.97 -39.36
CA LYS J 85 21.53 -23.08 -39.84
C LYS J 85 22.24 -23.90 -38.76
N PRO J 86 22.92 -23.23 -37.81
CA PRO J 86 23.66 -23.95 -36.77
C PRO J 86 22.81 -24.98 -36.02
N ASP J 87 23.44 -26.11 -35.69
CA ASP J 87 22.80 -27.13 -34.87
C ASP J 87 22.87 -26.71 -33.41
N VAL J 88 21.73 -26.34 -32.85
CA VAL J 88 21.65 -25.89 -31.46
C VAL J 88 21.60 -27.08 -30.50
N GLN J 89 22.70 -27.30 -29.77
CA GLN J 89 22.74 -28.32 -28.73
C GLN J 89 21.86 -27.88 -27.56
N THR J 90 21.45 -28.86 -26.74
CA THR J 90 20.58 -28.59 -25.60
C THR J 90 21.04 -29.39 -24.38
N ILE J 91 21.25 -28.70 -23.27
CA ILE J 91 21.70 -29.33 -22.03
C ILE J 91 20.82 -28.87 -20.87
N CYS J 92 19.95 -29.76 -20.40
CA CYS J 92 19.07 -29.45 -19.28
C CYS J 92 19.79 -29.56 -17.95
N ILE J 93 19.65 -28.55 -17.10
CA ILE J 93 20.19 -28.57 -15.73
C ILE J 93 19.12 -28.12 -14.75
N GLY J 94 19.17 -28.67 -13.54
CA GLY J 94 18.19 -28.35 -12.50
C GLY J 94 16.82 -28.92 -12.82
N MET J 95 16.07 -28.22 -13.68
CA MET J 95 14.77 -28.70 -14.17
C MET J 95 14.45 -28.10 -15.53
N ALA J 96 13.58 -28.79 -16.27
CA ALA J 96 13.02 -28.28 -17.52
C ALA J 96 11.53 -28.54 -17.52
N ALA J 97 10.77 -27.64 -16.92
CA ALA J 97 9.33 -27.81 -16.74
C ALA J 97 8.54 -26.95 -17.71
N SER J 98 7.33 -27.40 -18.02
CA SER J 98 6.40 -26.67 -18.87
C SER J 98 7.01 -26.36 -20.25
N MET J 99 7.11 -25.09 -20.62
CA MET J 99 7.63 -24.74 -21.94
C MET J 99 9.13 -24.98 -22.07
N GLY J 100 9.81 -25.13 -20.94
CA GLY J 100 11.24 -25.46 -20.92
C GLY J 100 11.52 -26.83 -21.51
N SER J 101 10.63 -27.77 -21.24
CA SER J 101 10.74 -29.13 -21.79
C SER J 101 10.45 -29.15 -23.28
N PHE J 102 9.66 -28.20 -23.75
CA PHE J 102 9.36 -28.08 -25.18
C PHE J 102 10.62 -27.67 -25.94
N LEU J 103 11.36 -26.71 -25.39
CA LEU J 103 12.64 -26.28 -25.96
C LEU J 103 13.72 -27.33 -25.74
N LEU J 104 13.59 -28.13 -24.67
CA LEU J 104 14.51 -29.22 -24.40
C LEU J 104 14.49 -30.23 -25.54
N ALA J 105 13.28 -30.61 -25.95
CA ALA J 105 13.08 -31.55 -27.06
C ALA J 105 13.38 -30.91 -28.42
N ALA J 106 13.28 -29.58 -28.50
CA ALA J 106 13.48 -28.84 -29.74
C ALA J 106 14.92 -28.79 -30.23
N GLY J 107 15.87 -29.23 -29.39
CA GLY J 107 17.28 -29.25 -29.76
C GLY J 107 17.58 -30.08 -31.00
N ALA J 108 18.75 -29.87 -31.58
CA ALA J 108 19.17 -30.59 -32.77
C ALA J 108 19.18 -32.10 -32.50
N LYS J 109 18.77 -32.87 -33.51
CA LYS J 109 18.59 -34.32 -33.34
C LYS J 109 19.96 -34.99 -33.23
N GLY J 110 20.16 -35.70 -32.12
CA GLY J 110 21.46 -36.31 -31.81
C GLY J 110 22.24 -35.52 -30.76
N LYS J 111 21.76 -34.32 -30.43
CA LYS J 111 22.46 -33.42 -29.52
C LYS J 111 21.52 -32.82 -28.47
N ARG J 112 20.68 -33.66 -27.88
CA ARG J 112 19.79 -33.27 -26.79
C ARG J 112 20.23 -33.97 -25.51
N PHE J 113 20.69 -33.19 -24.54
CA PHE J 113 21.30 -33.74 -23.32
C PHE J 113 20.60 -33.28 -22.05
N ALA J 114 20.92 -33.95 -20.95
CA ALA J 114 20.44 -33.58 -19.62
C ALA J 114 21.32 -34.25 -18.55
N LEU J 115 21.61 -33.52 -17.47
CA LEU J 115 22.46 -34.05 -16.40
C LEU J 115 21.68 -35.03 -15.52
N PRO J 116 22.40 -35.89 -14.76
CA PRO J 116 21.77 -37.00 -14.04
C PRO J 116 20.57 -36.62 -13.18
N ASN J 117 20.72 -35.58 -12.35
CA ASN J 117 19.68 -35.19 -11.41
C ASN J 117 18.76 -34.09 -11.93
N ALA J 118 18.71 -33.91 -13.25
CA ALA J 118 17.87 -32.89 -13.86
C ALA J 118 16.45 -33.43 -14.07
N GLU J 119 15.47 -32.74 -13.51
CA GLU J 119 14.06 -33.13 -13.64
C GLU J 119 13.46 -32.61 -14.94
N VAL J 120 12.37 -33.23 -15.36
CA VAL J 120 11.65 -32.81 -16.59
C VAL J 120 10.15 -32.92 -16.35
N MET J 121 9.40 -31.96 -16.89
CA MET J 121 7.95 -31.93 -16.76
C MET J 121 7.35 -31.40 -18.07
N ILE J 122 6.50 -32.21 -18.70
CA ILE J 122 5.95 -31.89 -20.03
C ILE J 122 4.46 -31.55 -19.97
N HIS J 123 4.14 -30.46 -19.30
CA HIS J 123 2.76 -29.96 -19.23
C HIS J 123 2.72 -28.45 -19.07
N GLN J 124 2.09 -27.77 -20.02
CA GLN J 124 1.90 -26.32 -19.97
C GLN J 124 0.51 -26.00 -19.42
N PRO J 125 0.44 -25.39 -18.21
CA PRO J 125 -0.84 -24.84 -17.76
C PRO J 125 -1.12 -23.55 -18.53
N LEU J 126 -2.25 -22.90 -18.28
CA LEU J 126 -2.62 -21.75 -19.11
C LEU J 126 -2.69 -20.40 -18.39
N GLY J 127 -2.01 -19.44 -18.99
CA GLY J 127 -2.21 -18.02 -18.72
C GLY J 127 -2.67 -17.37 -20.01
N GLY J 128 -2.25 -16.14 -20.26
CA GLY J 128 -2.60 -15.42 -21.50
C GLY J 128 -4.06 -15.54 -21.88
N ALA J 129 -4.94 -15.47 -20.87
CA ALA J 129 -6.38 -15.67 -21.06
C ALA J 129 -7.11 -14.37 -21.41
N GLN J 130 -6.38 -13.25 -21.39
CA GLN J 130 -6.96 -11.91 -21.62
C GLN J 130 -7.63 -11.74 -22.99
N GLY J 131 -6.84 -11.78 -24.05
CA GLY J 131 -7.33 -11.51 -25.41
C GLY J 131 -8.40 -12.47 -25.90
N GLN J 132 -8.38 -13.69 -25.38
CA GLN J 132 -9.35 -14.73 -25.74
C GLN J 132 -10.68 -14.57 -24.99
N ALA J 133 -10.61 -14.06 -23.76
CA ALA J 133 -11.77 -14.00 -22.85
C ALA J 133 -12.98 -13.20 -23.35
N THR J 134 -12.82 -12.44 -24.43
CA THR J 134 -13.92 -11.63 -24.96
C THR J 134 -14.95 -12.47 -25.70
N GLU J 135 -14.48 -13.33 -26.61
CA GLU J 135 -15.36 -14.22 -27.38
C GLU J 135 -15.29 -15.65 -26.83
N ILE J 136 -16.41 -16.36 -26.85
CA ILE J 136 -16.53 -17.66 -26.20
C ILE J 136 -16.09 -18.82 -27.10
N GLU J 137 -16.67 -18.89 -28.29
CA GLU J 137 -16.41 -20.01 -29.21
C GLU J 137 -14.94 -20.10 -29.62
N ILE J 138 -14.30 -18.96 -29.81
CA ILE J 138 -12.89 -18.91 -30.21
C ILE J 138 -11.96 -19.24 -29.04
N ALA J 139 -12.27 -18.74 -27.85
CA ALA J 139 -11.44 -18.92 -26.66
C ALA J 139 -11.21 -20.39 -26.35
N ALA J 140 -12.29 -21.17 -26.39
CA ALA J 140 -12.22 -22.59 -26.13
C ALA J 140 -11.47 -23.30 -27.25
N ASN J 141 -11.77 -22.95 -28.49
CA ASN J 141 -11.12 -23.59 -29.63
C ASN J 141 -9.64 -23.22 -29.76
N HIS J 142 -9.27 -22.04 -29.28
CA HIS J 142 -7.87 -21.60 -29.30
C HIS J 142 -7.01 -22.46 -28.37
N ILE J 143 -7.61 -22.92 -27.28
CA ILE J 143 -6.94 -23.84 -26.37
C ILE J 143 -6.73 -25.20 -27.06
N LEU J 144 -7.78 -25.68 -27.74
CA LEU J 144 -7.70 -26.93 -28.50
C LEU J 144 -6.70 -26.84 -29.66
N LYS J 145 -6.70 -25.70 -30.36
CA LYS J 145 -5.77 -25.47 -31.46
C LYS J 145 -4.33 -25.45 -30.96
N THR J 146 -4.10 -24.75 -29.84
CA THR J 146 -2.77 -24.69 -29.22
C THR J 146 -2.37 -26.05 -28.65
N ARG J 147 -3.34 -26.79 -28.14
CA ARG J 147 -3.09 -28.16 -27.63
C ARG J 147 -2.71 -29.08 -28.78
N GLU J 148 -3.41 -28.95 -29.91
CA GLU J 148 -3.09 -29.70 -31.12
C GLU J 148 -1.74 -29.24 -31.70
N LYS J 149 -1.46 -27.95 -31.57
CA LYS J 149 -0.21 -27.37 -32.06
C LYS J 149 0.98 -27.90 -31.27
N LEU J 150 0.85 -27.94 -29.95
CA LEU J 150 1.92 -28.39 -29.05
C LEU J 150 2.14 -29.90 -29.15
N ASN J 151 1.05 -30.66 -29.06
CA ASN J 151 1.13 -32.12 -29.07
C ASN J 151 1.62 -32.71 -30.39
N ARG J 152 1.31 -32.04 -31.51
CA ARG J 152 1.78 -32.48 -32.82
C ARG J 152 3.29 -32.34 -32.95
N ILE J 153 3.80 -31.16 -32.57
CA ILE J 153 5.23 -30.86 -32.67
C ILE J 153 6.05 -31.71 -31.70
N LEU J 154 5.53 -31.93 -30.50
CA LEU J 154 6.21 -32.75 -29.49
C LEU J 154 6.31 -34.19 -29.96
N SER J 155 5.20 -34.71 -30.49
CA SER J 155 5.13 -36.08 -30.99
C SER J 155 6.17 -36.39 -32.06
N GLU J 156 6.42 -35.44 -32.95
CA GLU J 156 7.42 -35.59 -34.02
C GLU J 156 8.83 -35.72 -33.48
N ARG J 157 9.15 -34.93 -32.45
CA ARG J 157 10.51 -34.86 -31.90
C ARG J 157 10.82 -35.97 -30.90
N THR J 158 9.84 -36.33 -30.07
CA THR J 158 9.97 -37.47 -29.17
C THR J 158 9.90 -38.79 -29.93
N GLY J 159 9.23 -38.78 -31.08
CA GLY J 159 9.09 -39.95 -31.92
C GLY J 159 8.07 -40.95 -31.39
N GLN J 160 7.12 -40.46 -30.60
CA GLN J 160 6.02 -41.28 -30.10
C GLN J 160 4.71 -40.88 -30.76
N SER J 161 3.65 -41.64 -30.48
CA SER J 161 2.34 -41.40 -31.06
C SER J 161 1.69 -40.14 -30.47
N ILE J 162 0.74 -39.57 -31.20
CA ILE J 162 0.03 -38.37 -30.77
C ILE J 162 -0.94 -38.72 -29.63
N GLU J 163 -1.41 -39.96 -29.61
CA GLU J 163 -2.37 -40.41 -28.58
C GLU J 163 -1.77 -40.42 -27.20
N LYS J 164 -0.53 -40.88 -27.10
CA LYS J 164 0.17 -40.95 -25.83
C LYS J 164 0.54 -39.55 -25.32
N ILE J 165 0.90 -38.66 -26.24
CA ILE J 165 1.29 -37.29 -25.88
C ILE J 165 0.13 -36.54 -25.25
N GLN J 166 -1.05 -36.65 -25.85
CA GLN J 166 -2.26 -35.96 -25.37
C GLN J 166 -2.56 -36.22 -23.90
N LYS J 167 -2.42 -37.47 -23.47
CA LYS J 167 -2.73 -37.87 -22.10
C LYS J 167 -1.67 -37.39 -21.11
N ASP J 168 -0.40 -37.57 -21.50
CA ASP J 168 0.72 -37.15 -20.65
C ASP J 168 0.80 -35.63 -20.51
N THR J 169 0.56 -34.91 -21.61
CA THR J 169 0.65 -33.44 -21.62
C THR J 169 -0.60 -32.73 -21.08
N ASP J 170 -1.57 -33.50 -20.60
CA ASP J 170 -2.78 -32.93 -20.02
C ASP J 170 -2.60 -32.67 -18.53
N ARG J 171 -2.08 -33.68 -17.81
CA ARG J 171 -1.83 -33.56 -16.37
C ARG J 171 -0.36 -33.33 -16.08
N ASP J 172 -0.05 -33.11 -14.80
CA ASP J 172 1.33 -32.84 -14.36
C ASP J 172 2.22 -34.07 -14.49
N ASN J 173 3.52 -33.84 -14.65
CA ASN J 173 4.50 -34.92 -14.82
C ASN J 173 5.80 -34.63 -14.09
N PHE J 174 6.56 -35.69 -13.81
CA PHE J 174 7.90 -35.56 -13.22
C PHE J 174 8.82 -36.68 -13.74
N LEU J 175 9.51 -36.40 -14.85
CA LEU J 175 10.40 -37.37 -15.47
C LEU J 175 11.84 -37.09 -15.10
N THR J 176 12.57 -38.12 -14.70
CA THR J 176 14.01 -38.02 -14.43
C THR J 176 14.78 -38.06 -15.75
N ALA J 177 16.10 -37.88 -15.67
CA ALA J 177 16.96 -37.90 -16.85
C ALA J 177 16.82 -39.20 -17.64
N GLU J 178 16.76 -40.33 -16.92
CA GLU J 178 16.61 -41.64 -17.56
C GLU J 178 15.22 -41.81 -18.18
N GLU J 179 14.19 -41.35 -17.48
CA GLU J 179 12.82 -41.45 -17.97
C GLU J 179 12.59 -40.52 -19.17
N ALA J 180 13.20 -39.34 -19.14
CA ALA J 180 13.12 -38.39 -20.24
C ALA J 180 13.82 -38.91 -21.48
N LYS J 181 14.91 -39.65 -21.28
CA LYS J 181 15.62 -40.31 -22.37
C LYS J 181 14.76 -41.43 -22.98
N GLU J 182 14.09 -42.18 -22.10
CA GLU J 182 13.19 -43.27 -22.52
C GLU J 182 11.98 -42.71 -23.27
N TYR J 183 11.52 -41.53 -22.87
CA TYR J 183 10.38 -40.87 -23.50
C TYR J 183 10.73 -40.37 -24.91
N GLY J 184 11.99 -40.00 -25.10
CA GLY J 184 12.47 -39.46 -26.38
C GLY J 184 12.69 -37.94 -26.35
N LEU J 185 12.47 -37.33 -25.19
CA LEU J 185 12.66 -35.89 -25.01
C LEU J 185 14.13 -35.51 -25.17
N ILE J 186 15.01 -36.30 -24.55
CA ILE J 186 16.45 -36.14 -24.70
C ILE J 186 17.07 -37.39 -25.32
N ASP J 187 18.30 -37.25 -25.82
CA ASP J 187 18.98 -38.33 -26.53
C ASP J 187 19.93 -39.12 -25.63
N GLU J 188 20.58 -38.43 -24.70
CA GLU J 188 21.52 -39.07 -23.77
C GLU J 188 21.58 -38.36 -22.42
N VAL J 189 21.75 -39.15 -21.35
CA VAL J 189 22.00 -38.62 -20.01
C VAL J 189 23.49 -38.33 -19.93
N MET J 190 23.83 -37.08 -19.58
CA MET J 190 25.22 -36.64 -19.63
C MET J 190 25.99 -37.16 -18.40
N VAL J 191 26.77 -38.22 -18.60
CA VAL J 191 27.54 -38.84 -17.54
C VAL J 191 28.73 -37.94 -17.16
N PRO J 192 29.12 -37.91 -15.86
CA PRO J 192 30.29 -37.15 -15.43
C PRO J 192 31.52 -37.30 -16.33
N GLU J 193 32.19 -36.18 -16.59
CA GLU J 193 33.35 -36.12 -17.50
C GLU J 193 33.00 -36.64 -18.89
N LEU K 3 20.11 -11.21 -18.14
CA LEU K 3 19.00 -10.82 -19.06
C LEU K 3 19.54 -10.16 -20.33
N ILE K 4 20.42 -9.19 -20.17
CA ILE K 4 21.02 -8.45 -21.29
C ILE K 4 22.55 -8.63 -21.27
N PRO K 5 23.09 -9.44 -22.19
CA PRO K 5 24.54 -9.69 -22.23
C PRO K 5 25.31 -8.65 -23.05
N THR K 6 26.64 -8.72 -22.94
CA THR K 6 27.55 -7.79 -23.60
C THR K 6 28.38 -8.52 -24.67
N VAL K 7 28.75 -7.79 -25.72
CA VAL K 7 29.59 -8.33 -26.79
C VAL K 7 30.63 -7.28 -27.18
N ILE K 8 31.90 -7.67 -27.24
CA ILE K 8 32.95 -6.77 -27.73
C ILE K 8 33.84 -7.45 -28.76
N GLU K 9 34.63 -6.64 -29.47
CA GLU K 9 35.52 -7.15 -30.52
C GLU K 9 36.77 -6.27 -30.66
N THR K 10 37.82 -6.86 -31.24
CA THR K 10 39.15 -6.24 -31.29
C THR K 10 39.32 -5.33 -32.52
N THR K 11 39.32 -4.02 -32.29
CA THR K 11 39.68 -3.02 -33.31
C THR K 11 39.83 -1.63 -32.69
N GLU K 15 37.67 -1.85 -25.62
CA GLU K 15 37.85 -1.93 -27.06
C GLU K 15 36.63 -1.40 -27.81
N ARG K 16 35.50 -2.09 -27.66
CA ARG K 16 34.26 -1.74 -28.35
C ARG K 16 33.06 -2.43 -27.68
N ALA K 17 32.48 -1.75 -26.69
CA ALA K 17 31.39 -2.31 -25.89
C ALA K 17 30.03 -2.22 -26.59
N TYR K 18 29.51 -3.37 -27.02
CA TYR K 18 28.15 -3.47 -27.57
C TYR K 18 27.28 -4.32 -26.65
N ASP K 19 26.01 -3.94 -26.51
CA ASP K 19 24.99 -4.84 -25.97
C ASP K 19 24.46 -5.71 -27.11
N ILE K 20 23.78 -6.80 -26.77
CA ILE K 20 23.35 -7.77 -27.78
C ILE K 20 22.42 -7.15 -28.82
N TYR K 21 21.58 -6.21 -28.40
CA TYR K 21 20.66 -5.53 -29.30
C TYR K 21 21.38 -4.55 -30.22
N SER K 22 22.40 -3.88 -29.67
CA SER K 22 23.20 -2.93 -30.44
C SER K 22 24.13 -3.61 -31.43
N ARG K 23 24.60 -4.79 -31.09
CA ARG K 23 25.44 -5.58 -31.99
C ARG K 23 24.61 -6.00 -33.22
N LEU K 24 23.35 -6.29 -33.00
CA LEU K 24 22.42 -6.58 -34.10
C LEU K 24 22.12 -5.33 -34.93
N LEU K 25 22.05 -4.19 -34.25
CA LEU K 25 21.84 -2.90 -34.93
C LEU K 25 23.00 -2.54 -35.87
N LYS K 26 24.19 -3.04 -35.56
CA LYS K 26 25.37 -2.87 -36.42
C LYS K 26 25.15 -3.57 -37.78
N ASP K 27 24.42 -4.68 -37.76
CA ASP K 27 24.06 -5.41 -38.98
C ASP K 27 22.66 -5.02 -39.49
N ARG K 28 22.22 -3.81 -39.14
CA ARG K 28 20.93 -3.25 -39.58
C ARG K 28 19.73 -4.10 -39.16
N ILE K 29 19.77 -4.63 -37.94
CA ILE K 29 18.67 -5.41 -37.38
C ILE K 29 18.07 -4.69 -36.17
N ILE K 30 16.78 -4.36 -36.26
CA ILE K 30 16.06 -3.75 -35.15
C ILE K 30 15.15 -4.78 -34.51
N MET K 31 15.29 -4.95 -33.19
CA MET K 31 14.49 -5.91 -32.44
C MET K 31 13.35 -5.20 -31.72
N LEU K 32 12.14 -5.73 -31.90
CA LEU K 32 10.94 -5.18 -31.25
C LEU K 32 10.22 -6.32 -30.53
N GLY K 33 10.42 -6.42 -29.22
CA GLY K 33 9.83 -7.48 -28.41
C GLY K 33 9.14 -6.96 -27.16
N SER K 34 8.24 -5.99 -27.35
CA SER K 34 7.50 -5.40 -26.23
C SER K 34 6.27 -4.66 -26.74
N GLN K 35 5.42 -4.20 -25.81
CA GLN K 35 4.22 -3.44 -26.18
C GLN K 35 4.65 -2.09 -26.72
N ILE K 36 3.92 -1.61 -27.73
CA ILE K 36 4.30 -0.38 -28.44
C ILE K 36 3.77 0.85 -27.70
N ASP K 37 4.57 1.36 -26.76
CA ASP K 37 4.28 2.62 -26.08
C ASP K 37 5.07 3.76 -26.74
N ASP K 38 4.98 4.96 -26.16
CA ASP K 38 5.69 6.13 -26.69
C ASP K 38 7.21 6.01 -26.56
N ASN K 39 7.67 5.35 -25.50
CA ASN K 39 9.11 5.22 -25.24
C ASN K 39 9.80 4.34 -26.27
N VAL K 40 9.27 3.14 -26.49
CA VAL K 40 9.83 2.21 -27.47
C VAL K 40 9.65 2.74 -28.90
N ALA K 41 8.54 3.43 -29.14
CA ALA K 41 8.28 4.03 -30.45
C ALA K 41 9.32 5.10 -30.77
N ASN K 42 9.66 5.90 -29.77
CA ASN K 42 10.69 6.93 -29.91
C ASN K 42 12.07 6.31 -30.20
N SER K 43 12.33 5.14 -29.62
CA SER K 43 13.60 4.43 -29.81
C SER K 43 13.67 3.76 -31.18
N ILE K 44 12.57 3.14 -31.60
CA ILE K 44 12.49 2.48 -32.90
C ILE K 44 12.67 3.49 -34.04
N VAL K 45 12.01 4.64 -33.91
CA VAL K 45 12.11 5.72 -34.91
C VAL K 45 13.55 6.24 -34.99
N SER K 46 14.20 6.39 -33.83
CA SER K 46 15.57 6.86 -33.79
C SER K 46 16.52 5.87 -34.48
N GLN K 47 16.25 4.58 -34.36
CA GLN K 47 17.05 3.56 -35.03
C GLN K 47 16.85 3.57 -36.54
N LEU K 48 15.60 3.73 -36.96
CA LEU K 48 15.27 3.80 -38.39
C LEU K 48 15.92 5.03 -39.04
N LEU K 49 15.90 6.15 -38.33
CA LEU K 49 16.55 7.37 -38.83
C LEU K 49 18.07 7.23 -38.83
N PHE K 50 18.60 6.49 -37.87
CA PHE K 50 20.04 6.25 -37.76
C PHE K 50 20.55 5.36 -38.88
N LEU K 51 19.85 4.25 -39.14
CA LEU K 51 20.26 3.30 -40.18
C LEU K 51 20.19 3.92 -41.58
N GLN K 52 19.26 4.85 -41.77
CA GLN K 52 19.16 5.59 -43.04
C GLN K 52 20.40 6.45 -43.25
N ALA K 53 20.83 7.14 -42.19
CA ALA K 53 22.02 7.98 -42.24
C ALA K 53 23.29 7.16 -42.46
N GLN K 54 23.33 5.95 -41.91
CA GLN K 54 24.44 5.03 -42.12
C GLN K 54 24.52 4.60 -43.58
N ASP K 55 23.40 4.09 -44.10
CA ASP K 55 23.29 3.72 -45.51
C ASP K 55 21.83 3.73 -45.94
N SER K 56 21.53 4.58 -46.92
CA SER K 56 20.15 4.76 -47.40
C SER K 56 19.70 3.70 -48.40
N GLU K 57 20.64 2.87 -48.88
CA GLU K 57 20.34 1.86 -49.90
C GLU K 57 20.12 0.47 -49.32
N LYS K 58 20.97 0.07 -48.38
CA LYS K 58 20.88 -1.27 -47.78
C LYS K 58 19.59 -1.46 -46.99
N ASP K 59 19.12 -2.71 -46.95
CA ASP K 59 17.84 -3.03 -46.32
C ASP K 59 17.96 -3.08 -44.80
N ILE K 60 16.83 -2.85 -44.13
CA ILE K 60 16.73 -2.94 -42.68
C ILE K 60 15.86 -4.14 -42.31
N TYR K 61 16.21 -4.80 -41.21
CA TYR K 61 15.47 -5.97 -40.73
C TYR K 61 14.77 -5.66 -39.42
N LEU K 62 13.43 -5.72 -39.43
CA LEU K 62 12.62 -5.41 -38.25
C LEU K 62 11.93 -6.66 -37.72
N TYR K 63 12.48 -7.24 -36.67
CA TYR K 63 11.88 -8.40 -36.00
C TYR K 63 10.79 -7.94 -35.04
N ILE K 64 9.60 -8.54 -35.16
CA ILE K 64 8.43 -8.12 -34.37
C ILE K 64 7.96 -9.24 -33.44
N ASN K 65 7.69 -8.87 -32.19
CA ASN K 65 7.13 -9.77 -31.18
C ASN K 65 6.37 -8.94 -30.15
N SER K 66 5.30 -8.27 -30.61
CA SER K 66 4.53 -7.36 -29.76
C SER K 66 3.07 -7.80 -29.64
N PRO K 67 2.50 -7.69 -28.42
CA PRO K 67 1.07 -7.97 -28.23
C PRO K 67 0.18 -6.82 -28.68
N GLY K 68 0.75 -5.61 -28.76
CA GLY K 68 -0.01 -4.45 -29.20
C GLY K 68 0.59 -3.15 -28.73
N GLY K 69 -0.26 -2.15 -28.53
CA GLY K 69 0.16 -0.84 -28.05
C GLY K 69 -0.77 0.28 -28.47
N SER K 70 -0.28 1.51 -28.37
CA SER K 70 -1.05 2.69 -28.71
C SER K 70 -1.13 2.86 -30.22
N VAL K 71 -2.19 3.51 -30.69
CA VAL K 71 -2.39 3.73 -32.12
C VAL K 71 -1.44 4.83 -32.61
N THR K 72 -1.45 5.95 -31.90
CA THR K 72 -0.57 7.07 -32.22
C THR K 72 0.91 6.70 -32.16
N ALA K 73 1.26 5.78 -31.27
CA ALA K 73 2.64 5.30 -31.17
C ALA K 73 2.99 4.39 -32.34
N GLY K 74 2.02 3.61 -32.80
CA GLY K 74 2.21 2.71 -33.93
C GLY K 74 2.38 3.44 -35.25
N PHE K 75 1.58 4.49 -35.44
CA PHE K 75 1.67 5.30 -36.66
C PHE K 75 2.98 6.07 -36.77
N ALA K 76 3.58 6.40 -35.62
CA ALA K 76 4.89 7.05 -35.60
C ALA K 76 5.96 6.14 -36.23
N ILE K 77 5.89 4.85 -35.90
CA ILE K 77 6.80 3.85 -36.47
C ILE K 77 6.42 3.61 -37.94
N TYR K 78 5.13 3.51 -38.21
CA TYR K 78 4.64 3.28 -39.58
C TYR K 78 5.14 4.36 -40.53
N ASP K 79 4.80 5.62 -40.22
CA ASP K 79 5.17 6.75 -41.08
C ASP K 79 6.68 6.84 -41.30
N THR K 80 7.46 6.54 -40.26
CA THR K 80 8.92 6.57 -40.35
C THR K 80 9.44 5.50 -41.32
N ILE K 81 8.85 4.31 -41.27
CA ILE K 81 9.24 3.21 -42.16
C ILE K 81 9.00 3.58 -43.63
N GLN K 82 7.86 4.19 -43.90
CA GLN K 82 7.50 4.56 -45.27
C GLN K 82 8.27 5.80 -45.74
N HIS K 83 8.61 6.68 -44.80
CA HIS K 83 9.29 7.94 -45.13
C HIS K 83 10.72 7.72 -45.60
N ILE K 84 11.45 6.84 -44.90
CA ILE K 84 12.86 6.61 -45.22
C ILE K 84 13.06 5.79 -46.50
N LYS K 85 14.23 5.96 -47.10
CA LYS K 85 14.56 5.29 -48.37
C LYS K 85 14.70 3.76 -48.26
N PRO K 86 15.47 3.27 -47.26
CA PRO K 86 15.70 1.83 -47.15
C PRO K 86 14.42 1.00 -47.10
N ASP K 87 14.48 -0.17 -47.74
CA ASP K 87 13.38 -1.13 -47.70
C ASP K 87 13.44 -1.89 -46.38
N VAL K 88 12.50 -1.61 -45.48
CA VAL K 88 12.46 -2.26 -44.17
C VAL K 88 11.81 -3.64 -44.26
N GLN K 89 12.61 -4.68 -44.11
CA GLN K 89 12.09 -6.04 -44.05
C GLN K 89 11.36 -6.25 -42.74
N THR K 90 10.48 -7.26 -42.70
CA THR K 90 9.68 -7.55 -41.52
C THR K 90 9.60 -9.05 -41.28
N ILE K 91 9.96 -9.47 -40.06
CA ILE K 91 9.95 -10.88 -39.68
C ILE K 91 9.22 -11.06 -38.35
N CYS K 92 8.00 -11.60 -38.42
CA CYS K 92 7.21 -11.85 -37.21
C CYS K 92 7.66 -13.10 -36.49
N ILE K 93 7.84 -12.98 -35.18
CA ILE K 93 8.17 -14.14 -34.33
C ILE K 93 7.27 -14.14 -33.10
N GLY K 94 6.94 -15.32 -32.60
CA GLY K 94 6.07 -15.47 -31.44
C GLY K 94 4.64 -15.08 -31.75
N MET K 95 4.37 -13.78 -31.75
CA MET K 95 3.06 -13.24 -32.14
C MET K 95 3.18 -11.81 -32.66
N ALA K 96 2.19 -11.41 -33.45
CA ALA K 96 2.05 -10.02 -33.87
C ALA K 96 0.58 -9.62 -33.74
N ALA K 97 0.21 -9.17 -32.55
CA ALA K 97 -1.18 -8.86 -32.24
C ALA K 97 -1.41 -7.36 -32.19
N SER K 98 -2.65 -6.96 -32.45
CA SER K 98 -3.09 -5.57 -32.37
C SER K 98 -2.25 -4.68 -33.30
N MET K 99 -1.58 -3.66 -32.75
CA MET K 99 -0.80 -2.73 -33.57
C MET K 99 0.47 -3.37 -34.14
N GLY K 100 0.89 -4.50 -33.57
CA GLY K 100 2.03 -5.26 -34.10
C GLY K 100 1.78 -5.81 -35.48
N SER K 101 0.54 -6.25 -35.71
CA SER K 101 0.14 -6.76 -37.03
C SER K 101 0.04 -5.64 -38.06
N PHE K 102 -0.21 -4.42 -37.60
CA PHE K 102 -0.25 -3.26 -38.48
C PHE K 102 1.13 -2.97 -39.03
N LEU K 103 2.14 -3.01 -38.15
CA LEU K 103 3.53 -2.85 -38.56
C LEU K 103 4.04 -4.07 -39.32
N LEU K 104 3.46 -5.23 -39.05
CA LEU K 104 3.80 -6.46 -39.78
C LEU K 104 3.48 -6.29 -41.27
N ALA K 105 2.28 -5.79 -41.55
CA ALA K 105 1.84 -5.54 -42.92
C ALA K 105 2.54 -4.32 -43.54
N ALA K 106 3.01 -3.41 -42.69
CA ALA K 106 3.65 -2.16 -43.15
C ALA K 106 5.03 -2.35 -43.78
N GLY K 107 5.60 -3.55 -43.67
CA GLY K 107 6.91 -3.85 -44.24
C GLY K 107 6.97 -3.63 -45.74
N ALA K 108 8.19 -3.55 -46.27
CA ALA K 108 8.40 -3.34 -47.70
C ALA K 108 7.75 -4.46 -48.51
N LYS K 109 7.18 -4.10 -49.66
CA LYS K 109 6.39 -5.04 -50.46
C LYS K 109 7.32 -6.06 -51.11
N GLY K 110 7.09 -7.34 -50.82
CA GLY K 110 7.96 -8.42 -51.27
C GLY K 110 8.87 -8.94 -50.18
N LYS K 111 8.90 -8.24 -49.04
CA LYS K 111 9.80 -8.58 -47.94
C LYS K 111 9.08 -8.56 -46.58
N ARG K 112 7.89 -9.17 -46.54
CA ARG K 112 7.13 -9.34 -45.30
C ARG K 112 7.09 -10.81 -44.93
N PHE K 113 7.72 -11.17 -43.82
CA PHE K 113 7.90 -12.57 -43.44
C PHE K 113 7.32 -12.90 -42.06
N ALA K 114 7.19 -14.20 -41.79
CA ALA K 114 6.76 -14.70 -40.49
C ALA K 114 7.13 -16.17 -40.36
N LEU K 115 7.56 -16.57 -39.16
CA LEU K 115 8.00 -17.94 -38.92
C LEU K 115 6.78 -18.87 -38.77
N PRO K 116 6.97 -20.19 -38.94
CA PRO K 116 5.85 -21.14 -39.03
C PRO K 116 4.83 -21.05 -37.90
N ASN K 117 5.30 -21.02 -36.66
CA ASN K 117 4.41 -21.02 -35.49
C ASN K 117 4.12 -19.62 -34.93
N ALA K 118 4.31 -18.59 -35.76
CA ALA K 118 4.05 -17.21 -35.35
C ALA K 118 2.58 -16.88 -35.55
N GLU K 119 1.91 -16.46 -34.47
CA GLU K 119 0.49 -16.09 -34.52
C GLU K 119 0.33 -14.64 -34.98
N VAL K 120 -0.87 -14.32 -35.48
CA VAL K 120 -1.20 -12.97 -35.92
C VAL K 120 -2.62 -12.62 -35.51
N MET K 121 -2.83 -11.37 -35.11
CA MET K 121 -4.14 -10.88 -34.67
C MET K 121 -4.30 -9.43 -35.13
N ILE K 122 -5.33 -9.18 -35.93
CA ILE K 122 -5.54 -7.86 -36.56
C ILE K 122 -6.74 -7.12 -35.98
N HIS K 123 -6.65 -6.78 -34.71
CA HIS K 123 -7.69 -6.00 -34.04
C HIS K 123 -7.11 -5.15 -32.91
N GLN K 124 -7.30 -3.83 -33.02
CA GLN K 124 -6.86 -2.91 -31.98
C GLN K 124 -8.04 -2.56 -31.07
N PRO K 125 -7.99 -2.97 -29.78
CA PRO K 125 -8.97 -2.46 -28.82
C PRO K 125 -8.60 -1.03 -28.46
N LEU K 126 -9.37 -0.36 -27.60
CA LEU K 126 -9.13 1.06 -27.36
C LEU K 126 -8.70 1.43 -25.95
N GLY K 127 -7.61 2.20 -25.88
CA GLY K 127 -7.23 2.96 -24.70
C GLY K 127 -7.22 4.43 -25.12
N GLY K 128 -6.29 5.21 -24.57
CA GLY K 128 -6.16 6.63 -24.91
C GLY K 128 -7.49 7.38 -24.94
N ALA K 129 -8.35 7.06 -23.99
CA ALA K 129 -9.71 7.61 -23.94
C ALA K 129 -9.79 8.93 -23.18
N GLN K 130 -8.67 9.35 -22.57
CA GLN K 130 -8.60 10.55 -21.74
C GLN K 130 -8.97 11.85 -22.46
N GLY K 131 -8.15 12.26 -23.43
CA GLY K 131 -8.32 13.53 -24.12
C GLY K 131 -9.63 13.68 -24.87
N GLN K 132 -10.19 12.56 -25.31
CA GLN K 132 -11.44 12.53 -26.05
C GLN K 132 -12.66 12.62 -25.13
N ALA K 133 -12.54 12.06 -23.92
CA ALA K 133 -13.68 11.91 -23.00
C ALA K 133 -14.38 13.21 -22.56
N THR K 134 -13.78 14.36 -22.85
CA THR K 134 -14.35 15.65 -22.46
C THR K 134 -15.55 16.03 -23.33
N GLU K 135 -15.38 15.93 -24.65
CA GLU K 135 -16.45 16.24 -25.61
C GLU K 135 -17.04 14.95 -26.18
N ILE K 136 -18.36 14.94 -26.41
CA ILE K 136 -19.09 13.73 -26.78
C ILE K 136 -19.07 13.46 -28.28
N GLU K 137 -19.48 14.45 -29.07
CA GLU K 137 -19.61 14.30 -30.52
C GLU K 137 -18.28 13.95 -31.20
N ILE K 138 -17.20 14.56 -30.71
CA ILE K 138 -15.87 14.32 -31.27
C ILE K 138 -15.30 12.97 -30.84
N ALA K 139 -15.52 12.59 -29.59
CA ALA K 139 -14.98 11.34 -29.04
C ALA K 139 -15.43 10.12 -29.84
N ALA K 140 -16.73 10.07 -30.13
CA ALA K 140 -17.29 8.97 -30.91
C ALA K 140 -16.80 9.00 -32.36
N ASN K 141 -16.75 10.18 -32.94
CA ASN K 141 -16.29 10.34 -34.34
C ASN K 141 -14.79 10.11 -34.51
N HIS K 142 -14.02 10.38 -33.45
CA HIS K 142 -12.58 10.12 -33.48
C HIS K 142 -12.28 8.63 -33.55
N ILE K 143 -13.14 7.82 -32.95
CA ILE K 143 -13.04 6.36 -33.04
C ILE K 143 -13.33 5.92 -34.48
N LEU K 144 -14.39 6.48 -35.06
CA LEU K 144 -14.75 6.20 -36.47
C LEU K 144 -13.67 6.67 -37.43
N LYS K 145 -13.13 7.86 -37.19
CA LYS K 145 -12.04 8.41 -38.03
C LYS K 145 -10.80 7.53 -37.96
N THR K 146 -10.44 7.11 -36.75
CA THR K 146 -9.30 6.22 -36.55
C THR K 146 -9.57 4.84 -37.13
N ARG K 147 -10.81 4.38 -37.05
CA ARG K 147 -11.22 3.10 -37.63
C ARG K 147 -11.13 3.16 -39.16
N GLU K 148 -11.56 4.29 -39.72
CA GLU K 148 -11.45 4.53 -41.16
C GLU K 148 -9.99 4.69 -41.56
N LYS K 149 -9.20 5.30 -40.67
CA LYS K 149 -7.78 5.53 -40.90
C LYS K 149 -7.01 4.20 -40.94
N LEU K 150 -7.30 3.32 -39.98
CA LEU K 150 -6.64 2.02 -39.88
C LEU K 150 -7.06 1.08 -41.00
N ASN K 151 -8.37 0.95 -41.20
CA ASN K 151 -8.92 0.02 -42.19
C ASN K 151 -8.56 0.36 -43.64
N ARG K 152 -8.43 1.66 -43.93
CA ARG K 152 -8.03 2.11 -45.27
C ARG K 152 -6.59 1.72 -45.58
N ILE K 153 -5.69 2.00 -44.65
CA ILE K 153 -4.27 1.71 -44.82
C ILE K 153 -4.00 0.20 -44.87
N LEU K 154 -4.71 -0.55 -44.02
CA LEU K 154 -4.56 -2.01 -43.98
C LEU K 154 -5.02 -2.63 -45.31
N SER K 155 -6.16 -2.15 -45.80
CA SER K 155 -6.74 -2.65 -47.06
C SER K 155 -5.80 -2.51 -48.24
N GLU K 156 -5.07 -1.39 -48.30
CA GLU K 156 -4.12 -1.14 -49.38
C GLU K 156 -2.96 -2.13 -49.38
N ARG K 157 -2.47 -2.46 -48.18
CA ARG K 157 -1.29 -3.31 -48.05
C ARG K 157 -1.59 -4.80 -48.11
N THR K 158 -2.72 -5.21 -47.55
CA THR K 158 -3.19 -6.60 -47.69
C THR K 158 -3.72 -6.87 -49.09
N GLY K 159 -4.18 -5.81 -49.77
CA GLY K 159 -4.69 -5.93 -51.12
C GLY K 159 -6.09 -6.52 -51.18
N GLN K 160 -6.84 -6.39 -50.08
CA GLN K 160 -8.23 -6.84 -50.03
C GLN K 160 -9.16 -5.63 -49.95
N SER K 161 -10.47 -5.90 -50.05
CA SER K 161 -11.48 -4.85 -50.01
C SER K 161 -11.61 -4.23 -48.62
N ILE K 162 -12.13 -3.01 -48.57
CA ILE K 162 -12.33 -2.29 -47.31
C ILE K 162 -13.48 -2.91 -46.52
N GLU K 163 -14.44 -3.51 -47.23
CA GLU K 163 -15.60 -4.12 -46.60
C GLU K 163 -15.23 -5.32 -45.72
N LYS K 164 -14.32 -6.15 -46.22
CA LYS K 164 -13.86 -7.32 -45.49
C LYS K 164 -13.00 -6.95 -44.28
N ILE K 165 -12.19 -5.91 -44.42
CA ILE K 165 -11.31 -5.45 -43.36
C ILE K 165 -12.12 -4.97 -42.16
N GLN K 166 -13.17 -4.18 -42.41
CA GLN K 166 -14.01 -3.62 -41.34
C GLN K 166 -14.57 -4.68 -40.39
N LYS K 167 -15.01 -5.80 -40.95
CA LYS K 167 -15.61 -6.87 -40.15
C LYS K 167 -14.58 -7.66 -39.36
N ASP K 168 -13.46 -7.98 -40.02
CA ASP K 168 -12.38 -8.72 -39.37
C ASP K 168 -11.68 -7.90 -38.28
N THR K 169 -11.48 -6.61 -38.54
CA THR K 169 -10.78 -5.73 -37.60
C THR K 169 -11.66 -5.19 -36.49
N ASP K 170 -12.92 -5.62 -36.44
CA ASP K 170 -13.83 -5.20 -35.38
C ASP K 170 -13.73 -6.14 -34.17
N ARG K 171 -13.77 -7.44 -34.43
CA ARG K 171 -13.69 -8.46 -33.38
C ARG K 171 -12.28 -9.07 -33.32
N ASP K 172 -12.06 -9.93 -32.33
CA ASP K 172 -10.75 -10.58 -32.13
C ASP K 172 -10.47 -11.61 -33.23
N ASN K 173 -9.18 -11.83 -33.47
CA ASN K 173 -8.72 -12.75 -34.52
C ASN K 173 -7.52 -13.57 -34.08
N PHE K 174 -7.31 -14.72 -34.73
CA PHE K 174 -6.12 -15.55 -34.53
C PHE K 174 -5.72 -16.24 -35.83
N LEU K 175 -4.85 -15.57 -36.58
CA LEU K 175 -4.38 -16.09 -37.87
C LEU K 175 -2.99 -16.71 -37.72
N THR K 176 -2.82 -17.90 -38.27
CA THR K 176 -1.51 -18.57 -38.33
C THR K 176 -0.68 -17.98 -39.46
N ALA K 177 0.57 -18.43 -39.56
CA ALA K 177 1.48 -17.95 -40.62
C ALA K 177 0.90 -18.18 -42.02
N GLU K 178 0.28 -19.34 -42.23
CA GLU K 178 -0.32 -19.67 -43.51
C GLU K 178 -1.57 -18.81 -43.78
N GLU K 179 -2.39 -18.62 -42.76
CA GLU K 179 -3.61 -17.82 -42.88
C GLU K 179 -3.29 -16.33 -43.08
N ALA K 180 -2.24 -15.86 -42.40
CA ALA K 180 -1.78 -14.48 -42.54
C ALA K 180 -1.23 -14.21 -43.95
N LYS K 181 -0.59 -15.22 -44.52
CA LYS K 181 -0.09 -15.17 -45.91
C LYS K 181 -1.26 -15.12 -46.89
N GLU K 182 -2.29 -15.93 -46.62
CA GLU K 182 -3.49 -15.97 -47.44
C GLU K 182 -4.27 -14.66 -47.34
N TYR K 183 -4.24 -14.03 -46.17
CA TYR K 183 -4.91 -12.75 -45.95
C TYR K 183 -4.21 -11.62 -46.70
N GLY K 184 -2.89 -11.73 -46.86
CA GLY K 184 -2.10 -10.69 -47.53
C GLY K 184 -1.27 -9.85 -46.56
N LEU K 185 -1.34 -10.19 -45.26
CA LEU K 185 -0.58 -9.48 -44.23
C LEU K 185 0.92 -9.69 -44.41
N ILE K 186 1.30 -10.94 -44.67
CA ILE K 186 2.69 -11.29 -44.98
C ILE K 186 2.79 -11.88 -46.39
N ASP K 187 4.01 -11.91 -46.91
CA ASP K 187 4.26 -12.36 -48.29
C ASP K 187 4.68 -13.82 -48.37
N GLU K 188 5.44 -14.29 -47.38
CA GLU K 188 5.92 -15.67 -47.34
C GLU K 188 6.09 -16.18 -45.91
N VAL K 189 5.80 -17.46 -45.70
CA VAL K 189 6.09 -18.14 -44.44
C VAL K 189 7.54 -18.59 -44.51
N MET K 190 8.33 -18.18 -43.51
CA MET K 190 9.78 -18.41 -43.55
C MET K 190 10.10 -19.86 -43.17
N VAL K 191 10.38 -20.67 -44.18
CA VAL K 191 10.69 -22.09 -43.99
C VAL K 191 12.09 -22.24 -43.38
N PRO K 192 12.29 -23.25 -42.51
CA PRO K 192 13.62 -23.52 -41.94
C PRO K 192 14.76 -23.47 -42.96
N GLU K 193 15.88 -22.85 -42.55
CA GLU K 193 17.05 -22.62 -43.40
C GLU K 193 16.69 -21.86 -44.68
N LEU L 3 21.09 16.29 -12.54
CA LEU L 3 21.34 16.47 -11.08
C LEU L 3 22.83 16.41 -10.75
N ILE L 4 23.51 15.39 -11.26
CA ILE L 4 24.95 15.20 -11.05
C ILE L 4 25.69 15.20 -12.39
N PRO L 5 26.42 16.29 -12.69
CA PRO L 5 27.14 16.40 -13.96
C PRO L 5 28.52 15.76 -13.93
N THR L 6 29.14 15.66 -15.11
CA THR L 6 30.46 15.06 -15.29
C THR L 6 31.48 16.11 -15.74
N VAL L 7 32.73 15.92 -15.36
CA VAL L 7 33.83 16.80 -15.76
C VAL L 7 35.05 15.94 -16.11
N ILE L 8 35.64 16.19 -17.28
CA ILE L 8 36.89 15.52 -17.65
C ILE L 8 37.91 16.50 -18.18
N GLU L 9 39.14 16.03 -18.28
CA GLU L 9 40.22 16.86 -18.72
C GLU L 9 41.33 16.06 -19.45
N THR L 10 42.15 16.78 -20.23
CA THR L 10 43.13 16.16 -21.10
C THR L 10 44.46 15.94 -20.39
N THR L 11 44.70 14.67 -20.02
CA THR L 11 46.04 14.16 -19.56
C THR L 11 46.15 12.53 -19.60
N GLU L 15 39.47 9.77 -21.00
CA GLU L 15 40.65 10.48 -20.53
C GLU L 15 40.75 10.47 -19.01
N ARG L 16 39.79 11.12 -18.36
CA ARG L 16 39.78 11.24 -16.90
C ARG L 16 38.39 11.65 -16.40
N ALA L 17 37.54 10.66 -16.14
CA ALA L 17 36.15 10.89 -15.76
C ALA L 17 35.99 11.25 -14.28
N TYR L 18 35.65 12.52 -14.01
CA TYR L 18 35.31 12.98 -12.66
C TYR L 18 33.84 13.40 -12.60
N ASP L 19 33.19 13.11 -11.48
CA ASP L 19 31.92 13.77 -11.16
C ASP L 19 32.23 15.10 -10.49
N ILE L 20 31.22 15.98 -10.40
CA ILE L 20 31.44 17.33 -9.90
C ILE L 20 31.97 17.34 -8.46
N TYR L 21 31.51 16.40 -7.65
CA TYR L 21 31.93 16.30 -6.26
C TYR L 21 33.37 15.78 -6.16
N SER L 22 33.72 14.85 -7.04
CA SER L 22 35.06 14.28 -7.07
C SER L 22 36.10 15.22 -7.63
N ARG L 23 35.67 16.09 -8.55
CA ARG L 23 36.55 17.11 -9.09
C ARG L 23 36.92 18.12 -8.00
N LEU L 24 35.97 18.40 -7.11
CA LEU L 24 36.23 19.24 -5.94
C LEU L 24 37.13 18.54 -4.93
N LEU L 25 36.96 17.22 -4.80
CA LEU L 25 37.81 16.41 -3.92
C LEU L 25 39.28 16.43 -4.37
N LYS L 26 39.50 16.60 -5.67
CA LYS L 26 40.86 16.74 -6.22
C LYS L 26 41.56 17.99 -5.66
N ASP L 27 40.77 19.04 -5.40
CA ASP L 27 41.28 20.27 -4.78
C ASP L 27 41.05 20.28 -3.26
N ARG L 28 40.94 19.09 -2.66
CA ARG L 28 40.80 18.92 -1.21
C ARG L 28 39.53 19.58 -0.65
N ILE L 29 38.44 19.50 -1.39
CA ILE L 29 37.15 20.05 -0.96
C ILE L 29 36.14 18.92 -0.77
N ILE L 30 35.63 18.79 0.45
CA ILE L 30 34.59 17.81 0.77
C ILE L 30 33.26 18.53 0.90
N MET L 31 32.26 18.06 0.15
CA MET L 31 30.92 18.64 0.20
C MET L 31 30.01 17.78 1.07
N LEU L 32 29.30 18.44 1.99
CA LEU L 32 28.35 17.77 2.87
C LEU L 32 27.01 18.51 2.80
N GLY L 33 26.08 17.97 2.02
CA GLY L 33 24.78 18.60 1.81
C GLY L 33 23.62 17.64 1.99
N SER L 34 23.60 16.96 3.13
CA SER L 34 22.55 15.99 3.44
C SER L 34 22.53 15.67 4.94
N GLN L 35 21.51 14.93 5.39
CA GLN L 35 21.41 14.54 6.79
C GLN L 35 22.52 13.55 7.11
N ILE L 36 23.08 13.65 8.31
CA ILE L 36 24.24 12.85 8.70
C ILE L 36 23.81 11.48 9.22
N ASP L 37 23.69 10.53 8.29
CA ASP L 37 23.43 9.13 8.63
C ASP L 37 24.75 8.33 8.61
N ASP L 38 24.66 7.01 8.81
CA ASP L 38 25.85 6.15 8.82
C ASP L 38 26.53 6.08 7.46
N ASN L 39 25.74 6.13 6.39
CA ASN L 39 26.26 6.00 5.02
C ASN L 39 27.13 7.18 4.63
N VAL L 40 26.60 8.39 4.80
CA VAL L 40 27.35 9.60 4.45
C VAL L 40 28.54 9.80 5.41
N ALA L 41 28.36 9.40 6.67
CA ALA L 41 29.44 9.48 7.65
C ALA L 41 30.60 8.58 7.26
N ASN L 42 30.28 7.39 6.77
CA ASN L 42 31.30 6.46 6.30
C ASN L 42 32.05 7.01 5.08
N SER L 43 31.34 7.75 4.23
CA SER L 43 31.93 8.36 3.04
C SER L 43 32.80 9.56 3.37
N ILE L 44 32.33 10.41 4.28
CA ILE L 44 33.07 11.59 4.72
C ILE L 44 34.38 11.18 5.40
N VAL L 45 34.32 10.17 6.26
CA VAL L 45 35.51 9.66 6.95
C VAL L 45 36.52 9.11 5.94
N SER L 46 36.03 8.39 4.94
CA SER L 46 36.89 7.83 3.90
C SER L 46 37.61 8.92 3.10
N GLN L 47 36.91 10.04 2.88
CA GLN L 47 37.50 11.18 2.17
C GLN L 47 38.57 11.87 3.02
N LEU L 48 38.28 12.05 4.31
CA LEU L 48 39.23 12.66 5.23
C LEU L 48 40.51 11.82 5.36
N LEU L 49 40.34 10.49 5.43
CA LEU L 49 41.48 9.58 5.48
C LEU L 49 42.26 9.57 4.17
N PHE L 50 41.54 9.74 3.07
CA PHE L 50 42.15 9.76 1.74
C PHE L 50 42.99 11.01 1.51
N LEU L 51 42.43 12.18 1.87
CA LEU L 51 43.13 13.45 1.70
C LEU L 51 44.38 13.55 2.57
N GLN L 52 44.36 12.90 3.73
CA GLN L 52 45.52 12.83 4.61
C GLN L 52 46.64 12.04 3.93
N ALA L 53 46.28 10.92 3.32
CA ALA L 53 47.25 10.07 2.61
C ALA L 53 47.82 10.80 1.39
N GLN L 54 47.00 11.61 0.72
CA GLN L 54 47.46 12.41 -0.41
C GLN L 54 48.48 13.46 0.03
N ASP L 55 48.10 14.24 1.05
CA ASP L 55 49.01 15.23 1.64
C ASP L 55 48.57 15.55 3.07
N SER L 56 49.45 15.27 4.02
CA SER L 56 49.14 15.45 5.44
C SER L 56 49.32 16.90 5.94
N GLU L 57 49.90 17.76 5.10
CA GLU L 57 50.19 19.14 5.49
C GLU L 57 49.14 20.14 4.97
N LYS L 58 48.74 19.99 3.71
CA LYS L 58 47.77 20.90 3.10
C LYS L 58 46.41 20.84 3.78
N ASP L 59 45.70 21.97 3.75
CA ASP L 59 44.41 22.08 4.43
C ASP L 59 43.28 21.42 3.65
N ILE L 60 42.24 21.01 4.37
CA ILE L 60 41.03 20.44 3.79
C ILE L 60 39.88 21.41 3.97
N TYR L 61 38.99 21.47 2.98
CA TYR L 61 37.83 22.35 3.01
C TYR L 61 36.54 21.54 3.13
N LEU L 62 35.82 21.72 4.23
CA LEU L 62 34.57 20.99 4.49
C LEU L 62 33.37 21.93 4.44
N TYR L 63 32.65 21.92 3.32
CA TYR L 63 31.43 22.70 3.19
C TYR L 63 30.25 21.96 3.81
N ILE L 64 29.50 22.65 4.67
CA ILE L 64 28.41 22.03 5.42
C ILE L 64 27.05 22.64 5.07
N ASN L 65 26.07 21.77 4.84
CA ASN L 65 24.69 22.17 4.59
C ASN L 65 23.76 21.02 5.03
N SER L 66 23.77 20.73 6.32
CA SER L 66 23.01 19.61 6.89
C SER L 66 21.98 20.08 7.92
N PRO L 67 20.77 19.49 7.89
CA PRO L 67 19.77 19.78 8.92
C PRO L 67 20.02 19.05 10.23
N GLY L 68 20.79 17.96 10.17
CA GLY L 68 21.13 17.19 11.37
C GLY L 68 21.53 15.77 11.06
N GLY L 69 21.26 14.88 12.01
CA GLY L 69 21.57 13.46 11.85
C GLY L 69 21.77 12.75 13.18
N SER L 70 22.38 11.57 13.11
CA SER L 70 22.63 10.75 14.29
C SER L 70 23.82 11.28 15.07
N VAL L 71 23.82 11.02 16.37
CA VAL L 71 24.89 11.49 17.25
C VAL L 71 26.15 10.67 17.01
N THR L 72 25.98 9.35 17.06
CA THR L 72 27.09 8.42 16.82
C THR L 72 27.71 8.58 15.42
N ALA L 73 26.89 8.96 14.45
CA ALA L 73 27.38 9.22 13.10
C ALA L 73 28.18 10.53 13.04
N GLY L 74 27.74 11.52 13.80
CA GLY L 74 28.41 12.80 13.87
C GLY L 74 29.77 12.74 14.54
N PHE L 75 29.85 11.97 15.63
CA PHE L 75 31.12 11.80 16.36
C PHE L 75 32.17 11.06 15.53
N ALA L 76 31.72 10.19 14.64
CA ALA L 76 32.62 9.48 13.73
C ALA L 76 33.37 10.47 12.82
N ILE L 77 32.64 11.46 12.34
CA ILE L 77 33.23 12.52 11.51
C ILE L 77 34.08 13.44 12.40
N TYR L 78 33.56 13.78 13.58
CA TYR L 78 34.27 14.63 14.52
C TYR L 78 35.65 14.07 14.86
N ASP L 79 35.66 12.85 15.40
CA ASP L 79 36.91 12.20 15.82
C ASP L 79 37.92 12.09 14.68
N THR L 80 37.42 11.81 13.49
CA THR L 80 38.29 11.69 12.31
C THR L 80 38.96 13.03 11.96
N ILE L 81 38.19 14.10 12.06
CA ILE L 81 38.72 15.45 11.78
C ILE L 81 39.84 15.82 12.75
N GLN L 82 39.64 15.52 14.02
CA GLN L 82 40.65 15.84 15.05
C GLN L 82 41.83 14.88 14.99
N HIS L 83 41.59 13.65 14.58
CA HIS L 83 42.64 12.61 14.54
C HIS L 83 43.70 12.89 13.48
N ILE L 84 43.26 13.28 12.29
CA ILE L 84 44.18 13.51 11.17
C ILE L 84 44.98 14.79 11.32
N LYS L 85 46.13 14.81 10.65
CA LYS L 85 47.07 15.95 10.73
C LYS L 85 46.54 17.23 10.08
N PRO L 86 46.01 17.15 8.84
CA PRO L 86 45.55 18.35 8.14
C PRO L 86 44.55 19.19 8.93
N ASP L 87 44.68 20.51 8.80
CA ASP L 87 43.73 21.43 9.40
C ASP L 87 42.49 21.50 8.52
N VAL L 88 41.39 20.94 9.00
CA VAL L 88 40.13 20.92 8.25
C VAL L 88 39.38 22.23 8.41
N GLN L 89 39.34 23.02 7.34
CA GLN L 89 38.54 24.25 7.31
C GLN L 89 37.06 23.90 7.28
N THR L 90 36.23 24.85 7.68
CA THR L 90 34.78 24.65 7.74
C THR L 90 34.04 25.88 7.22
N ILE L 91 33.16 25.66 6.25
CA ILE L 91 32.39 26.74 5.64
C ILE L 91 30.91 26.36 5.62
N CYS L 92 30.12 26.99 6.49
CA CYS L 92 28.68 26.72 6.55
C CYS L 92 27.93 27.47 5.44
N ILE L 93 27.06 26.75 4.75
CA ILE L 93 26.19 27.36 3.72
C ILE L 93 24.75 26.88 3.94
N GLY L 94 23.78 27.73 3.61
CA GLY L 94 22.38 27.41 3.79
C GLY L 94 21.99 27.35 5.26
N MET L 95 22.28 26.21 5.89
CA MET L 95 22.05 26.04 7.33
C MET L 95 23.00 25.00 7.91
N ALA L 96 23.23 25.09 9.22
CA ALA L 96 23.96 24.07 9.96
C ALA L 96 23.19 23.79 11.25
N ALA L 97 22.24 22.89 11.17
CA ALA L 97 21.35 22.60 12.30
C ALA L 97 21.70 21.26 12.95
N SER L 98 21.36 21.15 14.24
CA SER L 98 21.54 19.92 15.01
C SER L 98 23.02 19.47 14.98
N MET L 99 23.30 18.26 14.50
CA MET L 99 24.67 17.74 14.51
C MET L 99 25.58 18.46 13.51
N GLY L 100 24.98 19.15 12.54
CA GLY L 100 25.73 19.95 11.58
C GLY L 100 26.47 21.12 12.22
N SER L 101 25.85 21.72 13.22
CA SER L 101 26.47 22.79 13.99
C SER L 101 27.60 22.27 14.87
N PHE L 102 27.52 21.01 15.27
CA PHE L 102 28.58 20.39 16.07
C PHE L 102 29.85 20.25 15.24
N LEU L 103 29.69 19.79 14.00
CA LEU L 103 30.80 19.70 13.06
C LEU L 103 31.26 21.09 12.59
N LEU L 104 30.34 22.05 12.59
CA LEU L 104 30.66 23.43 12.23
C LEU L 104 31.69 23.99 13.20
N ALA L 105 31.44 23.78 14.50
CA ALA L 105 32.36 24.22 15.56
C ALA L 105 33.63 23.37 15.63
N ALA L 106 33.54 22.13 15.15
CA ALA L 106 34.65 21.18 15.21
C ALA L 106 35.82 21.51 14.27
N GLY L 107 35.62 22.46 13.37
CA GLY L 107 36.66 22.87 12.42
C GLY L 107 37.93 23.36 13.11
N ALA L 108 39.02 23.41 12.34
CA ALA L 108 40.31 23.86 12.87
C ALA L 108 40.20 25.27 13.42
N LYS L 109 40.90 25.53 14.52
CA LYS L 109 40.78 26.81 15.24
C LYS L 109 41.43 27.92 14.43
N GLY L 110 40.65 28.94 14.10
CA GLY L 110 41.11 30.03 13.23
C GLY L 110 40.56 29.91 11.81
N LYS L 111 39.94 28.77 11.50
CA LYS L 111 39.46 28.47 10.15
C LYS L 111 38.03 27.92 10.15
N ARG L 112 37.16 28.54 10.93
CA ARG L 112 35.74 28.19 10.98
C ARG L 112 34.93 29.34 10.40
N PHE L 113 34.28 29.09 9.26
CA PHE L 113 33.60 30.14 8.50
C PHE L 113 32.12 29.86 8.29
N ALA L 114 31.40 30.90 7.85
CA ALA L 114 29.99 30.78 7.48
C ALA L 114 29.59 31.99 6.64
N LEU L 115 28.77 31.76 5.62
CA LEU L 115 28.34 32.83 4.71
C LEU L 115 27.26 33.69 5.37
N PRO L 116 27.05 34.93 4.87
CA PRO L 116 26.19 35.92 5.55
C PRO L 116 24.79 35.42 5.95
N ASN L 117 24.09 34.79 5.01
CA ASN L 117 22.73 34.34 5.23
C ASN L 117 22.61 32.87 5.67
N ALA L 118 23.69 32.32 6.20
CA ALA L 118 23.71 30.94 6.66
C ALA L 118 23.19 30.87 8.10
N GLU L 119 22.14 30.08 8.31
CA GLU L 119 21.56 29.89 9.64
C GLU L 119 22.32 28.82 10.44
N VAL L 120 22.17 28.88 11.76
CA VAL L 120 22.79 27.91 12.66
C VAL L 120 21.82 27.54 13.78
N MET L 121 21.83 26.27 14.17
CA MET L 121 20.96 25.77 15.23
C MET L 121 21.72 24.70 16.03
N ILE L 122 21.87 24.94 17.33
CA ILE L 122 22.69 24.08 18.19
C ILE L 122 21.85 23.28 19.17
N HIS L 123 21.03 22.38 18.64
CA HIS L 123 20.22 21.48 19.47
C HIS L 123 19.94 20.16 18.75
N GLN L 124 20.37 19.07 19.37
CA GLN L 124 20.13 17.72 18.84
C GLN L 124 18.91 17.11 19.53
N PRO L 125 17.80 16.89 18.78
CA PRO L 125 16.71 16.09 19.35
C PRO L 125 17.13 14.62 19.33
N LEU L 126 16.27 13.72 19.81
CA LEU L 126 16.71 12.33 19.94
C LEU L 126 15.97 11.32 19.07
N GLY L 127 16.75 10.52 18.37
CA GLY L 127 16.31 9.26 17.77
C GLY L 127 17.13 8.15 18.42
N GLY L 128 17.46 7.12 17.63
CA GLY L 128 18.29 6.00 18.12
C GLY L 128 17.86 5.48 19.49
N ALA L 129 16.55 5.41 19.69
CA ALA L 129 15.97 5.03 20.98
C ALA L 129 15.80 3.52 21.13
N GLN L 130 16.08 2.77 20.05
CA GLN L 130 15.87 1.32 20.00
C GLN L 130 16.67 0.53 21.05
N GLY L 131 18.00 0.52 20.91
CA GLY L 131 18.88 -0.27 21.76
C GLY L 131 18.81 0.07 23.24
N GLN L 132 18.46 1.31 23.55
CA GLN L 132 18.35 1.79 24.93
C GLN L 132 17.01 1.40 25.57
N ALA L 133 15.96 1.33 24.76
CA ALA L 133 14.58 1.15 25.25
C ALA L 133 14.31 -0.12 26.06
N THR L 134 15.25 -1.07 26.05
CA THR L 134 15.08 -2.33 26.76
C THR L 134 15.24 -2.16 28.28
N GLU L 135 16.32 -1.50 28.69
CA GLU L 135 16.58 -1.24 30.11
C GLU L 135 16.27 0.22 30.45
N ILE L 136 15.75 0.45 31.66
CA ILE L 136 15.22 1.76 32.04
C ILE L 136 16.31 2.69 32.60
N GLU L 137 17.03 2.20 33.62
CA GLU L 137 18.02 3.02 34.32
C GLU L 137 19.15 3.50 33.39
N ILE L 138 19.55 2.65 32.46
CA ILE L 138 20.62 2.98 31.52
C ILE L 138 20.14 3.95 30.43
N ALA L 139 18.92 3.72 29.93
CA ALA L 139 18.35 4.54 28.85
C ALA L 139 18.31 6.01 29.19
N ALA L 140 17.83 6.32 30.40
CA ALA L 140 17.75 7.70 30.88
C ALA L 140 19.15 8.27 31.09
N ASN L 141 20.04 7.49 31.70
CA ASN L 141 21.40 7.94 31.99
C ASN L 141 22.25 8.09 30.73
N HIS L 142 21.95 7.30 29.69
CA HIS L 142 22.66 7.40 28.42
C HIS L 142 22.37 8.73 27.72
N ILE L 143 21.16 9.25 27.92
CA ILE L 143 20.79 10.57 27.42
C ILE L 143 21.61 11.64 28.17
N LEU L 144 21.67 11.51 29.49
CA LEU L 144 22.47 12.43 30.32
C LEU L 144 23.96 12.36 30.01
N LYS L 145 24.47 11.15 29.81
CA LYS L 145 25.87 10.94 29.45
C LYS L 145 26.19 11.59 28.10
N THR L 146 25.31 11.36 27.12
CA THR L 146 25.46 11.95 25.78
C THR L 146 25.29 13.47 25.83
N ARG L 147 24.41 13.94 26.70
CA ARG L 147 24.20 15.39 26.90
C ARG L 147 25.45 16.01 27.53
N GLU L 148 26.04 15.32 28.50
CA GLU L 148 27.29 15.75 29.11
C GLU L 148 28.44 15.65 28.10
N LYS L 149 28.38 14.63 27.25
CA LYS L 149 29.40 14.41 26.22
C LYS L 149 29.39 15.54 25.19
N LEU L 150 28.19 15.90 24.72
CA LEU L 150 28.03 16.94 23.71
C LEU L 150 28.34 18.33 24.26
N ASN L 151 27.75 18.65 25.41
CA ASN L 151 27.91 19.99 26.02
C ASN L 151 29.34 20.29 26.47
N ARG L 152 30.07 19.27 26.88
CA ARG L 152 31.47 19.44 27.30
C ARG L 152 32.34 19.80 26.11
N ILE L 153 32.20 19.04 25.03
CA ILE L 153 33.01 19.24 23.82
C ILE L 153 32.67 20.58 23.14
N LEU L 154 31.39 20.93 23.12
CA LEU L 154 30.95 22.18 22.52
C LEU L 154 31.51 23.38 23.30
N SER L 155 31.43 23.29 24.62
CA SER L 155 31.92 24.34 25.51
C SER L 155 33.40 24.68 25.29
N GLU L 156 34.20 23.66 25.06
CA GLU L 156 35.64 23.83 24.82
C GLU L 156 35.92 24.60 23.54
N ARG L 157 35.16 24.31 22.49
CA ARG L 157 35.39 24.88 21.16
C ARG L 157 34.78 26.26 20.98
N THR L 158 33.59 26.47 21.54
CA THR L 158 32.97 27.81 21.57
C THR L 158 33.69 28.73 22.54
N GLY L 159 34.32 28.15 23.56
CA GLY L 159 35.05 28.92 24.56
C GLY L 159 34.14 29.59 25.57
N GLN L 160 32.94 29.06 25.74
CA GLN L 160 32.00 29.56 26.75
C GLN L 160 31.84 28.54 27.88
N SER L 161 31.12 28.93 28.93
CA SER L 161 30.91 28.08 30.10
C SER L 161 29.98 26.92 29.78
N ILE L 162 30.06 25.86 30.58
CA ILE L 162 29.22 24.67 30.41
C ILE L 162 27.79 24.97 30.84
N GLU L 163 27.62 25.91 31.77
CA GLU L 163 26.31 26.27 32.27
C GLU L 163 25.43 26.90 31.19
N LYS L 164 26.02 27.77 30.39
CA LYS L 164 25.31 28.45 29.30
C LYS L 164 24.95 27.48 28.17
N ILE L 165 25.86 26.55 27.89
CA ILE L 165 25.66 25.58 26.81
C ILE L 165 24.46 24.68 27.11
N GLN L 166 24.37 24.19 28.35
CA GLN L 166 23.29 23.29 28.76
C GLN L 166 21.89 23.85 28.48
N LYS L 167 21.70 25.13 28.74
CA LYS L 167 20.40 25.77 28.56
C LYS L 167 20.07 26.00 27.08
N ASP L 168 21.06 26.50 26.34
CA ASP L 168 20.90 26.77 24.91
C ASP L 168 20.71 25.47 24.12
N THR L 169 21.47 24.43 24.46
CA THR L 169 21.42 23.15 23.73
C THR L 169 20.27 22.24 24.15
N ASP L 170 19.40 22.72 25.05
CA ASP L 170 18.24 21.96 25.47
C ASP L 170 17.04 22.22 24.57
N ARG L 171 16.78 23.50 24.29
CA ARG L 171 15.66 23.91 23.42
C ARG L 171 16.16 24.31 22.04
N ASP L 172 15.22 24.59 21.14
CA ASP L 172 15.55 24.97 19.76
C ASP L 172 16.20 26.34 19.67
N ASN L 173 17.00 26.53 18.63
CA ASN L 173 17.73 27.79 18.42
C ASN L 173 17.76 28.19 16.95
N PHE L 174 18.00 29.49 16.71
CA PHE L 174 18.19 30.01 15.36
C PHE L 174 19.18 31.18 15.39
N LEU L 175 20.45 30.86 15.20
CA LEU L 175 21.54 31.84 15.20
C LEU L 175 21.95 32.21 13.78
N THR L 176 22.06 33.51 13.51
CA THR L 176 22.58 33.99 12.23
C THR L 176 24.10 33.90 12.21
N ALA L 177 24.69 34.24 11.06
CA ALA L 177 26.15 34.21 10.92
C ALA L 177 26.84 35.10 11.96
N GLU L 178 26.28 36.28 12.21
CA GLU L 178 26.84 37.21 13.19
C GLU L 178 26.67 36.70 14.61
N GLU L 179 25.50 36.14 14.91
CA GLU L 179 25.22 35.59 16.24
C GLU L 179 26.04 34.34 16.53
N ALA L 180 26.25 33.52 15.51
CA ALA L 180 27.07 32.31 15.62
C ALA L 180 28.54 32.67 15.86
N LYS L 181 28.99 33.77 15.25
CA LYS L 181 30.34 34.29 15.47
C LYS L 181 30.48 34.82 16.90
N GLU L 182 29.45 35.50 17.39
CA GLU L 182 29.42 36.02 18.75
C GLU L 182 29.38 34.89 19.77
N TYR L 183 28.71 33.80 19.43
CA TYR L 183 28.61 32.63 20.29
C TYR L 183 29.96 31.91 20.40
N GLY L 184 30.75 31.95 19.33
CA GLY L 184 32.03 31.26 19.28
C GLY L 184 32.02 30.01 18.42
N LEU L 185 30.87 29.73 17.80
CA LEU L 185 30.71 28.56 16.94
C LEU L 185 31.59 28.68 15.69
N ILE L 186 31.57 29.88 15.09
CA ILE L 186 32.44 30.19 13.95
C ILE L 186 33.39 31.33 14.31
N ASP L 187 34.43 31.49 13.51
CA ASP L 187 35.47 32.50 13.77
C ASP L 187 35.26 33.79 12.99
N GLU L 188 34.75 33.67 11.76
CA GLU L 188 34.49 34.84 10.90
C GLU L 188 33.30 34.62 9.97
N VAL L 189 32.56 35.69 9.72
CA VAL L 189 31.52 35.70 8.70
C VAL L 189 32.19 35.99 7.36
N MET L 190 31.99 35.10 6.40
CA MET L 190 32.70 35.18 5.12
C MET L 190 32.10 36.26 4.23
N VAL L 191 32.76 37.42 4.19
CA VAL L 191 32.30 38.56 3.39
C VAL L 191 32.53 38.28 1.90
N PRO L 192 31.62 38.76 1.02
CA PRO L 192 31.81 38.63 -0.42
C PRO L 192 33.23 38.93 -0.92
N GLU L 193 33.71 38.09 -1.84
CA GLU L 193 35.06 38.17 -2.38
C GLU L 193 36.11 38.11 -1.27
N LEU M 3 16.13 10.89 -22.41
CA LEU M 3 15.96 12.06 -21.49
C LEU M 3 17.26 12.86 -21.36
N ILE M 4 18.36 12.15 -21.09
CA ILE M 4 19.68 12.76 -20.93
C ILE M 4 20.65 12.18 -21.97
N PRO M 5 21.00 12.98 -23.00
CA PRO M 5 21.90 12.50 -24.04
C PRO M 5 23.38 12.70 -23.71
N THR M 6 24.24 12.12 -24.54
CA THR M 6 25.69 12.14 -24.39
C THR M 6 26.35 12.93 -25.53
N VAL M 7 27.47 13.57 -25.24
CA VAL M 7 28.23 14.31 -26.23
C VAL M 7 29.71 14.04 -26.02
N ILE M 8 30.43 13.68 -27.09
CA ILE M 8 31.89 13.53 -27.00
C ILE M 8 32.59 14.24 -28.15
N GLU M 9 33.91 14.40 -28.01
CA GLU M 9 34.72 15.09 -29.00
C GLU M 9 36.15 14.55 -29.05
N THR M 10 36.82 14.79 -30.18
CA THR M 10 38.13 14.18 -30.46
C THR M 10 39.30 15.02 -29.91
N THR M 11 39.93 14.53 -28.84
CA THR M 11 41.17 15.09 -28.32
C THR M 11 41.78 14.18 -27.24
N GLU M 15 37.01 8.74 -25.69
CA GLU M 15 37.73 9.98 -25.95
C GLU M 15 37.49 11.02 -24.86
N ARG M 16 36.24 11.47 -24.74
CA ARG M 16 35.86 12.49 -23.77
C ARG M 16 34.34 12.51 -23.57
N ALA M 17 33.86 11.70 -22.62
CA ALA M 17 32.44 11.54 -22.38
C ALA M 17 31.84 12.68 -21.55
N TYR M 18 31.01 13.50 -22.19
CA TYR M 18 30.24 14.54 -21.51
C TYR M 18 28.75 14.25 -21.63
N ASP M 19 28.00 14.54 -20.56
CA ASP M 19 26.54 14.65 -20.66
C ASP M 19 26.20 16.06 -21.12
N ILE M 20 24.97 16.25 -21.58
CA ILE M 20 24.56 17.53 -22.18
C ILE M 20 24.72 18.69 -21.19
N TYR M 21 24.46 18.43 -19.91
CA TYR M 21 24.57 19.46 -18.87
C TYR M 21 26.02 19.78 -18.57
N SER M 22 26.87 18.76 -18.60
CA SER M 22 28.30 18.95 -18.35
C SER M 22 29.03 19.61 -19.51
N ARG M 23 28.55 19.37 -20.72
CA ARG M 23 29.11 20.01 -21.91
C ARG M 23 28.84 21.52 -21.84
N LEU M 24 27.67 21.89 -21.33
CA LEU M 24 27.34 23.30 -21.09
C LEU M 24 28.17 23.88 -19.95
N LEU M 25 28.47 23.06 -18.95
CA LEU M 25 29.32 23.48 -17.83
C LEU M 25 30.76 23.79 -18.29
N LYS M 26 31.19 23.15 -19.37
CA LYS M 26 32.50 23.44 -19.98
C LYS M 26 32.56 24.88 -20.50
N ASP M 27 31.42 25.39 -20.98
CA ASP M 27 31.29 26.79 -21.42
C ASP M 27 30.74 27.69 -20.32
N ARG M 28 30.95 27.30 -19.06
CA ARG M 28 30.54 28.08 -17.89
C ARG M 28 29.03 28.36 -17.84
N ILE M 29 28.23 27.36 -18.21
CA ILE M 29 26.78 27.46 -18.15
C ILE M 29 26.22 26.46 -17.14
N ILE M 30 25.53 26.95 -16.12
CA ILE M 30 24.87 26.12 -15.12
C ILE M 30 23.37 26.11 -15.39
N MET M 31 22.80 24.92 -15.51
CA MET M 31 21.37 24.76 -15.76
C MET M 31 20.63 24.42 -14.47
N LEU M 32 19.55 25.16 -14.20
CA LEU M 32 18.73 24.93 -13.02
C LEU M 32 17.27 24.82 -13.46
N GLY M 33 16.79 23.58 -13.56
CA GLY M 33 15.42 23.31 -14.02
C GLY M 33 14.68 22.35 -13.12
N SER M 34 14.65 22.66 -11.83
CA SER M 34 13.96 21.83 -10.84
C SER M 34 13.72 22.61 -9.54
N GLN M 35 12.97 22.01 -8.62
CA GLN M 35 12.70 22.65 -7.34
C GLN M 35 13.99 22.68 -6.52
N ILE M 36 14.19 23.77 -5.77
CA ILE M 36 15.44 23.99 -5.06
C ILE M 36 15.43 23.28 -3.70
N ASP M 37 15.85 22.03 -3.70
CA ASP M 37 16.06 21.25 -2.46
C ASP M 37 17.53 21.28 -2.05
N ASP M 38 17.87 20.55 -0.99
CA ASP M 38 19.25 20.50 -0.50
C ASP M 38 20.21 19.83 -1.49
N ASN M 39 19.71 18.83 -2.21
CA ASN M 39 20.53 18.06 -3.16
C ASN M 39 20.99 18.91 -4.34
N VAL M 40 20.05 19.56 -5.00
CA VAL M 40 20.37 20.41 -6.15
C VAL M 40 21.16 21.65 -5.71
N ALA M 41 20.85 22.17 -4.53
CA ALA M 41 21.59 23.30 -3.97
C ALA M 41 23.05 22.95 -3.74
N ASN M 42 23.30 21.75 -3.23
CA ASN M 42 24.67 21.26 -3.01
C ASN M 42 25.42 21.13 -4.35
N SER M 43 24.71 20.73 -5.40
CA SER M 43 25.29 20.58 -6.73
C SER M 43 25.58 21.92 -7.41
N ILE M 44 24.64 22.85 -7.29
CA ILE M 44 24.79 24.19 -7.86
C ILE M 44 25.97 24.93 -7.22
N VAL M 45 26.09 24.82 -5.89
CA VAL M 45 27.19 25.44 -5.16
C VAL M 45 28.54 24.84 -5.59
N SER M 46 28.57 23.52 -5.78
CA SER M 46 29.78 22.83 -6.22
C SER M 46 30.23 23.28 -7.61
N GLN M 47 29.26 23.57 -8.47
CA GLN M 47 29.54 24.07 -9.82
C GLN M 47 30.07 25.50 -9.78
N LEU M 48 29.46 26.34 -8.95
CA LEU M 48 29.90 27.73 -8.80
C LEU M 48 31.32 27.79 -8.24
N LEU M 49 31.62 26.94 -7.27
CA LEU M 49 32.97 26.85 -6.70
C LEU M 49 33.97 26.30 -7.70
N PHE M 50 33.51 25.38 -8.55
CA PHE M 50 34.35 24.78 -9.58
C PHE M 50 34.72 25.77 -10.69
N LEU M 51 33.72 26.50 -11.18
CA LEU M 51 33.94 27.49 -12.24
C LEU M 51 34.84 28.64 -11.80
N GLN M 52 34.79 28.98 -10.51
CA GLN M 52 35.68 29.98 -9.94
C GLN M 52 37.14 29.51 -9.98
N ALA M 53 37.34 28.24 -9.63
CA ALA M 53 38.67 27.64 -9.64
C ALA M 53 39.22 27.52 -11.07
N GLN M 54 38.32 27.28 -12.02
CA GLN M 54 38.69 27.22 -13.44
C GLN M 54 39.13 28.60 -13.94
N ASP M 55 38.31 29.61 -13.71
CA ASP M 55 38.66 30.98 -14.04
C ASP M 55 37.83 31.94 -13.20
N SER M 56 38.52 32.77 -12.40
CA SER M 56 37.85 33.68 -11.48
C SER M 56 37.39 34.98 -12.15
N GLU M 57 37.80 35.22 -13.39
CA GLU M 57 37.48 36.47 -14.09
C GLU M 57 36.31 36.33 -15.05
N LYS M 58 36.26 35.24 -15.81
CA LYS M 58 35.20 35.03 -16.80
C LYS M 58 33.84 34.88 -16.14
N ASP M 59 32.80 35.27 -16.86
CA ASP M 59 31.43 35.28 -16.33
C ASP M 59 30.83 33.89 -16.35
N ILE M 60 29.85 33.67 -15.45
CA ILE M 60 29.10 32.43 -15.36
C ILE M 60 27.66 32.69 -15.80
N TYR M 61 27.05 31.71 -16.47
CA TYR M 61 25.68 31.81 -16.95
C TYR M 61 24.77 30.85 -16.20
N LEU M 62 23.81 31.39 -15.45
CA LEU M 62 22.88 30.60 -14.64
C LEU M 62 21.45 30.66 -15.21
N TYR M 63 21.07 29.62 -15.94
CA TYR M 63 19.70 29.52 -16.47
C TYR M 63 18.75 28.97 -15.40
N ILE M 64 17.64 29.67 -15.18
CA ILE M 64 16.71 29.33 -14.11
C ILE M 64 15.34 28.93 -14.66
N ASN M 65 14.80 27.83 -14.13
CA ASN M 65 13.46 27.34 -14.46
C ASN M 65 12.93 26.53 -13.28
N SER M 66 12.75 27.21 -12.15
CA SER M 66 12.33 26.57 -10.90
C SER M 66 11.00 27.12 -10.40
N PRO M 67 10.12 26.23 -9.89
CA PRO M 67 8.87 26.68 -9.27
C PRO M 67 9.08 27.18 -7.83
N GLY M 68 10.18 26.77 -7.21
CA GLY M 68 10.49 27.21 -5.84
C GLY M 68 11.42 26.26 -5.11
N GLY M 69 11.27 26.22 -3.79
CA GLY M 69 12.09 25.34 -2.97
C GLY M 69 12.23 25.85 -1.55
N SER M 70 13.22 25.31 -0.84
CA SER M 70 13.48 25.68 0.55
C SER M 70 14.19 27.03 0.64
N VAL M 71 13.99 27.73 1.75
CA VAL M 71 14.61 29.04 1.96
C VAL M 71 16.09 28.87 2.25
N THR M 72 16.40 28.00 3.20
CA THR M 72 17.79 27.71 3.57
C THR M 72 18.61 27.16 2.40
N ALA M 73 17.95 26.41 1.51
CA ALA M 73 18.61 25.88 0.32
C ALA M 73 18.88 26.98 -0.70
N GLY M 74 17.96 27.94 -0.78
CA GLY M 74 18.09 29.06 -1.69
C GLY M 74 19.20 30.01 -1.28
N PHE M 75 19.30 30.28 0.03
CA PHE M 75 20.34 31.17 0.54
C PHE M 75 21.75 30.59 0.39
N ALA M 76 21.85 29.26 0.37
CA ALA M 76 23.12 28.60 0.12
C ALA M 76 23.65 28.94 -1.28
N ILE M 77 22.74 28.95 -2.26
CA ILE M 77 23.09 29.31 -3.63
C ILE M 77 23.34 30.81 -3.70
N TYR M 78 22.49 31.59 -3.04
CA TYR M 78 22.61 33.05 -3.02
C TYR M 78 23.98 33.48 -2.51
N ASP M 79 24.31 33.08 -1.29
CA ASP M 79 25.57 33.46 -0.65
C ASP M 79 26.78 33.05 -1.48
N THR M 80 26.72 31.87 -2.10
CA THR M 80 27.81 31.39 -2.95
C THR M 80 28.01 32.28 -4.18
N ILE M 81 26.91 32.71 -4.79
CA ILE M 81 26.97 33.59 -5.96
C ILE M 81 27.64 34.93 -5.62
N GLN M 82 27.29 35.49 -4.48
CA GLN M 82 27.85 36.77 -4.06
C GLN M 82 29.28 36.61 -3.55
N HIS M 83 29.60 35.46 -2.97
CA HIS M 83 30.92 35.22 -2.38
C HIS M 83 32.02 35.13 -3.44
N ILE M 84 31.75 34.42 -4.53
CA ILE M 84 32.76 34.19 -5.57
C ILE M 84 33.00 35.43 -6.41
N LYS M 85 34.19 35.48 -7.02
CA LYS M 85 34.62 36.63 -7.83
C LYS M 85 33.82 36.79 -9.13
N PRO M 86 33.65 35.71 -9.91
CA PRO M 86 32.97 35.82 -11.20
C PRO M 86 31.58 36.46 -11.13
N ASP M 87 31.25 37.26 -12.13
CA ASP M 87 29.94 37.85 -12.25
C ASP M 87 28.98 36.81 -12.82
N VAL M 88 28.06 36.33 -11.99
CA VAL M 88 27.10 35.30 -12.39
C VAL M 88 25.92 35.94 -13.13
N GLN M 89 25.85 35.70 -14.44
CA GLN M 89 24.69 36.13 -15.23
C GLN M 89 23.48 35.29 -14.88
N THR M 90 22.29 35.81 -15.16
CA THR M 90 21.04 35.13 -14.84
C THR M 90 20.05 35.26 -16.00
N ILE M 91 19.54 34.12 -16.47
CA ILE M 91 18.59 34.08 -17.57
C ILE M 91 17.39 33.23 -17.20
N CYS M 92 16.26 33.86 -16.93
CA CYS M 92 15.04 33.16 -16.57
C CYS M 92 14.34 32.59 -17.80
N ILE M 93 13.96 31.32 -17.74
CA ILE M 93 13.18 30.68 -18.80
C ILE M 93 12.00 29.92 -18.18
N GLY M 94 10.90 29.85 -18.92
CA GLY M 94 9.68 29.19 -18.44
C GLY M 94 9.03 29.96 -17.31
N MET M 95 9.55 29.78 -16.10
CA MET M 95 9.09 30.53 -14.93
C MET M 95 10.20 30.64 -13.88
N ALA M 96 10.06 31.65 -13.01
CA ALA M 96 10.92 31.78 -11.85
C ALA M 96 10.04 32.15 -10.66
N ALA M 97 9.50 31.13 -10.00
CA ALA M 97 8.55 31.33 -8.91
C ALA M 97 9.20 31.08 -7.56
N SER M 98 8.64 31.70 -6.53
CA SER M 98 9.08 31.51 -5.15
C SER M 98 10.57 31.82 -4.98
N MET M 99 11.37 30.85 -4.53
CA MET M 99 12.80 31.08 -4.28
C MET M 99 13.60 31.24 -5.60
N GLY M 100 13.02 30.81 -6.71
CA GLY M 100 13.64 30.97 -8.02
C GLY M 100 13.75 32.44 -8.42
N SER M 101 12.74 33.23 -8.06
CA SER M 101 12.75 34.66 -8.32
C SER M 101 13.76 35.37 -7.42
N PHE M 102 14.05 34.80 -6.26
CA PHE M 102 15.05 35.38 -5.35
C PHE M 102 16.44 35.26 -5.97
N LEU M 103 16.73 34.10 -6.53
CA LEU M 103 17.99 33.87 -7.26
C LEU M 103 18.02 34.62 -8.59
N LEU M 104 16.84 34.85 -9.16
CA LEU M 104 16.73 35.63 -10.40
C LEU M 104 17.25 37.05 -10.19
N ALA M 105 16.81 37.67 -9.10
CA ALA M 105 17.24 39.03 -8.72
C ALA M 105 18.68 39.04 -8.18
N ALA M 106 19.14 37.90 -7.67
CA ALA M 106 20.48 37.79 -7.08
C ALA M 106 21.63 37.84 -8.08
N GLY M 107 21.32 37.78 -9.37
CA GLY M 107 22.33 37.85 -10.42
C GLY M 107 23.15 39.13 -10.38
N ALA M 108 24.30 39.11 -11.06
CA ALA M 108 25.19 40.27 -11.11
C ALA M 108 24.46 41.49 -11.69
N LYS M 109 24.76 42.66 -11.13
CA LYS M 109 24.03 43.88 -11.49
C LYS M 109 24.42 44.31 -12.90
N GLY M 110 23.42 44.42 -13.77
CA GLY M 110 23.64 44.72 -15.19
C GLY M 110 23.52 43.48 -16.07
N LYS M 111 23.42 42.31 -15.45
CA LYS M 111 23.40 41.04 -16.17
C LYS M 111 22.29 40.10 -15.66
N ARG M 112 21.10 40.66 -15.45
CA ARG M 112 19.93 39.88 -15.04
C ARG M 112 18.91 39.89 -16.19
N PHE M 113 18.68 38.73 -16.77
CA PHE M 113 17.86 38.61 -17.98
C PHE M 113 16.65 37.69 -17.80
N ALA M 114 15.74 37.76 -18.77
CA ALA M 114 14.57 36.87 -18.84
C ALA M 114 13.96 36.91 -20.22
N LEU M 115 13.54 35.76 -20.72
CA LEU M 115 12.97 35.66 -22.08
C LEU M 115 11.53 36.20 -22.09
N PRO M 116 11.01 36.56 -23.29
CA PRO M 116 9.73 37.27 -23.39
C PRO M 116 8.56 36.64 -22.64
N ASN M 117 8.36 35.34 -22.81
CA ASN M 117 7.23 34.64 -22.21
C ASN M 117 7.54 33.96 -20.89
N ALA M 118 8.60 34.41 -20.21
CA ALA M 118 9.00 33.84 -18.93
C ALA M 118 8.23 34.54 -17.81
N GLU M 119 7.52 33.74 -17.01
CA GLU M 119 6.75 34.27 -15.87
C GLU M 119 7.64 34.45 -14.65
N VAL M 120 7.18 35.28 -13.71
CA VAL M 120 7.90 35.52 -12.45
C VAL M 120 6.89 35.62 -11.30
N MET M 121 7.26 35.07 -10.15
CA MET M 121 6.41 35.11 -8.96
C MET M 121 7.31 35.28 -7.73
N ILE M 122 7.07 36.34 -6.97
CA ILE M 122 7.93 36.71 -5.83
C ILE M 122 7.22 36.50 -4.49
N HIS M 123 6.92 35.24 -4.18
CA HIS M 123 6.31 34.89 -2.90
C HIS M 123 6.70 33.46 -2.49
N GLN M 124 7.34 33.36 -1.32
CA GLN M 124 7.71 32.06 -0.75
C GLN M 124 6.67 31.63 0.28
N PRO M 125 5.91 30.55 0.00
CA PRO M 125 5.08 29.95 1.06
C PRO M 125 5.98 29.19 2.02
N LEU M 126 5.42 28.58 3.06
CA LEU M 126 6.27 27.97 4.08
C LEU M 126 6.16 26.45 4.23
N GLY M 127 7.32 25.81 4.20
CA GLY M 127 7.50 24.44 4.67
C GLY M 127 8.49 24.49 5.83
N GLY M 128 9.34 23.47 5.93
CA GLY M 128 10.37 23.42 6.99
C GLY M 128 9.86 23.82 8.36
N ALA M 129 8.64 23.38 8.68
CA ALA M 129 7.97 23.74 9.93
C ALA M 129 8.31 22.80 11.09
N GLN M 130 9.06 21.74 10.80
CA GLN M 130 9.41 20.71 11.79
C GLN M 130 10.19 21.23 13.01
N GLY M 131 11.42 21.68 12.78
CA GLY M 131 12.31 22.09 13.87
C GLY M 131 11.79 23.26 14.71
N GLN M 132 10.97 24.10 14.10
CA GLN M 132 10.39 25.27 14.77
C GLN M 132 9.18 24.90 15.62
N ALA M 133 8.42 23.89 15.18
CA ALA M 133 7.12 23.52 15.78
C ALA M 133 7.16 23.13 17.28
N THR M 134 8.34 22.92 17.83
CA THR M 134 8.47 22.52 19.24
C THR M 134 8.22 23.69 20.19
N GLU M 135 8.87 24.82 19.93
CA GLU M 135 8.70 26.04 20.75
C GLU M 135 7.82 27.05 20.02
N ILE M 136 6.99 27.78 20.77
CA ILE M 136 5.97 28.65 20.20
C ILE M 136 6.50 30.04 19.86
N GLU M 137 7.09 30.70 20.86
CA GLU M 137 7.55 32.08 20.71
C GLU M 137 8.61 32.25 19.62
N ILE M 138 9.49 31.26 19.49
CA ILE M 138 10.55 31.28 18.48
C ILE M 138 10.02 30.98 17.08
N ALA M 139 9.10 30.01 16.99
CA ALA M 139 8.55 29.58 15.70
C ALA M 139 7.90 30.72 14.93
N ALA M 140 7.09 31.51 15.63
CA ALA M 140 6.43 32.66 15.04
C ALA M 140 7.43 33.76 14.67
N ASN M 141 8.37 34.01 15.56
CA ASN M 141 9.39 35.04 15.32
C ASN M 141 10.40 34.66 14.24
N HIS M 142 10.63 33.36 14.07
CA HIS M 142 11.52 32.87 13.02
C HIS M 142 10.95 33.14 11.63
N ILE M 143 9.62 33.09 11.52
CA ILE M 143 8.93 33.45 10.29
C ILE M 143 9.13 34.95 10.02
N LEU M 144 8.94 35.77 11.05
CA LEU M 144 9.14 37.22 10.94
C LEU M 144 10.59 37.57 10.63
N LYS M 145 11.52 36.89 11.27
CA LYS M 145 12.95 37.10 11.02
C LYS M 145 13.31 36.74 9.58
N THR M 146 12.82 35.61 9.12
CA THR M 146 13.04 35.16 7.74
C THR M 146 12.35 36.08 6.74
N ARG M 147 11.17 36.59 7.12
CA ARG M 147 10.44 37.54 6.28
C ARG M 147 11.20 38.86 6.18
N GLU M 148 11.77 39.31 7.30
CA GLU M 148 12.61 40.50 7.34
C GLU M 148 13.92 40.25 6.59
N LYS M 149 14.42 39.02 6.67
CA LYS M 149 15.65 38.62 5.99
C LYS M 149 15.48 38.64 4.47
N LEU M 150 14.37 38.08 4.00
CA LEU M 150 14.07 38.00 2.57
C LEU M 150 13.74 39.37 1.98
N ASN M 151 12.84 40.08 2.63
CA ASN M 151 12.36 41.38 2.13
C ASN M 151 13.45 42.46 2.11
N ARG M 152 14.39 42.40 3.06
CA ARG M 152 15.50 43.35 3.11
C ARG M 152 16.44 43.15 1.92
N ILE M 153 16.81 41.90 1.68
CA ILE M 153 17.75 41.56 0.60
C ILE M 153 17.12 41.82 -0.77
N LEU M 154 15.83 41.51 -0.91
CA LEU M 154 15.12 41.72 -2.17
C LEU M 154 15.04 43.21 -2.48
N SER M 155 14.70 44.00 -1.47
CA SER M 155 14.57 45.46 -1.59
C SER M 155 15.84 46.13 -2.12
N GLU M 156 17.00 45.66 -1.66
CA GLU M 156 18.29 46.21 -2.07
C GLU M 156 18.56 45.96 -3.57
N ARG M 157 18.20 44.77 -4.04
CA ARG M 157 18.51 44.36 -5.41
C ARG M 157 17.49 44.86 -6.44
N THR M 158 16.22 44.87 -6.07
CA THR M 158 15.18 45.48 -6.92
C THR M 158 15.28 47.00 -6.92
N GLY M 159 15.82 47.56 -5.84
CA GLY M 159 16.00 49.00 -5.72
C GLY M 159 14.71 49.72 -5.38
N GLN M 160 13.76 49.01 -4.77
CA GLN M 160 12.51 49.60 -4.30
C GLN M 160 12.48 49.65 -2.78
N SER M 161 11.44 50.28 -2.23
CA SER M 161 11.30 50.43 -0.78
C SER M 161 10.94 49.11 -0.12
N ILE M 162 11.23 49.00 1.18
CA ILE M 162 10.92 47.79 1.95
C ILE M 162 9.42 47.66 2.19
N GLU M 163 8.73 48.80 2.22
CA GLU M 163 7.28 48.83 2.46
C GLU M 163 6.51 48.15 1.34
N LYS M 164 6.92 48.42 0.09
CA LYS M 164 6.28 47.83 -1.08
C LYS M 164 6.55 46.33 -1.20
N ILE M 165 7.77 45.93 -0.84
CA ILE M 165 8.16 44.52 -0.92
C ILE M 165 7.33 43.67 0.02
N GLN M 166 7.14 44.13 1.25
CA GLN M 166 6.38 43.39 2.27
C GLN M 166 4.98 42.98 1.81
N LYS M 167 4.30 43.88 1.12
CA LYS M 167 2.92 43.62 0.66
C LYS M 167 2.88 42.68 -0.52
N ASP M 168 3.77 42.91 -1.48
CA ASP M 168 3.85 42.07 -2.68
C ASP M 168 4.32 40.65 -2.35
N THR M 169 5.29 40.53 -1.46
CA THR M 169 5.86 39.22 -1.10
C THR M 169 5.04 38.45 -0.06
N ASP M 170 3.89 38.98 0.33
CA ASP M 170 3.00 38.32 1.28
C ASP M 170 2.03 37.40 0.54
N ARG M 171 1.39 37.92 -0.50
CA ARG M 171 0.43 37.16 -1.31
C ARG M 171 1.06 36.69 -2.62
N ASP M 172 0.30 35.90 -3.38
CA ASP M 172 0.78 35.36 -4.66
C ASP M 172 0.90 36.45 -5.72
N ASN M 173 1.79 36.20 -6.68
CA ASN M 173 2.07 37.16 -7.77
C ASN M 173 2.27 36.46 -9.11
N PHE M 174 2.08 37.22 -10.18
CA PHE M 174 2.37 36.74 -11.54
C PHE M 174 2.85 37.89 -12.42
N LEU M 175 4.16 38.09 -12.44
CA LEU M 175 4.79 39.16 -13.22
C LEU M 175 5.35 38.63 -14.53
N THR M 176 5.05 39.31 -15.64
CA THR M 176 5.63 38.98 -16.93
C THR M 176 7.06 39.55 -17.03
N ALA M 177 7.73 39.25 -18.13
CA ALA M 177 9.11 39.73 -18.35
C ALA M 177 9.18 41.25 -18.28
N GLU M 178 8.20 41.93 -18.87
CA GLU M 178 8.15 43.40 -18.85
C GLU M 178 7.87 43.94 -17.46
N GLU M 179 6.93 43.30 -16.76
CA GLU M 179 6.57 43.72 -15.40
C GLU M 179 7.70 43.45 -14.40
N ALA M 180 8.40 42.34 -14.59
CA ALA M 180 9.55 42.00 -13.76
C ALA M 180 10.70 42.99 -13.97
N LYS M 181 10.86 43.46 -15.20
CA LYS M 181 11.85 44.48 -15.53
C LYS M 181 11.48 45.82 -14.87
N GLU M 182 10.18 46.14 -14.90
CA GLU M 182 9.67 47.36 -14.28
C GLU M 182 9.81 47.31 -12.75
N TYR M 183 9.67 46.11 -12.19
CA TYR M 183 9.80 45.90 -10.75
C TYR M 183 11.26 46.06 -10.30
N GLY M 184 12.20 45.71 -11.17
CA GLY M 184 13.62 45.77 -10.85
C GLY M 184 14.23 44.41 -10.59
N LEU M 185 13.43 43.35 -10.75
CA LEU M 185 13.91 41.97 -10.56
C LEU M 185 14.93 41.60 -11.62
N ILE M 186 14.63 41.94 -12.87
CA ILE M 186 15.56 41.75 -13.98
C ILE M 186 15.93 43.09 -14.61
N ASP M 187 16.99 43.10 -15.39
CA ASP M 187 17.53 44.33 -15.98
C ASP M 187 17.06 44.55 -17.42
N GLU M 188 16.91 43.46 -18.18
CA GLU M 188 16.46 43.53 -19.57
C GLU M 188 15.66 42.29 -19.98
N VAL M 189 14.66 42.49 -20.82
CA VAL M 189 13.94 41.40 -21.47
C VAL M 189 14.74 40.98 -22.68
N MET M 190 15.10 39.70 -22.76
CA MET M 190 16.00 39.21 -23.79
C MET M 190 15.27 39.06 -25.12
N VAL M 191 15.47 40.02 -26.02
CA VAL M 191 14.82 40.03 -27.33
C VAL M 191 15.46 38.97 -28.23
N PRO M 192 14.67 38.32 -29.11
CA PRO M 192 15.20 37.35 -30.07
C PRO M 192 16.50 37.80 -30.77
N GLU M 193 17.44 36.87 -30.89
CA GLU M 193 18.77 37.13 -31.47
C GLU M 193 19.50 38.25 -30.72
N LEU N 3 15.55 -1.41 -24.62
CA LEU N 3 14.79 -0.13 -24.80
C LEU N 3 15.68 0.97 -25.37
N ILE N 4 16.86 1.15 -24.78
CA ILE N 4 17.82 2.18 -25.22
C ILE N 4 19.14 1.50 -25.63
N PRO N 5 19.43 1.43 -26.94
CA PRO N 5 20.64 0.79 -27.42
C PRO N 5 21.85 1.72 -27.48
N THR N 6 23.02 1.13 -27.72
CA THR N 6 24.30 1.84 -27.76
C THR N 6 24.88 1.82 -29.17
N VAL N 7 25.63 2.88 -29.51
CA VAL N 7 26.31 2.97 -30.81
C VAL N 7 27.70 3.54 -30.59
N ILE N 8 28.71 2.89 -31.15
CA ILE N 8 30.09 3.42 -31.11
C ILE N 8 30.74 3.38 -32.49
N GLU N 9 31.86 4.09 -32.61
CA GLU N 9 32.59 4.18 -33.88
C GLU N 9 34.08 4.39 -33.66
N THR N 10 34.88 4.05 -34.67
CA THR N 10 36.34 4.00 -34.56
C THR N 10 37.00 5.36 -34.87
N THR N 11 37.48 6.02 -33.82
CA THR N 11 38.32 7.23 -33.96
C THR N 11 38.93 7.63 -32.62
N GLU N 15 36.09 3.38 -27.27
CA GLU N 15 36.38 4.26 -28.39
C GLU N 15 35.57 5.55 -28.33
N ARG N 16 34.25 5.40 -28.46
CA ARG N 16 33.33 6.54 -28.46
C ARG N 16 31.88 6.08 -28.20
N ALA N 17 31.52 6.03 -26.92
CA ALA N 17 30.21 5.51 -26.50
C ALA N 17 29.08 6.55 -26.67
N TYR N 18 28.20 6.30 -27.63
CA TYR N 18 26.99 7.09 -27.81
C TYR N 18 25.74 6.24 -27.57
N ASP N 19 24.73 6.84 -26.95
CA ASP N 19 23.38 6.26 -26.96
C ASP N 19 22.69 6.69 -28.25
N ILE N 20 21.60 6.00 -28.60
CA ILE N 20 20.94 6.25 -29.89
C ILE N 20 20.46 7.69 -30.03
N TYR N 21 20.01 8.29 -28.92
CA TYR N 21 19.53 9.66 -28.93
C TYR N 21 20.69 10.65 -29.08
N SER N 22 21.81 10.33 -28.44
CA SER N 22 23.01 11.18 -28.51
C SER N 22 23.71 11.10 -29.87
N ARG N 23 23.62 9.95 -30.52
CA ARG N 23 24.17 9.78 -31.86
C ARG N 23 23.40 10.66 -32.85
N LEU N 24 22.09 10.78 -32.63
CA LEU N 24 21.26 11.68 -33.42
C LEU N 24 21.57 13.14 -33.11
N LEU N 25 21.89 13.42 -31.85
CA LEU N 25 22.28 14.77 -31.45
C LEU N 25 23.58 15.23 -32.11
N LYS N 26 24.44 14.27 -32.46
CA LYS N 26 25.66 14.57 -33.21
C LYS N 26 25.35 15.14 -34.60
N ASP N 27 24.24 14.69 -35.18
CA ASP N 27 23.75 15.20 -36.47
C ASP N 27 22.69 16.30 -36.29
N ARG N 28 22.73 16.98 -35.14
CA ARG N 28 21.82 18.09 -34.83
C ARG N 28 20.35 17.70 -34.83
N ILE N 29 20.03 16.50 -34.33
CA ILE N 29 18.66 16.02 -34.24
C ILE N 29 18.27 15.86 -32.77
N ILE N 30 17.23 16.59 -32.35
CA ILE N 30 16.68 16.47 -31.00
C ILE N 30 15.38 15.68 -31.04
N MET N 31 15.29 14.63 -30.24
CA MET N 31 14.10 13.79 -30.19
C MET N 31 13.26 14.17 -28.98
N LEU N 32 11.96 14.38 -29.21
CA LEU N 32 11.02 14.70 -28.13
C LEU N 32 9.82 13.75 -28.22
N GLY N 33 9.85 12.71 -27.39
CA GLY N 33 8.79 11.69 -27.41
C GLY N 33 8.24 11.40 -26.02
N SER N 34 7.81 12.46 -25.33
CA SER N 34 7.24 12.32 -23.99
C SER N 34 6.47 13.58 -23.61
N GLN N 35 5.76 13.53 -22.48
CA GLN N 35 5.02 14.69 -21.99
C GLN N 35 6.01 15.77 -21.56
N ILE N 36 5.64 17.03 -21.80
CA ILE N 36 6.55 18.15 -21.57
C ILE N 36 6.47 18.63 -20.12
N ASP N 37 7.29 18.01 -19.27
CA ASP N 37 7.45 18.44 -17.87
C ASP N 37 8.69 19.33 -17.74
N ASP N 38 9.02 19.72 -16.50
CA ASP N 38 10.19 20.57 -16.25
C ASP N 38 11.51 19.87 -16.54
N ASN N 39 11.56 18.55 -16.32
CA ASN N 39 12.79 17.78 -16.52
C ASN N 39 13.18 17.69 -17.99
N VAL N 40 12.25 17.27 -18.83
CA VAL N 40 12.51 17.15 -20.27
C VAL N 40 12.71 18.54 -20.91
N ALA N 41 11.98 19.54 -20.39
CA ALA N 41 12.14 20.90 -20.87
C ALA N 41 13.54 21.43 -20.60
N ASN N 42 14.07 21.12 -19.41
CA ASN N 42 15.43 21.51 -19.04
C ASN N 42 16.47 20.83 -19.95
N SER N 43 16.18 19.59 -20.35
CA SER N 43 17.07 18.83 -21.22
C SER N 43 17.04 19.31 -22.67
N ILE N 44 15.83 19.59 -23.15
CA ILE N 44 15.65 20.12 -24.52
C ILE N 44 16.32 21.49 -24.69
N VAL N 45 16.15 22.36 -23.70
CA VAL N 45 16.79 23.68 -23.71
C VAL N 45 18.31 23.56 -23.71
N SER N 46 18.84 22.62 -22.92
CA SER N 46 20.28 22.39 -22.85
C SER N 46 20.85 21.91 -24.19
N GLN N 47 20.06 21.11 -24.92
CA GLN N 47 20.45 20.63 -26.24
C GLN N 47 20.44 21.74 -27.27
N LEU N 48 19.41 22.59 -27.21
CA LEU N 48 19.32 23.73 -28.12
C LEU N 48 20.45 24.71 -27.90
N LEU N 49 20.80 24.96 -26.64
CA LEU N 49 21.94 25.84 -26.30
C LEU N 49 23.26 25.21 -26.71
N PHE N 50 23.34 23.88 -26.63
CA PHE N 50 24.55 23.15 -27.00
C PHE N 50 24.80 23.17 -28.50
N LEU N 51 23.75 22.89 -29.28
CA LEU N 51 23.86 22.88 -30.74
C LEU N 51 24.19 24.26 -31.32
N GLN N 52 23.73 25.32 -30.65
CA GLN N 52 24.08 26.68 -31.04
C GLN N 52 25.58 26.94 -30.86
N ALA N 53 26.12 26.47 -29.74
CA ALA N 53 27.54 26.61 -29.44
C ALA N 53 28.40 25.80 -30.41
N GLN N 54 27.89 24.65 -30.83
CA GLN N 54 28.58 23.81 -31.82
C GLN N 54 28.64 24.52 -33.16
N ASP N 55 27.48 24.96 -33.65
CA ASP N 55 27.39 25.71 -34.89
C ASP N 55 26.11 26.57 -34.90
N SER N 56 26.27 27.88 -34.98
CA SER N 56 25.14 28.81 -34.92
C SER N 56 24.43 28.99 -36.26
N GLU N 57 25.01 28.46 -37.34
CA GLU N 57 24.45 28.64 -38.69
C GLU N 57 23.64 27.44 -39.15
N LYS N 58 24.15 26.24 -38.91
CA LYS N 58 23.47 25.00 -39.36
C LYS N 58 22.12 24.81 -38.67
N ASP N 59 21.20 24.15 -39.37
CA ASP N 59 19.84 23.96 -38.88
C ASP N 59 19.76 22.85 -37.85
N ILE N 60 18.75 22.93 -36.99
CA ILE N 60 18.47 21.91 -35.98
C ILE N 60 17.16 21.21 -36.35
N TYR N 61 17.09 19.90 -36.08
CA TYR N 61 15.90 19.10 -36.36
C TYR N 61 15.24 18.65 -35.08
N LEU N 62 14.00 19.10 -34.85
CA LEU N 62 13.25 18.77 -33.63
C LEU N 62 12.07 17.87 -33.94
N TYR N 63 12.22 16.58 -33.69
CA TYR N 63 11.13 15.61 -33.87
C TYR N 63 10.21 15.61 -32.66
N ILE N 64 8.91 15.74 -32.90
CA ILE N 64 7.93 15.88 -31.83
C ILE N 64 6.94 14.72 -31.81
N ASN N 65 6.72 14.17 -30.60
CA ASN N 65 5.73 13.11 -30.37
C ASN N 65 5.24 13.20 -28.92
N SER N 66 4.60 14.31 -28.60
CA SER N 66 4.15 14.60 -27.24
C SER N 66 2.64 14.74 -27.14
N PRO N 67 2.02 14.17 -26.08
CA PRO N 67 0.59 14.37 -25.85
C PRO N 67 0.28 15.73 -25.22
N GLY N 68 1.28 16.34 -24.59
CA GLY N 68 1.10 17.66 -23.97
C GLY N 68 2.10 17.93 -22.88
N GLY N 69 1.69 18.74 -21.90
CA GLY N 69 2.55 19.07 -20.77
C GLY N 69 2.19 20.41 -20.16
N SER N 70 3.11 20.94 -19.35
CA SER N 70 2.90 22.20 -18.65
C SER N 70 3.07 23.38 -19.60
N VAL N 71 2.41 24.48 -19.29
CA VAL N 71 2.48 25.68 -20.12
C VAL N 71 3.82 26.36 -19.93
N THR N 72 4.18 26.60 -18.67
CA THR N 72 5.46 27.21 -18.34
C THR N 72 6.66 26.41 -18.84
N ALA N 73 6.52 25.09 -18.88
CA ALA N 73 7.56 24.21 -19.40
C ALA N 73 7.68 24.32 -20.91
N GLY N 74 6.53 24.49 -21.57
CA GLY N 74 6.46 24.64 -23.02
C GLY N 74 7.06 25.94 -23.51
N PHE N 75 6.77 27.03 -22.79
CA PHE N 75 7.30 28.35 -23.14
C PHE N 75 8.82 28.44 -22.97
N ALA N 76 9.37 27.65 -22.05
CA ALA N 76 10.81 27.58 -21.86
C ALA N 76 11.50 27.06 -23.14
N ILE N 77 10.89 26.04 -23.75
CA ILE N 77 11.39 25.48 -25.00
C ILE N 77 11.12 26.47 -26.13
N TYR N 78 9.93 27.06 -26.14
CA TYR N 78 9.54 28.04 -27.17
C TYR N 78 10.53 29.19 -27.24
N ASP N 79 10.68 29.90 -26.12
CA ASP N 79 11.56 31.06 -26.04
C ASP N 79 13.00 30.73 -26.44
N THR N 80 13.47 29.55 -26.05
CA THR N 80 14.82 29.11 -26.40
C THR N 80 14.98 28.91 -27.91
N ILE N 81 13.97 28.34 -28.55
CA ILE N 81 14.00 28.11 -30.00
C ILE N 81 14.09 29.44 -30.76
N GLN N 82 13.31 30.42 -30.32
CA GLN N 82 13.29 31.74 -30.97
C GLN N 82 14.53 32.57 -30.63
N HIS N 83 15.08 32.35 -29.44
CA HIS N 83 16.23 33.12 -28.98
C HIS N 83 17.50 32.80 -29.75
N ILE N 84 17.75 31.51 -30.00
CA ILE N 84 18.98 31.07 -30.65
C ILE N 84 18.97 31.35 -32.14
N LYS N 85 20.17 31.47 -32.71
CA LYS N 85 20.36 31.81 -34.13
C LYS N 85 19.87 30.72 -35.09
N PRO N 86 20.26 29.44 -34.86
CA PRO N 86 19.89 28.37 -35.79
C PRO N 86 18.39 28.26 -36.06
N ASP N 87 18.06 27.96 -37.31
CA ASP N 87 16.67 27.71 -37.69
C ASP N 87 16.29 26.30 -37.27
N VAL N 88 15.43 26.21 -36.25
CA VAL N 88 14.99 24.90 -35.74
C VAL N 88 13.87 24.33 -36.59
N GLN N 89 14.17 23.28 -37.35
CA GLN N 89 13.15 22.55 -38.11
C GLN N 89 12.25 21.79 -37.15
N THR N 90 11.06 21.44 -37.62
CA THR N 90 10.08 20.73 -36.81
C THR N 90 9.39 19.63 -37.62
N ILE N 91 9.42 18.41 -37.11
CA ILE N 91 8.81 17.27 -37.79
C ILE N 91 7.92 16.51 -36.79
N CYS N 92 6.61 16.63 -36.96
CA CYS N 92 5.66 15.94 -36.10
C CYS N 92 5.49 14.48 -36.51
N ILE N 93 5.56 13.58 -35.53
CA ILE N 93 5.31 12.15 -35.76
C ILE N 93 4.35 11.63 -34.69
N GLY N 94 3.53 10.65 -35.06
CA GLY N 94 2.54 10.06 -34.15
C GLY N 94 1.43 11.04 -33.83
N MET N 95 1.70 11.96 -32.90
CA MET N 95 0.74 13.03 -32.57
C MET N 95 1.48 14.25 -32.00
N ALA N 96 0.83 15.40 -32.09
CA ALA N 96 1.29 16.62 -31.45
C ALA N 96 0.10 17.30 -30.80
N ALA N 97 -0.19 16.90 -29.56
CA ALA N 97 -1.38 17.38 -28.86
C ALA N 97 -0.99 18.38 -27.77
N SER N 98 -1.95 19.24 -27.44
CA SER N 98 -1.80 20.22 -26.37
C SER N 98 -0.58 21.12 -26.60
N MET N 99 0.37 21.14 -25.67
CA MET N 99 1.54 22.03 -25.80
C MET N 99 2.51 21.57 -26.89
N GLY N 100 2.38 20.31 -27.32
CA GLY N 100 3.19 19.79 -28.43
C GLY N 100 2.89 20.48 -29.74
N SER N 101 1.62 20.80 -29.95
CA SER N 101 1.19 21.53 -31.15
C SER N 101 1.65 22.99 -31.13
N PHE N 102 1.85 23.53 -29.92
CA PHE N 102 2.37 24.89 -29.78
C PHE N 102 3.82 24.96 -30.25
N LEU N 103 4.61 23.97 -29.86
CA LEU N 103 5.99 23.85 -30.32
C LEU N 103 6.07 23.42 -31.77
N LEU N 104 5.04 22.71 -32.25
CA LEU N 104 4.96 22.32 -33.65
C LEU N 104 4.90 23.55 -34.54
N ALA N 105 4.04 24.49 -34.16
CA ALA N 105 3.89 25.76 -34.89
C ALA N 105 5.07 26.70 -34.67
N ALA N 106 5.77 26.53 -33.55
CA ALA N 106 6.88 27.40 -33.17
C ALA N 106 8.13 27.22 -34.02
N GLY N 107 8.17 26.17 -34.85
CA GLY N 107 9.32 25.93 -35.73
C GLY N 107 9.63 27.07 -36.67
N ALA N 108 10.83 27.05 -37.25
CA ALA N 108 11.27 28.09 -38.17
C ALA N 108 10.32 28.17 -39.37
N LYS N 109 10.06 29.39 -39.84
CA LYS N 109 9.06 29.63 -40.87
C LYS N 109 9.58 29.10 -42.20
N GLY N 110 8.84 28.18 -42.80
CA GLY N 110 9.26 27.51 -44.03
C GLY N 110 9.76 26.09 -43.78
N LYS N 111 9.93 25.75 -42.51
CA LYS N 111 10.50 24.46 -42.12
C LYS N 111 9.70 23.79 -41.00
N ARG N 112 8.38 23.79 -41.14
CA ARG N 112 7.48 23.12 -40.21
C ARG N 112 6.80 21.95 -40.92
N PHE N 113 7.12 20.73 -40.49
CA PHE N 113 6.68 19.51 -41.18
C PHE N 113 5.87 18.58 -40.31
N ALA N 114 5.22 17.61 -40.95
CA ALA N 114 4.48 16.55 -40.27
C ALA N 114 4.23 15.39 -41.22
N LEU N 115 4.33 14.16 -40.72
CA LEU N 115 4.16 12.97 -41.56
C LEU N 115 2.66 12.72 -41.82
N PRO N 116 2.33 11.94 -42.87
CA PRO N 116 0.94 11.80 -43.34
C PRO N 116 -0.08 11.45 -42.27
N ASN N 117 0.23 10.44 -41.45
CA ASN N 117 -0.71 9.95 -40.44
C ASN N 117 -0.49 10.55 -39.05
N ALA N 118 0.18 11.70 -38.99
CA ALA N 118 0.44 12.38 -37.72
C ALA N 118 -0.75 13.26 -37.34
N GLU N 119 -1.31 13.01 -36.15
CA GLU N 119 -2.44 13.80 -35.66
C GLU N 119 -1.97 15.08 -34.98
N VAL N 120 -2.89 16.05 -34.88
CA VAL N 120 -2.60 17.32 -34.23
C VAL N 120 -3.81 17.76 -33.40
N MET N 121 -3.55 18.35 -32.24
CA MET N 121 -4.59 18.84 -31.35
C MET N 121 -4.12 20.13 -30.69
N ILE N 122 -4.88 21.21 -30.88
CA ILE N 122 -4.48 22.54 -30.41
C ILE N 122 -5.34 23.04 -29.25
N HIS N 123 -5.26 22.35 -28.13
CA HIS N 123 -5.99 22.75 -26.92
C HIS N 123 -5.25 22.30 -25.66
N GLN N 124 -4.89 23.27 -24.82
CA GLN N 124 -4.24 22.99 -23.54
C GLN N 124 -5.27 23.00 -22.42
N PRO N 125 -5.54 21.83 -21.79
CA PRO N 125 -6.33 21.84 -20.56
C PRO N 125 -5.47 22.37 -19.42
N LEU N 126 -6.00 22.47 -18.20
CA LEU N 126 -5.24 23.12 -17.14
C LEU N 126 -4.87 22.23 -15.95
N GLY N 127 -3.58 22.27 -15.62
CA GLY N 127 -3.07 21.81 -14.34
C GLY N 127 -2.44 23.02 -13.66
N GLY N 128 -1.34 22.79 -12.94
CA GLY N 128 -0.62 23.88 -12.26
C GLY N 128 -1.53 24.84 -11.51
N ALA N 129 -2.56 24.30 -10.87
CA ALA N 129 -3.58 25.10 -10.19
C ALA N 129 -3.21 25.44 -8.74
N GLN N 130 -2.09 24.88 -8.27
CA GLN N 130 -1.65 25.04 -6.87
C GLN N 130 -1.39 26.49 -6.44
N GLY N 131 -0.38 27.11 -7.03
CA GLY N 131 0.05 28.47 -6.65
C GLY N 131 -1.01 29.54 -6.83
N GLN N 132 -1.90 29.33 -7.78
CA GLN N 132 -2.99 30.28 -8.07
C GLN N 132 -4.16 30.13 -7.09
N ALA N 133 -4.41 28.90 -6.63
CA ALA N 133 -5.60 28.57 -5.84
C ALA N 133 -5.78 29.35 -4.52
N THR N 134 -4.74 30.06 -4.08
CA THR N 134 -4.81 30.82 -2.82
C THR N 134 -5.66 32.07 -2.96
N GLU N 135 -5.39 32.87 -4.00
CA GLU N 135 -6.14 34.10 -4.26
C GLU N 135 -7.13 33.89 -5.40
N ILE N 136 -8.30 34.53 -5.31
CA ILE N 136 -9.39 34.27 -6.25
C ILE N 136 -9.32 35.12 -7.50
N GLU N 137 -9.22 36.44 -7.32
CA GLU N 137 -9.25 37.39 -8.44
C GLU N 137 -8.09 37.16 -9.42
N ILE N 138 -6.92 36.81 -8.89
CA ILE N 138 -5.73 36.58 -9.71
C ILE N 138 -5.80 35.23 -10.43
N ALA N 139 -6.29 34.21 -9.74
CA ALA N 139 -6.35 32.85 -10.29
C ALA N 139 -7.15 32.79 -11.58
N ALA N 140 -8.31 33.43 -11.58
CA ALA N 140 -9.18 33.46 -12.74
C ALA N 140 -8.56 34.30 -13.86
N ASN N 141 -7.99 35.44 -13.50
CA ASN N 141 -7.36 36.33 -14.48
C ASN N 141 -6.05 35.77 -15.06
N HIS N 142 -5.36 34.93 -14.28
CA HIS N 142 -4.15 34.28 -14.76
C HIS N 142 -4.45 33.27 -15.87
N ILE N 143 -5.62 32.65 -15.80
CA ILE N 143 -6.10 31.78 -16.87
C ILE N 143 -6.37 32.60 -18.13
N LEU N 144 -7.05 33.73 -17.96
CA LEU N 144 -7.34 34.64 -19.08
C LEU N 144 -6.07 35.23 -19.68
N LYS N 145 -5.12 35.62 -18.82
CA LYS N 145 -3.83 36.15 -19.28
C LYS N 145 -3.06 35.09 -20.07
N THR N 146 -3.02 33.88 -19.55
CA THR N 146 -2.35 32.76 -20.23
C THR N 146 -3.07 32.39 -21.52
N ARG N 147 -4.40 32.49 -21.51
CA ARG N 147 -5.21 32.23 -22.71
C ARG N 147 -4.94 33.28 -23.78
N GLU N 148 -4.83 34.54 -23.34
CA GLU N 148 -4.47 35.64 -24.24
C GLU N 148 -3.03 35.49 -24.71
N LYS N 149 -2.16 35.00 -23.82
CA LYS N 149 -0.75 34.79 -24.13
C LYS N 149 -0.58 33.70 -25.20
N LEU N 150 -1.29 32.59 -25.03
CA LEU N 150 -1.21 31.46 -25.95
C LEU N 150 -1.84 31.77 -27.31
N ASN N 151 -3.06 32.31 -27.27
CA ASN N 151 -3.82 32.59 -28.49
C ASN N 151 -3.19 33.67 -29.36
N ARG N 152 -2.54 34.65 -28.74
CA ARG N 152 -1.86 35.73 -29.47
C ARG N 152 -0.66 35.18 -30.25
N ILE N 153 0.16 34.38 -29.58
CA ILE N 153 1.37 33.81 -30.18
C ILE N 153 1.02 32.79 -31.27
N LEU N 154 -0.02 31.99 -31.03
CA LEU N 154 -0.45 30.99 -32.01
C LEU N 154 -0.96 31.68 -33.27
N SER N 155 -1.77 32.72 -33.08
CA SER N 155 -2.36 33.49 -34.19
C SER N 155 -1.31 34.06 -35.15
N GLU N 156 -0.20 34.54 -34.59
CA GLU N 156 0.90 35.11 -35.39
C GLU N 156 1.56 34.07 -36.28
N ARG N 157 1.75 32.87 -35.75
CA ARG N 157 2.48 31.81 -36.45
C ARG N 157 1.63 31.02 -37.44
N THR N 158 0.37 30.78 -37.08
CA THR N 158 -0.59 30.17 -38.01
C THR N 158 -1.02 31.15 -39.08
N GLY N 159 -0.96 32.45 -38.77
CA GLY N 159 -1.31 33.49 -39.71
C GLY N 159 -2.82 33.65 -39.87
N GLN N 160 -3.57 33.25 -38.85
CA GLN N 160 -5.02 33.43 -38.83
C GLN N 160 -5.41 34.47 -37.78
N SER N 161 -6.70 34.82 -37.76
CA SER N 161 -7.21 35.83 -36.83
C SER N 161 -7.24 35.31 -35.39
N ILE N 162 -7.23 36.23 -34.43
CA ILE N 162 -7.27 35.88 -33.01
C ILE N 162 -8.66 35.36 -32.63
N GLU N 163 -9.68 35.80 -33.35
CA GLU N 163 -11.07 35.40 -33.06
C GLU N 163 -11.29 33.92 -33.32
N LYS N 164 -10.73 33.41 -34.41
CA LYS N 164 -10.86 32.00 -34.77
C LYS N 164 -10.07 31.10 -33.83
N ILE N 165 -8.90 31.56 -33.40
CA ILE N 165 -8.03 30.80 -32.50
C ILE N 165 -8.72 30.58 -31.15
N GLN N 166 -9.33 31.62 -30.60
CA GLN N 166 -10.00 31.54 -29.30
C GLN N 166 -11.03 30.42 -29.21
N LYS N 167 -11.81 30.24 -30.27
CA LYS N 167 -12.88 29.24 -30.29
C LYS N 167 -12.33 27.83 -30.45
N ASP N 168 -11.37 27.68 -31.36
CA ASP N 168 -10.75 26.38 -31.62
C ASP N 168 -9.90 25.90 -30.44
N THR N 169 -9.17 26.81 -29.80
CA THR N 169 -8.30 26.47 -28.67
C THR N 169 -9.02 26.36 -27.33
N ASP N 170 -10.34 26.51 -27.33
CA ASP N 170 -11.13 26.37 -26.11
C ASP N 170 -11.54 24.91 -25.88
N ARG N 171 -12.06 24.28 -26.94
CA ARG N 171 -12.49 22.88 -26.89
C ARG N 171 -11.46 21.95 -27.54
N ASP N 172 -11.70 20.65 -27.45
CA ASP N 172 -10.80 19.64 -28.00
C ASP N 172 -10.81 19.65 -29.53
N ASN N 173 -9.70 19.21 -30.12
CA ASN N 173 -9.54 19.18 -31.57
C ASN N 173 -8.82 17.92 -32.04
N PHE N 174 -9.00 17.59 -33.32
CA PHE N 174 -8.26 16.50 -33.97
C PHE N 174 -8.02 16.81 -35.43
N LEU N 175 -6.88 17.45 -35.71
CA LEU N 175 -6.50 17.84 -37.06
C LEU N 175 -5.51 16.85 -37.66
N THR N 176 -5.77 16.42 -38.89
CA THR N 176 -4.83 15.57 -39.63
C THR N 176 -3.70 16.43 -40.22
N ALA N 177 -2.73 15.76 -40.84
CA ALA N 177 -1.60 16.47 -41.47
C ALA N 177 -2.07 17.50 -42.50
N GLU N 178 -3.06 17.13 -43.31
CA GLU N 178 -3.60 18.03 -44.32
C GLU N 178 -4.37 19.19 -43.70
N GLU N 179 -5.15 18.90 -42.66
CA GLU N 179 -5.93 19.93 -41.96
C GLU N 179 -5.05 20.87 -41.18
N ALA N 180 -3.96 20.34 -40.60
CA ALA N 180 -2.99 21.15 -39.87
C ALA N 180 -2.23 22.09 -40.80
N LYS N 181 -1.97 21.61 -42.02
CA LYS N 181 -1.34 22.43 -43.07
C LYS N 181 -2.29 23.55 -43.51
N GLU N 182 -3.58 23.21 -43.65
CA GLU N 182 -4.60 24.18 -44.02
C GLU N 182 -4.80 25.23 -42.92
N TYR N 183 -4.65 24.81 -41.67
CA TYR N 183 -4.78 25.70 -40.52
C TYR N 183 -3.61 26.69 -40.45
N GLY N 184 -2.44 26.26 -40.91
CA GLY N 184 -1.23 27.09 -40.84
C GLY N 184 -0.26 26.65 -39.75
N LEU N 185 -0.60 25.57 -39.03
CA LEU N 185 0.26 25.04 -37.98
C LEU N 185 1.57 24.49 -38.55
N ILE N 186 1.45 23.75 -39.65
CA ILE N 186 2.62 23.25 -40.38
C ILE N 186 2.63 23.81 -41.81
N ASP N 187 3.79 23.71 -42.46
CA ASP N 187 3.99 24.29 -43.79
C ASP N 187 3.81 23.27 -44.90
N GLU N 188 4.22 22.03 -44.66
CA GLU N 188 4.09 20.94 -45.65
C GLU N 188 3.89 19.58 -44.99
N VAL N 189 3.10 18.73 -45.64
CA VAL N 189 2.95 17.34 -45.25
C VAL N 189 4.11 16.57 -45.89
N MET N 190 4.88 15.88 -45.07
CA MET N 190 6.11 15.24 -45.53
C MET N 190 5.79 13.95 -46.30
N VAL N 191 5.84 14.04 -47.63
CA VAL N 191 5.55 12.89 -48.50
C VAL N 191 6.71 11.89 -48.44
N PRO N 192 6.39 10.57 -48.54
CA PRO N 192 7.43 9.54 -48.58
C PRO N 192 8.62 9.86 -49.50
N GLU N 193 9.82 9.57 -49.01
CA GLU N 193 11.08 9.88 -49.71
C GLU N 193 11.18 11.37 -50.04
N3 5C2 O . -13.20 32.38 -2.95
C4 5C2 O . -13.15 33.66 -2.25
C5 5C2 O . -14.32 33.75 -1.28
C6 5C2 O . -15.50 34.27 -1.50
C8 5C2 O . -15.51 33.64 0.41
C10 5C2 O . -16.89 34.00 2.30
C15 5C2 O . -14.36 30.85 -4.31
C17 5C2 O . -14.31 28.52 -4.36
C21 5C2 O . -15.14 26.66 -7.20
C22 5C2 O . -16.65 26.59 -7.27
C24 5C2 O . -14.70 28.49 -5.60
C26 5C2 O . -14.80 30.82 -5.61
C23 5C2 O . -14.65 27.49 -8.37
N20 5C2 O . -14.75 27.22 -5.94
N19 5C2 O . -14.49 26.61 -5.18
C18 5C2 O . -14.16 27.25 -4.07
C16 5C2 O . -14.13 29.65 -3.68
N25 5C2 O . -14.95 29.61 -6.24
C2 5C2 O . -14.27 32.07 -3.68
O1 5C2 O . -15.22 32.82 -3.75
N14 5C2 O . -14.32 33.34 -0.04
O7 5C2 O . -16.19 34.17 -0.46
C9 5C2 O . -15.96 33.35 1.62
S13 5C2 O . -15.53 32.13 2.45
C12 5C2 O . -16.46 32.35 3.73
C11 5C2 O . -17.17 33.43 3.49
N3 5C2 P . -23.18 13.02 -22.74
C4 5C2 P . -23.54 14.38 -23.14
C5 5C2 P . -24.91 14.55 -22.52
C6 5C2 P . -26.02 14.06 -23.01
C8 5C2 P . -26.47 15.01 -21.26
C10 5C2 P . -28.39 15.91 -20.26
C15 5C2 P . -23.02 10.73 -23.07
C17 5C2 P . -22.34 9.31 -21.35
C21 5C2 P . -21.89 5.77 -21.60
C22 5C2 P . -23.11 5.02 -21.10
C24 5C2 P . -22.40 8.25 -22.12
C26 5C2 P . -23.10 9.64 -23.90
C23 5C2 P . -21.65 5.45 -23.06
N20 5C2 P . -22.04 7.21 -21.36
N19 5C2 P . -21.82 7.52 -20.37
C18 5C2 P . -21.95 8.82 -20.20
C16 5C2 P . -22.63 10.54 -21.76
N25 5C2 P . -22.78 8.37 -23.39
C2 5C2 P . -23.35 12.00 -23.55
O1 5C2 P . -23.80 12.14 -24.67
N14 5C2 P . -25.17 15.15 -21.38
O7 5C2 P . -26.96 14.38 -22.19
C9 5C2 P . -27.18 15.45 -20.23
S13 5C2 P . -26.70 15.41 -18.87
C12 5C2 P . -27.96 16.01 -18.10
C11 5C2 P . -28.84 16.24 -19.05
N3 5C2 Q . -20.28 -16.66 -23.26
C4 5C2 Q . -21.05 -16.22 -24.43
C5 5C2 Q . -22.51 -16.20 -23.99
C6 5C2 Q . -23.29 -17.26 -24.05
C8 5C2 Q . -24.40 -15.68 -23.25
C10 5C2 Q . -26.70 -15.29 -22.97
C15 5C2 Q . -19.68 -18.20 -21.64
C17 5C2 Q . -18.95 -17.78 -19.46
C21 5C2 Q . -16.81 -20.10 -17.85
C22 5C2 Q . -16.50 -20.06 -16.37
C24 5C2 Q . -18.26 -18.90 -19.43
C26 5C2 Q . -18.96 -19.38 -21.60
C23 5C2 Q . -17.49 -21.41 -18.17
N20 5C2 Q . -17.67 -18.98 -18.25
N19 5C2 Q . -17.93 -18.10 -17.61
C18 5C2 Q . -18.74 -17.26 -18.27
C16 5C2 Q . -19.66 -17.41 -20.51
N25 5C2 Q . -18.24 -19.71 -20.48
C2 5C2 Q . -20.42 -17.89 -22.77
O1 5C2 Q . -21.15 -18.71 -23.27
N14 5C2 Q . -23.19 -15.18 -23.48
O7 5C2 Q . -24.46 -16.89 -23.59
C9 5C2 Q . -25.43 -15.03 -22.74
S13 5C2 Q . -25.34 -13.95 -21.80
C12 5C2 Q . -26.88 -13.62 -21.55
C11 5C2 Q . -27.53 -14.49 -22.29
N3 5C2 R . -7.58 -34.22 -2.86
C4 5C2 R . -8.13 -34.97 -3.98
C5 5C2 R . -9.54 -35.39 -3.58
C6 5C2 R . -9.83 -36.57 -3.03
C8 5C2 R . -11.64 -35.38 -3.27
C10 5C2 R . -13.92 -35.81 -3.65
C15 5C2 R . -6.63 -33.95 -0.72
C17 5C2 R . -6.53 -31.85 0.36
C21 5C2 R . -4.33 -31.20 3.13
C22 5C2 R . -4.82 -32.06 4.29
C24 5C2 R . -5.60 -32.28 1.20
C26 5C2 R . -5.65 -34.40 0.16
C23 5C2 R . -2.93 -31.62 2.69
N20 5C2 R . -5.29 -31.26 2.01
N19 5C2 R . -5.96 -30.29 1.72
C18 5C2 R . -6.75 -30.58 0.69
C16 5C2 R . -7.05 -32.62 -0.59
N25 5C2 R . -5.15 -33.54 1.13
C2 5C2 R . -7.16 -34.79 -1.70
O1 5C2 R . -7.24 -36.00 -1.48
N14 5C2 R . -10.63 -34.65 -3.74
O7 5C2 R . -11.17 -36.59 -2.81
C9 5C2 R . -12.91 -35.03 -3.23
S13 5C2 R . -13.50 -33.64 -2.66
C12 5C2 R . -15.09 -34.02 -2.96
C11 5C2 R . -15.13 -35.23 -3.51
N3 5C2 S . 1.39 27.00 22.52
C4 5C2 S . 2.11 27.14 23.79
C5 5C2 S . 1.04 27.18 24.89
C6 5C2 S . 0.53 28.30 25.38
C8 5C2 S . -0.34 26.57 26.37
C10 5C2 S . -1.19 26.07 28.50
C15 5C2 S . 0.09 27.72 20.71
C17 5C2 S . -0.96 26.20 19.22
C21 5C2 S . -2.16 27.20 15.98
C22 5C2 S . -3.32 28.17 16.22
C24 5C2 S . -1.13 27.16 18.31
C26 5C2 S . -0.09 28.71 19.76
C23 5C2 S . -1.00 27.91 15.27
N20 5C2 S . -1.73 26.59 17.26
N19 5C2 S . -1.92 25.44 17.48
C18 5C2 S . -1.46 25.11 18.68
C16 5C2 S . -0.37 26.44 20.39
N25 5C2 S . -0.71 28.41 18.55
C2 5C2 S . 0.70 28.01 21.94
O1 5C2 S . 0.59 29.13 22.44
N14 5C2 S . 0.53 26.09 25.48
O7 5C2 S . -0.37 27.93 26.34
C9 5C2 S . -1.09 25.84 27.19
S13 5C2 S . -1.99 24.59 26.78
C12 5C2 S . -2.56 24.30 28.32
C11 5C2 S . -2.02 25.21 29.13
N3 5C2 T . 9.98 0.74 33.75
C4 5C2 T . 10.55 -0.31 34.58
C5 5C2 T . 9.49 -0.68 35.62
C6 5C2 T . 9.44 -0.15 36.84
C8 5C2 T . 7.83 -1.59 36.58
C10 5C2 T . 6.63 -3.07 37.96
C15 5C2 T . 9.27 2.91 33.25
C17 5C2 T . 7.85 3.41 31.42
C21 5C2 T . 7.51 6.73 30.08
C22 5C2 T . 6.84 7.58 31.16
C24 5C2 T . 8.18 4.69 31.45
C26 5C2 T . 9.62 4.27 33.28
C23 5C2 T . 8.92 7.24 29.78
N20 5C2 T . 7.51 5.30 30.47
N19 5C2 T . 6.83 4.50 29.89
C18 5C2 T . 6.99 3.29 30.43
C16 5C2 T . 8.36 2.52 32.28
N25 5C2 T . 9.06 5.14 32.36
C2 5C2 T . 9.82 2.01 34.17
O1 5C2 T . 10.13 2.40 35.30
N14 5C2 T . 8.51 -1.57 35.44
O7 5C2 T . 8.38 -0.72 37.48
C9 5C2 T . 6.76 -2.33 36.85
S13 5C2 T . 5.46 -2.49 35.93
C12 5C2 T . 4.68 -3.53 36.95
C11 5C2 T . 5.47 -3.74 38.02
N3 5C2 U . 5.92 -26.52 22.59
C4 5C2 U . 5.93 -27.96 22.38
C5 5C2 U . 4.70 -28.53 23.09
C6 5C2 U . 4.72 -29.02 24.34
C8 5C2 U . 2.71 -29.16 23.52
C10 5C2 U . 0.87 -30.58 23.77
C15 5C2 U . 6.23 -24.56 23.84
C17 5C2 U . 5.35 -22.47 23.16
C21 5C2 U . 6.54 -19.35 24.48
C22 5C2 U . 6.14 -19.32 25.96
C24 5C2 U . 6.17 -21.81 23.97
C26 5C2 U . 7.09 -23.87 24.69
C23 5C2 U . 8.06 -19.33 24.33
N20 5C2 U . 5.91 -20.51 23.82
N19 5C2 U . 5.04 -20.37 23.02
C18 5C2 U . 4.63 -21.54 22.56
C16 5C2 U . 5.35 -23.80 23.07
N25 5C2 U . 7.04 -22.47 24.74
C2 5C2 U . 6.26 -25.95 23.78
O1 5C2 U . 6.56 -26.60 24.78
N14 5C2 U . 3.47 -28.61 22.57
O7 5C2 U . 3.45 -29.42 24.63
C9 5C2 U . 1.42 -29.42 23.43
S13 5C2 U . 0.27 -28.41 22.94
C12 5C2 U . -0.98 -29.47 23.14
C11 5C2 U . -0.47 -30.61 23.60
N3 5C2 V . 23.35 -12.97 22.72
C4 5C2 V . 23.96 -12.37 23.90
C5 5C2 V . 25.44 -12.15 23.57
C6 5C2 V . 26.40 -13.01 23.88
C8 5C2 V . 27.24 -11.28 22.86
C10 5C2 V . 29.29 -10.12 22.91
C15 5C2 V . 22.87 -14.72 21.23
C17 5C2 V . 21.95 -14.33 19.08
C21 5C2 V . 20.37 -16.93 17.16
C22 5C2 V . 21.47 -17.94 16.80
C24 5C2 V . 21.58 -15.61 18.97
C26 5C2 V . 22.48 -16.05 21.11
C23 5C2 V . 19.32 -17.58 18.06
N20 5C2 V . 20.97 -15.73 17.77
N19 5C2 V . 20.97 -14.68 17.20
C18 5C2 V . 21.56 -13.74 17.95
C16 5C2 V . 22.59 -13.87 20.15
N25 5C2 V . 21.82 -16.47 19.95
C2 5C2 V . 23.54 -14.26 22.37
O1 5C2 V . 24.27 -15.04 23.01
N14 5C2 V . 25.94 -11.08 22.94
O7 5C2 V . 27.57 -12.48 23.44
C9 5C2 V . 28.14 -10.48 22.32
S13 5C2 V . 28.04 -9.78 20.88
C12 5C2 V . 29.49 -8.99 20.97
C11 5C2 V . 30.04 -9.29 22.16
N3 5C2 W . 13.54 -32.41 2.72
C4 5C2 W . 14.23 -33.05 3.84
C5 5C2 W . 15.69 -33.23 3.41
C6 5C2 W . 16.17 -34.34 2.86
C8 5C2 W . 17.75 -32.86 3.05
C10 5C2 W . 20.07 -32.89 3.39
C15 5C2 W . 12.53 -32.32 0.61
C17 5C2 W . 12.06 -30.27 -0.48
C21 5C2 W . 9.74 -30.02 -3.22
C22 5C2 W . 10.35 -30.81 -4.39
C24 5C2 W . 11.20 -30.86 -1.32
C26 5C2 W . 11.63 -32.94 -0.27
C23 5C2 W . 8.43 -30.67 -2.76
N20 5C2 W . 10.72 -29.91 -2.12
N19 5C2 W . 11.21 -28.85 -1.83
C18 5C2 W . 12.06 -28.99 -0.83
C16 5C2 W . 12.73 -30.95 0.46
N25 5C2 W . 10.98 -32.17 -1.22
C2 5C2 W . 13.21 -33.06 1.58
O1 5C2 W . 13.48 -34.25 1.38
N14 5C2 W . 16.64 -32.31 3.54
O7 5C2 W . 17.49 -34.12 2.61
C9 5C2 W . 18.95 -32.30 2.99
S13 5C2 W . 19.28 -30.84 2.43
C12 5C2 W . 20.92 -30.94 2.69
C11 5C2 W . 21.17 -32.13 3.23
N3 5C2 X . -1.43 -27.16 -22.48
C4 5C2 X . -1.21 -28.59 -22.26
C5 5C2 X . 0.08 -28.93 -23.01
C6 5C2 X . 0.10 -29.41 -24.25
C8 5C2 X . 2.12 -29.19 -23.49
C10 5C2 X . 4.18 -30.29 -23.78
C15 5C2 X . -2.11 -25.27 -23.67
C17 5C2 X . -1.59 -23.07 -22.96
C21 5C2 X . -3.32 -20.18 -24.20
C22 5C2 X . -2.98 -20.07 -25.69
C24 5C2 X . -2.53 -22.55 -23.75
C26 5C2 X . -3.10 -24.73 -24.50
C23 5C2 X . -4.83 -20.43 -24.02
N20 5C2 X . -2.50 -21.22 -23.56
N19 5C2 X . -1.64 -20.94 -22.77
C18 5C2 X . -1.03 -22.04 -22.34
C16 5C2 X . -1.36 -24.39 -22.90
N25 5C2 X . -3.29 -23.34 -24.51
C2 5C2 X . -1.89 -26.66 -23.65
O1 5C2 X . -2.13 -27.36 -24.63
N14 5C2 X . 1.31 -28.79 -22.51
O7 5C2 X . 1.41 -29.59 -24.57
C9 5C2 X . 3.46 -29.23 -23.42
S13 5C2 X . 4.41 -28.05 -22.93
C12 5C2 X . 5.83 -28.89 -23.17
C11 5C2 X . 5.50 -30.10 -23.64
N3 5C2 Y . -9.96 -0.44 -33.61
C4 5C2 Y . -10.35 -1.56 -34.46
C5 5C2 Y . -9.24 -1.75 -35.49
C6 5C2 Y . -9.27 -1.21 -36.71
C8 5C2 Y . -7.46 -2.38 -36.45
C10 5C2 Y . -6.03 -3.63 -37.83
C15 5C2 Y . -9.61 1.80 -33.07
C17 5C2 Y . -8.30 2.49 -31.22
C21 5C2 Y . -8.48 5.80 -29.84
C22 5C2 Y . -7.95 6.76 -30.91
C24 5C2 Y . -8.83 3.71 -31.25
C26 5C2 Y . -10.17 3.09 -33.09
C23 5C2 Y . -9.96 6.09 -29.55
N20 5C2 Y . -8.26 4.40 -30.25
N19 5C2 Y . -7.46 3.71 -29.68
C18 5C2 Y . -7.43 2.50 -30.23
C16 5C2 Y . -8.65 1.54 -32.10
N25 5C2 Y . -9.75 4.03 -32.15
C2 5C2 Y . -10.01 0.84 -34.01
O1 5C2 Y . -10.37 1.18 -35.14
N14 5C2 Y . -8.14 -2.48 -35.31
O7 5C2 Y . -8.13 -1.61 -37.34
C9 5C2 Y . -6.29 -2.95 -36.71
S13 5C2 Y . -4.99 -2.92 -35.78
C12 5C2 Y . -4.04 -3.81 -36.82
C11 5C2 Y . -4.77 -4.11 -37.89
N3 5C2 Z . 20.52 16.75 23.06
C4 5C2 Z . 20.72 18.16 23.43
C5 5C2 Z . 22.00 18.52 22.73
C6 5C2 Z . 23.19 18.17 23.15
C8 5C2 Z . 23.43 19.21 21.40
C10 5C2 Z . 25.28 20.16 20.30
C15 5C2 Z . 20.97 14.47 23.29
C17 5C2 Z . 20.45 12.94 21.61
C21 5C2 Z . 20.44 9.37 21.85
C22 5C2 Z . 21.80 8.83 21.46
C24 5C2 Z . 20.66 11.90 22.40
C26 5C2 Z . 21.21 13.40 24.12
C23 5C2 Z . 20.13 8.97 23.28
N20 5C2 Z . 20.41 10.82 21.66
N19 5C2 Z . 20.14 11.07 20.68
C18 5C2 Z . 20.11 12.38 20.48
C16 5C2 Z . 20.60 14.20 21.99
N25 5C2 Z . 21.04 12.11 23.65
C2 5C2 Z . 21.16 15.79 23.71
O1 5C2 Z . 21.89 16.05 24.65
N14 5C2 Z . 22.12 19.17 21.60
O7 5C2 Z . 24.03 18.61 22.32
C9 5C2 Z . 24.02 19.76 20.35
S13 5C2 Z . 23.41 19.91 19.07
C12 5C2 Z . 24.61 20.56 18.25
C11 5C2 Z . 25.60 20.64 19.10
N3 5C2 AA . 7.61 34.21 2.93
C4 5C2 AA . 7.09 35.36 2.21
C5 5C2 AA . 8.21 35.90 1.34
C6 5C2 AA . 9.02 36.88 1.72
C8 5C2 AA . 9.54 36.18 -0.28
C10 5C2 AA . 10.47 37.13 -2.21
C15 5C2 AA . 8.85 33.12 4.59
C17 5C2 AA . 9.35 30.80 4.49
C21 5C2 AA . 10.44 28.92 7.37
C22 5C2 AA . 11.82 29.48 7.75
C24 5C2 AA . 9.66 30.77 5.78
C26 5C2 AA . 9.18 33.08 5.95
C23 5C2 AA . 9.42 29.18 8.48
N20 5C2 AA . 10.00 29.51 6.07
N19 5C2 AA . 9.93 28.82 5.08
C18 5C2 AA . 9.53 29.57 4.05
C16 5C2 AA . 8.96 31.92 3.88
N25 5C2 AA . 9.58 31.88 6.53
C2 5C2 AA . 8.45 34.32 3.98
O1 5C2 AA . 8.87 35.41 4.40
N14 5C2 AA . 8.50 35.45 0.12
O7 5C2 AA . 9.89 37.08 0.70
C9 5C2 AA . 10.17 36.08 -1.45
S13 5C2 AA . 10.69 34.73 -2.13
C12 5C2 AA . 11.33 35.47 -3.47
C11 5C2 AA . 11.12 36.79 -3.34
N3 5C2 BA . -5.92 26.76 -22.45
C4 5C2 BA . -6.62 26.79 -23.72
C5 5C2 BA . -5.56 26.98 -24.81
C6 5C2 BA . -5.24 28.18 -25.31
C8 5C2 BA . -4.07 26.61 -26.27
C10 5C2 BA . -3.11 26.27 -28.39
C15 5C2 BA . -4.76 27.70 -20.62
C17 5C2 BA . -3.50 26.39 -19.11
C21 5C2 BA . -2.51 27.58 -15.87
C22 5C2 BA . -1.54 28.74 -16.10
C24 5C2 BA . -3.50 27.36 -18.21
C26 5C2 BA . -4.76 28.71 -19.68
C23 5C2 BA . -3.79 28.10 -15.17
N20 5C2 BA . -2.82 26.90 -17.15
N19 5C2 BA . -2.43 25.79 -17.35
C18 5C2 BA . -2.82 25.39 -18.56
C16 5C2 BA . -4.09 26.52 -20.30
N25 5C2 BA . -4.12 28.51 -18.46
C2 5C2 BA . -5.41 27.88 -21.87
O1 5C2 BA . -5.48 28.99 -22.37
N14 5C2 BA . -4.87 26.00 -25.38
O7 5C2 BA . -4.27 27.96 -26.25
C9 5C2 BA . -3.21 26.01 -27.08
S13 5C2 BA . -2.12 24.91 -26.64
C12 5C2 BA . -1.48 24.73 -28.18
C11 5C2 BA . -2.15 25.55 -29.00
#